data_4H80
#
_entry.id   4H80
#
_cell.length_a   89.106
_cell.length_b   95.380
_cell.length_c   117.228
_cell.angle_alpha   112.38
_cell.angle_beta   91.68
_cell.angle_gamma   90.99
#
_symmetry.space_group_name_H-M   'P 1'
#
loop_
_entity.id
_entity.type
_entity.pdbx_description
1 polymer 'Aldehyde dehydrogenase, dimeric NADP-preferring'
2 non-polymer N-(4-{[4-(methylsulfonyl)-2-nitrophenyl]amino}phenyl)acetamide
3 water water
#
_entity_poly.entity_id   1
_entity_poly.type   'polypeptide(L)'
_entity_poly.pdbx_seq_one_letter_code
;HHHHHHSSGLVPRGSHMSKISEAVKRARAAFSSGRTRPLQFRIQQLEALQRLIQEQEQELVGALAADLHKNEWNAYYEEV
VYVLEEIEYMIQKLPEWAADEPVEKTPQTQQDELYIHSEPLGVVLVIGTWNYPFNLTIQPMVGAIAAGNAVVLKPSELSE
NMASLLATIIPQYLDKDLYPVINGGVPETTELLKERFDHILYTGSTGVGKIIMTAAAKHLTPVTLELGGKSPCYVDKNCD
LDVACRRIAWGKFMNSGQTCVAPDYILCDPSIQNQIVEKLKKSLKEFYGEDAKKSRDYGRIISARHFQRVMGLIEGQKVA
YGGTGDAATRYIAPTILTDVDPQSPVMQEEIFGPVLPIVCVRSLEEAIQFINQREKPLALYMFSSNDKVIKKMIAETSSG
GVAANDVIVHITLHSLPFGGVGNSGMGSYHGKKSFETFSHRRSCLVRPLMNDEGLKVRYPPSPAKMTQH
;
_entity_poly.pdbx_strand_id   A,B,C,D,E,F,G,H
#
# COMPACT_ATOMS: atom_id res chain seq x y z
N SER A 18 6.09 -56.39 -4.96
CA SER A 18 5.46 -55.50 -3.94
C SER A 18 4.52 -54.45 -4.56
N LYS A 19 3.44 -54.94 -5.17
CA LYS A 19 2.57 -54.15 -6.06
C LYS A 19 1.83 -52.94 -5.44
N ILE A 20 1.29 -53.12 -4.24
CA ILE A 20 0.64 -52.03 -3.51
C ILE A 20 1.62 -50.88 -3.29
N SER A 21 2.78 -51.20 -2.73
CA SER A 21 3.83 -50.22 -2.46
C SER A 21 4.32 -49.55 -3.75
N GLU A 22 4.39 -50.30 -4.84
CA GLU A 22 4.82 -49.73 -6.13
C GLU A 22 3.84 -48.70 -6.62
N ALA A 23 2.56 -49.04 -6.59
CA ALA A 23 1.49 -48.14 -7.04
C ALA A 23 1.48 -46.84 -6.24
N VAL A 24 1.63 -46.95 -4.92
CA VAL A 24 1.66 -45.78 -4.04
C VAL A 24 2.90 -44.93 -4.30
N LYS A 25 4.07 -45.58 -4.36
CA LYS A 25 5.34 -44.91 -4.64
C LYS A 25 5.29 -44.16 -5.97
N ARG A 26 4.75 -44.82 -6.99
CA ARG A 26 4.63 -44.25 -8.33
CA ARG A 26 4.64 -44.23 -8.33
C ARG A 26 3.68 -43.05 -8.33
N ALA A 27 2.63 -43.14 -7.52
CA ALA A 27 1.67 -42.05 -7.35
C ALA A 27 2.28 -40.85 -6.65
N ARG A 28 3.07 -41.11 -5.62
CA ARG A 28 3.76 -40.05 -4.90
C ARG A 28 4.79 -39.34 -5.77
N ALA A 29 5.57 -40.12 -6.52
CA ALA A 29 6.58 -39.56 -7.42
C ALA A 29 5.94 -38.69 -8.50
N ALA A 30 4.84 -39.17 -9.06
CA ALA A 30 4.10 -38.43 -10.06
C ALA A 30 3.54 -37.11 -9.51
N PHE A 31 3.07 -37.14 -8.25
CA PHE A 31 2.64 -35.91 -7.59
C PHE A 31 3.78 -34.94 -7.34
N SER A 32 4.94 -35.45 -6.91
CA SER A 32 6.13 -34.64 -6.61
C SER A 32 6.66 -33.90 -7.82
N SER A 33 6.46 -34.45 -9.02
CA SER A 33 6.92 -33.83 -10.26
C SER A 33 6.17 -32.53 -10.59
N GLY A 34 5.05 -32.29 -9.91
CA GLY A 34 4.31 -31.05 -10.06
C GLY A 34 3.30 -31.10 -11.19
N ARG A 35 3.10 -32.29 -11.73
CA ARG A 35 2.22 -32.51 -12.88
C ARG A 35 0.76 -32.08 -12.66
N THR A 36 0.26 -32.30 -11.45
CA THR A 36 -1.14 -32.04 -11.12
C THR A 36 -1.45 -30.58 -10.80
N ARG A 37 -0.43 -29.76 -10.61
CA ARG A 37 -0.64 -28.40 -10.13
C ARG A 37 -1.41 -27.49 -11.08
N PRO A 38 -1.07 -27.47 -12.39
CA PRO A 38 -1.84 -26.58 -13.26
C PRO A 38 -3.29 -27.03 -13.39
N LEU A 39 -4.21 -26.07 -13.34
CA LEU A 39 -5.65 -26.37 -13.42
C LEU A 39 -6.03 -27.10 -14.71
N GLN A 40 -5.38 -26.74 -15.80
CA GLN A 40 -5.58 -27.37 -17.11
C GLN A 40 -5.47 -28.89 -17.02
N PHE A 41 -4.45 -29.36 -16.30
CA PHE A 41 -4.22 -30.79 -16.15
C PHE A 41 -5.38 -31.46 -15.42
N ARG A 42 -5.89 -30.83 -14.39
CA ARG A 42 -6.93 -31.44 -13.64
C ARG A 42 -8.20 -31.43 -14.43
N ILE A 43 -8.51 -30.32 -15.03
CA ILE A 43 -9.72 -30.22 -15.81
C ILE A 43 -9.76 -31.27 -16.89
N GLN A 44 -8.62 -31.60 -17.42
CA GLN A 44 -8.58 -32.59 -18.43
C GLN A 44 -8.76 -33.97 -17.92
N GLN A 45 -8.32 -34.26 -16.73
CA GLN A 45 -8.54 -35.57 -16.17
C GLN A 45 -10.00 -35.72 -15.92
N LEU A 46 -10.58 -34.66 -15.46
CA LEU A 46 -12.01 -34.64 -15.20
C LEU A 46 -12.81 -34.83 -16.48
N GLU A 47 -12.34 -34.21 -17.57
CA GLU A 47 -12.97 -34.38 -18.87
C GLU A 47 -12.78 -35.80 -19.40
N ALA A 48 -11.69 -36.45 -19.01
CA ALA A 48 -11.45 -37.85 -19.33
C ALA A 48 -12.44 -38.76 -18.58
N LEU A 49 -12.73 -38.44 -17.32
CA LEU A 49 -13.75 -39.16 -16.55
C LEU A 49 -15.14 -39.05 -17.19
N GLN A 50 -15.45 -37.86 -17.66
CA GLN A 50 -16.69 -37.57 -18.36
C GLN A 50 -16.85 -38.47 -19.59
N ARG A 51 -15.77 -38.62 -20.36
CA ARG A 51 -15.78 -39.50 -21.53
C ARG A 51 -15.92 -40.96 -21.13
N LEU A 52 -15.23 -41.37 -20.06
CA LEU A 52 -15.37 -42.71 -19.50
C LEU A 52 -16.84 -43.04 -19.27
N ILE A 53 -17.53 -42.14 -18.57
CA ILE A 53 -18.94 -42.33 -18.22
C ILE A 53 -19.83 -42.46 -19.46
N GLN A 54 -19.50 -41.70 -20.50
CA GLN A 54 -20.25 -41.76 -21.75
C GLN A 54 -19.93 -43.00 -22.60
N GLU A 55 -18.65 -43.30 -22.77
CA GLU A 55 -18.20 -44.41 -23.60
C GLU A 55 -18.41 -45.78 -22.96
N GLN A 56 -18.58 -45.81 -21.64
CA GLN A 56 -18.72 -47.07 -20.90
C GLN A 56 -20.07 -47.22 -20.23
N GLU A 57 -21.03 -46.39 -20.62
CA GLU A 57 -22.36 -46.39 -20.02
C GLU A 57 -22.95 -47.80 -19.90
N GLN A 58 -22.96 -48.55 -21.00
CA GLN A 58 -23.55 -49.89 -21.02
C GLN A 58 -22.82 -50.91 -20.15
N GLU A 59 -21.49 -50.78 -20.09
CA GLU A 59 -20.67 -51.67 -19.26
C GLU A 59 -20.92 -51.42 -17.78
N LEU A 60 -21.09 -50.14 -17.43
CA LEU A 60 -21.42 -49.71 -16.07
C LEU A 60 -22.78 -50.24 -15.62
N VAL A 61 -23.75 -50.18 -16.52
CA VAL A 61 -25.08 -50.72 -16.27
C VAL A 61 -24.99 -52.23 -16.05
N GLY A 62 -24.26 -52.90 -16.93
CA GLY A 62 -24.03 -54.34 -16.81
C GLY A 62 -23.48 -54.74 -15.45
N ALA A 63 -22.48 -53.98 -14.97
CA ALA A 63 -21.85 -54.24 -13.68
C ALA A 63 -22.81 -54.02 -12.51
N LEU A 64 -23.63 -52.97 -12.59
CA LEU A 64 -24.58 -52.66 -11.55
C LEU A 64 -25.76 -53.64 -11.52
N ALA A 65 -26.12 -54.15 -12.70
CA ALA A 65 -27.17 -55.15 -12.84
C ALA A 65 -26.73 -56.47 -12.22
N ALA A 66 -25.47 -56.82 -12.45
CA ALA A 66 -24.92 -58.08 -11.97
C ALA A 66 -24.74 -58.08 -10.45
N ASP A 67 -24.40 -56.92 -9.91
CA ASP A 67 -24.12 -56.78 -8.49
C ASP A 67 -25.37 -56.53 -7.63
N LEU A 68 -26.26 -55.70 -8.12
CA LEU A 68 -27.36 -55.19 -7.31
C LEU A 68 -28.73 -55.23 -7.98
N HIS A 69 -28.79 -55.84 -9.15
CA HIS A 69 -30.04 -55.95 -9.92
C HIS A 69 -30.64 -54.56 -10.21
N LYS A 70 -29.76 -53.62 -10.55
CA LYS A 70 -30.20 -52.33 -11.07
C LYS A 70 -30.49 -52.51 -12.56
N ASN A 71 -31.44 -51.76 -13.08
CA ASN A 71 -31.68 -51.73 -14.52
C ASN A 71 -31.00 -50.51 -15.09
N GLU A 72 -31.14 -50.30 -16.39
CA GLU A 72 -30.46 -49.23 -17.09
C GLU A 72 -30.91 -47.81 -16.68
N TRP A 73 -32.17 -47.66 -16.30
CA TRP A 73 -32.70 -46.36 -15.91
C TRP A 73 -32.17 -45.91 -14.54
N ASN A 74 -32.35 -46.75 -13.51
CA ASN A 74 -31.93 -46.35 -12.17
C ASN A 74 -30.42 -46.43 -11.96
N ALA A 75 -29.75 -47.21 -12.80
CA ALA A 75 -28.29 -47.23 -12.79
C ALA A 75 -27.78 -45.83 -13.09
N TYR A 76 -28.46 -45.16 -14.01
CA TYR A 76 -28.07 -43.81 -14.40
C TYR A 76 -28.64 -42.75 -13.45
N TYR A 77 -29.95 -42.77 -13.25
CA TYR A 77 -30.63 -41.70 -12.52
C TYR A 77 -30.58 -41.81 -11.00
N GLU A 78 -30.07 -42.92 -10.52
CA GLU A 78 -29.85 -43.04 -9.09
C GLU A 78 -28.39 -43.13 -8.68
N GLU A 79 -27.49 -43.33 -9.63
CA GLU A 79 -26.08 -43.38 -9.31
C GLU A 79 -25.21 -42.51 -10.21
N VAL A 80 -25.00 -42.96 -11.42
CA VAL A 80 -24.09 -42.36 -12.35
C VAL A 80 -24.33 -40.90 -12.66
N VAL A 81 -25.56 -40.49 -12.81
CA VAL A 81 -25.76 -39.12 -13.13
C VAL A 81 -25.28 -38.12 -12.10
N TYR A 82 -25.04 -38.51 -10.88
CA TYR A 82 -24.62 -37.55 -9.90
C TYR A 82 -23.13 -37.32 -9.92
N VAL A 83 -22.41 -38.26 -10.51
CA VAL A 83 -20.99 -38.11 -10.77
C VAL A 83 -20.79 -37.08 -11.88
N LEU A 84 -21.58 -37.20 -12.95
CA LEU A 84 -21.55 -36.27 -14.09
C LEU A 84 -21.78 -34.82 -13.70
N GLU A 85 -22.88 -34.59 -12.98
CA GLU A 85 -23.21 -33.28 -12.46
C GLU A 85 -22.10 -32.72 -11.58
N GLU A 86 -21.49 -33.56 -10.77
CA GLU A 86 -20.36 -33.16 -9.94
C GLU A 86 -19.16 -32.74 -10.80
N ILE A 87 -18.82 -33.57 -11.78
CA ILE A 87 -17.75 -33.27 -12.74
C ILE A 87 -17.98 -31.95 -13.45
N GLU A 88 -19.18 -31.77 -13.99
CA GLU A 88 -19.55 -30.56 -14.73
C GLU A 88 -19.44 -29.33 -13.85
N TYR A 89 -19.94 -29.43 -12.63
CA TYR A 89 -19.89 -28.34 -11.67
C TYR A 89 -18.46 -27.97 -11.25
N MET A 90 -17.63 -28.98 -11.00
CA MET A 90 -16.25 -28.75 -10.57
C MET A 90 -15.37 -28.15 -11.66
N ILE A 91 -15.50 -28.66 -12.89
CA ILE A 91 -14.78 -28.12 -14.03
C ILE A 91 -15.06 -26.63 -14.12
N GLN A 92 -16.32 -26.28 -13.92
CA GLN A 92 -16.80 -24.94 -14.10
C GLN A 92 -16.36 -23.96 -12.99
N LYS A 93 -16.31 -24.47 -11.76
CA LYS A 93 -16.02 -23.64 -10.60
C LYS A 93 -14.56 -23.67 -10.15
N LEU A 94 -13.78 -24.58 -10.74
CA LEU A 94 -12.39 -24.79 -10.33
C LEU A 94 -11.53 -23.53 -10.27
N PRO A 95 -11.47 -22.71 -11.35
CA PRO A 95 -10.56 -21.55 -11.32
C PRO A 95 -10.87 -20.62 -10.16
N GLU A 96 -12.16 -20.50 -9.85
CA GLU A 96 -12.65 -19.65 -8.78
C GLU A 96 -12.32 -20.22 -7.41
N TRP A 97 -12.46 -21.54 -7.25
CA TRP A 97 -12.14 -22.20 -5.99
C TRP A 97 -10.63 -22.22 -5.71
N ALA A 98 -9.83 -22.41 -6.76
CA ALA A 98 -8.39 -22.54 -6.61
C ALA A 98 -7.70 -21.21 -6.39
N ALA A 99 -8.35 -20.13 -6.83
CA ALA A 99 -7.82 -18.77 -6.67
C ALA A 99 -7.58 -18.43 -5.22
N ASP A 100 -6.49 -17.70 -4.97
CA ASP A 100 -6.21 -17.18 -3.65
C ASP A 100 -7.40 -16.37 -3.14
N GLU A 101 -7.77 -16.59 -1.88
CA GLU A 101 -8.95 -15.98 -1.31
C GLU A 101 -8.56 -14.85 -0.36
N PRO A 102 -8.78 -13.59 -0.77
CA PRO A 102 -8.47 -12.45 0.09
C PRO A 102 -9.40 -12.40 1.29
N VAL A 103 -8.85 -12.05 2.45
CA VAL A 103 -9.62 -12.02 3.69
C VAL A 103 -9.64 -10.65 4.35
N GLU A 104 -10.53 -10.49 5.33
CA GLU A 104 -10.72 -9.24 6.05
C GLU A 104 -9.43 -8.73 6.69
N LYS A 105 -9.11 -7.47 6.47
CA LYS A 105 -7.94 -6.85 7.06
C LYS A 105 -8.27 -6.20 8.40
N THR A 106 -7.24 -5.69 9.07
CA THR A 106 -7.40 -4.90 10.29
C THR A 106 -6.78 -3.53 10.09
N PRO A 107 -7.10 -2.56 10.96
CA PRO A 107 -6.51 -1.22 10.90
C PRO A 107 -4.97 -1.21 10.86
N GLN A 108 -4.34 -2.31 11.26
CA GLN A 108 -2.88 -2.41 11.34
C GLN A 108 -2.27 -3.16 10.17
N THR A 109 -3.11 -3.89 9.42
CA THR A 109 -2.65 -4.69 8.30
C THR A 109 -3.15 -4.13 6.96
N GLN A 110 -3.36 -2.82 6.92
CA GLN A 110 -3.87 -2.14 5.72
C GLN A 110 -2.94 -2.30 4.53
N GLN A 111 -1.65 -2.12 4.78
CA GLN A 111 -0.64 -2.17 3.72
C GLN A 111 -0.34 -3.61 3.30
N ASP A 112 -0.83 -4.55 4.07
CA ASP A 112 -0.49 -5.96 3.89
C ASP A 112 -1.44 -6.68 2.95
N GLU A 113 -0.96 -7.81 2.44
CA GLU A 113 -1.80 -8.77 1.74
C GLU A 113 -2.18 -9.89 2.70
N LEU A 114 -3.48 -10.16 2.83
CA LEU A 114 -3.94 -11.27 3.65
C LEU A 114 -4.84 -12.15 2.81
N TYR A 115 -4.40 -13.39 2.63
CA TYR A 115 -5.19 -14.33 1.84
C TYR A 115 -5.01 -15.77 2.24
N ILE A 116 -5.96 -16.59 1.80
CA ILE A 116 -5.89 -18.02 2.01
C ILE A 116 -5.53 -18.68 0.69
N HIS A 117 -4.51 -19.52 0.76
CA HIS A 117 -3.95 -20.18 -0.40
C HIS A 117 -4.33 -21.66 -0.36
N SER A 118 -4.93 -22.14 -1.43
CA SER A 118 -5.35 -23.54 -1.53
C SER A 118 -4.32 -24.37 -2.28
N GLU A 119 -3.95 -25.50 -1.69
CA GLU A 119 -2.97 -26.40 -2.28
C GLU A 119 -3.35 -27.87 -2.02
N PRO A 120 -2.95 -28.77 -2.94
CA PRO A 120 -3.20 -30.20 -2.75
C PRO A 120 -2.54 -30.76 -1.49
N LEU A 121 -3.12 -31.82 -0.95
CA LEU A 121 -2.54 -32.51 0.21
C LEU A 121 -1.39 -33.45 -0.19
N GLY A 122 -1.55 -34.12 -1.34
CA GLY A 122 -0.53 -35.01 -1.89
C GLY A 122 -1.13 -36.27 -2.49
N VAL A 123 -0.94 -37.38 -1.81
CA VAL A 123 -1.55 -38.63 -2.23
C VAL A 123 -2.76 -38.94 -1.37
N VAL A 124 -3.90 -39.11 -2.03
CA VAL A 124 -5.16 -39.32 -1.33
C VAL A 124 -5.61 -40.76 -1.51
N LEU A 125 -6.17 -41.36 -0.45
CA LEU A 125 -6.76 -42.68 -0.56
C LEU A 125 -8.28 -42.60 -0.46
N VAL A 126 -8.95 -43.16 -1.46
CA VAL A 126 -10.39 -43.32 -1.39
C VAL A 126 -10.75 -44.80 -1.29
N ILE A 127 -11.37 -45.16 -0.16
CA ILE A 127 -11.86 -46.51 0.01
C ILE A 127 -13.38 -46.54 -0.23
N GLY A 128 -13.80 -47.20 -1.30
CA GLY A 128 -15.21 -47.23 -1.67
C GLY A 128 -16.01 -48.33 -0.97
N THR A 129 -17.32 -48.22 -1.07
CA THR A 129 -18.20 -49.24 -0.53
C THR A 129 -19.06 -49.82 -1.66
N TRP A 130 -19.94 -50.77 -1.32
CA TRP A 130 -20.54 -51.64 -2.30
C TRP A 130 -21.94 -51.28 -2.76
N ASN A 131 -22.68 -50.56 -1.92
CA ASN A 131 -24.09 -50.27 -2.22
C ASN A 131 -24.29 -49.31 -3.39
N TYR A 132 -23.38 -48.35 -3.53
CA TYR A 132 -23.33 -47.53 -4.73
C TYR A 132 -21.89 -47.52 -5.19
N PRO A 133 -21.44 -48.64 -5.79
CA PRO A 133 -20.03 -48.90 -6.02
C PRO A 133 -19.35 -47.98 -7.03
N PHE A 134 -20.12 -47.34 -7.88
CA PHE A 134 -19.54 -46.37 -8.79
C PHE A 134 -19.48 -45.02 -8.11
N ASN A 135 -20.64 -44.50 -7.74
CA ASN A 135 -20.76 -43.17 -7.12
C ASN A 135 -19.88 -42.99 -5.89
N LEU A 136 -19.93 -43.95 -4.97
CA LEU A 136 -19.22 -43.82 -3.69
C LEU A 136 -17.73 -44.18 -3.79
N THR A 137 -17.27 -44.43 -5.00
CA THR A 137 -15.84 -44.57 -5.31
C THR A 137 -15.40 -43.35 -6.12
N ILE A 138 -16.19 -42.99 -7.13
CA ILE A 138 -15.76 -41.97 -8.11
C ILE A 138 -16.12 -40.53 -7.73
N GLN A 139 -17.25 -40.30 -7.06
CA GLN A 139 -17.55 -38.94 -6.60
C GLN A 139 -16.51 -38.31 -5.68
N PRO A 140 -16.02 -39.06 -4.66
CA PRO A 140 -14.94 -38.52 -3.85
C PRO A 140 -13.67 -38.29 -4.67
N MET A 141 -13.43 -39.17 -5.64
CA MET A 141 -12.26 -39.04 -6.50
C MET A 141 -12.27 -37.76 -7.34
N VAL A 142 -13.45 -37.38 -7.84
CA VAL A 142 -13.61 -36.15 -8.61
C VAL A 142 -13.10 -34.97 -7.79
N GLY A 143 -13.52 -34.89 -6.53
CA GLY A 143 -13.05 -33.86 -5.62
C GLY A 143 -11.56 -33.87 -5.44
N ALA A 144 -11.00 -35.04 -5.17
CA ALA A 144 -9.56 -35.17 -4.91
C ALA A 144 -8.69 -34.82 -6.14
N ILE A 145 -9.20 -35.15 -7.32
CA ILE A 145 -8.58 -34.78 -8.59
C ILE A 145 -8.65 -33.27 -8.79
N ALA A 146 -9.83 -32.70 -8.58
CA ALA A 146 -10.05 -31.27 -8.70
C ALA A 146 -9.09 -30.47 -7.80
N ALA A 147 -8.78 -31.03 -6.63
CA ALA A 147 -7.92 -30.40 -5.65
C ALA A 147 -6.44 -30.61 -5.95
N GLY A 148 -6.15 -31.37 -6.99
CA GLY A 148 -4.78 -31.53 -7.48
C GLY A 148 -3.96 -32.62 -6.84
N ASN A 149 -4.64 -33.61 -6.25
CA ASN A 149 -3.97 -34.74 -5.62
C ASN A 149 -3.79 -35.92 -6.56
N ALA A 150 -2.80 -36.76 -6.27
CA ALA A 150 -2.81 -38.14 -6.74
C ALA A 150 -3.89 -38.86 -5.93
N VAL A 151 -4.61 -39.76 -6.56
CA VAL A 151 -5.69 -40.45 -5.89
C VAL A 151 -5.59 -41.96 -6.09
N VAL A 152 -5.40 -42.67 -4.97
CA VAL A 152 -5.36 -44.12 -4.97
C VAL A 152 -6.76 -44.61 -4.66
N LEU A 153 -7.26 -45.56 -5.45
CA LEU A 153 -8.59 -46.11 -5.27
C LEU A 153 -8.60 -47.56 -4.79
N LYS A 154 -9.48 -47.83 -3.83
CA LYS A 154 -9.70 -49.18 -3.33
C LYS A 154 -11.20 -49.45 -3.31
N PRO A 155 -11.72 -50.02 -4.41
CA PRO A 155 -13.13 -50.42 -4.48
C PRO A 155 -13.47 -51.58 -3.55
N SER A 156 -14.74 -51.69 -3.19
CA SER A 156 -15.21 -52.79 -2.36
C SER A 156 -15.29 -54.08 -3.18
N GLU A 157 -14.84 -55.18 -2.59
CA GLU A 157 -14.86 -56.50 -3.23
C GLU A 157 -16.26 -57.10 -3.35
N LEU A 158 -17.17 -56.68 -2.46
CA LEU A 158 -18.56 -57.16 -2.49
C LEU A 158 -19.27 -56.78 -3.79
N SER A 159 -18.95 -55.61 -4.32
CA SER A 159 -19.40 -55.22 -5.65
CA SER A 159 -19.41 -55.21 -5.64
C SER A 159 -18.39 -55.71 -6.68
N GLU A 160 -18.19 -57.02 -6.67
CA GLU A 160 -17.19 -57.73 -7.45
C GLU A 160 -17.07 -57.32 -8.93
N ASN A 161 -18.22 -57.13 -9.59
CA ASN A 161 -18.25 -56.74 -10.99
C ASN A 161 -17.80 -55.30 -11.25
N MET A 162 -18.25 -54.39 -10.39
CA MET A 162 -17.83 -53.00 -10.47
C MET A 162 -16.35 -52.83 -10.09
N ALA A 163 -15.90 -53.56 -9.07
CA ALA A 163 -14.52 -53.51 -8.62
C ALA A 163 -13.56 -53.90 -9.73
N SER A 164 -13.92 -54.96 -10.45
CA SER A 164 -13.12 -55.50 -11.54
C SER A 164 -13.18 -54.65 -12.81
N LEU A 165 -14.33 -54.00 -13.04
CA LEU A 165 -14.50 -53.10 -14.18
C LEU A 165 -13.68 -51.81 -14.03
N LEU A 166 -13.79 -51.17 -12.88
CA LEU A 166 -13.05 -49.95 -12.60
C LEU A 166 -11.55 -50.14 -12.73
N ALA A 167 -11.05 -51.28 -12.27
CA ALA A 167 -9.63 -51.62 -12.40
C ALA A 167 -9.18 -51.68 -13.87
N THR A 168 -10.12 -52.04 -14.76
CA THR A 168 -9.86 -52.07 -16.19
C THR A 168 -9.97 -50.70 -16.86
N ILE A 169 -11.09 -50.00 -16.64
CA ILE A 169 -11.38 -48.77 -17.39
C ILE A 169 -10.75 -47.49 -16.85
N ILE A 170 -10.57 -47.37 -15.53
CA ILE A 170 -9.94 -46.18 -14.97
C ILE A 170 -8.58 -45.88 -15.65
N PRO A 171 -7.66 -46.88 -15.73
CA PRO A 171 -6.35 -46.60 -16.34
C PRO A 171 -6.40 -46.33 -17.85
N GLN A 172 -7.50 -46.70 -18.49
CA GLN A 172 -7.68 -46.45 -19.93
C GLN A 172 -7.92 -44.98 -20.21
N TYR A 173 -8.41 -44.26 -19.22
CA TYR A 173 -8.85 -42.88 -19.41
C TYR A 173 -8.01 -41.87 -18.63
N LEU A 174 -7.62 -42.23 -17.41
CA LEU A 174 -6.91 -41.33 -16.53
C LEU A 174 -5.43 -41.70 -16.45
N ASP A 175 -4.61 -40.73 -16.06
CA ASP A 175 -3.18 -40.93 -15.83
C ASP A 175 -2.90 -42.17 -15.00
N LYS A 176 -2.03 -43.02 -15.50
CA LYS A 176 -1.76 -44.32 -14.91
C LYS A 176 -1.06 -44.30 -13.56
N ASP A 177 -0.10 -43.40 -13.42
CA ASP A 177 0.66 -43.29 -12.19
C ASP A 177 -0.10 -42.58 -11.07
N LEU A 178 -0.84 -41.53 -11.44
CA LEU A 178 -1.50 -40.67 -10.46
C LEU A 178 -2.74 -41.30 -9.83
N TYR A 179 -3.44 -42.13 -10.60
CA TYR A 179 -4.73 -42.65 -10.18
C TYR A 179 -4.82 -44.19 -10.26
N PRO A 180 -4.00 -44.89 -9.47
CA PRO A 180 -4.03 -46.35 -9.51
C PRO A 180 -5.24 -46.96 -8.79
N VAL A 181 -5.70 -48.10 -9.30
CA VAL A 181 -6.75 -48.87 -8.66
C VAL A 181 -6.12 -50.07 -7.97
N ILE A 182 -6.48 -50.28 -6.71
CA ILE A 182 -6.01 -51.43 -5.93
C ILE A 182 -7.12 -52.49 -5.77
N ASN A 183 -6.83 -53.70 -6.16
CA ASN A 183 -7.76 -54.80 -6.02
C ASN A 183 -7.65 -55.48 -4.67
N GLY A 184 -8.69 -56.18 -4.26
CA GLY A 184 -8.62 -57.03 -3.08
C GLY A 184 -9.70 -56.79 -2.04
N GLY A 185 -9.49 -57.38 -0.87
CA GLY A 185 -10.43 -57.25 0.23
C GLY A 185 -9.74 -56.78 1.49
N VAL A 186 -10.24 -57.27 2.63
CA VAL A 186 -9.72 -56.89 3.95
C VAL A 186 -8.19 -57.04 4.08
N PRO A 187 -7.62 -58.19 3.65
CA PRO A 187 -6.17 -58.31 3.76
C PRO A 187 -5.40 -57.25 2.94
N GLU A 188 -5.87 -57.00 1.72
CA GLU A 188 -5.24 -56.02 0.84
C GLU A 188 -5.41 -54.61 1.38
N THR A 189 -6.65 -54.29 1.79
CA THR A 189 -6.97 -53.02 2.43
C THR A 189 -6.09 -52.75 3.66
N THR A 190 -5.98 -53.75 4.54
CA THR A 190 -5.15 -53.68 5.74
C THR A 190 -3.72 -53.31 5.40
N GLU A 191 -3.23 -53.83 4.30
CA GLU A 191 -1.86 -53.62 3.85
C GLU A 191 -1.64 -52.29 3.18
N LEU A 192 -2.66 -51.82 2.52
CA LEU A 192 -2.69 -50.48 1.95
C LEU A 192 -2.63 -49.40 3.02
N LEU A 193 -3.22 -49.68 4.18
CA LEU A 193 -3.26 -48.71 5.26
C LEU A 193 -1.94 -48.55 6.01
N LYS A 194 -0.92 -49.32 5.62
CA LYS A 194 0.40 -49.19 6.20
C LYS A 194 1.20 -48.17 5.42
N GLU A 195 0.78 -47.92 4.18
CA GLU A 195 1.39 -46.90 3.32
C GLU A 195 1.04 -45.51 3.83
N ARG A 196 1.90 -44.54 3.51
CA ARG A 196 1.70 -43.16 3.96
C ARG A 196 0.85 -42.39 2.97
N PHE A 197 -0.33 -41.95 3.44
CA PHE A 197 -1.22 -41.10 2.65
C PHE A 197 -1.36 -39.72 3.28
N ASP A 198 -1.79 -38.75 2.48
CA ASP A 198 -1.98 -37.37 2.94
C ASP A 198 -3.41 -37.09 3.38
N HIS A 199 -4.36 -37.85 2.85
CA HIS A 199 -5.74 -37.82 3.29
C HIS A 199 -6.37 -39.16 3.00
N ILE A 200 -7.29 -39.60 3.85
CA ILE A 200 -8.03 -40.83 3.61
C ILE A 200 -9.52 -40.55 3.70
N LEU A 201 -10.24 -40.94 2.68
CA LEU A 201 -11.70 -40.91 2.74
C LEU A 201 -12.25 -42.33 2.70
N TYR A 202 -13.06 -42.67 3.68
CA TYR A 202 -13.62 -43.99 3.78
C TYR A 202 -15.12 -43.94 3.96
N THR A 203 -15.83 -44.71 3.16
CA THR A 203 -17.26 -44.89 3.34
C THR A 203 -17.52 -46.35 3.69
N GLY A 204 -18.23 -46.58 4.79
CA GLY A 204 -18.56 -47.91 5.22
C GLY A 204 -19.17 -47.93 6.60
N SER A 205 -18.70 -48.85 7.44
CA SER A 205 -19.30 -49.09 8.73
C SER A 205 -18.54 -48.39 9.86
N THR A 206 -19.27 -48.11 10.93
CA THR A 206 -18.75 -47.47 12.13
C THR A 206 -17.53 -48.22 12.66
N GLY A 207 -17.67 -49.54 12.81
CA GLY A 207 -16.57 -50.39 13.29
C GLY A 207 -15.27 -50.27 12.52
N VAL A 208 -15.36 -50.32 11.19
CA VAL A 208 -14.17 -50.23 10.33
C VAL A 208 -13.60 -48.80 10.34
N GLY A 209 -14.46 -47.80 10.48
CA GLY A 209 -14.03 -46.41 10.66
C GLY A 209 -12.97 -46.22 11.74
N LYS A 210 -13.15 -46.91 12.87
CA LYS A 210 -12.15 -46.91 13.95
C LYS A 210 -10.80 -47.50 13.53
N ILE A 211 -10.85 -48.54 12.69
CA ILE A 211 -9.64 -49.16 12.15
C ILE A 211 -8.92 -48.22 11.19
N ILE A 212 -9.67 -47.61 10.27
CA ILE A 212 -9.12 -46.62 9.34
C ILE A 212 -8.44 -45.51 10.12
N MET A 213 -9.12 -45.01 11.14
CA MET A 213 -8.60 -43.92 11.94
C MET A 213 -7.34 -44.31 12.73
N THR A 214 -7.36 -45.52 13.32
CA THR A 214 -6.19 -46.06 14.02
C THR A 214 -4.99 -46.15 13.08
N ALA A 215 -5.23 -46.61 11.86
CA ALA A 215 -4.15 -46.73 10.88
C ALA A 215 -3.67 -45.35 10.46
N ALA A 216 -4.60 -44.39 10.34
CA ALA A 216 -4.29 -43.01 9.95
C ALA A 216 -3.42 -42.29 10.97
N ALA A 217 -3.67 -42.57 12.25
CA ALA A 217 -2.94 -41.93 13.34
C ALA A 217 -1.42 -42.13 13.24
N LYS A 218 -1.00 -43.26 12.67
CA LYS A 218 0.41 -43.64 12.61
C LYS A 218 1.23 -42.75 11.70
N HIS A 219 0.56 -42.09 10.77
CA HIS A 219 1.22 -41.14 9.88
C HIS A 219 0.66 -39.73 10.04
N LEU A 220 -0.17 -39.56 11.08
CA LEU A 220 -1.00 -38.34 11.27
C LEU A 220 -1.73 -37.96 9.98
N THR A 221 -2.54 -38.88 9.49
CA THR A 221 -3.27 -38.68 8.24
C THR A 221 -4.69 -38.23 8.55
N PRO A 222 -5.10 -37.06 8.03
CA PRO A 222 -6.47 -36.63 8.23
C PRO A 222 -7.44 -37.53 7.51
N VAL A 223 -8.64 -37.69 8.08
CA VAL A 223 -9.61 -38.62 7.56
C VAL A 223 -10.97 -37.99 7.38
N THR A 224 -11.68 -38.48 6.36
CA THR A 224 -13.08 -38.22 6.23
C THR A 224 -13.77 -39.56 6.31
N LEU A 225 -14.66 -39.70 7.31
CA LEU A 225 -15.38 -40.93 7.52
C LEU A 225 -16.87 -40.76 7.35
N GLU A 226 -17.43 -41.42 6.33
CA GLU A 226 -18.87 -41.45 6.09
C GLU A 226 -19.40 -42.79 6.52
N LEU A 227 -19.95 -42.81 7.72
CA LEU A 227 -20.28 -44.06 8.39
C LEU A 227 -21.78 -44.29 8.43
N GLY A 228 -22.25 -45.07 9.40
CA GLY A 228 -23.65 -45.45 9.42
C GLY A 228 -24.40 -45.12 10.69
N GLY A 229 -25.50 -45.82 10.90
CA GLY A 229 -26.39 -45.55 12.01
C GLY A 229 -27.80 -45.82 11.53
N LYS A 230 -28.77 -45.48 12.35
CA LYS A 230 -30.16 -45.66 11.98
C LYS A 230 -30.82 -44.31 11.82
N SER A 231 -31.14 -43.97 10.57
CA SER A 231 -31.75 -42.67 10.26
C SER A 231 -33.25 -42.69 10.56
N PRO A 232 -33.65 -41.91 11.57
CA PRO A 232 -35.04 -41.90 11.99
C PRO A 232 -35.90 -41.11 11.02
N CYS A 233 -37.18 -41.44 10.98
CA CYS A 233 -38.14 -40.72 10.18
C CYS A 233 -39.38 -40.46 11.02
N TYR A 234 -39.47 -39.25 11.55
CA TYR A 234 -40.62 -38.86 12.35
C TYR A 234 -41.77 -38.37 11.48
N VAL A 235 -42.96 -38.93 11.68
CA VAL A 235 -44.17 -38.49 10.98
C VAL A 235 -45.17 -37.85 11.95
N ASP A 236 -45.53 -36.61 11.67
CA ASP A 236 -46.43 -35.82 12.52
C ASP A 236 -47.90 -36.15 12.25
N LYS A 237 -48.75 -35.91 13.24
CA LYS A 237 -50.17 -36.28 13.18
C LYS A 237 -51.00 -35.56 12.11
N ASN A 238 -50.93 -34.23 12.06
CA ASN A 238 -51.81 -33.45 11.17
C ASN A 238 -51.25 -33.19 9.77
N CYS A 239 -50.33 -34.02 9.31
CA CYS A 239 -49.76 -33.82 7.98
C CYS A 239 -50.40 -34.78 6.97
N ASP A 240 -50.31 -34.42 5.69
CA ASP A 240 -50.86 -35.25 4.61
C ASP A 240 -50.03 -36.51 4.44
N LEU A 241 -50.59 -37.63 4.89
CA LEU A 241 -49.86 -38.91 4.89
C LEU A 241 -49.75 -39.54 3.50
N ASP A 242 -50.58 -39.10 2.56
CA ASP A 242 -50.52 -39.60 1.20
C ASP A 242 -49.16 -39.26 0.58
N VAL A 243 -48.82 -37.97 0.65
CA VAL A 243 -47.56 -37.47 0.11
C VAL A 243 -46.38 -38.02 0.91
N ALA A 244 -46.50 -38.01 2.23
CA ALA A 244 -45.44 -38.45 3.12
C ALA A 244 -45.02 -39.89 2.84
N CYS A 245 -45.98 -40.82 2.87
CA CYS A 245 -45.68 -42.24 2.74
C CYS A 245 -45.12 -42.63 1.39
N ARG A 246 -45.52 -41.93 0.34
CA ARG A 246 -44.99 -42.16 -1.00
CA ARG A 246 -44.98 -42.17 -0.99
C ARG A 246 -43.49 -41.83 -1.03
N ARG A 247 -43.14 -40.68 -0.45
CA ARG A 247 -41.76 -40.24 -0.40
C ARG A 247 -40.91 -41.17 0.46
N ILE A 248 -41.42 -41.54 1.64
CA ILE A 248 -40.76 -42.48 2.54
C ILE A 248 -40.50 -43.82 1.86
N ALA A 249 -41.55 -44.39 1.26
CA ALA A 249 -41.43 -45.68 0.58
C ALA A 249 -40.42 -45.65 -0.55
N TRP A 250 -40.36 -44.53 -1.26
CA TRP A 250 -39.38 -44.34 -2.33
C TRP A 250 -37.97 -44.44 -1.80
N GLY A 251 -37.62 -43.59 -0.84
CA GLY A 251 -36.28 -43.56 -0.27
C GLY A 251 -35.93 -44.80 0.52
N LYS A 252 -36.94 -45.41 1.13
CA LYS A 252 -36.71 -46.60 1.93
C LYS A 252 -36.38 -47.82 1.08
N PHE A 253 -37.07 -47.97 -0.06
CA PHE A 253 -37.01 -49.24 -0.78
C PHE A 253 -36.17 -49.25 -2.06
N MET A 254 -35.71 -48.08 -2.48
CA MET A 254 -34.77 -48.02 -3.60
C MET A 254 -33.51 -48.78 -3.23
N ASN A 255 -32.84 -49.35 -4.23
CA ASN A 255 -31.66 -50.17 -4.03
C ASN A 255 -31.91 -51.26 -2.99
N SER A 256 -33.15 -51.75 -2.93
CA SER A 256 -33.55 -52.76 -1.97
C SER A 256 -33.18 -52.40 -0.51
N GLY A 257 -33.31 -51.11 -0.18
CA GLY A 257 -33.05 -50.63 1.18
C GLY A 257 -31.60 -50.38 1.54
N GLN A 258 -30.70 -50.55 0.56
CA GLN A 258 -29.27 -50.50 0.83
C GLN A 258 -28.69 -49.10 0.57
N THR A 259 -29.05 -48.18 1.45
CA THR A 259 -28.73 -46.78 1.30
C THR A 259 -28.40 -46.20 2.65
N CYS A 260 -27.28 -45.49 2.75
CA CYS A 260 -26.79 -44.96 4.02
C CYS A 260 -27.74 -43.94 4.61
N VAL A 261 -28.44 -43.21 3.75
CA VAL A 261 -29.40 -42.21 4.19
C VAL A 261 -30.85 -42.65 3.98
N ALA A 262 -31.06 -43.95 3.85
CA ALA A 262 -32.41 -44.50 3.82
C ALA A 262 -33.10 -44.15 5.13
N PRO A 263 -34.40 -43.78 5.09
CA PRO A 263 -35.12 -43.72 6.36
C PRO A 263 -35.17 -45.13 6.93
N ASP A 264 -34.49 -45.34 8.06
CA ASP A 264 -34.31 -46.69 8.59
C ASP A 264 -35.55 -47.18 9.33
N TYR A 265 -36.18 -46.30 10.10
CA TYR A 265 -37.38 -46.62 10.84
C TYR A 265 -38.31 -45.41 10.95
N ILE A 266 -39.58 -45.66 11.28
CA ILE A 266 -40.53 -44.59 11.46
C ILE A 266 -40.88 -44.41 12.93
N LEU A 267 -40.98 -43.15 13.35
CA LEU A 267 -41.58 -42.79 14.64
C LEU A 267 -42.90 -42.05 14.39
N CYS A 268 -43.97 -42.52 15.01
CA CYS A 268 -45.28 -41.89 14.87
C CYS A 268 -46.21 -42.20 16.03
N ASP A 269 -47.23 -41.37 16.20
CA ASP A 269 -48.29 -41.61 17.18
C ASP A 269 -49.02 -42.89 16.81
N PRO A 270 -49.34 -43.74 17.80
CA PRO A 270 -50.02 -45.01 17.52
C PRO A 270 -51.37 -44.84 16.81
N SER A 271 -51.93 -43.63 16.86
CA SER A 271 -53.23 -43.36 16.24
C SER A 271 -53.15 -43.27 14.71
N ILE A 272 -51.98 -42.98 14.17
CA ILE A 272 -51.81 -42.87 12.72
C ILE A 272 -51.03 -44.03 12.11
N GLN A 273 -50.63 -44.98 12.94
CA GLN A 273 -49.83 -46.11 12.48
C GLN A 273 -50.44 -46.84 11.29
N ASN A 274 -51.65 -47.37 11.45
CA ASN A 274 -52.27 -48.21 10.41
C ASN A 274 -52.54 -47.50 9.09
N GLN A 275 -52.85 -46.22 9.14
CA GLN A 275 -52.99 -45.40 7.93
C GLN A 275 -51.66 -45.32 7.19
N ILE A 276 -50.58 -45.13 7.94
CA ILE A 276 -49.22 -45.12 7.39
C ILE A 276 -48.93 -46.45 6.70
N VAL A 277 -49.15 -47.56 7.43
CA VAL A 277 -48.96 -48.91 6.88
C VAL A 277 -49.70 -49.04 5.56
N GLU A 278 -50.95 -48.61 5.56
CA GLU A 278 -51.82 -48.67 4.40
C GLU A 278 -51.31 -47.83 3.22
N LYS A 279 -50.99 -46.56 3.48
CA LYS A 279 -50.51 -45.65 2.44
C LYS A 279 -49.15 -46.06 1.91
N LEU A 280 -48.40 -46.81 2.70
CA LEU A 280 -47.12 -47.36 2.26
C LEU A 280 -47.35 -48.48 1.27
N LYS A 281 -48.24 -49.40 1.63
CA LYS A 281 -48.64 -50.50 0.75
C LYS A 281 -49.09 -49.97 -0.60
N LYS A 282 -49.98 -48.97 -0.56
CA LYS A 282 -50.53 -48.35 -1.76
C LYS A 282 -49.43 -47.81 -2.66
N SER A 283 -48.44 -47.15 -2.05
CA SER A 283 -47.32 -46.59 -2.78
C SER A 283 -46.40 -47.68 -3.30
N LEU A 284 -46.14 -48.70 -2.47
CA LEU A 284 -45.33 -49.85 -2.87
C LEU A 284 -45.91 -50.60 -4.06
N LYS A 285 -47.23 -50.76 -4.08
CA LYS A 285 -47.93 -51.45 -5.18
C LYS A 285 -47.80 -50.67 -6.48
N GLU A 286 -47.84 -49.35 -6.39
CA GLU A 286 -47.64 -48.48 -7.54
C GLU A 286 -46.22 -48.62 -8.10
N PHE A 287 -45.22 -48.68 -7.22
CA PHE A 287 -43.83 -48.78 -7.62
C PHE A 287 -43.49 -50.11 -8.28
N TYR A 288 -43.81 -51.21 -7.59
CA TYR A 288 -43.26 -52.52 -7.93
C TYR A 288 -44.32 -53.58 -8.29
N GLY A 289 -45.58 -53.16 -8.43
CA GLY A 289 -46.67 -54.10 -8.70
C GLY A 289 -47.05 -54.94 -7.50
N GLU A 290 -47.92 -55.92 -7.71
CA GLU A 290 -48.38 -56.80 -6.64
C GLU A 290 -47.26 -57.71 -6.15
N ASP A 291 -46.47 -58.23 -7.09
CA ASP A 291 -45.28 -59.01 -6.74
C ASP A 291 -44.02 -58.28 -7.19
N ALA A 292 -43.22 -57.87 -6.21
CA ALA A 292 -42.01 -57.08 -6.44
C ALA A 292 -40.90 -57.87 -7.12
N LYS A 293 -40.96 -59.20 -6.99
CA LYS A 293 -39.99 -60.09 -7.62
C LYS A 293 -40.05 -60.01 -9.15
N LYS A 294 -41.16 -59.51 -9.68
CA LYS A 294 -41.38 -59.44 -11.12
C LYS A 294 -41.09 -58.05 -11.69
N SER A 295 -40.62 -57.15 -10.83
CA SER A 295 -40.31 -55.78 -11.22
C SER A 295 -38.84 -55.62 -11.56
N ARG A 296 -38.58 -55.03 -12.72
CA ARG A 296 -37.21 -54.72 -13.16
C ARG A 296 -36.63 -53.51 -12.40
N ASP A 297 -37.49 -52.82 -11.65
CA ASP A 297 -37.11 -51.62 -10.89
C ASP A 297 -36.70 -51.95 -9.45
N TYR A 298 -36.97 -53.16 -9.01
CA TYR A 298 -36.67 -53.56 -7.65
C TYR A 298 -35.35 -54.31 -7.57
N GLY A 299 -34.57 -54.00 -6.55
CA GLY A 299 -33.21 -54.54 -6.42
C GLY A 299 -33.11 -55.86 -5.66
N ARG A 300 -31.87 -56.31 -5.49
CA ARG A 300 -31.56 -57.51 -4.72
C ARG A 300 -30.47 -57.20 -3.70
N ILE A 301 -30.42 -58.00 -2.63
CA ILE A 301 -29.38 -57.89 -1.62
C ILE A 301 -28.03 -58.31 -2.21
N ILE A 302 -26.97 -57.64 -1.76
CA ILE A 302 -25.62 -57.77 -2.34
C ILE A 302 -24.99 -59.16 -2.20
N SER A 303 -25.05 -59.73 -1.01
CA SER A 303 -24.35 -60.96 -0.69
C SER A 303 -25.23 -61.92 0.12
N ALA A 304 -24.79 -63.18 0.17
CA ALA A 304 -25.50 -64.22 0.91
C ALA A 304 -25.52 -63.91 2.40
N ARG A 305 -24.38 -63.48 2.91
CA ARG A 305 -24.23 -63.13 4.32
C ARG A 305 -25.20 -62.00 4.74
N HIS A 306 -25.35 -60.98 3.90
CA HIS A 306 -26.27 -59.88 4.19
C HIS A 306 -27.74 -60.25 4.02
N PHE A 307 -28.04 -61.16 3.10
CA PHE A 307 -29.40 -61.65 2.93
C PHE A 307 -29.92 -62.27 4.23
N GLN A 308 -29.09 -63.06 4.89
CA GLN A 308 -29.48 -63.75 6.12
C GLN A 308 -29.57 -62.82 7.29
N ARG A 309 -28.63 -61.87 7.36
CA ARG A 309 -28.68 -60.83 8.36
C ARG A 309 -30.04 -60.13 8.32
N VAL A 310 -30.47 -59.74 7.11
CA VAL A 310 -31.73 -59.02 6.94
C VAL A 310 -32.94 -59.88 7.31
N MET A 311 -32.94 -61.13 6.87
CA MET A 311 -34.01 -62.07 7.20
C MET A 311 -34.15 -62.32 8.70
N GLY A 312 -33.01 -62.46 9.38
CA GLY A 312 -32.98 -62.71 10.82
C GLY A 312 -33.58 -61.57 11.65
N LEU A 313 -33.69 -60.40 11.05
CA LEU A 313 -34.26 -59.22 11.73
C LEU A 313 -35.79 -59.20 11.63
N ILE A 314 -36.34 -60.00 10.72
CA ILE A 314 -37.79 -60.08 10.53
C ILE A 314 -38.43 -61.02 11.56
N GLU A 315 -37.61 -61.87 12.17
CA GLU A 315 -38.11 -62.89 13.08
C GLU A 315 -38.70 -62.35 14.37
N GLY A 316 -39.73 -63.04 14.85
CA GLY A 316 -40.45 -62.65 16.04
C GLY A 316 -41.04 -61.26 15.94
N GLN A 317 -41.37 -60.84 14.72
CA GLN A 317 -41.91 -59.52 14.48
C GLN A 317 -43.30 -59.57 13.85
N LYS A 318 -44.12 -58.57 14.20
CA LYS A 318 -45.45 -58.51 13.64
C LYS A 318 -45.36 -57.93 12.26
N VAL A 319 -45.48 -58.80 11.24
CA VAL A 319 -45.41 -58.44 9.83
C VAL A 319 -46.77 -57.90 9.36
N ALA A 320 -46.74 -56.73 8.71
CA ALA A 320 -47.95 -56.12 8.18
C ALA A 320 -48.00 -56.17 6.66
N TYR A 321 -46.87 -56.56 6.10
CA TYR A 321 -46.67 -56.67 4.67
C TYR A 321 -45.37 -57.37 4.31
N GLY A 322 -45.39 -58.09 3.22
CA GLY A 322 -44.18 -58.81 2.80
C GLY A 322 -43.76 -59.86 3.81
N GLY A 323 -42.47 -59.88 4.15
CA GLY A 323 -41.95 -60.79 5.17
C GLY A 323 -41.21 -62.00 4.64
N THR A 324 -41.35 -62.27 3.34
CA THR A 324 -40.75 -63.45 2.72
C THR A 324 -39.52 -63.10 1.86
N GLY A 325 -38.65 -64.07 1.69
CA GLY A 325 -37.44 -63.90 0.88
C GLY A 325 -36.96 -65.17 0.19
N ASP A 326 -36.23 -65.00 -0.91
CA ASP A 326 -35.70 -66.11 -1.70
C ASP A 326 -34.17 -66.12 -1.71
N ALA A 327 -33.60 -67.14 -1.08
CA ALA A 327 -32.14 -67.24 -0.89
C ALA A 327 -31.31 -67.33 -2.19
N ALA A 328 -31.88 -67.96 -3.21
CA ALA A 328 -31.19 -68.17 -4.48
C ALA A 328 -30.83 -66.84 -5.15
N THR A 329 -31.84 -66.00 -5.40
CA THR A 329 -31.65 -64.74 -6.09
C THR A 329 -31.41 -63.58 -5.11
N ARG A 330 -31.44 -63.90 -3.83
CA ARG A 330 -31.26 -62.92 -2.74
C ARG A 330 -32.28 -61.78 -2.80
N TYR A 331 -33.54 -62.17 -2.93
CA TYR A 331 -34.66 -61.24 -2.93
C TYR A 331 -35.33 -61.21 -1.56
N ILE A 332 -35.64 -60.00 -1.09
CA ILE A 332 -36.50 -59.82 0.09
C ILE A 332 -37.63 -58.86 -0.28
N ALA A 333 -38.86 -59.33 -0.10
CA ALA A 333 -40.04 -58.53 -0.38
C ALA A 333 -40.08 -57.30 0.52
N PRO A 334 -40.55 -56.16 -0.02
CA PRO A 334 -40.76 -54.96 0.79
C PRO A 334 -41.57 -55.30 2.04
N THR A 335 -40.95 -55.16 3.20
CA THR A 335 -41.54 -55.58 4.46
C THR A 335 -41.79 -54.38 5.37
N ILE A 336 -42.98 -54.34 5.96
CA ILE A 336 -43.33 -53.33 6.96
C ILE A 336 -43.65 -54.04 8.27
N LEU A 337 -43.00 -53.62 9.35
CA LEU A 337 -43.23 -54.18 10.66
C LEU A 337 -43.95 -53.16 11.54
N THR A 338 -44.93 -53.64 12.32
CA THR A 338 -45.74 -52.78 13.19
C THR A 338 -45.47 -53.04 14.67
N ASP A 339 -45.85 -52.06 15.50
CA ASP A 339 -45.65 -52.11 16.96
C ASP A 339 -44.33 -52.77 17.34
N VAL A 340 -43.25 -52.17 16.88
CA VAL A 340 -41.92 -52.74 17.02
C VAL A 340 -41.30 -52.36 18.36
N ASP A 341 -40.68 -53.32 19.02
CA ASP A 341 -40.00 -53.13 20.29
C ASP A 341 -38.62 -52.52 20.06
N PRO A 342 -38.37 -51.33 20.63
CA PRO A 342 -37.07 -50.63 20.49
C PRO A 342 -35.85 -51.48 20.84
N GLN A 343 -36.04 -52.53 21.64
CA GLN A 343 -34.93 -53.41 22.06
C GLN A 343 -34.72 -54.62 21.15
N SER A 344 -35.67 -54.89 20.26
CA SER A 344 -35.58 -56.01 19.33
C SER A 344 -34.46 -55.81 18.29
N PRO A 345 -33.89 -56.91 17.77
CA PRO A 345 -32.72 -56.84 16.88
C PRO A 345 -32.87 -55.82 15.75
N VAL A 346 -34.04 -55.79 15.11
CA VAL A 346 -34.31 -54.91 13.98
C VAL A 346 -34.22 -53.42 14.34
N MET A 347 -34.23 -53.12 15.63
CA MET A 347 -34.06 -51.75 16.10
C MET A 347 -32.74 -51.53 16.84
N GLN A 348 -31.81 -52.46 16.68
CA GLN A 348 -30.52 -52.39 17.39
C GLN A 348 -29.31 -52.37 16.45
N GLU A 349 -29.57 -52.30 15.15
CA GLU A 349 -28.52 -52.19 14.14
C GLU A 349 -29.06 -51.50 12.88
N GLU A 350 -28.16 -50.98 12.04
CA GLU A 350 -28.55 -50.46 10.72
C GLU A 350 -29.11 -51.59 9.87
N ILE A 351 -30.36 -51.43 9.44
CA ILE A 351 -31.07 -52.46 8.70
C ILE A 351 -30.42 -52.74 7.35
N PHE A 352 -30.25 -51.71 6.53
CA PHE A 352 -29.63 -51.82 5.21
C PHE A 352 -30.32 -52.89 4.35
N GLY A 353 -31.64 -52.87 4.36
CA GLY A 353 -32.47 -53.82 3.65
C GLY A 353 -33.90 -53.35 3.60
N PRO A 354 -34.76 -54.05 2.85
CA PRO A 354 -36.11 -53.57 2.59
C PRO A 354 -37.10 -53.95 3.70
N VAL A 355 -36.74 -53.61 4.93
CA VAL A 355 -37.56 -53.91 6.10
C VAL A 355 -37.75 -52.63 6.90
N LEU A 356 -39.00 -52.16 6.99
CA LEU A 356 -39.30 -50.88 7.63
C LEU A 356 -40.10 -51.05 8.92
N PRO A 357 -39.43 -50.93 10.07
CA PRO A 357 -40.12 -51.00 11.35
C PRO A 357 -40.79 -49.68 11.68
N ILE A 358 -41.95 -49.79 12.32
CA ILE A 358 -42.68 -48.64 12.84
C ILE A 358 -42.71 -48.70 14.36
N VAL A 359 -42.13 -47.68 14.99
CA VAL A 359 -42.07 -47.56 16.45
C VAL A 359 -42.98 -46.42 16.89
N CYS A 360 -43.78 -46.68 17.91
CA CYS A 360 -44.73 -45.69 18.39
C CYS A 360 -44.17 -44.81 19.48
N VAL A 361 -44.39 -43.50 19.31
CA VAL A 361 -44.10 -42.49 20.32
C VAL A 361 -45.35 -41.63 20.50
N ARG A 362 -45.58 -41.10 21.69
CA ARG A 362 -46.83 -40.39 21.95
C ARG A 362 -46.75 -38.88 21.97
N SER A 363 -45.58 -38.34 21.66
CA SER A 363 -45.39 -36.90 21.50
C SER A 363 -44.11 -36.61 20.73
N LEU A 364 -44.01 -35.38 20.23
CA LEU A 364 -42.79 -34.89 19.61
C LEU A 364 -41.60 -34.98 20.57
N GLU A 365 -41.83 -34.59 21.83
CA GLU A 365 -40.79 -34.56 22.87
C GLU A 365 -40.23 -35.94 23.16
N GLU A 366 -41.08 -36.96 23.03
CA GLU A 366 -40.70 -38.33 23.24
C GLU A 366 -39.88 -38.86 22.05
N ALA A 367 -40.23 -38.40 20.85
CA ALA A 367 -39.50 -38.75 19.63
C ALA A 367 -38.09 -38.17 19.70
N ILE A 368 -38.00 -36.91 20.11
CA ILE A 368 -36.73 -36.23 20.31
C ILE A 368 -35.85 -37.00 21.30
N GLN A 369 -36.42 -37.35 22.45
CA GLN A 369 -35.71 -38.09 23.46
C GLN A 369 -35.26 -39.45 22.93
N PHE A 370 -36.13 -40.11 22.17
CA PHE A 370 -35.81 -41.40 21.58
C PHE A 370 -34.57 -41.33 20.70
N ILE A 371 -34.51 -40.30 19.86
CA ILE A 371 -33.41 -40.07 18.93
C ILE A 371 -32.12 -39.71 19.68
N ASN A 372 -32.22 -38.83 20.67
CA ASN A 372 -31.05 -38.35 21.42
C ASN A 372 -30.38 -39.39 22.30
N GLN A 373 -31.09 -40.44 22.65
CA GLN A 373 -30.53 -41.50 23.48
C GLN A 373 -29.77 -42.54 22.68
N ARG A 374 -29.83 -42.41 21.35
CA ARG A 374 -29.12 -43.28 20.46
C ARG A 374 -27.97 -42.54 19.82
N GLU A 375 -27.08 -43.27 19.14
CA GLU A 375 -25.95 -42.66 18.45
C GLU A 375 -26.45 -41.76 17.34
N LYS A 376 -25.68 -40.71 17.04
CA LYS A 376 -26.08 -39.72 16.05
C LYS A 376 -26.13 -40.30 14.65
N PRO A 377 -27.29 -40.17 13.98
CA PRO A 377 -27.50 -40.73 12.65
C PRO A 377 -26.97 -39.84 11.52
N LEU A 378 -26.69 -40.45 10.37
CA LEU A 378 -26.24 -39.74 9.20
C LEU A 378 -27.29 -38.77 8.71
N ALA A 379 -28.55 -39.21 8.76
CA ALA A 379 -29.67 -38.38 8.34
C ALA A 379 -30.79 -38.39 9.39
N LEU A 380 -31.55 -37.30 9.43
CA LEU A 380 -32.75 -37.23 10.22
C LEU A 380 -33.87 -36.70 9.35
N TYR A 381 -35.00 -37.41 9.36
CA TYR A 381 -36.15 -37.06 8.54
C TYR A 381 -37.39 -36.80 9.39
N MET A 382 -38.17 -35.81 8.98
CA MET A 382 -39.41 -35.50 9.65
C MET A 382 -40.43 -35.03 8.62
N PHE A 383 -41.70 -35.36 8.85
CA PHE A 383 -42.77 -34.97 7.97
C PHE A 383 -43.84 -34.25 8.77
N SER A 384 -44.11 -33.01 8.39
CA SER A 384 -45.01 -32.13 9.14
C SER A 384 -45.35 -30.86 8.35
N SER A 385 -46.58 -30.37 8.54
CA SER A 385 -47.01 -29.09 7.96
C SER A 385 -46.60 -27.93 8.85
N ASN A 386 -46.33 -28.23 10.12
CA ASN A 386 -45.98 -27.23 11.12
C ASN A 386 -44.48 -26.90 11.13
N ASP A 387 -44.18 -25.66 10.73
CA ASP A 387 -42.82 -25.13 10.71
C ASP A 387 -42.14 -25.18 12.08
N LYS A 388 -42.93 -24.99 13.13
CA LYS A 388 -42.42 -24.98 14.50
C LYS A 388 -42.03 -26.35 15.02
N VAL A 389 -42.70 -27.38 14.53
CA VAL A 389 -42.35 -28.76 14.87
C VAL A 389 -41.01 -29.12 14.22
N ILE A 390 -40.84 -28.73 12.95
CA ILE A 390 -39.59 -28.92 12.19
C ILE A 390 -38.43 -28.24 12.90
N LYS A 391 -38.58 -26.96 13.19
CA LYS A 391 -37.54 -26.16 13.82
C LYS A 391 -37.15 -26.68 15.20
N LYS A 392 -38.12 -27.22 15.94
CA LYS A 392 -37.86 -27.72 17.29
C LYS A 392 -37.05 -29.01 17.25
N MET A 393 -37.48 -29.97 16.43
CA MET A 393 -36.76 -31.24 16.32
C MET A 393 -35.32 -31.04 15.86
N ILE A 394 -35.09 -30.14 14.91
CA ILE A 394 -33.76 -29.80 14.45
C ILE A 394 -32.91 -29.24 15.61
N ALA A 395 -33.44 -28.24 16.31
CA ALA A 395 -32.72 -27.55 17.39
C ALA A 395 -32.38 -28.46 18.56
N GLU A 396 -33.14 -29.52 18.72
CA GLU A 396 -33.00 -30.38 19.90
C GLU A 396 -32.44 -31.77 19.61
N THR A 397 -32.06 -32.00 18.36
CA THR A 397 -31.37 -33.23 17.98
C THR A 397 -30.00 -32.92 17.37
N SER A 398 -29.28 -33.96 16.98
CA SER A 398 -28.03 -33.82 16.25
C SER A 398 -27.96 -34.94 15.23
N SER A 399 -27.66 -34.59 14.00
CA SER A 399 -27.48 -35.57 12.94
C SER A 399 -26.54 -35.02 11.88
N GLY A 400 -26.02 -35.90 11.04
CA GLY A 400 -25.18 -35.48 9.91
C GLY A 400 -25.88 -34.39 9.11
N GLY A 401 -27.05 -34.74 8.57
CA GLY A 401 -27.88 -33.82 7.82
C GLY A 401 -29.35 -34.05 8.11
N VAL A 402 -30.17 -33.11 7.66
CA VAL A 402 -31.61 -33.15 7.92
C VAL A 402 -32.40 -32.83 6.67
N ALA A 403 -33.45 -33.61 6.44
CA ALA A 403 -34.45 -33.26 5.44
C ALA A 403 -35.84 -33.31 6.06
N ALA A 404 -36.57 -32.20 5.91
CA ALA A 404 -37.96 -32.12 6.32
C ALA A 404 -38.86 -32.30 5.10
N ASN A 405 -39.82 -33.22 5.22
CA ASN A 405 -40.82 -33.49 4.17
C ASN A 405 -40.30 -34.13 2.89
N ASP A 406 -39.11 -34.71 2.96
CA ASP A 406 -38.57 -35.56 1.91
C ASP A 406 -37.42 -36.42 2.47
N VAL A 407 -36.92 -37.35 1.66
CA VAL A 407 -35.81 -38.21 2.01
C VAL A 407 -34.79 -38.25 0.88
N ILE A 408 -33.55 -38.64 1.20
CA ILE A 408 -32.48 -38.85 0.21
C ILE A 408 -31.95 -37.56 -0.43
N VAL A 409 -32.86 -36.76 -0.98
CA VAL A 409 -32.51 -35.61 -1.83
C VAL A 409 -31.51 -34.60 -1.26
N HIS A 410 -31.43 -34.49 0.06
CA HIS A 410 -30.55 -33.49 0.67
C HIS A 410 -29.06 -33.72 0.42
N ILE A 411 -28.70 -34.93 0.00
CA ILE A 411 -27.31 -35.27 -0.28
C ILE A 411 -26.96 -35.19 -1.79
N THR A 412 -27.86 -34.61 -2.57
CA THR A 412 -27.65 -34.49 -4.02
C THR A 412 -27.50 -33.03 -4.44
N LEU A 413 -27.42 -32.12 -3.47
CA LEU A 413 -27.35 -30.69 -3.80
C LEU A 413 -25.94 -30.20 -3.57
N HIS A 414 -25.38 -29.53 -4.57
CA HIS A 414 -23.96 -29.17 -4.50
C HIS A 414 -23.64 -28.15 -3.43
N SER A 415 -24.65 -27.45 -2.92
CA SER A 415 -24.44 -26.42 -1.91
C SER A 415 -24.59 -26.93 -0.46
N LEU A 416 -25.03 -28.18 -0.31
CA LEU A 416 -25.16 -28.80 1.01
C LEU A 416 -24.10 -29.91 1.25
N PRO A 417 -23.06 -29.59 2.03
CA PRO A 417 -22.05 -30.63 2.34
C PRO A 417 -22.67 -31.89 2.94
N PHE A 418 -22.25 -33.04 2.45
CA PHE A 418 -22.73 -34.31 2.95
C PHE A 418 -21.69 -34.97 3.87
N GLY A 419 -22.10 -35.25 5.10
CA GLY A 419 -21.24 -35.94 6.05
C GLY A 419 -21.93 -36.28 7.36
N GLY A 420 -21.24 -37.06 8.20
CA GLY A 420 -21.79 -37.53 9.47
C GLY A 420 -21.35 -36.70 10.66
N VAL A 421 -21.73 -37.17 11.84
CA VAL A 421 -21.28 -36.59 13.11
C VAL A 421 -21.29 -37.73 14.13
N GLY A 422 -20.40 -37.67 15.11
CA GLY A 422 -20.25 -38.78 16.06
C GLY A 422 -20.05 -40.11 15.33
N ASN A 423 -20.88 -41.10 15.66
CA ASN A 423 -20.77 -42.42 15.07
C ASN A 423 -21.10 -42.51 13.59
N SER A 424 -21.80 -41.52 13.06
CA SER A 424 -22.12 -41.50 11.64
C SER A 424 -21.01 -40.90 10.80
N GLY A 425 -20.00 -40.35 11.46
CA GLY A 425 -18.78 -39.95 10.75
C GLY A 425 -18.18 -38.62 11.14
N MET A 426 -17.08 -38.28 10.46
CA MET A 426 -16.45 -36.98 10.63
C MET A 426 -16.00 -36.42 9.28
N GLY A 427 -16.06 -35.09 9.11
CA GLY A 427 -15.75 -34.42 7.85
C GLY A 427 -16.89 -34.55 6.84
N SER A 428 -16.72 -34.00 5.65
CA SER A 428 -17.80 -33.97 4.66
C SER A 428 -17.24 -33.66 3.29
N TYR A 429 -18.03 -33.93 2.26
CA TYR A 429 -17.65 -33.62 0.89
C TYR A 429 -18.89 -33.30 0.03
N HIS A 430 -18.70 -33.21 -1.28
CA HIS A 430 -19.71 -32.78 -2.25
C HIS A 430 -19.47 -31.30 -2.57
N GLY A 431 -19.45 -30.95 -3.85
CA GLY A 431 -19.33 -29.56 -4.26
C GLY A 431 -18.04 -28.94 -3.79
N LYS A 432 -18.11 -27.67 -3.39
CA LYS A 432 -16.95 -26.92 -2.91
C LYS A 432 -16.32 -27.61 -1.70
N LYS A 433 -17.14 -28.27 -0.89
CA LYS A 433 -16.61 -28.94 0.27
C LYS A 433 -15.58 -30.03 -0.08
N SER A 434 -15.78 -30.74 -1.19
CA SER A 434 -14.84 -31.74 -1.67
C SER A 434 -13.50 -31.09 -1.94
N PHE A 435 -13.52 -29.95 -2.65
CA PHE A 435 -12.32 -29.22 -2.94
C PHE A 435 -11.60 -28.85 -1.64
N GLU A 436 -12.36 -28.34 -0.67
CA GLU A 436 -11.78 -27.91 0.60
C GLU A 436 -11.21 -29.09 1.41
N THR A 437 -11.97 -30.18 1.43
CA THR A 437 -11.59 -31.37 2.18
C THR A 437 -10.27 -31.97 1.66
N PHE A 438 -10.09 -31.93 0.34
CA PHE A 438 -8.92 -32.51 -0.28
C PHE A 438 -7.81 -31.48 -0.55
N SER A 439 -7.90 -30.34 0.10
CA SER A 439 -6.86 -29.32 0.01
C SER A 439 -6.32 -29.00 1.39
N HIS A 440 -5.17 -28.34 1.44
CA HIS A 440 -4.80 -27.62 2.63
C HIS A 440 -5.07 -26.13 2.39
N ARG A 441 -5.81 -25.50 3.29
CA ARG A 441 -6.06 -24.08 3.21
C ARG A 441 -5.03 -23.35 4.05
N ARG A 442 -4.12 -22.69 3.37
CA ARG A 442 -2.92 -22.15 3.95
C ARG A 442 -3.06 -20.63 4.13
N SER A 443 -2.92 -20.16 5.36
CA SER A 443 -3.07 -18.75 5.68
C SER A 443 -1.78 -18.01 5.32
N CYS A 444 -1.92 -16.96 4.51
CA CYS A 444 -0.76 -16.20 4.07
C CYS A 444 -0.82 -14.73 4.46
N LEU A 445 0.28 -14.25 5.02
CA LEU A 445 0.46 -12.84 5.30
C LEU A 445 1.69 -12.34 4.56
N VAL A 446 1.48 -11.35 3.69
CA VAL A 446 2.58 -10.73 2.95
C VAL A 446 2.67 -9.26 3.30
N ARG A 447 3.77 -8.88 3.96
CA ARG A 447 4.04 -7.48 4.28
C ARG A 447 5.07 -6.86 3.35
N PRO A 448 5.03 -5.52 3.17
CA PRO A 448 6.14 -4.86 2.52
C PRO A 448 7.35 -4.89 3.44
N LEU A 449 8.53 -5.10 2.87
CA LEU A 449 9.77 -5.09 3.65
C LEU A 449 10.36 -3.67 3.75
N MET A 450 9.72 -2.85 4.58
CA MET A 450 10.15 -1.49 4.79
C MET A 450 10.25 -1.24 6.28
N ASN A 451 11.23 -0.41 6.68
CA ASN A 451 11.38 0.00 8.06
C ASN A 451 10.10 0.68 8.54
N ASP A 452 9.24 -0.09 9.20
CA ASP A 452 8.00 0.46 9.73
C ASP A 452 8.17 0.87 11.19
N GLU A 453 8.07 2.18 11.44
CA GLU A 453 8.26 2.73 12.78
C GLU A 453 7.15 2.32 13.76
N GLY A 454 5.99 1.96 13.22
CA GLY A 454 4.87 1.52 14.04
C GLY A 454 5.02 0.13 14.65
N LEU A 455 5.90 -0.68 14.07
CA LEU A 455 6.14 -2.05 14.55
C LEU A 455 7.28 -2.11 15.58
N LYS A 456 7.88 -0.96 15.90
CA LYS A 456 9.03 -0.90 16.81
C LYS A 456 8.68 -1.08 18.28
N VAL A 457 7.39 -1.07 18.61
CA VAL A 457 6.94 -1.20 19.98
C VAL A 457 7.07 -2.64 20.49
N ARG A 458 7.08 -3.59 19.57
CA ARG A 458 7.15 -5.00 19.92
C ARG A 458 8.55 -5.42 20.37
N TYR A 459 9.55 -4.72 19.88
CA TYR A 459 10.95 -5.07 20.11
C TYR A 459 11.45 -4.69 21.51
N PRO A 460 12.09 -5.63 22.20
CA PRO A 460 12.77 -5.36 23.47
C PRO A 460 13.87 -4.29 23.32
N PRO A 461 14.21 -3.58 24.42
CA PRO A 461 13.65 -3.77 25.76
C PRO A 461 12.33 -3.04 25.94
N SER A 462 11.50 -3.55 26.85
CA SER A 462 10.21 -2.96 27.16
C SER A 462 10.35 -1.77 28.11
N PRO A 463 9.36 -0.86 28.12
CA PRO A 463 9.42 0.28 29.04
C PRO A 463 8.72 -0.01 30.37
N SER B 18 -10.55 -41.85 39.32
CA SER B 18 -12.02 -41.94 39.56
C SER B 18 -12.67 -40.57 39.47
N LYS B 19 -12.05 -39.57 40.09
CA LYS B 19 -12.57 -38.19 40.08
C LYS B 19 -12.40 -37.50 38.72
N ILE B 20 -11.65 -38.15 37.83
CA ILE B 20 -11.56 -37.76 36.42
C ILE B 20 -12.87 -38.14 35.74
N SER B 21 -13.35 -39.36 36.01
CA SER B 21 -14.62 -39.86 35.48
C SER B 21 -15.82 -39.01 35.91
N GLU B 22 -15.82 -38.58 37.17
CA GLU B 22 -16.90 -37.74 37.73
C GLU B 22 -16.99 -36.39 37.02
N ALA B 23 -15.85 -35.75 36.83
CA ALA B 23 -15.78 -34.44 36.19
C ALA B 23 -16.34 -34.49 34.77
N VAL B 24 -15.97 -35.53 34.02
CA VAL B 24 -16.45 -35.73 32.66
C VAL B 24 -17.95 -36.00 32.63
N LYS B 25 -18.41 -36.90 33.49
CA LYS B 25 -19.83 -37.25 33.61
C LYS B 25 -20.69 -36.04 33.97
N ARG B 26 -20.21 -35.24 34.91
CA ARG B 26 -20.87 -34.01 35.36
C ARG B 26 -20.93 -32.98 34.24
N ALA B 27 -19.87 -32.95 33.42
CA ALA B 27 -19.81 -32.04 32.29
C ALA B 27 -20.78 -32.45 31.20
N ARG B 28 -20.88 -33.76 30.97
CA ARG B 28 -21.81 -34.29 29.98
C ARG B 28 -23.27 -34.02 30.37
N ALA B 29 -23.58 -34.29 31.63
CA ALA B 29 -24.93 -34.08 32.16
C ALA B 29 -25.33 -32.61 32.08
N ALA B 30 -24.38 -31.73 32.38
CA ALA B 30 -24.63 -30.30 32.32
C ALA B 30 -24.88 -29.84 30.87
N PHE B 31 -24.16 -30.44 29.93
CA PHE B 31 -24.40 -30.13 28.52
C PHE B 31 -25.75 -30.67 28.06
N SER B 32 -26.12 -31.86 28.54
CA SER B 32 -27.38 -32.50 28.16
C SER B 32 -28.62 -31.73 28.59
N SER B 33 -28.50 -30.96 29.67
CA SER B 33 -29.61 -30.17 30.19
C SER B 33 -29.97 -29.00 29.28
N GLY B 34 -29.10 -28.70 28.31
CA GLY B 34 -29.36 -27.66 27.32
C GLY B 34 -28.98 -26.27 27.80
N ARG B 35 -28.25 -26.22 28.93
CA ARG B 35 -27.83 -24.96 29.54
C ARG B 35 -26.97 -24.07 28.63
N THR B 36 -26.11 -24.69 27.83
CA THR B 36 -25.16 -23.95 26.98
C THR B 36 -25.76 -23.43 25.67
N ARG B 37 -26.93 -23.92 25.30
CA ARG B 37 -27.54 -23.61 23.99
C ARG B 37 -27.82 -22.11 23.73
N PRO B 38 -28.45 -21.40 24.69
CA PRO B 38 -28.70 -19.97 24.41
C PRO B 38 -27.40 -19.16 24.34
N LEU B 39 -27.32 -18.25 23.38
CA LEU B 39 -26.14 -17.42 23.19
C LEU B 39 -25.79 -16.57 24.42
N GLN B 40 -26.84 -16.08 25.10
CA GLN B 40 -26.74 -15.31 26.34
C GLN B 40 -25.80 -15.99 27.35
N PHE B 41 -26.01 -17.30 27.52
CA PHE B 41 -25.23 -18.07 28.48
C PHE B 41 -23.76 -18.12 28.09
N ARG B 42 -23.50 -18.32 26.81
CA ARG B 42 -22.14 -18.43 26.31
C ARG B 42 -21.39 -17.11 26.47
N ILE B 43 -22.06 -16.02 26.08
CA ILE B 43 -21.49 -14.69 26.20
C ILE B 43 -21.15 -14.41 27.65
N GLN B 44 -22.02 -14.86 28.54
CA GLN B 44 -21.83 -14.69 29.97
C GLN B 44 -20.56 -15.36 30.46
N GLN B 45 -20.35 -16.61 30.07
CA GLN B 45 -19.13 -17.34 30.41
C GLN B 45 -17.90 -16.64 29.87
N LEU B 46 -18.01 -16.12 28.65
CA LEU B 46 -16.91 -15.40 28.03
C LEU B 46 -16.62 -14.09 28.74
N GLU B 47 -17.67 -13.39 29.17
CA GLU B 47 -17.52 -12.16 29.96
C GLU B 47 -16.90 -12.46 31.32
N ALA B 48 -17.17 -13.65 31.84
CA ALA B 48 -16.56 -14.10 33.08
C ALA B 48 -15.07 -14.34 32.91
N LEU B 49 -14.67 -14.90 31.78
CA LEU B 49 -13.25 -15.08 31.44
C LEU B 49 -12.52 -13.75 31.34
N GLN B 50 -13.21 -12.77 30.76
CA GLN B 50 -12.70 -11.42 30.63
C GLN B 50 -12.40 -10.83 32.00
N ARG B 51 -13.32 -11.06 32.94
CA ARG B 51 -13.20 -10.62 34.32
C ARG B 51 -12.02 -11.29 35.01
N LEU B 52 -11.90 -12.60 34.78
CA LEU B 52 -10.79 -13.40 35.29
C LEU B 52 -9.45 -12.76 34.91
N ILE B 53 -9.28 -12.51 33.62
CA ILE B 53 -8.05 -11.93 33.08
C ILE B 53 -7.71 -10.56 33.69
N GLN B 54 -8.73 -9.76 33.98
CA GLN B 54 -8.55 -8.46 34.61
C GLN B 54 -8.27 -8.53 36.11
N GLU B 55 -9.06 -9.34 36.83
CA GLU B 55 -8.94 -9.44 38.27
C GLU B 55 -7.73 -10.27 38.72
N GLN B 56 -7.21 -11.11 37.84
CA GLN B 56 -6.09 -12.01 38.16
C GLN B 56 -4.81 -11.68 37.39
N GLU B 57 -4.76 -10.50 36.78
CA GLU B 57 -3.62 -10.08 35.97
C GLU B 57 -2.27 -10.36 36.65
N GLN B 58 -2.12 -9.87 37.89
CA GLN B 58 -0.84 -10.00 38.59
C GLN B 58 -0.49 -11.44 39.01
N GLU B 59 -1.51 -12.24 39.30
CA GLU B 59 -1.31 -13.65 39.63
C GLU B 59 -0.85 -14.43 38.41
N LEU B 60 -1.41 -14.09 37.25
CA LEU B 60 -1.02 -14.67 35.97
C LEU B 60 0.42 -14.35 35.62
N VAL B 61 0.81 -13.10 35.85
CA VAL B 61 2.19 -12.65 35.63
C VAL B 61 3.13 -13.42 36.54
N GLY B 62 2.75 -13.53 37.82
CA GLY B 62 3.52 -14.29 38.80
C GLY B 62 3.79 -15.72 38.34
N ALA B 63 2.75 -16.37 37.85
CA ALA B 63 2.85 -17.75 37.36
C ALA B 63 3.77 -17.88 36.15
N LEU B 64 3.67 -16.93 35.22
CA LEU B 64 4.50 -16.94 34.00
C LEU B 64 5.95 -16.59 34.29
N ALA B 65 6.17 -15.76 35.31
CA ALA B 65 7.50 -15.40 35.76
C ALA B 65 8.20 -16.60 36.41
N ALA B 66 7.43 -17.35 37.20
CA ALA B 66 7.97 -18.50 37.92
C ALA B 66 8.30 -19.65 36.97
N ASP B 67 7.50 -19.80 35.94
CA ASP B 67 7.64 -20.91 35.00
C ASP B 67 8.64 -20.64 33.87
N LEU B 68 8.62 -19.42 33.32
CA LEU B 68 9.34 -19.12 32.10
C LEU B 68 10.15 -17.84 32.13
N HIS B 69 10.22 -17.22 33.31
CA HIS B 69 10.95 -15.96 33.49
C HIS B 69 10.44 -14.87 32.53
N LYS B 70 9.12 -14.81 32.38
CA LYS B 70 8.48 -13.69 31.70
C LYS B 70 8.34 -12.56 32.71
N ASN B 71 8.44 -11.32 32.23
CA ASN B 71 8.13 -10.16 33.07
C ASN B 71 6.69 -9.73 32.83
N GLU B 72 6.28 -8.66 33.50
CA GLU B 72 4.89 -8.21 33.44
C GLU B 72 4.46 -7.68 32.06
N TRP B 73 5.41 -7.10 31.32
CA TRP B 73 5.10 -6.55 30.00
C TRP B 73 4.85 -7.65 28.94
N ASN B 74 5.81 -8.56 28.78
CA ASN B 74 5.67 -9.61 27.78
C ASN B 74 4.69 -10.71 28.17
N ALA B 75 4.44 -10.85 29.47
CA ALA B 75 3.40 -11.77 29.93
C ALA B 75 2.06 -11.35 29.35
N TYR B 76 1.85 -10.03 29.26
CA TYR B 76 0.62 -9.49 28.72
C TYR B 76 0.65 -9.40 27.19
N TYR B 77 1.66 -8.73 26.66
CA TYR B 77 1.71 -8.42 25.22
C TYR B 77 2.20 -9.55 24.34
N GLU B 78 2.69 -10.60 24.95
CA GLU B 78 3.16 -11.76 24.24
C GLU B 78 2.34 -12.97 24.54
N GLU B 79 1.23 -12.81 25.23
CA GLU B 79 0.39 -13.95 25.54
C GLU B 79 -1.04 -13.58 25.85
N VAL B 80 -1.26 -13.02 27.02
CA VAL B 80 -2.58 -12.75 27.52
C VAL B 80 -3.43 -11.81 26.69
N VAL B 81 -2.84 -10.81 26.09
CA VAL B 81 -3.64 -9.90 25.34
C VAL B 81 -4.36 -10.53 24.18
N TYR B 82 -3.85 -11.63 23.66
CA TYR B 82 -4.44 -12.31 22.52
C TYR B 82 -5.68 -13.13 22.87
N VAL B 83 -5.74 -13.58 24.12
CA VAL B 83 -6.94 -14.21 24.65
C VAL B 83 -8.07 -13.18 24.75
N LEU B 84 -7.75 -12.00 25.28
CA LEU B 84 -8.69 -10.89 25.41
C LEU B 84 -9.29 -10.46 24.08
N GLU B 85 -8.42 -10.21 23.10
CA GLU B 85 -8.85 -9.85 21.75
C GLU B 85 -9.76 -10.92 21.15
N GLU B 86 -9.42 -12.18 21.37
CA GLU B 86 -10.22 -13.31 20.90
C GLU B 86 -11.60 -13.29 21.56
N ILE B 87 -11.62 -13.11 22.88
CA ILE B 87 -12.87 -13.03 23.64
C ILE B 87 -13.75 -11.89 23.12
N GLU B 88 -13.15 -10.70 22.98
CA GLU B 88 -13.87 -9.51 22.54
C GLU B 88 -14.46 -9.74 21.15
N TYR B 89 -13.66 -10.32 20.26
CA TYR B 89 -14.07 -10.59 18.90
C TYR B 89 -15.22 -11.61 18.83
N MET B 90 -15.12 -12.68 19.62
CA MET B 90 -16.12 -13.75 19.60
C MET B 90 -17.47 -13.31 20.17
N ILE B 91 -17.43 -12.59 21.30
CA ILE B 91 -18.64 -12.03 21.91
C ILE B 91 -19.40 -11.22 20.87
N GLN B 92 -18.64 -10.45 20.10
CA GLN B 92 -19.18 -9.52 19.14
C GLN B 92 -19.77 -10.20 17.90
N LYS B 93 -19.10 -11.26 17.44
CA LYS B 93 -19.47 -11.93 16.20
C LYS B 93 -20.37 -13.15 16.40
N LEU B 94 -20.54 -13.58 17.65
CA LEU B 94 -21.30 -14.80 17.96
C LEU B 94 -22.70 -14.90 17.32
N PRO B 95 -23.56 -13.87 17.48
CA PRO B 95 -24.93 -14.01 16.95
C PRO B 95 -24.94 -14.25 15.45
N GLU B 96 -23.99 -13.63 14.76
CA GLU B 96 -23.81 -13.75 13.33
C GLU B 96 -23.31 -15.13 12.93
N TRP B 97 -22.36 -15.66 13.69
CA TRP B 97 -21.78 -16.96 13.40
C TRP B 97 -22.75 -18.09 13.70
N ALA B 98 -23.51 -17.95 14.78
CA ALA B 98 -24.45 -18.98 15.23
C ALA B 98 -25.72 -19.04 14.38
N ALA B 99 -26.04 -17.93 13.71
CA ALA B 99 -27.21 -17.85 12.86
C ALA B 99 -27.15 -18.90 11.75
N ASP B 100 -28.31 -19.49 11.44
CA ASP B 100 -28.42 -20.38 10.29
C ASP B 100 -27.92 -19.68 9.03
N GLU B 101 -27.15 -20.41 8.24
CA GLU B 101 -26.50 -19.84 7.07
C GLU B 101 -27.17 -20.32 5.78
N PRO B 102 -27.92 -19.42 5.12
CA PRO B 102 -28.61 -19.78 3.88
C PRO B 102 -27.59 -20.02 2.77
N VAL B 103 -27.86 -21.02 1.94
CA VAL B 103 -26.94 -21.39 0.86
C VAL B 103 -27.60 -21.33 -0.51
N GLU B 104 -26.76 -21.36 -1.55
CA GLU B 104 -27.19 -21.29 -2.95
C GLU B 104 -28.25 -22.34 -3.31
N LYS B 105 -29.33 -21.90 -3.93
CA LYS B 105 -30.38 -22.80 -4.38
C LYS B 105 -30.12 -23.30 -5.80
N THR B 106 -30.97 -24.21 -6.26
CA THR B 106 -30.96 -24.64 -7.65
C THR B 106 -32.34 -24.41 -8.26
N PRO B 107 -32.44 -24.45 -9.61
CA PRO B 107 -33.72 -24.24 -10.30
C PRO B 107 -34.86 -25.16 -9.78
N GLN B 108 -34.48 -26.24 -9.10
CA GLN B 108 -35.45 -27.23 -8.61
C GLN B 108 -35.78 -27.08 -7.12
N THR B 109 -34.95 -26.32 -6.42
CA THR B 109 -35.15 -26.10 -4.99
C THR B 109 -35.55 -24.65 -4.66
N GLN B 110 -36.23 -24.00 -5.61
CA GLN B 110 -36.64 -22.61 -5.44
C GLN B 110 -37.59 -22.41 -4.28
N GLN B 111 -38.56 -23.31 -4.15
CA GLN B 111 -39.56 -23.23 -3.10
C GLN B 111 -39.00 -23.67 -1.76
N ASP B 112 -37.81 -24.25 -1.77
CA ASP B 112 -37.25 -24.86 -0.57
C ASP B 112 -36.38 -23.90 0.25
N GLU B 113 -36.18 -24.27 1.49
CA GLU B 113 -35.22 -23.62 2.36
C GLU B 113 -33.95 -24.47 2.39
N LEU B 114 -32.81 -23.87 2.05
CA LEU B 114 -31.53 -24.56 2.14
C LEU B 114 -30.58 -23.76 3.01
N TYR B 115 -30.17 -24.36 4.13
CA TYR B 115 -29.28 -23.68 5.03
C TYR B 115 -28.38 -24.62 5.81
N ILE B 116 -27.34 -24.03 6.38
CA ILE B 116 -26.44 -24.76 7.25
C ILE B 116 -26.68 -24.32 8.70
N HIS B 117 -26.92 -25.32 9.54
CA HIS B 117 -27.22 -25.13 10.94
C HIS B 117 -26.01 -25.48 11.81
N SER B 118 -25.61 -24.56 12.67
CA SER B 118 -24.48 -24.75 13.56
C SER B 118 -24.93 -25.18 14.94
N GLU B 119 -24.30 -26.23 15.46
CA GLU B 119 -24.64 -26.80 16.76
C GLU B 119 -23.38 -27.31 17.47
N PRO B 120 -23.40 -27.30 18.81
CA PRO B 120 -22.26 -27.81 19.59
C PRO B 120 -22.00 -29.30 19.34
N LEU B 121 -20.76 -29.72 19.56
CA LEU B 121 -20.41 -31.12 19.43
C LEU B 121 -20.76 -31.88 20.73
N GLY B 122 -20.54 -31.24 21.86
CA GLY B 122 -20.92 -31.80 23.16
C GLY B 122 -19.92 -31.47 24.24
N VAL B 123 -19.14 -32.49 24.62
CA VAL B 123 -18.04 -32.30 25.58
C VAL B 123 -16.70 -32.27 24.85
N VAL B 124 -16.00 -31.16 25.00
CA VAL B 124 -14.75 -30.94 24.30
C VAL B 124 -13.56 -31.07 25.25
N LEU B 125 -12.49 -31.72 24.79
CA LEU B 125 -11.26 -31.77 25.58
C LEU B 125 -10.19 -30.87 24.96
N VAL B 126 -9.65 -29.98 25.79
CA VAL B 126 -8.50 -29.17 25.40
C VAL B 126 -7.28 -29.60 26.24
N ILE B 127 -6.24 -30.10 25.57
CA ILE B 127 -5.00 -30.45 26.26
C ILE B 127 -3.97 -29.38 25.92
N GLY B 128 -3.55 -28.65 26.96
CA GLY B 128 -2.66 -27.52 26.79
C GLY B 128 -1.20 -27.92 26.78
N THR B 129 -0.34 -27.00 26.38
CA THR B 129 1.09 -27.20 26.46
C THR B 129 1.74 -26.15 27.35
N TRP B 130 3.06 -26.20 27.49
CA TRP B 130 3.75 -25.44 28.54
C TRP B 130 4.39 -24.12 28.13
N ASN B 131 4.70 -23.95 26.85
CA ASN B 131 5.45 -22.77 26.42
C ASN B 131 4.65 -21.47 26.47
N TYR B 132 3.35 -21.57 26.21
CA TYR B 132 2.43 -20.47 26.45
C TYR B 132 1.25 -21.06 27.19
N PRO B 133 1.45 -21.35 28.49
CA PRO B 133 0.52 -22.17 29.27
C PRO B 133 -0.84 -21.54 29.51
N PHE B 134 -0.95 -20.23 29.36
CA PHE B 134 -2.25 -19.58 29.49
C PHE B 134 -2.94 -19.55 28.14
N ASN B 135 -2.29 -18.93 27.17
CA ASN B 135 -2.84 -18.80 25.83
C ASN B 135 -3.21 -20.13 25.18
N LEU B 136 -2.30 -21.08 25.21
CA LEU B 136 -2.51 -22.35 24.51
C LEU B 136 -3.38 -23.33 25.29
N THR B 137 -3.95 -22.85 26.38
CA THR B 137 -4.96 -23.58 27.13
C THR B 137 -6.30 -22.88 26.96
N ILE B 138 -6.28 -21.55 27.13
CA ILE B 138 -7.52 -20.76 27.21
C ILE B 138 -8.03 -20.30 25.84
N GLN B 139 -7.14 -19.96 24.91
CA GLN B 139 -7.64 -19.52 23.60
C GLN B 139 -8.49 -20.58 22.88
N PRO B 140 -8.05 -21.86 22.87
CA PRO B 140 -8.92 -22.88 22.32
C PRO B 140 -10.23 -22.99 23.08
N MET B 141 -10.17 -22.76 24.40
CA MET B 141 -11.35 -22.88 25.27
C MET B 141 -12.40 -21.83 24.92
N VAL B 142 -11.96 -20.61 24.64
CA VAL B 142 -12.83 -19.53 24.22
C VAL B 142 -13.69 -19.97 23.04
N GLY B 143 -13.05 -20.53 22.01
CA GLY B 143 -13.76 -21.06 20.86
C GLY B 143 -14.79 -22.13 21.22
N ALA B 144 -14.39 -23.08 22.05
CA ALA B 144 -15.25 -24.21 22.42
C ALA B 144 -16.43 -23.78 23.26
N ILE B 145 -16.22 -22.79 24.12
CA ILE B 145 -17.30 -22.14 24.88
C ILE B 145 -18.24 -21.41 23.93
N ALA B 146 -17.69 -20.59 23.05
CA ALA B 146 -18.49 -19.82 22.10
C ALA B 146 -19.39 -20.72 21.26
N ALA B 147 -18.91 -21.93 20.97
CA ALA B 147 -19.62 -22.90 20.14
C ALA B 147 -20.68 -23.68 20.94
N GLY B 148 -20.71 -23.45 22.25
CA GLY B 148 -21.74 -24.00 23.11
C GLY B 148 -21.44 -25.37 23.68
N ASN B 149 -20.16 -25.72 23.78
CA ASN B 149 -19.75 -26.98 24.34
C ASN B 149 -19.45 -26.91 25.83
N ALA B 150 -19.51 -28.06 26.48
CA ALA B 150 -18.82 -28.25 27.75
C ALA B 150 -17.34 -28.42 27.40
N VAL B 151 -16.45 -27.85 28.20
CA VAL B 151 -15.02 -27.91 27.89
C VAL B 151 -14.20 -28.40 29.08
N VAL B 152 -13.59 -29.56 28.91
CA VAL B 152 -12.71 -30.13 29.92
C VAL B 152 -11.29 -29.66 29.61
N LEU B 153 -10.59 -29.19 30.64
CA LEU B 153 -9.23 -28.70 30.48
C LEU B 153 -8.18 -29.59 31.13
N LYS B 154 -7.08 -29.79 30.40
CA LYS B 154 -5.92 -30.51 30.92
C LYS B 154 -4.66 -29.69 30.64
N PRO B 155 -4.25 -28.84 31.60
CA PRO B 155 -3.02 -28.06 31.47
C PRO B 155 -1.78 -28.93 31.56
N SER B 156 -0.69 -28.45 30.97
CA SER B 156 0.59 -29.13 31.05
C SER B 156 1.19 -28.99 32.44
N GLU B 157 1.73 -30.10 32.97
CA GLU B 157 2.36 -30.13 34.27
C GLU B 157 3.70 -29.40 34.30
N LEU B 158 4.35 -29.27 33.15
CA LEU B 158 5.65 -28.62 33.05
C LEU B 158 5.57 -27.14 33.40
N SER B 159 4.45 -26.51 33.05
CA SER B 159 4.13 -25.17 33.51
C SER B 159 3.40 -25.26 34.86
N GLU B 160 4.07 -25.88 35.82
CA GLU B 160 3.54 -26.25 37.14
C GLU B 160 2.77 -25.14 37.87
N ASN B 161 3.28 -23.92 37.81
CA ASN B 161 2.63 -22.78 38.44
C ASN B 161 1.33 -22.34 37.76
N MET B 162 1.34 -22.31 36.43
CA MET B 162 0.15 -21.98 35.67
C MET B 162 -0.92 -23.08 35.78
N ALA B 163 -0.47 -24.33 35.79
CA ALA B 163 -1.36 -25.49 35.86
C ALA B 163 -2.16 -25.45 37.15
N SER B 164 -1.45 -25.16 38.25
CA SER B 164 -2.02 -25.10 39.58
C SER B 164 -2.92 -23.88 39.78
N LEU B 165 -2.54 -22.76 39.15
CA LEU B 165 -3.33 -21.53 39.22
C LEU B 165 -4.66 -21.65 38.50
N LEU B 166 -4.63 -22.15 37.26
CA LEU B 166 -5.84 -22.32 36.47
C LEU B 166 -6.85 -23.23 37.16
N ALA B 167 -6.36 -24.29 37.80
CA ALA B 167 -7.23 -25.19 38.57
C ALA B 167 -7.96 -24.48 39.70
N THR B 168 -7.35 -23.41 40.22
CA THR B 168 -7.94 -22.60 41.29
C THR B 168 -8.92 -21.56 40.74
N ILE B 169 -8.47 -20.76 39.78
CA ILE B 169 -9.24 -19.59 39.32
C ILE B 169 -10.34 -19.87 38.29
N ILE B 170 -10.15 -20.86 37.42
CA ILE B 170 -11.20 -21.19 36.44
C ILE B 170 -12.56 -21.46 37.10
N PRO B 171 -12.62 -22.34 38.10
CA PRO B 171 -13.91 -22.60 38.74
C PRO B 171 -14.49 -21.41 39.53
N GLN B 172 -13.65 -20.44 39.88
CA GLN B 172 -14.12 -19.25 40.58
C GLN B 172 -14.96 -18.35 39.67
N TYR B 173 -14.72 -18.44 38.37
CA TYR B 173 -15.34 -17.52 37.42
C TYR B 173 -16.33 -18.20 36.48
N LEU B 174 -15.99 -19.41 36.05
CA LEU B 174 -16.82 -20.15 35.08
C LEU B 174 -17.65 -21.24 35.74
N ASP B 175 -18.71 -21.65 35.06
CA ASP B 175 -19.57 -22.74 35.52
C ASP B 175 -18.73 -23.96 35.92
N LYS B 176 -19.01 -24.49 37.11
CA LYS B 176 -18.22 -25.57 37.70
C LYS B 176 -18.32 -26.92 37.01
N ASP B 177 -19.53 -27.31 36.62
CA ASP B 177 -19.72 -28.60 35.96
C ASP B 177 -19.21 -28.58 34.54
N LEU B 178 -19.57 -27.53 33.80
CA LEU B 178 -19.30 -27.43 32.36
C LEU B 178 -17.83 -27.31 31.99
N TYR B 179 -17.04 -26.67 32.85
CA TYR B 179 -15.66 -26.36 32.53
C TYR B 179 -14.65 -26.82 33.59
N PRO B 180 -14.56 -28.15 33.82
CA PRO B 180 -13.65 -28.64 34.85
C PRO B 180 -12.19 -28.63 34.41
N VAL B 181 -11.31 -28.44 35.38
CA VAL B 181 -9.87 -28.52 35.14
C VAL B 181 -9.34 -29.83 35.73
N ILE B 182 -8.54 -30.54 34.94
CA ILE B 182 -7.97 -31.82 35.36
C ILE B 182 -6.48 -31.66 35.61
N ASN B 183 -6.05 -31.99 36.83
CA ASN B 183 -4.63 -31.92 37.20
C ASN B 183 -3.90 -33.22 36.88
N GLY B 184 -2.59 -33.10 36.69
CA GLY B 184 -1.75 -34.28 36.53
C GLY B 184 -0.80 -34.26 35.35
N GLY B 185 -0.23 -35.42 35.05
CA GLY B 185 0.69 -35.57 33.94
C GLY B 185 0.29 -36.70 33.01
N VAL B 186 1.29 -37.33 32.41
CA VAL B 186 1.09 -38.42 31.45
C VAL B 186 0.12 -39.51 31.94
N PRO B 187 0.29 -40.01 33.19
CA PRO B 187 -0.66 -41.03 33.67
C PRO B 187 -2.11 -40.53 33.74
N GLU B 188 -2.31 -39.30 34.21
CA GLU B 188 -3.64 -38.70 34.30
C GLU B 188 -4.22 -38.42 32.92
N THR B 189 -3.41 -37.82 32.05
CA THR B 189 -3.75 -37.59 30.66
C THR B 189 -4.20 -38.88 29.96
N THR B 190 -3.38 -39.93 30.10
CA THR B 190 -3.67 -41.24 29.52
C THR B 190 -5.05 -41.75 29.95
N GLU B 191 -5.39 -41.53 31.21
CA GLU B 191 -6.66 -41.99 31.73
C GLU B 191 -7.83 -41.15 31.23
N LEU B 192 -7.60 -39.85 31.10
CA LEU B 192 -8.58 -38.93 30.57
C LEU B 192 -9.00 -39.31 29.14
N LEU B 193 -8.04 -39.84 28.38
CA LEU B 193 -8.27 -40.24 26.99
C LEU B 193 -9.07 -41.53 26.81
N LYS B 194 -9.44 -42.17 27.91
CA LYS B 194 -10.32 -43.32 27.87
C LYS B 194 -11.77 -42.86 27.92
N GLU B 195 -11.99 -41.65 28.43
CA GLU B 195 -13.31 -41.05 28.49
C GLU B 195 -13.79 -40.64 27.11
N ARG B 196 -15.11 -40.57 26.94
CA ARG B 196 -15.70 -40.26 25.65
C ARG B 196 -15.90 -38.75 25.45
N PHE B 197 -15.17 -38.20 24.49
CA PHE B 197 -15.30 -36.80 24.16
C PHE B 197 -15.86 -36.62 22.77
N ASP B 198 -16.36 -35.42 22.49
CA ASP B 198 -16.94 -35.12 21.17
C ASP B 198 -15.96 -34.43 20.24
N HIS B 199 -14.97 -33.77 20.83
CA HIS B 199 -13.85 -33.25 20.09
C HIS B 199 -12.63 -33.14 21.00
N ILE B 200 -11.45 -33.39 20.44
CA ILE B 200 -10.22 -33.19 21.18
C ILE B 200 -9.30 -32.22 20.44
N LEU B 201 -8.84 -31.21 21.16
CA LEU B 201 -7.79 -30.35 20.66
C LEU B 201 -6.54 -30.54 21.50
N TYR B 202 -5.44 -30.82 20.82
CA TYR B 202 -4.18 -31.04 21.50
C TYR B 202 -3.08 -30.21 20.87
N THR B 203 -2.33 -29.50 21.72
CA THR B 203 -1.13 -28.81 21.29
C THR B 203 0.08 -29.47 21.97
N GLY B 204 1.06 -29.85 21.16
CA GLY B 204 2.27 -30.45 21.66
C GLY B 204 3.15 -31.03 20.59
N SER B 205 3.62 -32.25 20.80
CA SER B 205 4.60 -32.85 19.92
C SER B 205 3.97 -33.82 18.94
N THR B 206 4.64 -34.00 17.81
CA THR B 206 4.24 -34.94 16.77
C THR B 206 3.99 -36.33 17.32
N GLY B 207 4.93 -36.85 18.11
CA GLY B 207 4.84 -38.18 18.72
C GLY B 207 3.59 -38.41 19.56
N VAL B 208 3.28 -37.47 20.43
CA VAL B 208 2.09 -37.57 21.29
C VAL B 208 0.78 -37.41 20.50
N GLY B 209 0.81 -36.57 19.46
CA GLY B 209 -0.32 -36.44 18.53
C GLY B 209 -0.88 -37.76 18.03
N LYS B 210 0.03 -38.69 17.69
CA LYS B 210 -0.34 -40.05 17.29
C LYS B 210 -1.06 -40.79 18.40
N ILE B 211 -0.62 -40.58 19.63
CA ILE B 211 -1.25 -41.21 20.80
C ILE B 211 -2.66 -40.65 20.98
N ILE B 212 -2.79 -39.32 20.93
CA ILE B 212 -4.08 -38.65 21.05
C ILE B 212 -5.04 -39.22 20.00
N MET B 213 -4.57 -39.28 18.77
CA MET B 213 -5.39 -39.72 17.66
C MET B 213 -5.78 -41.20 17.78
N THR B 214 -4.85 -42.04 18.25
CA THR B 214 -5.13 -43.44 18.53
C THR B 214 -6.22 -43.57 19.57
N ALA B 215 -6.12 -42.78 20.64
CA ALA B 215 -7.13 -42.80 21.70
C ALA B 215 -8.48 -42.29 21.18
N ALA B 216 -8.44 -41.29 20.30
CA ALA B 216 -9.63 -40.67 19.71
C ALA B 216 -10.38 -41.63 18.80
N ALA B 217 -9.64 -42.48 18.09
CA ALA B 217 -10.25 -43.43 17.15
C ALA B 217 -11.24 -44.37 17.83
N LYS B 218 -10.98 -44.73 19.09
CA LYS B 218 -11.81 -45.66 19.84
C LYS B 218 -13.25 -45.19 20.07
N HIS B 219 -13.46 -43.87 20.05
CA HIS B 219 -14.80 -43.30 20.19
C HIS B 219 -15.19 -42.52 18.93
N LEU B 220 -14.40 -42.67 17.86
CA LEU B 220 -14.53 -41.85 16.65
C LEU B 220 -14.62 -40.35 16.99
N THR B 221 -13.64 -39.88 17.76
CA THR B 221 -13.60 -38.50 18.18
C THR B 221 -12.75 -37.68 17.20
N PRO B 222 -13.34 -36.62 16.64
CA PRO B 222 -12.56 -35.75 15.74
C PRO B 222 -11.51 -35.00 16.52
N VAL B 223 -10.39 -34.73 15.86
CA VAL B 223 -9.25 -34.10 16.55
C VAL B 223 -8.72 -32.87 15.82
N THR B 224 -8.26 -31.91 16.59
CA THR B 224 -7.43 -30.84 16.09
C THR B 224 -6.06 -30.99 16.74
N LEU B 225 -5.04 -31.10 15.90
CA LEU B 225 -3.70 -31.34 16.37
C LEU B 225 -2.81 -30.20 15.91
N GLU B 226 -2.29 -29.47 16.89
CA GLU B 226 -1.34 -28.39 16.67
CA GLU B 226 -1.35 -28.38 16.68
C GLU B 226 0.04 -28.87 17.08
N LEU B 227 0.80 -29.38 16.11
CA LEU B 227 2.05 -30.09 16.40
C LEU B 227 3.32 -29.30 16.06
N GLY B 228 4.43 -29.99 15.82
CA GLY B 228 5.69 -29.31 15.61
C GLY B 228 6.40 -29.57 14.30
N GLY B 229 7.70 -29.32 14.31
CA GLY B 229 8.53 -29.44 13.13
C GLY B 229 9.57 -28.34 13.19
N LYS B 230 10.31 -28.18 12.11
CA LYS B 230 11.31 -27.13 12.04
C LYS B 230 10.86 -26.11 11.01
N SER B 231 10.51 -24.92 11.49
CA SER B 231 10.06 -23.85 10.63
C SER B 231 11.24 -23.15 9.97
N PRO B 232 11.36 -23.30 8.65
CA PRO B 232 12.49 -22.73 7.94
C PRO B 232 12.32 -21.22 7.76
N CYS B 233 13.44 -20.53 7.59
CA CYS B 233 13.44 -19.12 7.32
C CYS B 233 14.44 -18.85 6.19
N TYR B 234 13.91 -18.67 4.98
CA TYR B 234 14.75 -18.38 3.83
C TYR B 234 15.00 -16.87 3.70
N VAL B 235 16.28 -16.50 3.57
CA VAL B 235 16.66 -15.11 3.36
C VAL B 235 17.29 -14.93 1.96
N ASP B 236 16.69 -14.04 1.18
CA ASP B 236 17.09 -13.78 -0.20
C ASP B 236 18.28 -12.82 -0.26
N LYS B 237 19.03 -12.88 -1.36
CA LYS B 237 20.25 -12.10 -1.49
C LYS B 237 20.08 -10.57 -1.55
N ASN B 238 19.19 -10.09 -2.40
CA ASN B 238 19.08 -8.64 -2.64
C ASN B 238 18.08 -7.91 -1.72
N CYS B 239 17.80 -8.48 -0.56
CA CYS B 239 16.86 -7.82 0.36
C CYS B 239 17.61 -7.09 1.47
N ASP B 240 16.95 -6.11 2.09
CA ASP B 240 17.53 -5.34 3.19
C ASP B 240 17.66 -6.21 4.43
N LEU B 241 18.90 -6.61 4.72
CA LEU B 241 19.17 -7.54 5.82
C LEU B 241 19.05 -6.89 7.19
N ASP B 242 19.11 -5.56 7.25
CA ASP B 242 18.95 -4.84 8.51
C ASP B 242 17.57 -5.11 9.11
N VAL B 243 16.54 -4.89 8.30
CA VAL B 243 15.15 -5.10 8.71
C VAL B 243 14.89 -6.59 8.93
N ALA B 244 15.38 -7.43 8.02
CA ALA B 244 15.17 -8.87 8.07
C ALA B 244 15.67 -9.51 9.37
N CYS B 245 16.94 -9.29 9.69
CA CYS B 245 17.56 -9.93 10.84
C CYS B 245 17.00 -9.46 12.18
N ARG B 246 16.52 -8.21 12.23
CA ARG B 246 15.86 -7.66 13.40
C ARG B 246 14.60 -8.47 13.71
N ARG B 247 13.80 -8.67 12.66
CA ARG B 247 12.53 -9.39 12.76
C ARG B 247 12.77 -10.86 13.10
N ILE B 248 13.74 -11.47 12.43
CA ILE B 248 14.11 -12.86 12.69
C ILE B 248 14.55 -13.07 14.14
N ALA B 249 15.47 -12.23 14.60
CA ALA B 249 15.99 -12.32 15.96
C ALA B 249 14.88 -12.15 16.99
N TRP B 250 13.92 -11.28 16.69
CA TRP B 250 12.79 -11.04 17.57
C TRP B 250 11.98 -12.32 17.74
N GLY B 251 11.54 -12.89 16.62
CA GLY B 251 10.70 -14.09 16.63
C GLY B 251 11.44 -15.32 17.12
N LYS B 252 12.74 -15.38 16.83
CA LYS B 252 13.56 -16.52 17.20
C LYS B 252 13.83 -16.60 18.70
N PHE B 253 14.07 -15.44 19.33
CA PHE B 253 14.59 -15.44 20.69
C PHE B 253 13.61 -15.08 21.80
N MET B 254 12.42 -14.60 21.43
CA MET B 254 11.37 -14.38 22.43
C MET B 254 11.03 -15.70 23.09
N ASN B 255 10.61 -15.63 24.35
CA ASN B 255 10.32 -16.82 25.15
C ASN B 255 11.48 -17.82 25.14
N SER B 256 12.69 -17.29 25.04
CA SER B 256 13.91 -18.09 24.98
C SER B 256 13.83 -19.18 23.90
N GLY B 257 13.23 -18.84 22.76
CA GLY B 257 13.15 -19.74 21.61
C GLY B 257 12.07 -20.80 21.66
N GLN B 258 11.27 -20.77 22.72
CA GLN B 258 10.26 -21.81 22.96
C GLN B 258 8.89 -21.45 22.33
N THR B 259 8.86 -21.49 21.01
CA THR B 259 7.70 -21.04 20.25
C THR B 259 7.51 -21.98 19.06
N CYS B 260 6.31 -22.51 18.92
CA CYS B 260 5.98 -23.45 17.84
C CYS B 260 6.21 -22.87 16.45
N VAL B 261 6.06 -21.55 16.30
CA VAL B 261 6.25 -20.88 15.01
C VAL B 261 7.50 -20.01 14.99
N ALA B 262 8.42 -20.26 15.92
CA ALA B 262 9.73 -19.65 15.87
C ALA B 262 10.41 -20.02 14.56
N PRO B 263 11.10 -19.06 13.93
CA PRO B 263 11.95 -19.46 12.82
C PRO B 263 13.05 -20.35 13.38
N ASP B 264 13.02 -21.63 13.00
CA ASP B 264 13.89 -22.63 13.64
C ASP B 264 15.32 -22.55 13.12
N TYR B 265 15.46 -22.36 11.82
CA TYR B 265 16.76 -22.25 11.18
C TYR B 265 16.70 -21.31 9.99
N ILE B 266 17.87 -20.86 9.53
CA ILE B 266 17.96 -19.98 8.37
C ILE B 266 18.55 -20.71 7.18
N LEU B 267 17.99 -20.44 6.00
CA LEU B 267 18.57 -20.85 4.74
C LEU B 267 18.97 -19.60 3.97
N CYS B 268 20.24 -19.54 3.55
CA CYS B 268 20.73 -18.40 2.78
C CYS B 268 21.95 -18.76 1.93
N ASP B 269 22.22 -17.92 0.93
CA ASP B 269 23.43 -18.05 0.14
C ASP B 269 24.65 -17.82 1.04
N PRO B 270 25.70 -18.66 0.90
CA PRO B 270 26.91 -18.50 1.73
C PRO B 270 27.56 -17.11 1.65
N SER B 271 27.25 -16.35 0.59
CA SER B 271 27.82 -15.01 0.41
C SER B 271 27.24 -13.97 1.37
N ILE B 272 26.05 -14.20 1.89
CA ILE B 272 25.42 -13.25 2.81
C ILE B 272 25.39 -13.75 4.24
N GLN B 273 25.95 -14.93 4.48
CA GLN B 273 25.94 -15.55 5.81
C GLN B 273 26.45 -14.60 6.90
N ASN B 274 27.71 -14.18 6.78
CA ASN B 274 28.36 -13.41 7.83
C ASN B 274 27.70 -12.06 8.14
N GLN B 275 27.14 -11.42 7.13
CA GLN B 275 26.38 -10.19 7.31
C GLN B 275 25.16 -10.44 8.17
N ILE B 276 24.49 -11.57 7.90
CA ILE B 276 23.33 -12.03 8.68
C ILE B 276 23.73 -12.21 10.14
N VAL B 277 24.78 -13.02 10.36
CA VAL B 277 25.32 -13.26 11.70
C VAL B 277 25.54 -11.94 12.41
N GLU B 278 26.17 -11.00 11.70
CA GLU B 278 26.49 -9.68 12.22
C GLU B 278 25.24 -8.88 12.60
N LYS B 279 24.31 -8.76 11.65
CA LYS B 279 23.08 -7.99 11.86
C LYS B 279 22.18 -8.62 12.92
N LEU B 280 22.33 -9.92 13.14
CA LEU B 280 21.63 -10.61 14.22
C LEU B 280 22.20 -10.20 15.59
N LYS B 281 23.52 -10.26 15.70
CA LYS B 281 24.22 -9.81 16.91
C LYS B 281 23.80 -8.39 17.27
N LYS B 282 23.87 -7.51 16.28
CA LYS B 282 23.51 -6.10 16.47
C LYS B 282 22.10 -5.97 17.03
N SER B 283 21.16 -6.73 16.48
CA SER B 283 19.77 -6.71 16.93
C SER B 283 19.63 -7.33 18.32
N LEU B 284 20.34 -8.43 18.55
CA LEU B 284 20.34 -9.09 19.86
C LEU B 284 20.87 -8.19 20.98
N LYS B 285 21.93 -7.45 20.69
CA LYS B 285 22.50 -6.50 21.66
C LYS B 285 21.53 -5.38 22.01
N GLU B 286 20.77 -4.91 21.04
CA GLU B 286 19.72 -3.91 21.27
C GLU B 286 18.61 -4.46 22.17
N PHE B 287 18.21 -5.71 21.95
CA PHE B 287 17.14 -6.34 22.72
C PHE B 287 17.52 -6.60 24.18
N TYR B 288 18.64 -7.30 24.37
CA TYR B 288 18.98 -7.89 25.66
C TYR B 288 20.29 -7.41 26.27
N GLY B 289 20.88 -6.35 25.71
CA GLY B 289 22.17 -5.84 26.18
C GLY B 289 23.32 -6.76 25.84
N GLU B 290 24.49 -6.45 26.40
CA GLU B 290 25.70 -7.23 26.17
C GLU B 290 25.61 -8.60 26.81
N ASP B 291 25.10 -8.64 28.04
CA ASP B 291 24.82 -9.89 28.71
C ASP B 291 23.32 -10.08 28.90
N ALA B 292 22.78 -11.08 28.21
CA ALA B 292 21.35 -11.38 28.21
C ALA B 292 20.84 -11.90 29.56
N LYS B 293 21.74 -12.45 30.35
CA LYS B 293 21.40 -12.95 31.69
C LYS B 293 20.92 -11.83 32.62
N LYS B 294 21.26 -10.59 32.29
CA LYS B 294 20.92 -9.44 33.11
C LYS B 294 19.70 -8.69 32.59
N SER B 295 19.06 -9.24 31.56
CA SER B 295 17.87 -8.64 30.98
C SER B 295 16.61 -9.28 31.54
N ARG B 296 15.69 -8.44 32.02
CA ARG B 296 14.41 -8.94 32.51
C ARG B 296 13.44 -9.28 31.37
N ASP B 297 13.86 -8.97 30.13
CA ASP B 297 13.06 -9.27 28.93
C ASP B 297 13.40 -10.64 28.33
N TYR B 298 14.49 -11.24 28.79
CA TYR B 298 14.94 -12.51 28.26
C TYR B 298 14.48 -13.66 29.16
N GLY B 299 14.01 -14.74 28.54
CA GLY B 299 13.43 -15.86 29.26
C GLY B 299 14.40 -16.94 29.68
N ARG B 300 13.85 -18.00 30.27
CA ARG B 300 14.60 -19.18 30.66
C ARG B 300 13.94 -20.44 30.12
N ILE B 301 14.72 -21.51 29.98
CA ILE B 301 14.20 -22.82 29.58
C ILE B 301 13.29 -23.38 30.68
N ILE B 302 12.25 -24.10 30.26
CA ILE B 302 11.20 -24.60 31.16
C ILE B 302 11.66 -25.60 32.23
N SER B 303 12.44 -26.60 31.82
CA SER B 303 12.78 -27.71 32.69
C SER B 303 14.25 -28.09 32.54
N ALA B 304 14.74 -28.87 33.50
CA ALA B 304 16.13 -29.35 33.50
C ALA B 304 16.39 -30.26 32.30
N ARG B 305 15.44 -31.13 32.00
CA ARG B 305 15.54 -32.07 30.90
C ARG B 305 15.69 -31.35 29.55
N HIS B 306 14.92 -30.29 29.36
CA HIS B 306 14.97 -29.51 28.12
C HIS B 306 16.21 -28.63 28.03
N PHE B 307 16.71 -28.15 29.17
CA PHE B 307 17.95 -27.38 29.20
C PHE B 307 19.10 -28.18 28.61
N GLN B 308 19.19 -29.45 28.99
CA GLN B 308 20.26 -30.32 28.53
C GLN B 308 20.10 -30.71 27.08
N ARG B 309 18.88 -30.98 26.68
CA ARG B 309 18.57 -31.26 25.29
C ARG B 309 19.11 -30.13 24.41
N VAL B 310 18.79 -28.90 24.78
CA VAL B 310 19.19 -27.72 23.99
C VAL B 310 20.71 -27.55 23.97
N MET B 311 21.36 -27.74 25.13
CA MET B 311 22.82 -27.65 25.22
C MET B 311 23.54 -28.70 24.38
N GLY B 312 23.02 -29.93 24.39
CA GLY B 312 23.57 -31.03 23.60
C GLY B 312 23.54 -30.80 22.10
N LEU B 313 22.71 -29.86 21.65
CA LEU B 313 22.61 -29.54 20.23
C LEU B 313 23.67 -28.52 19.79
N ILE B 314 24.28 -27.86 20.76
CA ILE B 314 25.32 -26.87 20.49
C ILE B 314 26.67 -27.54 20.26
N GLU B 315 26.80 -28.78 20.70
CA GLU B 315 28.07 -29.51 20.64
C GLU B 315 28.57 -29.82 19.23
N GLY B 316 29.88 -29.77 19.07
CA GLY B 316 30.53 -30.00 17.78
C GLY B 316 30.07 -29.03 16.71
N GLN B 317 29.69 -27.83 17.12
CA GLN B 317 29.17 -26.83 16.19
C GLN B 317 30.00 -25.57 16.21
N LYS B 318 30.09 -24.94 15.05
CA LYS B 318 30.77 -23.67 14.88
C LYS B 318 29.94 -22.54 15.49
N VAL B 319 30.31 -22.13 16.70
CA VAL B 319 29.60 -21.07 17.41
C VAL B 319 30.09 -19.71 16.92
N ALA B 320 29.15 -18.83 16.57
CA ALA B 320 29.48 -17.49 16.11
C ALA B 320 29.08 -16.41 17.12
N TYR B 321 28.29 -16.81 18.11
CA TYR B 321 27.80 -15.91 19.16
C TYR B 321 27.13 -16.74 20.25
N GLY B 322 27.33 -16.36 21.51
CA GLY B 322 26.78 -17.09 22.65
C GLY B 322 27.46 -18.44 22.84
N GLY B 323 26.64 -19.47 23.05
CA GLY B 323 27.15 -20.84 23.16
C GLY B 323 27.20 -21.40 24.57
N THR B 324 27.08 -20.51 25.57
CA THR B 324 27.19 -20.90 26.97
C THR B 324 25.84 -20.93 27.69
N GLY B 325 25.75 -21.72 28.75
CA GLY B 325 24.53 -21.84 29.55
C GLY B 325 24.76 -22.14 31.02
N ASP B 326 23.79 -21.78 31.84
CA ASP B 326 23.87 -21.97 33.29
C ASP B 326 22.76 -22.91 33.78
N ALA B 327 23.17 -24.08 34.26
CA ALA B 327 22.24 -25.15 34.67
C ALA B 327 21.31 -24.80 35.83
N ALA B 328 21.79 -23.95 36.75
CA ALA B 328 21.03 -23.60 37.95
C ALA B 328 19.74 -22.86 37.61
N THR B 329 19.88 -21.75 36.88
CA THR B 329 18.73 -20.92 36.51
C THR B 329 18.15 -21.29 35.15
N ARG B 330 18.76 -22.29 34.51
CA ARG B 330 18.36 -22.79 33.18
C ARG B 330 18.36 -21.69 32.12
N TYR B 331 19.49 -20.98 32.05
CA TYR B 331 19.69 -19.94 31.06
C TYR B 331 20.57 -20.45 29.94
N ILE B 332 20.19 -20.12 28.70
CA ILE B 332 21.05 -20.34 27.54
C ILE B 332 21.17 -19.03 26.78
N ALA B 333 22.41 -18.57 26.60
CA ALA B 333 22.69 -17.35 25.86
C ALA B 333 22.23 -17.48 24.40
N PRO B 334 21.70 -16.38 23.83
CA PRO B 334 21.34 -16.37 22.41
C PRO B 334 22.51 -16.85 21.57
N THR B 335 22.33 -18.00 20.92
CA THR B 335 23.40 -18.66 20.19
C THR B 335 23.11 -18.69 18.69
N ILE B 336 24.12 -18.35 17.89
CA ILE B 336 24.05 -18.44 16.44
C ILE B 336 25.12 -19.42 15.95
N LEU B 337 24.69 -20.41 15.17
CA LEU B 337 25.63 -21.39 14.62
C LEU B 337 25.80 -21.18 13.12
N THR B 338 27.04 -21.29 12.64
CA THR B 338 27.35 -21.07 11.23
C THR B 338 27.76 -22.35 10.52
N ASP B 339 27.67 -22.32 9.19
CA ASP B 339 28.00 -23.46 8.32
C ASP B 339 27.58 -24.78 8.96
N VAL B 340 26.28 -24.92 9.18
CA VAL B 340 25.72 -26.05 9.90
C VAL B 340 25.43 -27.21 8.94
N ASP B 341 25.78 -28.42 9.38
CA ASP B 341 25.55 -29.63 8.61
C ASP B 341 24.12 -30.11 8.79
N PRO B 342 23.35 -30.21 7.68
CA PRO B 342 21.95 -30.63 7.69
C PRO B 342 21.67 -31.94 8.44
N GLN B 343 22.71 -32.72 8.63
CA GLN B 343 22.65 -34.04 9.20
C GLN B 343 22.95 -34.05 10.71
N SER B 344 23.49 -32.93 11.21
CA SER B 344 23.85 -32.79 12.62
C SER B 344 22.61 -32.69 13.52
N PRO B 345 22.73 -33.10 14.79
CA PRO B 345 21.57 -33.17 15.69
C PRO B 345 20.70 -31.91 15.71
N VAL B 346 21.35 -30.74 15.72
CA VAL B 346 20.64 -29.45 15.79
C VAL B 346 19.76 -29.20 14.56
N MET B 347 19.98 -29.98 13.50
CA MET B 347 19.15 -29.89 12.30
C MET B 347 18.28 -31.13 12.08
N GLN B 348 18.15 -31.95 13.12
CA GLN B 348 17.40 -33.20 13.03
C GLN B 348 16.22 -33.29 14.00
N GLU B 349 15.96 -32.19 14.71
CA GLU B 349 14.83 -32.09 15.63
C GLU B 349 14.42 -30.64 15.83
N GLU B 350 13.20 -30.42 16.32
CA GLU B 350 12.75 -29.09 16.68
C GLU B 350 13.62 -28.57 17.83
N ILE B 351 14.27 -27.44 17.60
CA ILE B 351 15.19 -26.86 18.57
C ILE B 351 14.48 -26.45 19.86
N PHE B 352 13.48 -25.58 19.73
CA PHE B 352 12.69 -25.10 20.87
C PHE B 352 13.60 -24.49 21.95
N GLY B 353 14.55 -23.68 21.51
CA GLY B 353 15.53 -23.06 22.37
C GLY B 353 16.23 -21.94 21.63
N PRO B 354 17.07 -21.16 22.34
CA PRO B 354 17.66 -19.97 21.75
C PRO B 354 18.94 -20.27 20.97
N VAL B 355 18.83 -21.21 20.03
CA VAL B 355 19.97 -21.63 19.22
C VAL B 355 19.55 -21.57 17.75
N LEU B 356 20.18 -20.69 16.99
CA LEU B 356 19.81 -20.46 15.59
C LEU B 356 20.89 -20.93 14.63
N PRO B 357 20.68 -22.09 13.98
CA PRO B 357 21.61 -22.58 12.98
C PRO B 357 21.40 -21.90 11.63
N ILE B 358 22.50 -21.67 10.91
CA ILE B 358 22.45 -21.14 9.57
C ILE B 358 22.96 -22.19 8.60
N VAL B 359 22.09 -22.61 7.69
CA VAL B 359 22.43 -23.61 6.67
C VAL B 359 22.51 -22.92 5.31
N CYS B 360 23.57 -23.25 4.56
CA CYS B 360 23.79 -22.62 3.27
C CYS B 360 23.16 -23.38 2.12
N VAL B 361 22.46 -22.64 1.27
CA VAL B 361 21.91 -23.13 0.00
C VAL B 361 22.35 -22.16 -1.09
N ARG B 362 22.52 -22.62 -2.31
CA ARG B 362 23.12 -21.82 -3.37
CA ARG B 362 23.10 -21.73 -3.32
C ARG B 362 22.11 -21.26 -4.38
N SER B 363 20.83 -21.54 -4.16
CA SER B 363 19.74 -21.03 -5.00
C SER B 363 18.40 -21.17 -4.29
N LEU B 364 17.41 -20.44 -4.79
CA LEU B 364 16.04 -20.56 -4.34
C LEU B 364 15.54 -21.98 -4.54
N GLU B 365 15.81 -22.55 -5.71
CA GLU B 365 15.38 -23.90 -6.07
C GLU B 365 15.93 -24.96 -5.11
N GLU B 366 17.13 -24.73 -4.61
CA GLU B 366 17.76 -25.66 -3.69
C GLU B 366 17.17 -25.53 -2.29
N ALA B 367 16.76 -24.31 -1.93
CA ALA B 367 16.08 -24.05 -0.66
C ALA B 367 14.74 -24.76 -0.65
N ILE B 368 14.01 -24.63 -1.75
CA ILE B 368 12.72 -25.27 -1.94
C ILE B 368 12.86 -26.78 -1.80
N GLN B 369 13.84 -27.36 -2.49
CA GLN B 369 14.10 -28.79 -2.44
C GLN B 369 14.46 -29.23 -1.02
N PHE B 370 15.26 -28.43 -0.33
CA PHE B 370 15.65 -28.71 1.03
C PHE B 370 14.42 -28.83 1.94
N ILE B 371 13.51 -27.87 1.81
CA ILE B 371 12.29 -27.82 2.61
C ILE B 371 11.37 -29.00 2.32
N ASN B 372 11.16 -29.28 1.03
CA ASN B 372 10.25 -30.35 0.59
C ASN B 372 10.68 -31.77 0.96
N GLN B 373 11.96 -31.97 1.24
CA GLN B 373 12.47 -33.30 1.55
C GLN B 373 12.31 -33.61 3.02
N ARG B 374 11.91 -32.62 3.79
CA ARG B 374 11.64 -32.78 5.20
C ARG B 374 10.15 -32.77 5.47
N GLU B 375 9.76 -33.10 6.69
CA GLU B 375 8.36 -33.09 7.08
C GLU B 375 7.83 -31.66 7.05
N LYS B 376 6.55 -31.52 6.75
CA LYS B 376 5.90 -30.21 6.59
C LYS B 376 5.88 -29.41 7.89
N PRO B 377 6.40 -28.18 7.86
CA PRO B 377 6.51 -27.37 9.07
C PRO B 377 5.22 -26.59 9.37
N LEU B 378 5.05 -26.20 10.63
CA LEU B 378 3.92 -25.41 11.05
C LEU B 378 3.94 -24.03 10.38
N ALA B 379 5.12 -23.45 10.24
CA ALA B 379 5.30 -22.16 9.58
C ALA B 379 6.42 -22.20 8.57
N LEU B 380 6.32 -21.37 7.55
CA LEU B 380 7.39 -21.14 6.60
C LEU B 380 7.61 -19.64 6.45
N TYR B 381 8.87 -19.24 6.57
CA TYR B 381 9.25 -17.83 6.49
C TYR B 381 10.23 -17.55 5.37
N MET B 382 10.06 -16.41 4.73
CA MET B 382 10.96 -15.98 3.66
C MET B 382 11.09 -14.47 3.68
N PHE B 383 12.28 -14.00 3.38
CA PHE B 383 12.55 -12.56 3.35
C PHE B 383 13.11 -12.16 2.00
N SER B 384 12.41 -11.27 1.30
CA SER B 384 12.75 -10.90 -0.06
C SER B 384 11.96 -9.68 -0.52
N SER B 385 12.60 -8.85 -1.35
CA SER B 385 11.94 -7.72 -2.01
C SER B 385 11.17 -8.16 -3.24
N ASN B 386 11.57 -9.31 -3.81
CA ASN B 386 10.99 -9.83 -5.05
C ASN B 386 9.76 -10.68 -4.80
N ASP B 387 8.61 -10.17 -5.22
CA ASP B 387 7.35 -10.88 -5.01
C ASP B 387 7.30 -12.21 -5.77
N LYS B 388 8.00 -12.28 -6.91
CA LYS B 388 8.07 -13.51 -7.69
C LYS B 388 8.80 -14.64 -6.98
N VAL B 389 9.77 -14.28 -6.14
CA VAL B 389 10.46 -15.26 -5.28
C VAL B 389 9.53 -15.75 -4.18
N ILE B 390 8.78 -14.84 -3.58
CA ILE B 390 7.78 -15.15 -2.57
C ILE B 390 6.74 -16.11 -3.13
N LYS B 391 6.13 -15.72 -4.24
CA LYS B 391 5.08 -16.50 -4.88
C LYS B 391 5.53 -17.90 -5.29
N LYS B 392 6.79 -18.03 -5.68
CA LYS B 392 7.31 -19.29 -6.16
C LYS B 392 7.52 -20.27 -5.00
N MET B 393 8.15 -19.79 -3.93
CA MET B 393 8.41 -20.64 -2.78
C MET B 393 7.10 -21.13 -2.14
N ILE B 394 6.11 -20.25 -2.09
CA ILE B 394 4.79 -20.63 -1.60
C ILE B 394 4.17 -21.73 -2.48
N ALA B 395 4.15 -21.51 -3.80
CA ALA B 395 3.57 -22.45 -4.76
C ALA B 395 4.23 -23.83 -4.78
N GLU B 396 5.49 -23.88 -4.38
CA GLU B 396 6.27 -25.10 -4.52
C GLU B 396 6.62 -25.77 -3.20
N THR B 397 6.12 -25.21 -2.10
CA THR B 397 6.25 -25.83 -0.78
C THR B 397 4.90 -26.09 -0.14
N SER B 398 4.91 -26.73 1.01
CA SER B 398 3.70 -26.93 1.78
C SER B 398 4.04 -26.70 3.24
N SER B 399 3.22 -25.90 3.91
CA SER B 399 3.37 -25.66 5.34
C SER B 399 2.02 -25.26 5.95
N GLY B 400 1.94 -25.30 7.27
CA GLY B 400 0.71 -24.92 7.97
C GLY B 400 0.31 -23.51 7.56
N GLY B 401 1.22 -22.56 7.77
CA GLY B 401 0.99 -21.20 7.36
C GLY B 401 2.28 -20.59 6.86
N VAL B 402 2.16 -19.41 6.26
CA VAL B 402 3.30 -18.71 5.67
C VAL B 402 3.30 -17.22 6.03
N ALA B 403 4.48 -16.71 6.41
CA ALA B 403 4.69 -15.28 6.47
C ALA B 403 5.91 -14.88 5.63
N ALA B 404 5.71 -13.90 4.77
CA ALA B 404 6.80 -13.31 4.01
C ALA B 404 7.19 -11.97 4.66
N ASN B 405 8.48 -11.80 4.88
CA ASN B 405 9.06 -10.57 5.43
C ASN B 405 8.69 -10.25 6.87
N ASP B 406 8.23 -11.26 7.60
CA ASP B 406 8.04 -11.18 9.06
C ASP B 406 7.93 -12.60 9.63
N VAL B 407 7.90 -12.68 10.96
CA VAL B 407 7.71 -13.95 11.65
C VAL B 407 6.66 -13.80 12.76
N ILE B 408 6.12 -14.93 13.23
CA ILE B 408 5.17 -14.97 14.34
C ILE B 408 3.80 -14.36 14.04
N VAL B 409 3.79 -13.13 13.53
CA VAL B 409 2.57 -12.32 13.42
C VAL B 409 1.39 -12.93 12.67
N HIS B 410 1.65 -13.87 11.77
CA HIS B 410 0.59 -14.46 10.96
C HIS B 410 -0.41 -15.31 11.74
N ILE B 411 -0.05 -15.68 12.97
CA ILE B 411 -0.93 -16.48 13.83
C ILE B 411 -1.70 -15.64 14.86
N THR B 412 -1.67 -14.32 14.68
CA THR B 412 -2.32 -13.40 15.62
C THR B 412 -3.46 -12.62 14.96
N LEU B 413 -3.77 -12.96 13.72
CA LEU B 413 -4.83 -12.27 12.98
C LEU B 413 -6.09 -13.14 12.96
N HIS B 414 -7.21 -12.51 13.33
CA HIS B 414 -8.47 -13.25 13.47
CA HIS B 414 -8.51 -13.19 13.47
C HIS B 414 -8.99 -13.85 12.17
N SER B 415 -8.55 -13.31 11.03
CA SER B 415 -9.00 -13.78 9.73
C SER B 415 -8.14 -14.86 9.08
N LEU B 416 -7.02 -15.20 9.71
CA LEU B 416 -6.14 -16.26 9.22
C LEU B 416 -6.13 -17.48 10.14
N PRO B 417 -6.88 -18.54 9.78
CA PRO B 417 -6.85 -19.76 10.60
C PRO B 417 -5.43 -20.22 10.88
N PHE B 418 -5.17 -20.66 12.11
CA PHE B 418 -3.88 -21.17 12.52
C PHE B 418 -3.95 -22.68 12.70
N GLY B 419 -3.10 -23.41 11.96
CA GLY B 419 -3.00 -24.87 12.10
C GLY B 419 -1.90 -25.46 11.24
N GLY B 420 -1.62 -26.76 11.43
CA GLY B 420 -0.54 -27.43 10.71
C GLY B 420 -1.03 -28.21 9.53
N VAL B 421 -0.15 -29.03 8.97
CA VAL B 421 -0.46 -29.94 7.89
C VAL B 421 0.61 -31.06 7.96
N GLY B 422 0.23 -32.29 7.62
CA GLY B 422 1.13 -33.42 7.79
C GLY B 422 1.57 -33.52 9.24
N ASN B 423 2.87 -33.65 9.44
CA ASN B 423 3.44 -33.84 10.77
C ASN B 423 3.29 -32.64 11.69
N SER B 424 2.99 -31.47 11.12
CA SER B 424 2.79 -30.27 11.94
C SER B 424 1.36 -30.15 12.42
N GLY B 425 0.51 -31.05 11.97
CA GLY B 425 -0.84 -31.12 12.55
C GLY B 425 -1.96 -31.22 11.57
N MET B 426 -3.18 -31.31 12.09
CA MET B 426 -4.40 -31.32 11.28
C MET B 426 -5.46 -30.46 11.95
N GLY B 427 -6.30 -29.82 11.12
CA GLY B 427 -7.36 -28.92 11.60
C GLY B 427 -6.78 -27.58 11.96
N SER B 428 -7.63 -26.64 12.38
CA SER B 428 -7.19 -25.30 12.70
C SER B 428 -8.17 -24.57 13.59
N TYR B 429 -7.73 -23.47 14.20
CA TYR B 429 -8.58 -22.61 15.01
C TYR B 429 -8.13 -21.16 14.97
N HIS B 430 -8.71 -20.33 15.84
CA HIS B 430 -8.57 -18.86 15.84
C HIS B 430 -9.74 -18.24 15.09
N GLY B 431 -10.35 -17.21 15.67
CA GLY B 431 -11.44 -16.47 15.04
C GLY B 431 -12.62 -17.36 14.72
N LYS B 432 -13.23 -17.13 13.55
CA LYS B 432 -14.40 -17.87 13.09
C LYS B 432 -14.09 -19.38 13.00
N LYS B 433 -12.84 -19.70 12.67
CA LYS B 433 -12.45 -21.10 12.53
C LYS B 433 -12.62 -21.90 13.83
N SER B 434 -12.34 -21.25 14.97
CA SER B 434 -12.56 -21.86 16.29
C SER B 434 -14.01 -22.27 16.44
N PHE B 435 -14.91 -21.33 16.13
CA PHE B 435 -16.33 -21.60 16.18
C PHE B 435 -16.72 -22.78 15.31
N GLU B 436 -16.22 -22.79 14.06
CA GLU B 436 -16.50 -23.88 13.11
C GLU B 436 -15.93 -25.20 13.61
N THR B 437 -14.69 -25.17 14.11
CA THR B 437 -13.99 -26.37 14.51
C THR B 437 -14.73 -27.04 15.65
N PHE B 438 -15.28 -26.22 16.57
CA PHE B 438 -15.94 -26.77 17.75
C PHE B 438 -17.46 -26.89 17.56
N SER B 439 -17.91 -26.80 16.33
CA SER B 439 -19.32 -27.05 16.02
C SER B 439 -19.48 -28.23 15.06
N HIS B 440 -20.69 -28.74 14.96
CA HIS B 440 -21.05 -29.49 13.79
C HIS B 440 -21.86 -28.57 12.85
N ARG B 441 -21.41 -28.51 11.60
CA ARG B 441 -22.13 -27.79 10.55
C ARG B 441 -23.09 -28.71 9.83
N ARG B 442 -24.35 -28.60 10.18
CA ARG B 442 -25.40 -29.52 9.77
C ARG B 442 -26.20 -29.00 8.57
N SER B 443 -26.20 -29.76 7.48
CA SER B 443 -26.88 -29.36 6.24
C SER B 443 -28.38 -29.59 6.34
N CYS B 444 -29.17 -28.54 6.14
CA CYS B 444 -30.63 -28.66 6.28
C CYS B 444 -31.35 -28.35 4.99
N LEU B 445 -32.28 -29.24 4.63
CA LEU B 445 -33.22 -29.02 3.55
C LEU B 445 -34.64 -29.05 4.08
N VAL B 446 -35.38 -27.95 3.91
CA VAL B 446 -36.79 -27.90 4.31
C VAL B 446 -37.66 -27.63 3.09
N ARG B 447 -38.49 -28.62 2.74
CA ARG B 447 -39.46 -28.48 1.65
C ARG B 447 -40.86 -28.24 2.18
N PRO B 448 -41.72 -27.60 1.37
CA PRO B 448 -43.13 -27.59 1.68
C PRO B 448 -43.72 -28.99 1.48
N LEU B 449 -44.62 -29.39 2.37
CA LEU B 449 -45.29 -30.68 2.24
C LEU B 449 -46.56 -30.54 1.40
N MET B 450 -46.38 -30.22 0.14
CA MET B 450 -47.49 -30.13 -0.80
C MET B 450 -47.18 -31.12 -1.91
N ASN B 451 -48.06 -31.18 -2.91
CA ASN B 451 -47.79 -32.01 -4.08
C ASN B 451 -46.72 -31.38 -4.97
N ASP B 452 -45.88 -32.22 -5.57
CA ASP B 452 -44.89 -31.74 -6.54
C ASP B 452 -44.79 -32.67 -7.75
N GLU B 453 -45.29 -32.20 -8.89
CA GLU B 453 -45.41 -33.00 -10.11
C GLU B 453 -44.05 -33.15 -10.78
N GLY B 454 -43.13 -32.26 -10.44
CA GLY B 454 -41.75 -32.34 -10.89
C GLY B 454 -41.01 -33.49 -10.23
N LEU B 455 -41.46 -33.87 -9.03
CA LEU B 455 -40.85 -34.97 -8.29
C LEU B 455 -41.31 -36.35 -8.79
N LYS B 456 -42.39 -36.38 -9.56
CA LYS B 456 -43.00 -37.65 -9.96
C LYS B 456 -42.07 -38.52 -10.81
N VAL B 457 -41.17 -37.90 -11.56
CA VAL B 457 -40.25 -38.61 -12.46
C VAL B 457 -39.34 -39.64 -11.75
N ARG B 458 -39.01 -39.37 -10.48
CA ARG B 458 -38.13 -40.26 -9.70
C ARG B 458 -38.73 -41.62 -9.32
N TYR B 459 -40.05 -41.69 -9.15
CA TYR B 459 -40.70 -42.91 -8.70
C TYR B 459 -40.83 -43.95 -9.82
N PRO B 460 -40.60 -45.23 -9.46
CA PRO B 460 -40.85 -46.36 -10.34
C PRO B 460 -42.36 -46.57 -10.50
N PRO B 461 -42.80 -47.26 -11.59
CA PRO B 461 -41.98 -47.89 -12.63
C PRO B 461 -41.30 -46.89 -13.56
N SER B 462 -40.10 -47.23 -13.99
CA SER B 462 -39.28 -46.39 -14.85
C SER B 462 -39.59 -46.64 -16.33
N PRO B 463 -39.27 -45.66 -17.20
CA PRO B 463 -39.32 -45.83 -18.66
C PRO B 463 -38.50 -47.05 -19.11
N SER C 18 -9.58 0.18 58.94
CA SER C 18 -8.73 1.27 59.48
C SER C 18 -9.40 2.03 60.63
N LYS C 19 -8.64 2.91 61.28
CA LYS C 19 -9.22 3.96 62.11
C LYS C 19 -10.03 4.81 61.13
N ILE C 20 -9.45 4.98 59.93
CA ILE C 20 -10.03 5.74 58.82
C ILE C 20 -11.39 5.17 58.40
N SER C 21 -11.45 3.85 58.18
CA SER C 21 -12.67 3.16 57.80
C SER C 21 -13.76 3.29 58.88
N GLU C 22 -13.35 3.16 60.14
CA GLU C 22 -14.26 3.28 61.29
C GLU C 22 -14.80 4.70 61.42
N ALA C 23 -13.90 5.69 61.34
CA ALA C 23 -14.27 7.09 61.48
C ALA C 23 -15.29 7.51 60.43
N VAL C 24 -15.08 7.08 59.19
CA VAL C 24 -15.99 7.38 58.08
C VAL C 24 -17.34 6.68 58.29
N LYS C 25 -17.31 5.39 58.61
CA LYS C 25 -18.52 4.62 58.85
C LYS C 25 -19.36 5.21 60.00
N ARG C 26 -18.69 5.58 61.08
CA ARG C 26 -19.34 6.18 62.23
C ARG C 26 -19.92 7.56 61.88
N ALA C 27 -19.24 8.29 60.99
CA ALA C 27 -19.72 9.59 60.51
C ALA C 27 -20.96 9.45 59.62
N ARG C 28 -20.96 8.44 58.75
CA ARG C 28 -22.13 8.19 57.88
C ARG C 28 -23.34 7.74 58.69
N ALA C 29 -23.12 6.83 59.65
CA ALA C 29 -24.19 6.36 60.53
C ALA C 29 -24.81 7.52 61.31
N ALA C 30 -23.95 8.40 61.83
CA ALA C 30 -24.42 9.56 62.59
C ALA C 30 -25.23 10.52 61.71
N PHE C 31 -24.82 10.67 60.46
CA PHE C 31 -25.60 11.47 59.51
C PHE C 31 -26.94 10.80 59.16
N SER C 32 -26.93 9.48 59.00
CA SER C 32 -28.15 8.74 58.65
C SER C 32 -29.23 8.82 59.72
N SER C 33 -28.84 8.98 60.98
CA SER C 33 -29.78 9.09 62.09
C SER C 33 -30.62 10.36 62.04
N GLY C 34 -30.20 11.33 61.23
CA GLY C 34 -30.97 12.54 61.02
C GLY C 34 -30.64 13.63 62.03
N ARG C 35 -29.61 13.37 62.82
CA ARG C 35 -29.16 14.28 63.89
C ARG C 35 -28.84 15.71 63.41
N THR C 36 -28.23 15.82 62.23
CA THR C 36 -27.78 17.12 61.71
C THR C 36 -28.87 17.97 61.05
N ARG C 37 -30.02 17.36 60.78
CA ARG C 37 -31.06 18.06 60.00
C ARG C 37 -31.63 19.33 60.66
N PRO C 38 -31.98 19.28 61.96
CA PRO C 38 -32.54 20.51 62.52
C PRO C 38 -31.49 21.61 62.59
N LEU C 39 -31.90 22.82 62.24
CA LEU C 39 -31.00 23.96 62.23
C LEU C 39 -30.37 24.22 63.59
N GLN C 40 -31.12 24.02 64.66
CA GLN C 40 -30.60 24.32 65.99
C GLN C 40 -29.38 23.45 66.34
N PHE C 41 -29.32 22.21 65.83
CA PHE C 41 -28.14 21.36 66.03
C PHE C 41 -26.92 21.94 65.32
N ARG C 42 -27.14 22.43 64.10
CA ARG C 42 -26.05 22.96 63.31
C ARG C 42 -25.49 24.22 63.95
N ILE C 43 -26.40 25.11 64.38
CA ILE C 43 -26.02 26.35 65.05
C ILE C 43 -25.25 26.04 66.33
N GLN C 44 -25.68 25.01 67.04
CA GLN C 44 -24.96 24.54 68.23
C GLN C 44 -23.53 24.16 67.96
N GLN C 45 -23.30 23.36 66.92
CA GLN C 45 -21.96 22.97 66.54
C GLN C 45 -21.12 24.17 66.17
N LEU C 46 -21.73 25.12 65.46
CA LEU C 46 -21.04 26.36 65.09
C LEU C 46 -20.73 27.22 66.30
N GLU C 47 -21.64 27.29 67.25
CA GLU C 47 -21.40 28.01 68.50
C GLU C 47 -20.29 27.35 69.32
N ALA C 48 -20.20 26.03 69.21
CA ALA C 48 -19.10 25.29 69.84
C ALA C 48 -17.74 25.62 69.20
N LEU C 49 -17.71 25.82 67.89
CA LEU C 49 -16.49 26.23 67.19
C LEU C 49 -16.05 27.63 67.61
N GLN C 50 -17.02 28.50 67.80
CA GLN C 50 -16.80 29.85 68.31
C GLN C 50 -16.12 29.81 69.68
N ARG C 51 -16.61 28.93 70.56
CA ARG C 51 -16.01 28.72 71.89
C ARG C 51 -14.58 28.21 71.79
N LEU C 52 -14.38 27.24 70.90
CA LEU C 52 -13.06 26.68 70.62
C LEU C 52 -12.07 27.80 70.32
N ILE C 53 -12.43 28.64 69.35
CA ILE C 53 -11.58 29.75 68.93
C ILE C 53 -11.26 30.71 70.09
N GLN C 54 -12.21 30.92 70.99
CA GLN C 54 -12.00 31.80 72.13
C GLN C 54 -11.18 31.16 73.26
N GLU C 55 -11.53 29.93 73.62
CA GLU C 55 -10.88 29.22 74.71
C GLU C 55 -9.49 28.69 74.35
N GLN C 56 -9.21 28.54 73.06
CA GLN C 56 -7.94 28.01 72.59
C GLN C 56 -7.07 29.02 71.83
N GLU C 57 -7.40 30.31 71.96
CA GLU C 57 -6.70 31.37 71.24
C GLU C 57 -5.18 31.25 71.34
N GLN C 58 -4.68 31.13 72.57
CA GLN C 58 -3.24 31.07 72.85
C GLN C 58 -2.55 29.83 72.28
N GLU C 59 -3.25 28.70 72.32
CA GLU C 59 -2.74 27.45 71.79
C GLU C 59 -2.66 27.50 70.27
N LEU C 60 -3.65 28.15 69.64
CA LEU C 60 -3.67 28.34 68.20
C LEU C 60 -2.50 29.21 67.75
N VAL C 61 -2.24 30.27 68.50
CA VAL C 61 -1.13 31.17 68.22
C VAL C 61 0.19 30.41 68.34
N GLY C 62 0.32 29.65 69.41
CA GLY C 62 1.47 28.77 69.64
C GLY C 62 1.76 27.88 68.46
N ALA C 63 0.72 27.22 67.96
CA ALA C 63 0.84 26.32 66.81
C ALA C 63 1.27 27.05 65.53
N LEU C 64 0.72 28.23 65.29
CA LEU C 64 1.04 29.02 64.10
C LEU C 64 2.42 29.63 64.17
N ALA C 65 2.87 29.94 65.40
CA ALA C 65 4.22 30.46 65.62
C ALA C 65 5.27 29.39 65.36
N ALA C 66 4.98 28.17 65.80
CA ALA C 66 5.89 27.05 65.67
C ALA C 66 6.02 26.60 64.21
N ASP C 67 4.91 26.70 63.47
CA ASP C 67 4.87 26.24 62.08
C ASP C 67 5.36 27.27 61.08
N LEU C 68 4.95 28.53 61.27
CA LEU C 68 5.12 29.56 60.25
C LEU C 68 5.66 30.88 60.77
N HIS C 69 6.10 30.89 62.03
CA HIS C 69 6.65 32.09 62.67
C HIS C 69 5.68 33.27 62.60
N LYS C 70 4.40 32.99 62.81
CA LYS C 70 3.41 34.03 62.98
C LYS C 70 3.48 34.48 64.43
N ASN C 71 3.20 35.75 64.68
CA ASN C 71 3.06 36.24 66.05
C ASN C 71 1.58 36.26 66.41
N GLU C 72 1.27 36.75 67.60
CA GLU C 72 -0.09 36.72 68.11
C GLU C 72 -1.06 37.64 67.38
N TRP C 73 -0.55 38.75 66.84
CA TRP C 73 -1.39 39.71 66.13
C TRP C 73 -1.83 39.20 64.75
N ASN C 74 -0.87 38.79 63.93
CA ASN C 74 -1.22 38.32 62.58
C ASN C 74 -1.83 36.91 62.56
N ALA C 75 -1.55 36.13 63.60
CA ALA C 75 -2.22 34.83 63.75
C ALA C 75 -3.72 35.04 63.83
N TYR C 76 -4.14 36.12 64.48
CA TYR C 76 -5.54 36.44 64.60
C TYR C 76 -6.08 37.21 63.38
N TYR C 77 -5.43 38.32 63.05
CA TYR C 77 -5.95 39.24 62.05
C TYR C 77 -5.65 38.84 60.60
N GLU C 78 -4.80 37.84 60.43
CA GLU C 78 -4.52 37.32 59.09
C GLU C 78 -5.05 35.90 58.88
N GLU C 79 -5.62 35.31 59.93
CA GLU C 79 -6.17 33.96 59.80
C GLU C 79 -7.46 33.75 60.61
N VAL C 80 -7.31 33.67 61.93
CA VAL C 80 -8.39 33.23 62.81
C VAL C 80 -9.66 34.09 62.74
N VAL C 81 -9.50 35.40 62.62
CA VAL C 81 -10.64 36.32 62.64
C VAL C 81 -11.65 36.06 61.51
N TYR C 82 -11.16 35.52 60.40
CA TYR C 82 -12.00 35.25 59.23
C TYR C 82 -12.89 34.04 59.39
N VAL C 83 -12.43 33.06 60.18
CA VAL C 83 -13.26 31.94 60.58
C VAL C 83 -14.42 32.42 61.47
N LEU C 84 -14.09 33.28 62.44
CA LEU C 84 -15.09 33.85 63.37
C LEU C 84 -16.20 34.62 62.65
N GLU C 85 -15.79 35.54 61.76
CA GLU C 85 -16.71 36.30 60.95
C GLU C 85 -17.59 35.39 60.12
N GLU C 86 -17.00 34.33 59.56
CA GLU C 86 -17.75 33.37 58.79
C GLU C 86 -18.79 32.66 59.66
N ILE C 87 -18.39 32.24 60.85
CA ILE C 87 -19.28 31.57 61.79
C ILE C 87 -20.44 32.49 62.17
N GLU C 88 -20.11 33.71 62.55
CA GLU C 88 -21.10 34.70 62.96
C GLU C 88 -22.11 34.97 61.85
N TYR C 89 -21.61 35.10 60.62
CA TYR C 89 -22.45 35.35 59.47
C TYR C 89 -23.39 34.18 59.15
N MET C 90 -22.84 32.97 59.17
CA MET C 90 -23.62 31.76 58.86
C MET C 90 -24.71 31.48 59.88
N ILE C 91 -24.37 31.61 61.16
CA ILE C 91 -25.33 31.41 62.25
C ILE C 91 -26.53 32.30 61.99
N GLN C 92 -26.23 33.53 61.60
CA GLN C 92 -27.22 34.56 61.44
C GLN C 92 -28.10 34.38 60.20
N LYS C 93 -27.51 33.88 59.12
CA LYS C 93 -28.19 33.76 57.84
C LYS C 93 -28.75 32.37 57.57
N LEU C 94 -28.43 31.39 58.44
CA LEU C 94 -28.82 30.01 58.21
C LEU C 94 -30.32 29.80 57.96
N PRO C 95 -31.20 30.30 58.86
CA PRO C 95 -32.62 29.99 58.66
C PRO C 95 -33.15 30.47 57.29
N GLU C 96 -32.60 31.58 56.84
CA GLU C 96 -32.97 32.19 55.57
C GLU C 96 -32.43 31.38 54.40
N TRP C 97 -31.20 30.90 54.52
CA TRP C 97 -30.58 30.11 53.46
C TRP C 97 -31.22 28.73 53.34
N ALA C 98 -31.57 28.13 54.48
CA ALA C 98 -32.09 26.76 54.54
C ALA C 98 -33.52 26.68 54.09
N ALA C 99 -34.24 27.80 54.23
CA ALA C 99 -35.65 27.90 53.84
C ALA C 99 -35.86 27.54 52.37
N ASP C 100 -36.97 26.87 52.08
CA ASP C 100 -37.36 26.57 50.71
C ASP C 100 -37.44 27.86 49.93
N GLU C 101 -36.90 27.86 48.72
CA GLU C 101 -36.82 29.06 47.91
C GLU C 101 -37.84 29.02 46.77
N PRO C 102 -38.91 29.84 46.88
CA PRO C 102 -39.94 29.89 45.83
C PRO C 102 -39.37 30.51 44.55
N VAL C 103 -39.75 29.96 43.41
CA VAL C 103 -39.24 30.42 42.12
C VAL C 103 -40.34 30.92 41.20
N GLU C 104 -39.94 31.55 40.10
CA GLU C 104 -40.85 32.12 39.11
C GLU C 104 -41.79 31.09 38.51
N LYS C 105 -43.07 31.40 38.50
CA LYS C 105 -44.08 30.52 37.90
C LYS C 105 -44.29 30.83 36.43
N THR C 106 -45.09 30.00 35.77
CA THR C 106 -45.54 30.25 34.40
C THR C 106 -47.06 30.33 34.37
N PRO C 107 -47.64 30.88 33.29
CA PRO C 107 -49.09 30.93 33.12
C PRO C 107 -49.81 29.58 33.34
N GLN C 108 -49.07 28.48 33.23
CA GLN C 108 -49.65 27.13 33.33
C GLN C 108 -49.43 26.50 34.70
N THR C 109 -48.54 27.08 35.48
CA THR C 109 -48.21 26.54 36.79
C THR C 109 -48.67 27.47 37.92
N GLN C 110 -49.73 28.23 37.65
CA GLN C 110 -50.26 29.20 38.61
C GLN C 110 -50.73 28.54 39.91
N GLN C 111 -51.43 27.43 39.77
CA GLN C 111 -52.01 26.72 40.90
C GLN C 111 -50.95 25.93 41.65
N ASP C 112 -49.78 25.81 41.05
CA ASP C 112 -48.73 24.93 41.56
C ASP C 112 -47.79 25.64 42.53
N GLU C 113 -47.08 24.83 43.31
CA GLU C 113 -45.98 25.29 44.13
C GLU C 113 -44.69 24.97 43.40
N LEU C 114 -43.85 25.97 43.19
CA LEU C 114 -42.54 25.76 42.60
C LEU C 114 -41.45 26.32 43.50
N TYR C 115 -40.60 25.45 44.00
CA TYR C 115 -39.54 25.88 44.88
C TYR C 115 -38.28 25.03 44.79
N ILE C 116 -37.20 25.57 45.33
CA ILE C 116 -35.96 24.87 45.44
C ILE C 116 -35.73 24.52 46.89
N HIS C 117 -35.47 23.25 47.12
CA HIS C 117 -35.29 22.68 48.46
C HIS C 117 -33.82 22.40 48.68
N SER C 118 -33.27 22.90 49.78
CA SER C 118 -31.87 22.68 50.11
C SER C 118 -31.73 21.56 51.13
N GLU C 119 -30.79 20.65 50.85
CA GLU C 119 -30.57 19.49 51.70
C GLU C 119 -29.08 19.15 51.73
N PRO C 120 -28.60 18.55 52.85
CA PRO C 120 -27.20 18.13 52.94
C PRO C 120 -26.84 17.13 51.87
N LEU C 121 -25.55 17.04 51.54
CA LEU C 121 -25.07 16.00 50.64
C LEU C 121 -24.83 14.69 51.38
N GLY C 122 -24.30 14.77 52.59
CA GLY C 122 -24.09 13.60 53.44
C GLY C 122 -22.79 13.68 54.23
N VAL C 123 -21.82 12.86 53.85
CA VAL C 123 -20.50 12.94 54.46
C VAL C 123 -19.53 13.70 53.55
N VAL C 124 -18.98 14.78 54.09
CA VAL C 124 -18.11 15.66 53.32
C VAL C 124 -16.67 15.50 53.78
N LEU C 125 -15.73 15.49 52.83
CA LEU C 125 -14.32 15.48 53.16
C LEU C 125 -13.68 16.84 52.86
N VAL C 126 -12.99 17.38 53.86
CA VAL C 126 -12.21 18.59 53.71
C VAL C 126 -10.75 18.23 53.90
N ILE C 127 -9.97 18.38 52.83
CA ILE C 127 -8.53 18.21 52.90
C ILE C 127 -7.85 19.58 52.97
N GLY C 128 -7.24 19.88 54.10
CA GLY C 128 -6.60 21.18 54.34
C GLY C 128 -5.19 21.26 53.80
N THR C 129 -4.68 22.49 53.72
CA THR C 129 -3.30 22.74 53.33
C THR C 129 -2.55 23.42 54.48
N TRP C 130 -1.28 23.75 54.26
CA TRP C 130 -0.38 24.10 55.35
C TRP C 130 -0.13 25.60 55.55
N ASN C 131 -0.30 26.40 54.50
CA ASN C 131 0.04 27.84 54.60
C ASN C 131 -0.88 28.65 55.51
N TYR C 132 -2.15 28.28 55.54
CA TYR C 132 -3.07 28.81 56.53
C TYR C 132 -3.81 27.61 57.11
N PRO C 133 -3.12 26.84 57.97
CA PRO C 133 -3.55 25.52 58.40
C PRO C 133 -4.81 25.51 59.27
N PHE C 134 -5.15 26.65 59.88
CA PHE C 134 -6.41 26.73 60.62
C PHE C 134 -7.52 27.14 59.67
N ASN C 135 -7.39 28.32 59.06
CA ASN C 135 -8.41 28.86 58.17
C ASN C 135 -8.79 27.91 57.03
N LEU C 136 -7.79 27.39 56.33
CA LEU C 136 -8.05 26.58 55.15
C LEU C 136 -8.41 25.13 55.49
N THR C 137 -8.62 24.87 56.78
CA THR C 137 -9.18 23.62 57.23
C THR C 137 -10.58 23.89 57.81
N ILE C 138 -10.68 24.94 58.62
CA ILE C 138 -11.90 25.17 59.38
C ILE C 138 -12.96 26.01 58.64
N GLN C 139 -12.56 26.96 57.82
CA GLN C 139 -13.53 27.74 57.07
C GLN C 139 -14.38 26.95 56.12
N PRO C 140 -13.81 26.02 55.38
CA PRO C 140 -14.68 25.12 54.59
C PRO C 140 -15.58 24.26 55.49
N MET C 141 -15.07 23.85 56.64
CA MET C 141 -15.83 23.03 57.59
C MET C 141 -17.08 23.74 58.11
N VAL C 142 -16.96 25.04 58.38
CA VAL C 142 -18.07 25.87 58.82
C VAL C 142 -19.22 25.78 57.82
N GLY C 143 -18.90 25.90 56.54
CA GLY C 143 -19.92 25.80 55.51
C GLY C 143 -20.57 24.43 55.51
N ALA C 144 -19.75 23.39 55.57
CA ALA C 144 -20.25 22.02 55.48
C ALA C 144 -21.13 21.66 56.67
N ILE C 145 -20.75 22.17 57.84
CA ILE C 145 -21.56 22.00 59.05
C ILE C 145 -22.87 22.76 58.89
N ALA C 146 -22.80 24.01 58.44
CA ALA C 146 -23.98 24.85 58.24
C ALA C 146 -24.98 24.20 57.30
N ALA C 147 -24.47 23.48 56.31
CA ALA C 147 -25.30 22.80 55.32
C ALA C 147 -25.86 21.49 55.82
N GLY C 148 -25.47 21.08 57.03
CA GLY C 148 -26.01 19.89 57.66
C GLY C 148 -25.32 18.57 57.38
N ASN C 149 -24.04 18.63 57.00
CA ASN C 149 -23.27 17.42 56.67
C ASN C 149 -22.47 16.92 57.84
N ALA C 150 -22.13 15.63 57.82
CA ALA C 150 -21.01 15.14 58.58
C ALA C 150 -19.78 15.62 57.83
N VAL C 151 -18.75 16.01 58.56
CA VAL C 151 -17.53 16.52 57.94
C VAL C 151 -16.29 15.82 58.46
N VAL C 152 -15.60 15.12 57.57
CA VAL C 152 -14.34 14.45 57.89
C VAL C 152 -13.20 15.39 57.54
N LEU C 153 -12.27 15.57 58.46
CA LEU C 153 -11.13 16.48 58.28
C LEU C 153 -9.80 15.75 58.12
N LYS C 154 -9.01 16.25 57.16
CA LYS C 154 -7.66 15.80 56.94
C LYS C 154 -6.75 17.02 56.84
N PRO C 155 -6.15 17.43 57.96
CA PRO C 155 -5.16 18.51 57.98
C PRO C 155 -3.86 18.13 57.28
N SER C 156 -3.13 19.13 56.80
CA SER C 156 -1.82 18.91 56.20
C SER C 156 -0.78 18.58 57.27
N GLU C 157 0.08 17.62 56.96
CA GLU C 157 1.12 17.18 57.87
C GLU C 157 2.30 18.17 57.97
N LEU C 158 2.46 18.99 56.93
CA LEU C 158 3.51 20.02 56.90
C LEU C 158 3.34 21.07 58.01
N SER C 159 2.07 21.40 58.30
CA SER C 159 1.74 22.23 59.46
C SER C 159 1.56 21.33 60.70
N GLU C 160 2.63 20.60 60.99
CA GLU C 160 2.67 19.54 61.99
C GLU C 160 2.05 19.88 63.36
N ASN C 161 2.30 21.11 63.82
CA ASN C 161 1.78 21.56 65.10
C ASN C 161 0.26 21.83 65.08
N MET C 162 -0.21 22.44 64.00
CA MET C 162 -1.64 22.70 63.84
C MET C 162 -2.40 21.40 63.60
N ALA C 163 -1.79 20.48 62.84
CA ALA C 163 -2.42 19.20 62.50
C ALA C 163 -2.69 18.41 63.76
N SER C 164 -1.70 18.42 64.66
CA SER C 164 -1.75 17.68 65.92
C SER C 164 -2.67 18.34 66.94
N LEU C 165 -2.71 19.67 66.93
CA LEU C 165 -3.59 20.42 67.82
C LEU C 165 -5.07 20.22 67.47
N LEU C 166 -5.41 20.37 66.19
CA LEU C 166 -6.79 20.20 65.73
C LEU C 166 -7.34 18.81 66.07
N ALA C 167 -6.51 17.78 65.91
CA ALA C 167 -6.88 16.41 66.27
C ALA C 167 -7.23 16.27 67.75
N THR C 168 -6.65 17.13 68.59
CA THR C 168 -6.94 17.15 70.03
C THR C 168 -8.19 17.96 70.35
N ILE C 169 -8.23 19.21 69.90
CA ILE C 169 -9.29 20.15 70.32
C ILE C 169 -10.62 20.02 69.58
N ILE C 170 -10.61 19.64 68.30
CA ILE C 170 -11.87 19.50 67.56
C ILE C 170 -12.87 18.56 68.29
N PRO C 171 -12.44 17.33 68.65
CA PRO C 171 -13.35 16.43 69.35
C PRO C 171 -13.78 16.87 70.76
N GLN C 172 -13.03 17.81 71.35
CA GLN C 172 -13.39 18.36 72.66
C GLN C 172 -14.62 19.27 72.59
N TYR C 173 -14.86 19.84 71.42
CA TYR C 173 -15.90 20.84 71.28
C TYR C 173 -17.06 20.38 70.38
N LEU C 174 -16.72 19.65 69.32
CA LEU C 174 -17.72 19.22 68.34
C LEU C 174 -18.09 17.76 68.48
N ASP C 175 -19.26 17.39 67.97
CA ASP C 175 -19.72 16.00 67.97
C ASP C 175 -18.62 15.05 67.45
N LYS C 176 -18.37 13.99 68.22
CA LYS C 176 -17.25 13.08 67.96
C LYS C 176 -17.42 12.23 66.72
N ASP C 177 -18.66 11.82 66.48
CA ASP C 177 -19.00 10.90 65.41
C ASP C 177 -19.06 11.62 64.07
N LEU C 178 -19.64 12.82 64.09
CA LEU C 178 -19.93 13.59 62.88
C LEU C 178 -18.73 14.29 62.28
N TYR C 179 -17.77 14.67 63.12
CA TYR C 179 -16.66 15.53 62.69
C TYR C 179 -15.29 14.98 63.10
N PRO C 180 -14.93 13.81 62.56
CA PRO C 180 -13.66 13.20 62.92
C PRO C 180 -12.47 13.87 62.23
N VAL C 181 -11.32 13.85 62.91
CA VAL C 181 -10.07 14.35 62.35
C VAL C 181 -9.20 13.15 62.00
N ILE C 182 -8.63 13.17 60.80
CA ILE C 182 -7.76 12.09 60.33
C ILE C 182 -6.31 12.58 60.28
N ASN C 183 -5.43 11.87 60.97
CA ASN C 183 -4.00 12.18 61.00
C ASN C 183 -3.24 11.47 59.88
N GLY C 184 -2.12 12.06 59.47
CA GLY C 184 -1.21 11.43 58.54
C GLY C 184 -0.79 12.27 57.35
N GLY C 185 -0.20 11.61 56.36
CA GLY C 185 0.25 12.28 55.15
C GLY C 185 -0.28 11.61 53.89
N VAL C 186 0.53 11.65 52.84
CA VAL C 186 0.15 11.13 51.53
C VAL C 186 -0.42 9.70 51.59
N PRO C 187 0.26 8.77 52.30
CA PRO C 187 -0.28 7.40 52.39
C PRO C 187 -1.67 7.34 53.03
N GLU C 188 -1.86 8.08 54.12
CA GLU C 188 -3.13 8.11 54.83
C GLU C 188 -4.21 8.79 53.99
N THR C 189 -3.85 9.93 53.39
CA THR C 189 -4.71 10.65 52.46
C THR C 189 -5.17 9.75 51.32
N THR C 190 -4.22 9.06 50.69
CA THR C 190 -4.52 8.13 49.60
C THR C 190 -5.55 7.08 50.00
N GLU C 191 -5.45 6.60 51.23
CA GLU C 191 -6.37 5.59 51.72
C GLU C 191 -7.75 6.14 52.04
N LEU C 192 -7.77 7.36 52.54
CA LEU C 192 -9.01 8.05 52.84
C LEU C 192 -9.83 8.26 51.57
N LEU C 193 -9.15 8.44 50.45
CA LEU C 193 -9.79 8.68 49.16
C LEU C 193 -10.43 7.44 48.52
N LYS C 194 -10.24 6.27 49.16
CA LYS C 194 -10.93 5.04 48.74
C LYS C 194 -12.32 4.94 49.35
N GLU C 195 -12.52 5.65 50.47
CA GLU C 195 -13.82 5.73 51.14
C GLU C 195 -14.80 6.55 50.31
N ARG C 196 -16.10 6.27 50.50
CA ARG C 196 -17.14 6.98 49.76
C ARG C 196 -17.59 8.26 50.45
N PHE C 197 -17.36 9.38 49.77
CA PHE C 197 -17.81 10.67 50.28
C PHE C 197 -18.87 11.27 49.36
N ASP C 198 -19.65 12.20 49.89
CA ASP C 198 -20.66 12.88 49.11
C ASP C 198 -20.18 14.18 48.48
N HIS C 199 -19.14 14.76 49.08
CA HIS C 199 -18.46 15.91 48.50
C HIS C 199 -17.02 15.94 49.01
N ILE C 200 -16.11 16.39 48.16
CA ILE C 200 -14.72 16.57 48.57
C ILE C 200 -14.25 17.98 48.25
N LEU C 201 -13.76 18.67 49.27
CA LEU C 201 -13.12 19.96 49.06
C LEU C 201 -11.63 19.81 49.35
N TYR C 202 -10.82 20.19 48.37
CA TYR C 202 -9.39 20.11 48.52
C TYR C 202 -8.75 21.45 48.20
N THR C 203 -7.86 21.90 49.07
CA THR C 203 -6.99 23.04 48.78
C THR C 203 -5.55 22.54 48.70
N GLY C 204 -4.87 22.89 47.61
CA GLY C 204 -3.49 22.52 47.43
C GLY C 204 -2.98 22.81 46.05
N SER C 205 -2.29 21.84 45.47
CA SER C 205 -1.59 22.03 44.20
C SER C 205 -2.38 21.43 43.04
N THR C 206 -2.15 22.01 41.86
CA THR C 206 -2.78 21.57 40.61
C THR C 206 -2.59 20.06 40.41
N GLY C 207 -1.36 19.59 40.54
CA GLY C 207 -1.05 18.18 40.35
C GLY C 207 -1.86 17.22 41.20
N VAL C 208 -1.99 17.53 42.49
CA VAL C 208 -2.74 16.69 43.42
C VAL C 208 -4.25 16.77 43.16
N GLY C 209 -4.70 17.95 42.72
CA GLY C 209 -6.10 18.13 42.31
C GLY C 209 -6.57 17.05 41.35
N LYS C 210 -5.74 16.70 40.39
CA LYS C 210 -6.04 15.63 39.42
C LYS C 210 -6.19 14.29 40.10
N ILE C 211 -5.36 14.03 41.10
CA ILE C 211 -5.46 12.80 41.90
C ILE C 211 -6.77 12.78 42.71
N ILE C 212 -7.08 13.87 43.41
CA ILE C 212 -8.34 13.97 44.15
C ILE C 212 -9.52 13.68 43.23
N MET C 213 -9.53 14.33 42.07
CA MET C 213 -10.60 14.19 41.11
C MET C 213 -10.70 12.77 40.52
N THR C 214 -9.55 12.15 40.26
CA THR C 214 -9.51 10.76 39.80
C THR C 214 -10.14 9.84 40.86
N ALA C 215 -9.77 10.04 42.12
CA ALA C 215 -10.33 9.25 43.21
C ALA C 215 -11.83 9.51 43.36
N ALA C 216 -12.24 10.77 43.17
CA ALA C 216 -13.64 11.15 43.29
C ALA C 216 -14.53 10.50 42.23
N ALA C 217 -13.97 10.34 41.02
CA ALA C 217 -14.70 9.77 39.89
C ALA C 217 -15.25 8.37 40.19
N LYS C 218 -14.53 7.62 41.02
CA LYS C 218 -14.87 6.23 41.31
C LYS C 218 -16.16 6.07 42.12
N HIS C 219 -16.55 7.12 42.84
CA HIS C 219 -17.83 7.14 43.55
C HIS C 219 -18.75 8.24 43.01
N LEU C 220 -18.37 8.84 41.89
CA LEU C 220 -19.05 10.03 41.33
C LEU C 220 -19.24 11.10 42.40
N THR C 221 -18.15 11.45 43.05
CA THR C 221 -18.18 12.44 44.13
C THR C 221 -17.87 13.82 43.56
N PRO C 222 -18.78 14.80 43.76
CA PRO C 222 -18.51 16.16 43.30
C PRO C 222 -17.37 16.77 44.10
N VAL C 223 -16.59 17.64 43.45
CA VAL C 223 -15.39 18.20 44.07
C VAL C 223 -15.33 19.71 43.98
N THR C 224 -14.72 20.32 44.99
CA THR C 224 -14.35 21.71 44.93
C THR C 224 -12.84 21.71 45.08
N LEU C 225 -12.17 22.26 44.07
CA LEU C 225 -10.72 22.29 44.04
C LEU C 225 -10.20 23.71 44.03
N GLU C 226 -9.49 24.07 45.09
CA GLU C 226 -8.88 25.37 45.23
C GLU C 226 -7.39 25.19 45.01
N LEU C 227 -6.93 25.45 43.78
CA LEU C 227 -5.59 25.09 43.37
C LEU C 227 -4.70 26.32 43.21
N GLY C 228 -3.65 26.21 42.39
CA GLY C 228 -2.68 27.29 42.30
C GLY C 228 -2.44 27.84 40.90
N GLY C 229 -1.26 28.42 40.73
CA GLY C 229 -0.91 29.13 39.51
C GLY C 229 -0.11 30.36 39.88
N LYS C 230 0.14 31.22 38.90
CA LYS C 230 0.87 32.44 39.15
C LYS C 230 -0.04 33.64 38.98
N SER C 231 -0.35 34.31 40.08
CA SER C 231 -1.26 35.45 40.05
C SER C 231 -0.53 36.70 39.59
N PRO C 232 -0.86 37.19 38.39
CA PRO C 232 -0.18 38.35 37.84
C PRO C 232 -0.61 39.64 38.52
N CYS C 233 0.25 40.64 38.50
CA CYS C 233 -0.06 41.95 39.01
C CYS C 233 0.40 43.01 38.01
N TYR C 234 -0.55 43.52 37.25
CA TYR C 234 -0.23 44.55 36.25
C TYR C 234 -0.26 45.93 36.87
N VAL C 235 0.79 46.71 36.65
CA VAL C 235 0.88 48.09 37.12
C VAL C 235 0.90 49.04 35.93
N ASP C 236 -0.07 49.96 35.90
CA ASP C 236 -0.21 50.93 34.81
C ASP C 236 0.72 52.12 35.00
N LYS C 237 1.03 52.81 33.89
CA LYS C 237 2.00 53.90 33.89
C LYS C 237 1.59 55.15 34.68
N ASN C 238 0.37 55.66 34.45
CA ASN C 238 -0.03 56.95 35.05
C ASN C 238 -0.73 56.84 36.40
N CYS C 239 -0.48 55.76 37.14
CA CYS C 239 -1.10 55.61 38.44
C CYS C 239 -0.11 55.95 39.57
N ASP C 240 -0.65 56.29 40.74
CA ASP C 240 0.16 56.62 41.90
C ASP C 240 0.87 55.37 42.43
N LEU C 241 2.17 55.28 42.15
CA LEU C 241 2.97 54.11 42.52
C LEU C 241 3.26 53.99 44.01
N ASP C 242 3.12 55.10 44.74
CA ASP C 242 3.32 55.08 46.20
C ASP C 242 2.32 54.17 46.88
N VAL C 243 1.04 54.38 46.56
CA VAL C 243 -0.06 53.59 47.11
C VAL C 243 0.00 52.17 46.58
N ALA C 244 0.25 52.03 45.28
CA ALA C 244 0.28 50.74 44.61
C ALA C 244 1.30 49.79 45.22
N CYS C 245 2.56 50.22 45.30
CA CYS C 245 3.64 49.34 45.75
C CYS C 245 3.54 48.95 47.22
N ARG C 246 2.93 49.84 48.01
CA ARG C 246 2.61 49.62 49.42
C ARG C 246 1.70 48.40 49.56
N ARG C 247 0.62 48.42 48.78
CA ARG C 247 -0.38 47.37 48.78
C ARG C 247 0.17 46.05 48.24
N ILE C 248 0.89 46.13 47.12
CA ILE C 248 1.56 44.97 46.53
C ILE C 248 2.53 44.29 47.50
N ALA C 249 3.42 45.08 48.10
CA ALA C 249 4.40 44.55 49.05
C ALA C 249 3.73 43.88 50.23
N TRP C 250 2.63 44.45 50.69
CA TRP C 250 1.86 43.89 51.80
C TRP C 250 1.36 42.50 51.47
N GLY C 251 0.62 42.39 50.37
CA GLY C 251 0.05 41.11 49.95
C GLY C 251 1.09 40.10 49.49
N LYS C 252 2.18 40.59 48.93
CA LYS C 252 3.24 39.72 48.44
C LYS C 252 4.05 39.09 49.57
N PHE C 253 4.34 39.86 50.62
CA PHE C 253 5.31 39.40 51.61
C PHE C 253 4.75 38.91 52.94
N MET C 254 3.44 39.07 53.16
CA MET C 254 2.80 38.49 54.33
C MET C 254 2.92 36.97 54.26
N ASN C 255 2.98 36.34 55.43
CA ASN C 255 3.18 34.89 55.55
C ASN C 255 4.39 34.44 54.72
N SER C 256 5.40 35.32 54.64
CA SER C 256 6.62 35.04 53.88
C SER C 256 6.31 34.58 52.45
N GLY C 257 5.33 35.22 51.83
CA GLY C 257 4.96 34.94 50.43
C GLY C 257 4.14 33.67 50.19
N GLN C 258 3.75 32.99 51.25
CA GLN C 258 3.07 31.69 51.14
C GLN C 258 1.55 31.85 51.14
N THR C 259 1.02 32.38 50.04
CA THR C 259 -0.37 32.73 49.93
C THR C 259 -0.83 32.43 48.51
N CYS C 260 -1.93 31.69 48.39
CA CYS C 260 -2.45 31.27 47.09
C CYS C 260 -2.80 32.44 46.20
N VAL C 261 -3.23 33.56 46.81
CA VAL C 261 -3.63 34.76 46.06
C VAL C 261 -2.62 35.90 46.20
N ALA C 262 -1.40 35.54 46.62
CA ALA C 262 -0.30 36.50 46.61
C ALA C 262 -0.07 36.99 45.18
N PRO C 263 0.17 38.31 45.00
CA PRO C 263 0.62 38.73 43.68
C PRO C 263 1.97 38.07 43.43
N ASP C 264 2.01 37.17 42.46
CA ASP C 264 3.17 36.31 42.25
C ASP C 264 4.27 37.05 41.51
N TYR C 265 3.90 37.84 40.51
CA TYR C 265 4.85 38.63 39.73
C TYR C 265 4.24 39.94 39.25
N ILE C 266 5.08 40.87 38.86
CA ILE C 266 4.61 42.16 38.34
C ILE C 266 4.84 42.29 36.85
N LEU C 267 3.84 42.84 36.16
CA LEU C 267 3.98 43.26 34.77
C LEU C 267 3.89 44.78 34.70
N CYS C 268 4.89 45.41 34.10
CA CYS C 268 4.91 46.86 33.95
C CYS C 268 5.77 47.31 32.78
N ASP C 269 5.53 48.54 32.32
CA ASP C 269 6.38 49.17 31.32
C ASP C 269 7.79 49.35 31.89
N PRO C 270 8.83 49.08 31.08
CA PRO C 270 10.22 49.19 31.56
C PRO C 270 10.60 50.59 32.07
N SER C 271 9.81 51.59 31.71
CA SER C 271 10.07 52.98 32.12
C SER C 271 9.72 53.26 33.58
N ILE C 272 8.85 52.44 34.18
CA ILE C 272 8.48 52.63 35.58
C ILE C 272 9.03 51.54 36.50
N GLN C 273 9.82 50.63 35.93
CA GLN C 273 10.37 49.50 36.70
C GLN C 273 11.10 49.96 37.97
N ASN C 274 12.15 50.76 37.79
CA ASN C 274 13.01 51.14 38.91
C ASN C 274 12.32 51.92 40.02
N GLN C 275 11.36 52.76 39.64
CA GLN C 275 10.53 53.47 40.63
C GLN C 275 9.73 52.47 41.48
N ILE C 276 9.17 51.46 40.83
CA ILE C 276 8.47 50.36 41.51
C ILE C 276 9.40 49.67 42.51
N VAL C 277 10.56 49.22 42.03
CA VAL C 277 11.59 48.60 42.86
C VAL C 277 11.86 49.45 44.09
N GLU C 278 12.04 50.74 43.85
CA GLU C 278 12.34 51.71 44.90
C GLU C 278 11.21 51.83 45.91
N LYS C 279 9.99 52.05 45.42
CA LYS C 279 8.81 52.22 46.27
C LYS C 279 8.45 50.94 47.02
N LEU C 280 8.87 49.80 46.50
CA LEU C 280 8.72 48.53 47.19
C LEU C 280 9.66 48.43 48.37
N LYS C 281 10.94 48.76 48.13
CA LYS C 281 11.96 48.81 49.18
C LYS C 281 11.50 49.70 50.33
N LYS C 282 11.06 50.91 49.98
CA LYS C 282 10.59 51.89 50.94
C LYS C 282 9.47 51.33 51.81
N SER C 283 8.52 50.64 51.18
CA SER C 283 7.41 50.01 51.89
C SER C 283 7.88 48.83 52.73
N LEU C 284 8.78 48.01 52.18
CA LEU C 284 9.36 46.88 52.90
C LEU C 284 10.10 47.28 54.16
N LYS C 285 10.85 48.38 54.07
CA LYS C 285 11.59 48.90 55.21
C LYS C 285 10.66 49.37 56.32
N GLU C 286 9.54 49.96 55.94
CA GLU C 286 8.53 50.38 56.90
C GLU C 286 7.91 49.19 57.62
N PHE C 287 7.64 48.10 56.88
CA PHE C 287 7.03 46.91 57.44
C PHE C 287 7.95 46.16 58.41
N TYR C 288 9.14 45.83 57.93
CA TYR C 288 10.00 44.86 58.60
C TYR C 288 11.38 45.39 59.05
N GLY C 289 11.56 46.71 58.98
CA GLY C 289 12.84 47.34 59.34
C GLY C 289 13.92 47.07 58.31
N GLU C 290 15.15 47.47 58.64
CA GLU C 290 16.29 47.28 57.75
C GLU C 290 16.65 45.81 57.58
N ASP C 291 16.61 45.07 58.68
CA ASP C 291 16.79 43.61 58.64
C ASP C 291 15.50 42.91 59.05
N ALA C 292 14.91 42.20 58.09
CA ALA C 292 13.64 41.52 58.27
C ALA C 292 13.73 40.33 59.23
N LYS C 293 14.94 39.78 59.38
CA LYS C 293 15.18 38.66 60.29
C LYS C 293 14.92 39.03 61.75
N LYS C 294 14.92 40.33 62.04
CA LYS C 294 14.74 40.81 63.41
C LYS C 294 13.30 41.29 63.68
N SER C 295 12.43 41.09 62.70
CA SER C 295 11.02 41.50 62.83
C SER C 295 10.16 40.32 63.26
N ARG C 296 9.36 40.54 64.31
CA ARG C 296 8.38 39.54 64.78
C ARG C 296 7.18 39.42 63.84
N ASP C 297 7.07 40.35 62.90
CA ASP C 297 5.95 40.38 61.93
C ASP C 297 6.24 39.60 60.66
N TYR C 298 7.50 39.23 60.46
CA TYR C 298 7.92 38.55 59.25
C TYR C 298 7.98 37.04 59.48
N GLY C 299 7.49 36.28 58.51
CA GLY C 299 7.38 34.84 58.65
C GLY C 299 8.58 34.03 58.19
N ARG C 300 8.44 32.71 58.26
CA ARG C 300 9.47 31.78 57.80
C ARG C 300 8.86 30.76 56.85
N ILE C 301 9.69 30.16 56.00
CA ILE C 301 9.26 29.10 55.10
C ILE C 301 8.89 27.85 55.91
N ILE C 302 7.89 27.11 55.44
CA ILE C 302 7.31 25.97 56.17
C ILE C 302 8.27 24.78 56.40
N SER C 303 8.93 24.37 55.33
CA SER C 303 9.70 23.14 55.29
C SER C 303 11.15 23.33 54.91
N ALA C 304 11.91 22.24 54.95
CA ALA C 304 13.25 22.22 54.41
C ALA C 304 13.15 22.23 52.90
N ARG C 305 12.61 21.12 52.41
CA ARG C 305 12.41 20.93 51.00
C ARG C 305 11.96 22.18 50.29
N HIS C 306 11.16 23.00 50.96
CA HIS C 306 10.58 24.13 50.32
C HIS C 306 11.47 25.28 50.39
N PHE C 307 12.38 25.24 51.34
CA PHE C 307 13.24 26.39 51.55
C PHE C 307 14.20 26.52 50.42
N GLN C 308 14.59 25.36 49.94
CA GLN C 308 15.55 25.17 48.86
C GLN C 308 14.95 25.44 47.50
N ARG C 309 13.69 25.03 47.33
CA ARG C 309 12.95 25.32 46.11
C ARG C 309 12.96 26.83 45.86
N VAL C 310 12.63 27.59 46.89
CA VAL C 310 12.55 29.05 46.77
C VAL C 310 13.91 29.68 46.48
N MET C 311 14.95 29.22 47.17
CA MET C 311 16.33 29.69 46.94
C MET C 311 16.83 29.42 45.52
N GLY C 312 16.55 28.22 45.02
CA GLY C 312 16.92 27.81 43.66
C GLY C 312 16.31 28.67 42.56
N LEU C 313 15.24 29.40 42.89
CA LEU C 313 14.59 30.27 41.92
C LEU C 313 15.25 31.65 41.84
N ILE C 314 16.06 31.98 42.84
CA ILE C 314 16.78 33.25 42.89
C ILE C 314 18.04 33.20 42.03
N GLU C 315 18.50 32.00 41.71
CA GLU C 315 19.76 31.82 40.97
C GLU C 315 19.76 32.34 39.55
N GLY C 316 20.90 32.86 39.13
CA GLY C 316 21.07 33.44 37.80
C GLY C 316 20.12 34.59 37.54
N GLN C 317 19.73 35.29 38.60
CA GLN C 317 18.77 36.38 38.50
C GLN C 317 19.35 37.70 38.98
N LYS C 318 18.91 38.78 38.34
CA LYS C 318 19.29 40.13 38.70
C LYS C 318 18.58 40.54 40.00
N VAL C 319 19.29 40.45 41.11
CA VAL C 319 18.75 40.82 42.41
C VAL C 319 18.83 42.33 42.60
N ALA C 320 17.71 42.93 43.00
CA ALA C 320 17.65 44.37 43.25
C ALA C 320 17.48 44.69 44.74
N TYR C 321 17.18 43.66 45.53
CA TYR C 321 16.97 43.80 46.97
C TYR C 321 16.87 42.40 47.60
N GLY C 322 17.47 42.23 48.77
CA GLY C 322 17.49 40.93 49.45
C GLY C 322 18.36 39.91 48.74
N GLY C 323 17.83 38.71 48.55
CA GLY C 323 18.53 37.65 47.81
C GLY C 323 19.18 36.58 48.67
N THR C 324 19.30 36.84 49.97
CA THR C 324 19.98 35.92 50.89
C THR C 324 18.99 35.15 51.78
N GLY C 325 19.41 33.98 52.26
CA GLY C 325 18.59 33.14 53.12
C GLY C 325 19.39 32.31 54.11
N ASP C 326 18.73 31.94 55.22
CA ASP C 326 19.35 31.14 56.27
C ASP C 326 18.66 29.80 56.45
N ALA C 327 19.37 28.72 56.12
CA ALA C 327 18.83 27.35 56.12
C ALA C 327 18.33 26.85 57.48
N ALA C 328 18.99 27.28 58.55
CA ALA C 328 18.67 26.82 59.90
C ALA C 328 17.24 27.20 60.32
N THR C 329 16.93 28.48 60.27
CA THR C 329 15.63 28.99 60.69
C THR C 329 14.66 29.11 59.52
N ARG C 330 15.13 28.75 58.32
CA ARG C 330 14.35 28.80 57.08
C ARG C 330 13.84 30.21 56.77
N TYR C 331 14.74 31.17 56.83
CA TYR C 331 14.43 32.56 56.53
C TYR C 331 14.92 32.92 55.12
N ILE C 332 14.08 33.64 54.38
CA ILE C 332 14.48 34.23 53.11
C ILE C 332 14.09 35.70 53.13
N ALA C 333 15.10 36.55 52.94
CA ALA C 333 14.89 37.99 52.90
C ALA C 333 13.97 38.39 51.75
N PRO C 334 13.10 39.40 51.98
CA PRO C 334 12.27 39.94 50.92
C PRO C 334 13.11 40.28 49.69
N THR C 335 12.87 39.56 48.61
CA THR C 335 13.69 39.65 47.40
C THR C 335 12.88 40.21 46.24
N ILE C 336 13.48 41.16 45.53
CA ILE C 336 12.89 41.71 44.32
C ILE C 336 13.85 41.46 43.16
N LEU C 337 13.34 40.85 42.09
CA LEU C 337 14.14 40.56 40.90
C LEU C 337 13.72 41.47 39.75
N THR C 338 14.71 41.99 39.02
CA THR C 338 14.45 42.90 37.90
C THR C 338 14.76 42.27 36.54
N ASP C 339 14.19 42.86 35.48
CA ASP C 339 14.35 42.39 34.11
C ASP C 339 14.39 40.87 34.04
N VAL C 340 13.28 40.25 34.44
CA VAL C 340 13.19 38.81 34.56
C VAL C 340 12.77 38.18 33.25
N ASP C 341 13.43 37.08 32.88
CA ASP C 341 13.13 36.33 31.67
C ASP C 341 11.94 35.40 31.92
N PRO C 342 10.85 35.57 31.13
CA PRO C 342 9.62 34.77 31.25
C PRO C 342 9.86 33.25 31.23
N GLN C 343 10.99 32.82 30.65
CA GLN C 343 11.31 31.39 30.56
C GLN C 343 12.15 30.86 31.72
N SER C 344 12.65 31.76 32.56
CA SER C 344 13.46 31.36 33.69
C SER C 344 12.62 30.65 34.78
N PRO C 345 13.25 29.77 35.58
CA PRO C 345 12.52 28.94 36.55
C PRO C 345 11.54 29.72 37.43
N VAL C 346 11.96 30.89 37.92
CA VAL C 346 11.15 31.73 38.81
C VAL C 346 9.87 32.23 38.16
N MET C 347 9.80 32.12 36.83
CA MET C 347 8.58 32.48 36.09
C MET C 347 7.90 31.26 35.45
N GLN C 348 8.28 30.07 35.89
CA GLN C 348 7.73 28.83 35.35
C GLN C 348 7.03 27.94 36.38
N GLU C 349 6.88 28.46 37.60
CA GLU C 349 6.15 27.77 38.67
C GLU C 349 5.63 28.77 39.70
N GLU C 350 4.66 28.34 40.50
CA GLU C 350 4.16 29.17 41.61
C GLU C 350 5.30 29.36 42.60
N ILE C 351 5.63 30.62 42.86
CA ILE C 351 6.76 30.96 43.73
C ILE C 351 6.51 30.51 45.16
N PHE C 352 5.42 30.97 45.76
CA PHE C 352 5.04 30.61 47.12
C PHE C 352 6.18 30.90 48.11
N GLY C 353 6.78 32.09 47.94
CA GLY C 353 7.90 32.54 48.75
C GLY C 353 8.10 34.04 48.56
N PRO C 354 9.02 34.63 49.35
CA PRO C 354 9.17 36.08 49.36
C PRO C 354 10.11 36.59 48.27
N VAL C 355 9.81 36.18 47.03
CA VAL C 355 10.63 36.55 45.86
C VAL C 355 9.73 37.12 44.80
N LEU C 356 9.89 38.40 44.49
CA LEU C 356 9.00 39.11 43.57
C LEU C 356 9.70 39.49 42.25
N PRO C 357 9.45 38.72 41.19
CA PRO C 357 10.02 39.06 39.89
C PRO C 357 9.24 40.16 39.20
N ILE C 358 9.95 41.02 38.48
CA ILE C 358 9.33 42.05 37.66
C ILE C 358 9.61 41.76 36.20
N VAL C 359 8.55 41.55 35.43
CA VAL C 359 8.64 41.28 34.00
C VAL C 359 8.13 42.49 33.24
N CYS C 360 8.87 42.88 32.20
CA CYS C 360 8.52 44.06 31.42
C CYS C 360 7.64 43.75 30.22
N VAL C 361 6.59 44.54 30.07
CA VAL C 361 5.71 44.52 28.91
C VAL C 361 5.55 45.96 28.43
N ARG C 362 5.33 46.15 27.13
CA ARG C 362 5.35 47.52 26.59
C ARG C 362 3.98 48.10 26.25
N SER C 363 2.94 47.35 26.57
CA SER C 363 1.55 47.83 26.43
C SER C 363 0.61 46.96 27.26
N LEU C 364 -0.60 47.50 27.49
CA LEU C 364 -1.67 46.77 28.13
C LEU C 364 -2.01 45.51 27.32
N GLU C 365 -2.08 45.65 26.00
CA GLU C 365 -2.41 44.56 25.10
C GLU C 365 -1.42 43.40 25.18
N GLU C 366 -0.15 43.74 25.45
CA GLU C 366 0.90 42.75 25.56
C GLU C 366 0.83 42.04 26.91
N ALA C 367 0.43 42.78 27.94
CA ALA C 367 0.23 42.20 29.26
C ALA C 367 -0.91 41.19 29.21
N ILE C 368 -2.01 41.59 28.57
CA ILE C 368 -3.17 40.72 28.38
C ILE C 368 -2.76 39.45 27.66
N GLN C 369 -2.01 39.58 26.57
CA GLN C 369 -1.55 38.43 25.81
C GLN C 369 -0.64 37.54 26.65
N PHE C 370 0.23 38.16 27.44
CA PHE C 370 1.13 37.42 28.31
C PHE C 370 0.37 36.54 29.28
N ILE C 371 -0.67 37.10 29.89
CA ILE C 371 -1.52 36.39 30.87
C ILE C 371 -2.32 35.26 30.23
N ASN C 372 -2.94 35.54 29.09
CA ASN C 372 -3.77 34.57 28.37
C ASN C 372 -3.03 33.34 27.83
N GLN C 373 -1.72 33.47 27.62
CA GLN C 373 -0.94 32.36 27.09
C GLN C 373 -0.50 31.38 28.16
N ARG C 374 -0.77 31.74 29.41
CA ARG C 374 -0.46 30.89 30.54
C ARG C 374 -1.74 30.30 31.11
N GLU C 375 -1.60 29.34 32.01
CA GLU C 375 -2.76 28.75 32.67
C GLU C 375 -3.47 29.81 33.52
N LYS C 376 -4.78 29.64 33.66
CA LYS C 376 -5.60 30.63 34.36
C LYS C 376 -5.24 30.69 35.84
N PRO C 377 -4.96 31.91 36.35
CA PRO C 377 -4.58 32.10 37.74
C PRO C 377 -5.76 32.22 38.69
N LEU C 378 -5.55 31.88 39.95
CA LEU C 378 -6.56 32.04 40.99
C LEU C 378 -6.97 33.51 41.17
N ALA C 379 -6.00 34.41 41.09
CA ALA C 379 -6.27 35.84 41.18
C ALA C 379 -5.62 36.62 40.05
N LEU C 380 -6.21 37.76 39.72
CA LEU C 380 -5.61 38.69 38.80
C LEU C 380 -5.68 40.08 39.42
N TYR C 381 -4.54 40.77 39.42
CA TYR C 381 -4.44 42.08 40.00
C TYR C 381 -3.97 43.12 39.00
N MET C 382 -4.51 44.32 39.12
CA MET C 382 -4.13 45.43 38.26
C MET C 382 -4.23 46.72 39.04
N PHE C 383 -3.32 47.65 38.76
CA PHE C 383 -3.30 48.94 39.44
C PHE C 383 -3.34 50.05 38.38
N SER C 384 -4.36 50.88 38.45
CA SER C 384 -4.60 51.92 37.46
C SER C 384 -5.69 52.91 37.89
N SER C 385 -5.51 54.16 37.50
CA SER C 385 -6.51 55.22 37.73
C SER C 385 -7.60 55.15 36.66
N ASN C 386 -7.27 54.56 35.52
CA ASN C 386 -8.17 54.50 34.37
C ASN C 386 -9.13 53.31 34.44
N ASP C 387 -10.42 53.61 34.59
CA ASP C 387 -11.48 52.60 34.66
C ASP C 387 -11.59 51.76 33.40
N LYS C 388 -11.24 52.35 32.27
CA LYS C 388 -11.28 51.67 30.98
C LYS C 388 -10.18 50.63 30.81
N VAL C 389 -9.03 50.88 31.43
CA VAL C 389 -7.93 49.91 31.45
C VAL C 389 -8.31 48.71 32.31
N ILE C 390 -8.93 48.98 33.46
CA ILE C 390 -9.44 47.95 34.35
C ILE C 390 -10.46 47.06 33.64
N LYS C 391 -11.49 47.70 33.08
CA LYS C 391 -12.58 47.00 32.40
C LYS C 391 -12.11 46.16 31.21
N LYS C 392 -11.10 46.65 30.50
CA LYS C 392 -10.57 45.95 29.33
C LYS C 392 -9.80 44.69 29.72
N MET C 393 -8.88 44.81 30.68
CA MET C 393 -8.11 43.65 31.13
C MET C 393 -9.01 42.54 31.71
N ILE C 394 -10.05 42.94 32.44
CA ILE C 394 -11.02 41.99 32.96
C ILE C 394 -11.73 41.28 31.80
N ALA C 395 -12.26 42.06 30.87
CA ALA C 395 -13.04 41.51 29.75
C ALA C 395 -12.24 40.57 28.86
N GLU C 396 -10.92 40.74 28.84
CA GLU C 396 -10.07 40.02 27.90
C GLU C 396 -9.17 38.97 28.53
N THR C 397 -9.32 38.75 29.84
CA THR C 397 -8.60 37.70 30.53
C THR C 397 -9.59 36.77 31.21
N SER C 398 -9.07 35.73 31.84
CA SER C 398 -9.86 34.85 32.67
C SER C 398 -9.05 34.48 33.92
N SER C 399 -9.68 34.59 35.08
CA SER C 399 -9.04 34.19 36.34
C SER C 399 -10.11 33.82 37.35
N GLY C 400 -9.70 33.15 38.42
CA GLY C 400 -10.62 32.82 39.52
C GLY C 400 -11.37 34.05 39.99
N GLY C 401 -10.61 35.04 40.46
CA GLY C 401 -11.17 36.31 40.86
C GLY C 401 -10.27 37.45 40.47
N VAL C 402 -10.77 38.67 40.63
CA VAL C 402 -10.04 39.87 40.27
C VAL C 402 -10.11 40.94 41.35
N ALA C 403 -8.96 41.55 41.63
CA ALA C 403 -8.94 42.80 42.40
C ALA C 403 -8.20 43.88 41.64
N ALA C 404 -8.85 45.03 41.48
CA ALA C 404 -8.22 46.21 40.93
C ALA C 404 -7.83 47.16 42.06
N ASN C 405 -6.58 47.61 42.04
CA ASN C 405 -6.05 48.58 43.00
C ASN C 405 -5.93 48.08 44.44
N ASP C 406 -5.95 46.76 44.61
CA ASP C 406 -5.59 46.13 45.87
C ASP C 406 -5.27 44.66 45.64
N VAL C 407 -4.80 43.98 46.68
CA VAL C 407 -4.52 42.55 46.62
C VAL C 407 -5.12 41.86 47.85
N ILE C 408 -5.28 40.54 47.76
CA ILE C 408 -5.76 39.68 48.87
C ILE C 408 -7.22 39.90 49.27
N VAL C 409 -7.59 41.16 49.50
CA VAL C 409 -8.86 41.50 50.15
C VAL C 409 -10.12 40.92 49.50
N HIS C 410 -10.07 40.63 48.20
CA HIS C 410 -11.27 40.20 47.48
C HIS C 410 -11.78 38.82 47.93
N ILE C 411 -10.93 38.09 48.63
CA ILE C 411 -11.32 36.76 49.14
C ILE C 411 -11.77 36.77 50.62
N THR C 412 -11.99 37.96 51.17
CA THR C 412 -12.41 38.10 52.56
C THR C 412 -13.81 38.70 52.68
N LEU C 413 -14.51 38.83 51.54
CA LEU C 413 -15.83 39.42 51.53
C LEU C 413 -16.87 38.33 51.36
N HIS C 414 -17.84 38.29 52.27
CA HIS C 414 -18.85 37.24 52.30
CA HIS C 414 -18.85 37.23 52.29
C HIS C 414 -19.67 37.15 51.01
N SER C 415 -19.78 38.25 50.28
CA SER C 415 -20.62 38.31 49.07
C SER C 415 -19.90 37.92 47.78
N LEU C 416 -18.57 37.78 47.84
CA LEU C 416 -17.79 37.39 46.67
C LEU C 416 -17.26 35.95 46.78
N PRO C 417 -17.92 34.98 46.12
CA PRO C 417 -17.44 33.60 46.15
C PRO C 417 -15.96 33.50 45.77
N PHE C 418 -15.23 32.67 46.50
CA PHE C 418 -13.82 32.48 46.26
C PHE C 418 -13.57 31.11 45.63
N GLY C 419 -12.95 31.11 44.47
CA GLY C 419 -12.58 29.87 43.78
C GLY C 419 -11.82 30.11 42.50
N GLY C 420 -11.34 29.03 41.90
CA GLY C 420 -10.49 29.12 40.71
C GLY C 420 -11.24 28.78 39.44
N VAL C 421 -10.47 28.61 38.37
CA VAL C 421 -11.00 28.26 37.06
C VAL C 421 -9.86 27.62 36.32
N GLY C 422 -10.16 26.65 35.46
CA GLY C 422 -9.12 25.87 34.78
C GLY C 422 -8.17 25.27 35.79
N ASN C 423 -6.86 25.48 35.57
CA ASN C 423 -5.84 24.94 36.46
C ASN C 423 -5.84 25.48 37.88
N SER C 424 -6.43 26.66 38.09
CA SER C 424 -6.51 27.20 39.45
C SER C 424 -7.67 26.61 40.24
N GLY C 425 -8.48 25.77 39.58
CA GLY C 425 -9.51 25.00 40.27
C GLY C 425 -10.92 25.05 39.72
N MET C 426 -11.84 24.40 40.44
CA MET C 426 -13.25 24.39 40.07
C MET C 426 -14.12 24.47 41.32
N GLY C 427 -15.28 25.12 41.18
CA GLY C 427 -16.18 25.35 42.31
C GLY C 427 -15.68 26.51 43.17
N SER C 428 -16.42 26.83 44.22
CA SER C 428 -16.10 27.96 45.07
C SER C 428 -16.82 27.86 46.40
N TYR C 429 -16.35 28.61 47.38
CA TYR C 429 -17.01 28.69 48.68
C TYR C 429 -16.81 30.08 49.28
N HIS C 430 -17.20 30.23 50.56
CA HIS C 430 -17.28 31.50 51.32
C HIS C 430 -18.73 31.96 51.32
N GLY C 431 -19.22 32.37 52.49
CA GLY C 431 -20.56 32.94 52.63
C GLY C 431 -21.63 32.00 52.13
N LYS C 432 -22.64 32.53 51.45
CA LYS C 432 -23.78 31.75 50.97
C LYS C 432 -23.32 30.64 50.03
N LYS C 433 -22.24 30.91 49.29
CA LYS C 433 -21.71 29.92 48.36
C LYS C 433 -21.28 28.62 49.05
N SER C 434 -20.69 28.71 50.24
CA SER C 434 -20.33 27.52 51.03
C SER C 434 -21.58 26.68 51.31
N PHE C 435 -22.65 27.35 51.72
CA PHE C 435 -23.90 26.66 51.99
C PHE C 435 -24.37 25.95 50.74
N GLU C 436 -24.38 26.66 49.62
CA GLU C 436 -24.80 26.08 48.35
C GLU C 436 -23.90 24.91 47.89
N THR C 437 -22.58 25.10 48.00
CA THR C 437 -21.61 24.11 47.55
C THR C 437 -21.79 22.80 48.32
N PHE C 438 -22.05 22.88 49.61
CA PHE C 438 -22.17 21.70 50.44
C PHE C 438 -23.62 21.23 50.61
N SER C 439 -24.51 21.71 49.74
CA SER C 439 -25.89 21.24 49.70
C SER C 439 -26.22 20.65 48.34
N HIS C 440 -27.33 19.91 48.28
CA HIS C 440 -27.95 19.67 47.00
C HIS C 440 -29.15 20.60 46.91
N ARG C 441 -29.23 21.36 45.83
CA ARG C 441 -30.37 22.23 45.56
C ARG C 441 -31.38 21.47 44.69
N ARG C 442 -32.45 21.03 45.33
CA ARG C 442 -33.40 20.09 44.74
C ARG C 442 -34.64 20.83 44.23
N SER C 443 -34.94 20.68 42.94
CA SER C 443 -36.08 21.35 42.31
C SER C 443 -37.36 20.62 42.63
N CYS C 444 -38.33 21.35 43.20
CA CYS C 444 -39.60 20.75 43.59
C CYS C 444 -40.80 21.37 42.88
N LEU C 445 -41.64 20.49 42.33
CA LEU C 445 -42.94 20.87 41.78
C LEU C 445 -44.05 20.15 42.53
N VAL C 446 -44.92 20.92 43.17
CA VAL C 446 -46.09 20.37 43.86
C VAL C 446 -47.37 20.86 43.19
N ARG C 447 -48.12 19.92 42.60
CA ARG C 447 -49.43 20.22 42.00
C ARG C 447 -50.57 19.76 42.90
N PRO C 448 -51.75 20.39 42.75
CA PRO C 448 -52.95 19.82 43.36
C PRO C 448 -53.35 18.55 42.60
N LEU C 449 -53.78 17.53 43.32
CA LEU C 449 -54.25 16.30 42.71
C LEU C 449 -55.74 16.39 42.36
N MET C 450 -56.03 17.16 41.32
CA MET C 450 -57.40 17.34 40.85
C MET C 450 -57.43 17.21 39.33
N ASN C 451 -58.60 16.88 38.80
CA ASN C 451 -58.82 16.84 37.36
C ASN C 451 -58.60 18.21 36.75
N ASP C 452 -57.49 18.36 36.01
CA ASP C 452 -57.22 19.59 35.28
C ASP C 452 -57.52 19.38 33.81
N GLU C 453 -58.41 20.21 33.29
CA GLU C 453 -58.84 20.14 31.89
C GLU C 453 -57.75 20.60 30.94
N GLY C 454 -56.86 21.48 31.41
CA GLY C 454 -55.78 22.03 30.60
C GLY C 454 -54.62 21.09 30.31
N LEU C 455 -54.49 20.03 31.12
CA LEU C 455 -53.42 19.06 30.97
C LEU C 455 -53.79 17.86 30.09
N LYS C 456 -55.03 17.82 29.63
CA LYS C 456 -55.52 16.71 28.80
C LYS C 456 -54.89 16.66 27.41
N VAL C 457 -54.34 17.79 26.97
CA VAL C 457 -53.69 17.93 25.66
C VAL C 457 -52.55 16.91 25.48
N ARG C 458 -51.66 16.86 26.46
CA ARG C 458 -50.44 16.04 26.38
C ARG C 458 -50.70 14.54 26.25
N TYR C 459 -51.91 14.10 26.60
CA TYR C 459 -52.25 12.69 26.56
C TYR C 459 -52.56 12.19 25.15
N PRO C 460 -52.00 11.03 24.78
CA PRO C 460 -52.41 10.33 23.56
C PRO C 460 -53.86 9.84 23.69
N PRO C 461 -54.52 9.54 22.57
CA PRO C 461 -54.01 9.63 21.19
C PRO C 461 -53.86 11.09 20.76
N SER C 462 -52.96 11.32 19.82
CA SER C 462 -52.74 12.65 19.26
C SER C 462 -53.73 12.91 18.12
N PRO C 463 -54.14 14.18 17.93
CA PRO C 463 -55.09 14.58 16.88
C PRO C 463 -54.72 14.04 15.50
N ALA C 464 -55.73 13.77 14.66
CA ALA C 464 -55.52 13.16 13.35
C ALA C 464 -54.84 14.11 12.36
N SER D 18 29.91 -37.68 -68.36
CA SER D 18 29.40 -36.69 -67.35
C SER D 18 28.82 -35.45 -68.01
N LYS D 19 27.63 -35.60 -68.61
CA LYS D 19 26.85 -34.47 -69.08
C LYS D 19 26.03 -33.91 -67.92
N ILE D 20 26.14 -34.56 -66.76
CA ILE D 20 25.54 -34.09 -65.53
C ILE D 20 26.33 -32.87 -65.05
N SER D 21 27.66 -32.97 -65.06
CA SER D 21 28.54 -31.85 -64.73
C SER D 21 28.28 -30.60 -65.57
N GLU D 22 28.07 -30.78 -66.87
CA GLU D 22 27.86 -29.66 -67.81
C GLU D 22 26.57 -28.90 -67.54
N ALA D 23 25.49 -29.64 -67.32
CA ALA D 23 24.19 -29.05 -67.06
C ALA D 23 24.20 -28.17 -65.80
N VAL D 24 24.86 -28.67 -64.76
CA VAL D 24 24.99 -27.93 -63.49
C VAL D 24 25.85 -26.68 -63.66
N LYS D 25 27.00 -26.84 -64.32
CA LYS D 25 27.92 -25.72 -64.59
C LYS D 25 27.25 -24.62 -65.41
N ARG D 26 26.51 -25.05 -66.43
CA ARG D 26 25.73 -24.17 -67.32
C ARG D 26 24.66 -23.42 -66.54
N ALA D 27 24.06 -24.11 -65.57
CA ALA D 27 23.03 -23.54 -64.72
C ALA D 27 23.61 -22.50 -63.74
N ARG D 28 24.77 -22.82 -63.16
CA ARG D 28 25.48 -21.92 -62.27
C ARG D 28 25.89 -20.64 -62.99
N ALA D 29 26.49 -20.79 -64.16
CA ALA D 29 26.97 -19.66 -64.95
C ALA D 29 25.81 -18.76 -65.33
N ALA D 30 24.68 -19.37 -65.71
CA ALA D 30 23.49 -18.61 -66.09
C ALA D 30 22.93 -17.82 -64.90
N PHE D 31 22.98 -18.42 -63.71
CA PHE D 31 22.57 -17.73 -62.49
C PHE D 31 23.53 -16.59 -62.14
N SER D 32 24.83 -16.81 -62.34
CA SER D 32 25.86 -15.81 -62.03
C SER D 32 25.75 -14.54 -62.87
N SER D 33 25.24 -14.68 -64.10
CA SER D 33 25.07 -13.55 -65.01
C SER D 33 24.01 -12.55 -64.51
N GLY D 34 23.22 -12.96 -63.52
CA GLY D 34 22.22 -12.09 -62.91
C GLY D 34 20.90 -12.07 -63.66
N ARG D 35 20.76 -12.98 -64.61
CA ARG D 35 19.58 -13.06 -65.47
C ARG D 35 18.26 -13.25 -64.71
N THR D 36 18.30 -14.03 -63.63
CA THR D 36 17.10 -14.36 -62.87
C THR D 36 16.65 -13.31 -61.87
N ARG D 37 17.50 -12.30 -61.63
CA ARG D 37 17.25 -11.32 -60.58
CA ARG D 37 17.25 -11.30 -60.58
C ARG D 37 15.99 -10.45 -60.79
N PRO D 38 15.80 -9.89 -62.00
CA PRO D 38 14.58 -9.08 -62.14
C PRO D 38 13.30 -9.92 -62.08
N LEU D 39 12.30 -9.39 -61.38
CA LEU D 39 11.03 -10.09 -61.21
C LEU D 39 10.36 -10.42 -62.54
N GLN D 40 10.49 -9.52 -63.51
CA GLN D 40 9.91 -9.71 -64.84
C GLN D 40 10.33 -11.03 -65.49
N PHE D 41 11.63 -11.34 -65.35
CA PHE D 41 12.17 -12.57 -65.90
C PHE D 41 11.53 -13.79 -65.25
N ARG D 42 11.37 -13.74 -63.93
CA ARG D 42 10.81 -14.86 -63.18
C ARG D 42 9.36 -15.09 -63.57
N ILE D 43 8.60 -14.00 -63.63
CA ILE D 43 7.19 -14.05 -64.01
C ILE D 43 7.05 -14.66 -65.41
N GLN D 44 7.95 -14.28 -66.29
CA GLN D 44 8.01 -14.81 -67.64
C GLN D 44 8.15 -16.32 -67.69
N GLN D 45 9.10 -16.84 -66.92
CA GLN D 45 9.31 -18.28 -66.85
C GLN D 45 8.07 -18.98 -66.31
N LEU D 46 7.45 -18.35 -65.32
CA LEU D 46 6.22 -18.88 -64.73
C LEU D 46 5.05 -18.86 -65.71
N GLU D 47 4.96 -17.80 -66.50
CA GLU D 47 3.94 -17.70 -67.54
C GLU D 47 4.20 -18.72 -68.64
N ALA D 48 5.47 -19.05 -68.87
CA ALA D 48 5.85 -20.11 -69.80
C ALA D 48 5.41 -21.49 -69.32
N LEU D 49 5.52 -21.73 -68.01
CA LEU D 49 5.03 -22.97 -67.40
C LEU D 49 3.53 -23.11 -67.54
N GLN D 50 2.83 -21.99 -67.38
CA GLN D 50 1.39 -21.92 -67.54
C GLN D 50 0.99 -22.35 -68.96
N ARG D 51 1.74 -21.86 -69.96
CA ARG D 51 1.55 -22.21 -71.37
C ARG D 51 1.78 -23.70 -71.59
N LEU D 52 2.87 -24.20 -71.01
CA LEU D 52 3.19 -25.62 -71.07
C LEU D 52 1.99 -26.46 -70.63
N ILE D 53 1.48 -26.17 -69.44
CA ILE D 53 0.36 -26.90 -68.87
C ILE D 53 -0.89 -26.86 -69.78
N GLN D 54 -1.12 -25.74 -70.45
CA GLN D 54 -2.26 -25.61 -71.36
C GLN D 54 -2.06 -26.30 -72.71
N GLU D 55 -0.89 -26.07 -73.31
CA GLU D 55 -0.57 -26.62 -74.63
C GLU D 55 -0.26 -28.13 -74.61
N GLN D 56 0.11 -28.66 -73.45
CA GLN D 56 0.49 -30.06 -73.31
C GLN D 56 -0.46 -30.87 -72.44
N GLU D 57 -1.66 -30.34 -72.21
CA GLU D 57 -2.63 -30.99 -71.33
C GLU D 57 -2.84 -32.47 -71.66
N GLN D 58 -3.12 -32.75 -72.94
CA GLN D 58 -3.40 -34.13 -73.35
CA GLN D 58 -3.40 -34.13 -73.39
C GLN D 58 -2.20 -35.06 -73.26
N GLU D 59 -1.00 -34.52 -73.50
CA GLU D 59 0.22 -35.31 -73.41
C GLU D 59 0.52 -35.68 -71.97
N LEU D 60 0.24 -34.75 -71.06
CA LEU D 60 0.37 -34.95 -69.62
C LEU D 60 -0.59 -36.02 -69.12
N VAL D 61 -1.83 -35.95 -69.60
CA VAL D 61 -2.82 -36.97 -69.29
C VAL D 61 -2.36 -38.34 -69.76
N GLY D 62 -1.89 -38.40 -71.01
CA GLY D 62 -1.36 -39.63 -71.60
C GLY D 62 -0.30 -40.26 -70.72
N ALA D 63 0.64 -39.43 -70.25
CA ALA D 63 1.75 -39.89 -69.41
C ALA D 63 1.27 -40.44 -68.06
N LEU D 64 0.29 -39.75 -67.45
CA LEU D 64 -0.26 -40.17 -66.18
C LEU D 64 -1.12 -41.41 -66.29
N ALA D 65 -1.77 -41.57 -67.45
CA ALA D 65 -2.57 -42.76 -67.72
C ALA D 65 -1.68 -43.99 -67.88
N ALA D 66 -0.55 -43.81 -68.56
CA ALA D 66 0.38 -44.89 -68.83
C ALA D 66 1.09 -45.34 -67.56
N ASP D 67 1.38 -44.39 -66.68
CA ASP D 67 2.14 -44.67 -65.47
C ASP D 67 1.28 -45.16 -64.31
N LEU D 68 0.13 -44.53 -64.13
CA LEU D 68 -0.66 -44.74 -62.92
C LEU D 68 -2.14 -45.02 -63.15
N HIS D 69 -2.53 -45.18 -64.42
CA HIS D 69 -3.93 -45.41 -64.81
C HIS D 69 -4.86 -44.29 -64.31
N LYS D 70 -4.37 -43.06 -64.42
CA LYS D 70 -5.23 -41.90 -64.19
C LYS D 70 -6.00 -41.63 -65.48
N ASN D 71 -7.23 -41.15 -65.34
CA ASN D 71 -7.98 -40.69 -66.50
C ASN D 71 -7.82 -39.19 -66.65
N GLU D 72 -8.48 -38.60 -67.63
CA GLU D 72 -8.31 -37.19 -67.93
C GLU D 72 -8.83 -36.24 -66.85
N TRP D 73 -9.88 -36.66 -66.15
CA TRP D 73 -10.48 -35.84 -65.10
C TRP D 73 -9.60 -35.74 -63.85
N ASN D 74 -9.21 -36.88 -63.29
CA ASN D 74 -8.40 -36.85 -62.07
C ASN D 74 -6.94 -36.48 -62.33
N ALA D 75 -6.47 -36.66 -63.56
CA ALA D 75 -5.14 -36.20 -63.92
C ALA D 75 -5.06 -34.69 -63.73
N TYR D 76 -6.16 -34.00 -64.03
CA TYR D 76 -6.22 -32.57 -63.88
C TYR D 76 -6.59 -32.15 -62.47
N TYR D 77 -7.71 -32.67 -61.96
CA TYR D 77 -8.26 -32.21 -60.68
C TYR D 77 -7.61 -32.82 -59.44
N GLU D 78 -6.76 -33.82 -59.63
CA GLU D 78 -6.04 -34.41 -58.52
C GLU D 78 -4.54 -34.15 -58.59
N GLU D 79 -4.09 -33.47 -59.66
CA GLU D 79 -2.67 -33.19 -59.81
C GLU D 79 -2.37 -31.84 -60.46
N VAL D 80 -2.64 -31.75 -61.77
CA VAL D 80 -2.22 -30.60 -62.58
C VAL D 80 -2.79 -29.25 -62.12
N VAL D 81 -4.05 -29.22 -61.72
CA VAL D 81 -4.72 -27.97 -61.34
C VAL D 81 -4.01 -27.24 -60.19
N TYR D 82 -3.35 -28.01 -59.32
CA TYR D 82 -2.69 -27.42 -58.15
C TYR D 82 -1.39 -26.71 -58.49
N VAL D 83 -0.74 -27.14 -59.57
CA VAL D 83 0.41 -26.44 -60.09
C VAL D 83 -0.04 -25.10 -60.66
N LEU D 84 -1.14 -25.10 -61.41
CA LEU D 84 -1.68 -23.89 -62.02
C LEU D 84 -2.05 -22.83 -60.99
N GLU D 85 -2.82 -23.23 -59.98
CA GLU D 85 -3.20 -22.35 -58.87
C GLU D 85 -1.98 -21.77 -58.18
N GLU D 86 -0.96 -22.59 -57.99
CA GLU D 86 0.31 -22.16 -57.38
C GLU D 86 1.00 -21.12 -58.26
N ILE D 87 1.07 -21.39 -59.56
CA ILE D 87 1.66 -20.44 -60.51
C ILE D 87 0.91 -19.11 -60.49
N GLU D 88 -0.42 -19.18 -60.53
CA GLU D 88 -1.26 -17.99 -60.59
C GLU D 88 -1.09 -17.17 -59.33
N TYR D 89 -1.05 -17.85 -58.19
CA TYR D 89 -0.86 -17.22 -56.90
C TYR D 89 0.51 -16.53 -56.78
N MET D 90 1.56 -17.23 -57.22
CA MET D 90 2.94 -16.72 -57.10
C MET D 90 3.20 -15.52 -57.99
N ILE D 91 2.75 -15.61 -59.24
CA ILE D 91 2.87 -14.49 -60.17
C ILE D 91 2.29 -13.24 -59.52
N GLN D 92 1.14 -13.44 -58.87
CA GLN D 92 0.35 -12.36 -58.31
C GLN D 92 0.97 -11.75 -57.06
N LYS D 93 1.58 -12.60 -56.23
CA LYS D 93 2.11 -12.19 -54.94
C LYS D 93 3.61 -11.90 -54.94
N LEU D 94 4.28 -12.22 -56.05
CA LEU D 94 5.74 -12.06 -56.14
C LEU D 94 6.29 -10.67 -55.77
N PRO D 95 5.76 -9.58 -56.37
CA PRO D 95 6.36 -8.26 -56.05
C PRO D 95 6.32 -7.95 -54.56
N GLU D 96 5.24 -8.40 -53.92
CA GLU D 96 5.01 -8.18 -52.51
C GLU D 96 5.95 -9.03 -51.65
N TRP D 97 6.17 -10.28 -52.06
CA TRP D 97 7.04 -11.18 -51.35
C TRP D 97 8.52 -10.80 -51.49
N ALA D 98 8.89 -10.34 -52.68
CA ALA D 98 10.27 -10.02 -52.98
C ALA D 98 10.72 -8.69 -52.37
N ALA D 99 9.75 -7.82 -52.12
CA ALA D 99 10.02 -6.49 -51.55
C ALA D 99 10.72 -6.62 -50.21
N ASP D 100 11.63 -5.69 -49.94
CA ASP D 100 12.29 -5.61 -48.64
C ASP D 100 11.24 -5.48 -47.55
N GLU D 101 11.42 -6.22 -46.46
CA GLU D 101 10.44 -6.27 -45.39
C GLU D 101 10.92 -5.49 -44.17
N PRO D 102 10.29 -4.32 -43.91
CA PRO D 102 10.67 -3.51 -42.77
C PRO D 102 10.27 -4.21 -41.47
N VAL D 103 11.13 -4.13 -40.46
CA VAL D 103 10.88 -4.78 -39.17
C VAL D 103 10.83 -3.78 -38.02
N GLU D 104 10.37 -4.27 -36.86
CA GLU D 104 10.22 -3.48 -35.64
C GLU D 104 11.54 -2.83 -35.20
N LYS D 105 11.48 -1.53 -34.92
CA LYS D 105 12.64 -0.80 -34.45
C LYS D 105 12.71 -0.80 -32.93
N THR D 106 13.79 -0.25 -32.39
CA THR D 106 13.94 -0.04 -30.96
C THR D 106 14.17 1.45 -30.70
N PRO D 107 14.02 1.89 -29.45
CA PRO D 107 14.27 3.28 -29.06
C PRO D 107 15.63 3.82 -29.50
N GLN D 108 16.59 2.92 -29.75
CA GLN D 108 17.95 3.30 -30.12
C GLN D 108 18.21 3.23 -31.63
N THR D 109 17.31 2.59 -32.36
CA THR D 109 17.47 2.41 -33.81
C THR D 109 16.42 3.20 -34.58
N GLN D 110 15.95 4.27 -33.97
CA GLN D 110 14.97 5.16 -34.56
C GLN D 110 15.35 5.77 -35.89
N GLN D 111 16.58 6.23 -35.97
CA GLN D 111 17.08 6.89 -37.17
C GLN D 111 17.47 5.88 -38.23
N ASP D 112 17.50 4.60 -37.84
CA ASP D 112 18.02 3.55 -38.69
C ASP D 112 16.95 2.90 -39.58
N GLU D 113 17.43 2.24 -40.64
CA GLU D 113 16.59 1.39 -41.46
C GLU D 113 16.83 -0.05 -41.03
N LEU D 114 15.74 -0.75 -40.67
CA LEU D 114 15.84 -2.16 -40.33
C LEU D 114 14.89 -2.99 -41.19
N TYR D 115 15.45 -3.87 -42.00
CA TYR D 115 14.65 -4.65 -42.91
C TYR D 115 15.24 -6.02 -43.23
N ILE D 116 14.38 -6.88 -43.75
CA ILE D 116 14.82 -8.17 -44.20
C ILE D 116 14.80 -8.20 -45.71
N HIS D 117 15.92 -8.63 -46.28
CA HIS D 117 16.12 -8.64 -47.73
C HIS D 117 16.10 -10.08 -48.24
N SER D 118 15.25 -10.33 -49.23
CA SER D 118 15.12 -11.65 -49.82
C SER D 118 15.94 -11.76 -51.10
N GLU D 119 16.71 -12.84 -51.18
CA GLU D 119 17.58 -13.09 -52.32
C GLU D 119 17.64 -14.59 -52.64
N PRO D 120 17.86 -14.94 -53.93
CA PRO D 120 17.99 -16.34 -54.32
C PRO D 120 19.15 -17.04 -53.63
N LEU D 121 19.06 -18.35 -53.50
CA LEU D 121 20.13 -19.15 -52.92
C LEU D 121 21.18 -19.45 -53.98
N GLY D 122 20.73 -19.72 -55.20
CA GLY D 122 21.62 -19.96 -56.34
C GLY D 122 21.10 -21.06 -57.25
N VAL D 123 21.76 -22.21 -57.23
CA VAL D 123 21.32 -23.36 -58.00
C VAL D 123 20.62 -24.35 -57.07
N VAL D 124 19.36 -24.62 -57.37
CA VAL D 124 18.52 -25.47 -56.55
C VAL D 124 18.30 -26.83 -57.22
N LEU D 125 18.33 -27.89 -56.43
CA LEU D 125 18.03 -29.23 -56.92
C LEU D 125 16.69 -29.72 -56.42
N VAL D 126 15.81 -30.09 -57.35
CA VAL D 126 14.55 -30.71 -57.01
C VAL D 126 14.55 -32.17 -57.48
N ILE D 127 14.47 -33.09 -56.53
CA ILE D 127 14.37 -34.50 -56.86
C ILE D 127 12.91 -34.93 -56.66
N GLY D 128 12.27 -35.30 -57.76
CA GLY D 128 10.87 -35.67 -57.74
C GLY D 128 10.63 -37.12 -57.38
N THR D 129 9.37 -37.45 -57.09
CA THR D 129 8.98 -38.82 -56.83
C THR D 129 7.91 -39.25 -57.83
N TRP D 130 7.44 -40.47 -57.71
CA TRP D 130 6.67 -41.08 -58.80
C TRP D 130 5.15 -41.05 -58.68
N ASN D 131 4.62 -40.88 -57.46
CA ASN D 131 3.18 -41.06 -57.25
C ASN D 131 2.37 -39.88 -57.79
N TYR D 132 2.96 -38.71 -57.73
CA TYR D 132 2.40 -37.54 -58.43
C TYR D 132 3.54 -36.90 -59.21
N PRO D 133 3.96 -37.55 -60.30
CA PRO D 133 5.23 -37.25 -60.96
C PRO D 133 5.29 -35.87 -61.62
N PHE D 134 4.14 -35.26 -61.87
CA PHE D 134 4.12 -33.90 -62.37
C PHE D 134 4.15 -32.92 -61.21
N ASN D 135 3.14 -33.02 -60.35
CA ASN D 135 3.00 -32.08 -59.22
C ASN D 135 4.22 -32.07 -58.30
N LEU D 136 4.71 -33.24 -57.93
CA LEU D 136 5.81 -33.32 -56.97
C LEU D 136 7.18 -33.10 -57.61
N THR D 137 7.16 -32.70 -58.87
CA THR D 137 8.39 -32.27 -59.54
C THR D 137 8.27 -30.78 -59.84
N ILE D 138 7.11 -30.36 -60.34
CA ILE D 138 6.92 -29.00 -60.84
C ILE D 138 6.49 -28.00 -59.77
N GLN D 139 5.63 -28.40 -58.83
CA GLN D 139 5.24 -27.46 -57.77
C GLN D 139 6.41 -26.88 -56.96
N PRO D 140 7.36 -27.74 -56.51
CA PRO D 140 8.55 -27.18 -55.86
C PRO D 140 9.33 -26.28 -56.79
N MET D 141 9.34 -26.60 -58.09
CA MET D 141 10.10 -25.82 -59.07
C MET D 141 9.55 -24.42 -59.22
N VAL D 142 8.22 -24.31 -59.22
CA VAL D 142 7.55 -23.02 -59.29
C VAL D 142 8.09 -22.09 -58.20
N GLY D 143 8.16 -22.61 -56.97
CA GLY D 143 8.70 -21.83 -55.86
C GLY D 143 10.13 -21.41 -56.10
N ALA D 144 10.96 -22.34 -56.56
CA ALA D 144 12.39 -22.07 -56.74
C ALA D 144 12.64 -21.09 -57.86
N ILE D 145 11.78 -21.13 -58.88
CA ILE D 145 11.82 -20.16 -59.97
C ILE D 145 11.40 -18.79 -59.44
N ALA D 146 10.29 -18.75 -58.71
CA ALA D 146 9.76 -17.51 -58.16
C ALA D 146 10.80 -16.81 -57.28
N ALA D 147 11.60 -17.60 -56.57
CA ALA D 147 12.63 -17.08 -55.68
C ALA D 147 13.89 -16.63 -56.41
N GLY D 148 13.94 -16.86 -57.72
CA GLY D 148 15.04 -16.37 -58.57
C GLY D 148 16.24 -17.31 -58.69
N ASN D 149 16.02 -18.59 -58.47
CA ASN D 149 17.09 -19.58 -58.58
C ASN D 149 17.16 -20.21 -59.97
N ALA D 150 18.33 -20.75 -60.28
CA ALA D 150 18.41 -21.78 -61.30
C ALA D 150 17.88 -23.06 -60.64
N VAL D 151 17.19 -23.90 -61.41
CA VAL D 151 16.58 -25.11 -60.85
C VAL D 151 16.89 -26.33 -61.70
N VAL D 152 17.64 -27.25 -61.12
CA VAL D 152 17.96 -28.51 -61.76
C VAL D 152 16.90 -29.55 -61.34
N LEU D 153 16.38 -30.27 -62.31
CA LEU D 153 15.32 -31.26 -62.07
C LEU D 153 15.79 -32.68 -62.26
N LYS D 154 15.41 -33.53 -61.32
CA LYS D 154 15.64 -34.97 -61.41
C LYS D 154 14.34 -35.74 -61.14
N PRO D 155 13.57 -36.02 -62.20
CA PRO D 155 12.33 -36.79 -62.06
C PRO D 155 12.61 -38.25 -61.68
N SER D 156 11.61 -38.90 -61.09
CA SER D 156 11.71 -40.31 -60.75
C SER D 156 11.59 -41.18 -62.00
N GLU D 157 12.44 -42.19 -62.09
CA GLU D 157 12.44 -43.13 -63.21
C GLU D 157 11.24 -44.08 -63.20
N LEU D 158 10.66 -44.29 -62.03
CA LEU D 158 9.49 -45.17 -61.90
C LEU D 158 8.27 -44.64 -62.67
N SER D 159 8.13 -43.31 -62.70
CA SER D 159 7.15 -42.63 -63.56
C SER D 159 7.77 -42.43 -64.94
N GLU D 160 8.20 -43.53 -65.54
CA GLU D 160 8.99 -43.55 -66.76
C GLU D 160 8.46 -42.65 -67.89
N ASN D 161 7.14 -42.64 -68.07
CA ASN D 161 6.52 -41.83 -69.11
C ASN D 161 6.55 -40.33 -68.82
N MET D 162 6.31 -39.96 -67.56
CA MET D 162 6.35 -38.56 -67.15
C MET D 162 7.79 -38.05 -67.12
N ALA D 163 8.72 -38.91 -66.70
CA ALA D 163 10.14 -38.56 -66.64
C ALA D 163 10.67 -38.20 -68.01
N SER D 164 10.30 -39.02 -69.00
CA SER D 164 10.72 -38.84 -70.38
C SER D 164 10.04 -37.65 -71.05
N LEU D 165 8.77 -37.41 -70.70
CA LEU D 165 8.02 -36.29 -71.25
C LEU D 165 8.56 -34.94 -70.77
N LEU D 166 8.78 -34.81 -69.46
CA LEU D 166 9.30 -33.56 -68.88
C LEU D 166 10.65 -33.19 -69.47
N ALA D 167 11.49 -34.18 -69.71
CA ALA D 167 12.80 -33.96 -70.33
C ALA D 167 12.67 -33.36 -71.73
N THR D 168 11.55 -33.66 -72.40
CA THR D 168 11.27 -33.12 -73.73
C THR D 168 10.65 -31.71 -73.65
N ILE D 169 9.58 -31.56 -72.88
CA ILE D 169 8.79 -30.32 -72.91
C ILE D 169 9.32 -29.16 -72.06
N ILE D 170 9.96 -29.45 -70.94
CA ILE D 170 10.50 -28.38 -70.08
C ILE D 170 11.43 -27.45 -70.85
N PRO D 171 12.42 -28.00 -71.61
CA PRO D 171 13.32 -27.11 -72.36
C PRO D 171 12.64 -26.37 -73.52
N GLN D 172 11.48 -26.85 -73.96
CA GLN D 172 10.74 -26.19 -75.05
C GLN D 172 10.11 -24.89 -74.59
N TYR D 173 9.88 -24.77 -73.28
CA TYR D 173 9.15 -23.64 -72.75
C TYR D 173 10.00 -22.75 -71.85
N LEU D 174 10.86 -23.36 -71.05
CA LEU D 174 11.69 -22.63 -70.09
C LEU D 174 13.13 -22.48 -70.56
N ASP D 175 13.82 -21.48 -70.00
CA ASP D 175 15.22 -21.24 -70.26
C ASP D 175 16.02 -22.54 -70.17
N LYS D 176 16.81 -22.83 -71.20
CA LYS D 176 17.56 -24.08 -71.31
C LYS D 176 18.69 -24.26 -70.33
N ASP D 177 19.38 -23.17 -70.04
CA ASP D 177 20.57 -23.18 -69.18
C ASP D 177 20.20 -23.23 -67.70
N LEU D 178 19.15 -22.49 -67.35
CA LEU D 178 18.72 -22.30 -65.97
C LEU D 178 17.94 -23.48 -65.40
N TYR D 179 17.20 -24.19 -66.25
CA TYR D 179 16.28 -25.22 -65.78
C TYR D 179 16.45 -26.58 -66.46
N PRO D 180 17.63 -27.21 -66.28
CA PRO D 180 17.89 -28.45 -66.97
C PRO D 180 17.19 -29.65 -66.32
N VAL D 181 16.83 -30.63 -67.14
CA VAL D 181 16.25 -31.88 -66.64
C VAL D 181 17.31 -32.97 -66.73
N ILE D 182 17.48 -33.72 -65.66
CA ILE D 182 18.45 -34.82 -65.60
C ILE D 182 17.73 -36.16 -65.61
N ASN D 183 18.06 -36.99 -66.59
CA ASN D 183 17.48 -38.33 -66.72
C ASN D 183 18.26 -39.36 -65.93
N GLY D 184 17.60 -40.44 -65.54
CA GLY D 184 18.27 -41.58 -64.93
C GLY D 184 17.64 -42.06 -63.66
N GLY D 185 18.38 -42.91 -62.94
CA GLY D 185 17.92 -43.49 -61.69
C GLY D 185 18.93 -43.31 -60.59
N VAL D 186 18.97 -44.29 -59.68
CA VAL D 186 19.85 -44.23 -58.51
C VAL D 186 21.31 -43.88 -58.85
N PRO D 187 21.91 -44.55 -59.86
CA PRO D 187 23.29 -44.22 -60.20
C PRO D 187 23.48 -42.78 -60.65
N GLU D 188 22.55 -42.28 -61.47
CA GLU D 188 22.58 -40.90 -61.97
C GLU D 188 22.34 -39.91 -60.83
N THR D 189 21.31 -40.20 -60.03
CA THR D 189 20.99 -39.41 -58.83
C THR D 189 22.19 -39.30 -57.90
N THR D 190 22.83 -40.43 -57.61
CA THR D 190 24.02 -40.48 -56.76
C THR D 190 25.11 -39.56 -57.26
N GLU D 191 25.27 -39.51 -58.59
CA GLU D 191 26.31 -38.69 -59.17
C GLU D 191 25.97 -37.22 -59.14
N LEU D 192 24.69 -36.92 -59.33
CA LEU D 192 24.18 -35.56 -59.27
C LEU D 192 24.45 -34.95 -57.88
N LEU D 193 24.41 -35.79 -56.85
CA LEU D 193 24.58 -35.34 -55.48
C LEU D 193 26.02 -35.04 -55.09
N LYS D 194 26.95 -35.28 -56.00
CA LYS D 194 28.35 -34.88 -55.82
C LYS D 194 28.56 -33.43 -56.24
N GLU D 195 27.67 -32.93 -57.09
CA GLU D 195 27.69 -31.54 -57.54
C GLU D 195 27.30 -30.60 -56.40
N ARG D 196 27.77 -29.35 -56.46
CA ARG D 196 27.48 -28.37 -55.42
C ARG D 196 26.18 -27.62 -55.71
N PHE D 197 25.21 -27.80 -54.82
CA PHE D 197 23.95 -27.09 -54.92
C PHE D 197 23.78 -26.13 -53.74
N ASP D 198 22.87 -25.17 -53.90
CA ASP D 198 22.61 -24.20 -52.84
C ASP D 198 21.42 -24.58 -51.98
N HIS D 199 20.51 -25.35 -52.56
CA HIS D 199 19.44 -25.96 -51.81
C HIS D 199 19.05 -27.27 -52.48
N ILE D 200 18.65 -28.26 -51.69
CA ILE D 200 18.10 -29.50 -52.23
C ILE D 200 16.74 -29.79 -51.63
N LEU D 201 15.74 -29.97 -52.49
CA LEU D 201 14.45 -30.45 -52.04
C LEU D 201 14.28 -31.86 -52.57
N TYR D 202 13.93 -32.78 -51.67
CA TYR D 202 13.70 -34.16 -52.04
C TYR D 202 12.38 -34.65 -51.47
N THR D 203 11.59 -35.30 -52.32
CA THR D 203 10.41 -36.01 -51.88
C THR D 203 10.62 -37.49 -52.14
N GLY D 204 10.38 -38.30 -51.11
CA GLY D 204 10.53 -39.74 -51.21
C GLY D 204 10.49 -40.43 -49.87
N SER D 205 11.41 -41.37 -49.68
CA SER D 205 11.38 -42.24 -48.51
C SER D 205 12.35 -41.78 -47.42
N THR D 206 12.02 -42.11 -46.18
CA THR D 206 12.84 -41.80 -45.02
C THR D 206 14.29 -42.22 -45.21
N GLY D 207 14.50 -43.46 -45.67
CA GLY D 207 15.84 -44.02 -45.86
C GLY D 207 16.72 -43.25 -46.84
N VAL D 208 16.15 -42.85 -47.97
CA VAL D 208 16.89 -42.05 -48.97
C VAL D 208 17.13 -40.61 -48.47
N GLY D 209 16.20 -40.07 -47.69
CA GLY D 209 16.37 -38.77 -47.05
C GLY D 209 17.72 -38.65 -46.35
N LYS D 210 18.12 -39.71 -45.65
CA LYS D 210 19.39 -39.72 -44.93
C LYS D 210 20.57 -39.63 -45.90
N ILE D 211 20.45 -40.31 -47.05
CA ILE D 211 21.45 -40.26 -48.10
C ILE D 211 21.54 -38.85 -48.69
N ILE D 212 20.41 -38.26 -49.06
CA ILE D 212 20.37 -36.89 -49.55
C ILE D 212 21.08 -35.96 -48.57
N MET D 213 20.73 -36.09 -47.29
CA MET D 213 21.27 -35.22 -46.25
C MET D 213 22.76 -35.43 -46.04
N THR D 214 23.21 -36.69 -46.12
CA THR D 214 24.63 -37.00 -46.01
C THR D 214 25.40 -36.36 -47.16
N ALA D 215 24.84 -36.43 -48.37
CA ALA D 215 25.46 -35.81 -49.54
C ALA D 215 25.48 -34.29 -49.40
N ALA D 216 24.39 -33.73 -48.87
CA ALA D 216 24.26 -32.29 -48.70
C ALA D 216 25.30 -31.72 -47.72
N ALA D 217 25.61 -32.49 -46.68
CA ALA D 217 26.55 -32.08 -45.64
C ALA D 217 27.91 -31.70 -46.20
N LYS D 218 28.32 -32.37 -47.27
CA LYS D 218 29.65 -32.18 -47.86
C LYS D 218 29.87 -30.80 -48.48
N HIS D 219 28.77 -30.14 -48.85
CA HIS D 219 28.83 -28.77 -49.36
C HIS D 219 28.09 -27.80 -48.44
N LEU D 220 27.67 -28.28 -47.27
CA LEU D 220 26.78 -27.55 -46.36
C LEU D 220 25.55 -27.00 -47.07
N THR D 221 24.86 -27.88 -47.77
CA THR D 221 23.69 -27.52 -48.54
C THR D 221 22.44 -27.73 -47.69
N PRO D 222 21.62 -26.68 -47.53
CA PRO D 222 20.37 -26.82 -46.80
C PRO D 222 19.41 -27.70 -47.56
N VAL D 223 18.59 -28.46 -46.82
CA VAL D 223 17.66 -29.42 -47.43
C VAL D 223 16.21 -29.24 -46.99
N THR D 224 15.30 -29.59 -47.89
CA THR D 224 13.92 -29.75 -47.55
C THR D 224 13.60 -31.20 -47.90
N LEU D 225 13.16 -31.94 -46.88
CA LEU D 225 12.87 -33.35 -47.05
C LEU D 225 11.41 -33.63 -46.75
N GLU D 226 10.67 -34.07 -47.77
CA GLU D 226 9.27 -34.46 -47.64
C GLU D 226 9.22 -35.99 -47.66
N LEU D 227 9.18 -36.58 -46.47
CA LEU D 227 9.37 -38.01 -46.36
C LEU D 227 8.05 -38.73 -46.04
N GLY D 228 8.12 -39.92 -45.44
CA GLY D 228 6.92 -40.70 -45.21
C GLY D 228 6.66 -41.08 -43.76
N GLY D 229 5.92 -42.16 -43.59
CA GLY D 229 5.47 -42.62 -42.28
C GLY D 229 4.08 -43.16 -42.47
N LYS D 230 3.43 -43.50 -41.37
CA LYS D 230 2.06 -43.98 -41.45
C LYS D 230 1.18 -42.94 -40.82
N SER D 231 0.33 -42.31 -41.65
CA SER D 231 -0.58 -41.29 -41.19
C SER D 231 -1.83 -41.91 -40.55
N PRO D 232 -1.98 -41.72 -39.23
CA PRO D 232 -3.09 -42.32 -38.52
C PRO D 232 -4.39 -41.59 -38.79
N CYS D 233 -5.50 -42.28 -38.63
CA CYS D 233 -6.79 -41.69 -38.76
C CYS D 233 -7.64 -42.17 -37.59
N TYR D 234 -7.84 -41.29 -36.61
CA TYR D 234 -8.65 -41.63 -35.46
C TYR D 234 -10.12 -41.29 -35.69
N VAL D 235 -11.00 -42.25 -35.44
CA VAL D 235 -12.44 -42.04 -35.54
C VAL D 235 -13.10 -42.15 -34.16
N ASP D 236 -13.79 -41.09 -33.76
CA ASP D 236 -14.42 -40.99 -32.44
C ASP D 236 -15.79 -41.68 -32.46
N LYS D 237 -16.25 -42.10 -31.28
CA LYS D 237 -17.51 -42.85 -31.15
C LYS D 237 -18.78 -42.09 -31.54
N ASN D 238 -18.98 -40.88 -31.03
CA ASN D 238 -20.27 -40.21 -31.20
C ASN D 238 -20.34 -39.32 -32.43
N CYS D 239 -19.53 -39.59 -33.44
CA CYS D 239 -19.56 -38.77 -34.65
C CYS D 239 -20.31 -39.47 -35.77
N ASP D 240 -20.81 -38.67 -36.72
CA ASP D 240 -21.52 -39.21 -37.89
C ASP D 240 -20.57 -39.99 -38.78
N LEU D 241 -20.68 -41.32 -38.72
CA LEU D 241 -19.78 -42.20 -39.48
C LEU D 241 -20.05 -42.22 -40.98
N ASP D 242 -21.25 -41.80 -41.38
CA ASP D 242 -21.60 -41.73 -42.80
C ASP D 242 -20.68 -40.77 -43.53
N VAL D 243 -20.60 -39.54 -43.02
CA VAL D 243 -19.76 -38.51 -43.59
C VAL D 243 -18.27 -38.87 -43.44
N ALA D 244 -17.91 -39.36 -42.25
CA ALA D 244 -16.53 -39.71 -41.95
C ALA D 244 -15.96 -40.74 -42.91
N CYS D 245 -16.62 -41.88 -43.05
CA CYS D 245 -16.10 -42.98 -43.85
C CYS D 245 -16.02 -42.68 -45.34
N ARG D 246 -16.92 -41.82 -45.81
CA ARG D 246 -16.94 -41.34 -47.19
C ARG D 246 -15.65 -40.59 -47.49
N ARG D 247 -15.31 -39.67 -46.58
CA ARG D 247 -14.13 -38.84 -46.71
C ARG D 247 -12.86 -39.66 -46.61
N ILE D 248 -12.80 -40.54 -45.62
CA ILE D 248 -11.68 -41.46 -45.44
C ILE D 248 -11.44 -42.32 -46.66
N ALA D 249 -12.50 -42.96 -47.17
CA ALA D 249 -12.39 -43.82 -48.34
C ALA D 249 -11.89 -43.06 -49.56
N TRP D 250 -12.34 -41.82 -49.69
CA TRP D 250 -11.90 -40.96 -50.79
C TRP D 250 -10.39 -40.74 -50.72
N GLY D 251 -9.91 -40.21 -49.61
CA GLY D 251 -8.48 -39.95 -49.43
C GLY D 251 -7.61 -41.18 -49.41
N LYS D 252 -8.15 -42.28 -48.89
CA LYS D 252 -7.39 -43.52 -48.80
C LYS D 252 -7.21 -44.19 -50.17
N PHE D 253 -8.23 -44.15 -51.02
CA PHE D 253 -8.21 -45.00 -52.20
C PHE D 253 -7.88 -44.31 -53.52
N MET D 254 -7.88 -42.98 -53.53
CA MET D 254 -7.46 -42.23 -54.71
C MET D 254 -6.01 -42.57 -55.04
N ASN D 255 -5.69 -42.53 -56.32
CA ASN D 255 -4.37 -42.91 -56.82
C ASN D 255 -3.98 -44.30 -56.31
N SER D 256 -4.99 -45.16 -56.15
CA SER D 256 -4.78 -46.52 -55.68
C SER D 256 -3.97 -46.56 -54.37
N GLY D 257 -4.20 -45.57 -53.50
CA GLY D 257 -3.59 -45.55 -52.17
C GLY D 257 -2.17 -44.99 -52.12
N GLN D 258 -1.67 -44.54 -53.27
CA GLN D 258 -0.29 -44.08 -53.36
C GLN D 258 -0.18 -42.56 -53.12
N THR D 259 -0.35 -42.17 -51.87
CA THR D 259 -0.39 -40.78 -51.49
C THR D 259 0.29 -40.62 -50.14
N CYS D 260 1.23 -39.69 -50.05
CA CYS D 260 2.04 -39.48 -48.84
C CYS D 260 1.16 -39.11 -47.64
N VAL D 261 0.05 -38.43 -47.89
CA VAL D 261 -0.87 -38.01 -46.82
C VAL D 261 -2.18 -38.79 -46.83
N ALA D 262 -2.18 -39.94 -47.50
CA ALA D 262 -3.28 -40.90 -47.38
C ALA D 262 -3.45 -41.30 -45.92
N PRO D 263 -4.70 -41.39 -45.45
CA PRO D 263 -4.91 -41.98 -44.13
C PRO D 263 -4.47 -43.44 -44.23
N ASP D 264 -3.40 -43.79 -43.53
CA ASP D 264 -2.76 -45.07 -43.73
C ASP D 264 -3.51 -46.19 -43.00
N TYR D 265 -4.01 -45.88 -41.80
CA TYR D 265 -4.75 -46.84 -41.01
C TYR D 265 -5.78 -46.13 -40.14
N ILE D 266 -6.73 -46.89 -39.60
CA ILE D 266 -7.76 -46.33 -38.73
C ILE D 266 -7.59 -46.80 -37.29
N LEU D 267 -7.77 -45.87 -36.36
CA LEU D 267 -7.87 -46.20 -34.94
C LEU D 267 -9.29 -45.90 -34.49
N CYS D 268 -9.93 -46.90 -33.89
CA CYS D 268 -11.30 -46.72 -33.38
C CYS D 268 -11.65 -47.71 -32.26
N ASP D 269 -12.68 -47.38 -31.50
CA ASP D 269 -13.22 -48.27 -30.48
C ASP D 269 -13.78 -49.50 -31.18
N PRO D 270 -13.50 -50.71 -30.64
CA PRO D 270 -13.99 -51.94 -31.27
C PRO D 270 -15.51 -51.98 -31.45
N SER D 271 -16.25 -51.16 -30.70
CA SER D 271 -17.71 -51.12 -30.78
C SER D 271 -18.26 -50.48 -32.08
N ILE D 272 -17.43 -49.67 -32.74
CA ILE D 272 -17.86 -49.02 -33.99
C ILE D 272 -17.17 -49.59 -35.23
N GLN D 273 -16.29 -50.57 -35.01
CA GLN D 273 -15.49 -51.12 -36.10
C GLN D 273 -16.34 -51.56 -37.30
N ASN D 274 -17.27 -52.46 -37.07
CA ASN D 274 -18.06 -53.05 -38.16
C ASN D 274 -18.92 -52.06 -38.93
N GLN D 275 -19.44 -51.05 -38.24
CA GLN D 275 -20.18 -49.97 -38.88
C GLN D 275 -19.27 -49.19 -39.83
N ILE D 276 -18.04 -48.93 -39.38
CA ILE D 276 -17.02 -48.30 -40.21
C ILE D 276 -16.77 -49.12 -41.48
N VAL D 277 -16.46 -50.40 -41.29
CA VAL D 277 -16.22 -51.33 -42.39
C VAL D 277 -17.37 -51.25 -43.40
N GLU D 278 -18.59 -51.27 -42.87
CA GLU D 278 -19.80 -51.23 -43.66
C GLU D 278 -19.94 -49.93 -44.45
N LYS D 279 -19.82 -48.80 -43.75
CA LYS D 279 -19.95 -47.48 -44.38
C LYS D 279 -18.81 -47.21 -45.38
N LEU D 280 -17.67 -47.87 -45.20
CA LEU D 280 -16.59 -47.78 -46.16
C LEU D 280 -16.94 -48.49 -47.46
N LYS D 281 -17.42 -49.74 -47.32
CA LYS D 281 -17.89 -50.52 -48.45
C LYS D 281 -18.91 -49.72 -49.25
N LYS D 282 -19.90 -49.19 -48.55
CA LYS D 282 -20.97 -48.41 -49.16
C LYS D 282 -20.43 -47.26 -49.98
N SER D 283 -19.43 -46.56 -49.42
CA SER D 283 -18.80 -45.43 -50.11
C SER D 283 -17.96 -45.93 -51.28
N LEU D 284 -17.20 -46.99 -51.07
CA LEU D 284 -16.39 -47.60 -52.13
C LEU D 284 -17.22 -48.05 -53.34
N LYS D 285 -18.38 -48.64 -53.08
CA LYS D 285 -19.30 -49.07 -54.15
C LYS D 285 -19.82 -47.89 -54.96
N GLU D 286 -20.09 -46.79 -54.29
CA GLU D 286 -20.49 -45.56 -54.97
C GLU D 286 -19.39 -45.01 -55.87
N PHE D 287 -18.14 -45.06 -55.39
CA PHE D 287 -17.00 -44.52 -56.14
C PHE D 287 -16.67 -45.35 -57.38
N TYR D 288 -16.48 -46.65 -57.18
CA TYR D 288 -15.87 -47.51 -58.20
C TYR D 288 -16.74 -48.68 -58.66
N GLY D 289 -18.02 -48.67 -58.30
CA GLY D 289 -18.94 -49.76 -58.66
C GLY D 289 -18.66 -51.04 -57.90
N GLU D 290 -19.29 -52.12 -58.29
CA GLU D 290 -19.08 -53.35 -57.58
C GLU D 290 -17.72 -53.92 -57.88
N ASP D 291 -17.31 -53.88 -59.13
CA ASP D 291 -15.95 -54.30 -59.49
C ASP D 291 -15.13 -53.08 -59.88
N ALA D 292 -14.14 -52.77 -59.05
CA ALA D 292 -13.29 -51.60 -59.22
C ALA D 292 -12.37 -51.69 -60.44
N LYS D 293 -12.10 -52.93 -60.88
CA LYS D 293 -11.28 -53.17 -62.07
C LYS D 293 -11.90 -52.58 -63.34
N LYS D 294 -13.22 -52.36 -63.32
CA LYS D 294 -13.95 -51.84 -64.47
C LYS D 294 -14.19 -50.34 -64.41
N SER D 295 -13.61 -49.69 -63.39
CA SER D 295 -13.77 -48.25 -63.20
C SER D 295 -12.60 -47.49 -63.78
N ARG D 296 -12.91 -46.49 -64.61
CA ARG D 296 -11.91 -45.61 -65.21
C ARG D 296 -11.34 -44.60 -64.20
N ASP D 297 -11.96 -44.53 -63.02
CA ASP D 297 -11.56 -43.63 -61.94
C ASP D 297 -10.59 -44.28 -60.95
N TYR D 298 -10.42 -45.59 -61.04
CA TYR D 298 -9.58 -46.32 -60.10
C TYR D 298 -8.20 -46.57 -60.69
N GLY D 299 -7.16 -46.36 -59.90
CA GLY D 299 -5.79 -46.44 -60.39
C GLY D 299 -5.15 -47.82 -60.30
N ARG D 300 -3.86 -47.88 -60.65
CA ARG D 300 -3.07 -49.10 -60.60
C ARG D 300 -1.76 -48.81 -59.85
N ILE D 301 -1.17 -49.85 -59.30
CA ILE D 301 0.14 -49.75 -58.65
C ILE D 301 1.21 -49.44 -59.70
N ILE D 302 2.22 -48.67 -59.31
CA ILE D 302 3.26 -48.16 -60.21
C ILE D 302 4.15 -49.22 -60.85
N SER D 303 4.66 -50.16 -60.05
CA SER D 303 5.65 -51.11 -60.52
C SER D 303 5.36 -52.52 -60.01
N ALA D 304 6.00 -53.51 -60.63
CA ALA D 304 5.84 -54.90 -60.25
C ALA D 304 6.33 -55.13 -58.83
N ARG D 305 7.45 -54.51 -58.49
CA ARG D 305 8.04 -54.63 -57.18
C ARG D 305 7.10 -54.16 -56.06
N HIS D 306 6.45 -53.02 -56.29
CA HIS D 306 5.51 -52.46 -55.33
C HIS D 306 4.18 -53.21 -55.26
N PHE D 307 3.77 -53.82 -56.37
CA PHE D 307 2.56 -54.64 -56.39
C PHE D 307 2.70 -55.83 -55.44
N GLN D 308 3.87 -56.45 -55.44
CA GLN D 308 4.12 -57.59 -54.58
C GLN D 308 4.27 -57.21 -53.12
N ARG D 309 4.95 -56.09 -52.88
CA ARG D 309 5.07 -55.53 -51.55
C ARG D 309 3.68 -55.35 -50.93
N VAL D 310 2.78 -54.76 -51.69
CA VAL D 310 1.42 -54.48 -51.19
C VAL D 310 0.64 -55.75 -50.93
N MET D 311 0.70 -56.69 -51.87
CA MET D 311 0.06 -58.00 -51.71
C MET D 311 0.55 -58.80 -50.50
N GLY D 312 1.85 -58.78 -50.26
CA GLY D 312 2.45 -59.46 -49.13
C GLY D 312 1.97 -58.96 -47.78
N LEU D 313 1.43 -57.74 -47.76
CA LEU D 313 0.94 -57.14 -46.52
C LEU D 313 -0.48 -57.59 -46.17
N ILE D 314 -1.17 -58.15 -47.17
CA ILE D 314 -2.54 -58.66 -47.00
C ILE D 314 -2.55 -60.08 -46.38
N GLU D 315 -1.47 -60.83 -46.53
CA GLU D 315 -1.34 -62.19 -46.04
C GLU D 315 -1.42 -62.38 -44.50
N GLY D 316 -2.13 -63.40 -44.07
CA GLY D 316 -2.40 -63.71 -42.68
C GLY D 316 -3.25 -62.65 -42.01
N GLN D 317 -4.08 -61.96 -42.79
CA GLN D 317 -4.92 -60.90 -42.27
C GLN D 317 -6.39 -61.22 -42.48
N LYS D 318 -7.20 -60.75 -41.54
CA LYS D 318 -8.63 -60.87 -41.61
C LYS D 318 -9.18 -59.87 -42.65
N VAL D 319 -9.48 -60.36 -43.84
CA VAL D 319 -10.02 -59.53 -44.91
C VAL D 319 -11.51 -59.35 -44.74
N ALA D 320 -11.98 -58.10 -44.78
CA ALA D 320 -13.40 -57.80 -44.67
C ALA D 320 -14.00 -57.34 -45.98
N TYR D 321 -13.13 -57.02 -46.95
CA TYR D 321 -13.55 -56.54 -48.27
C TYR D 321 -12.34 -56.54 -49.19
N GLY D 322 -12.52 -56.98 -50.43
CA GLY D 322 -11.44 -57.01 -51.41
C GLY D 322 -10.49 -58.15 -51.13
N GLY D 323 -9.20 -57.86 -51.20
CA GLY D 323 -8.16 -58.83 -50.85
C GLY D 323 -7.45 -59.46 -52.04
N THR D 324 -8.00 -59.29 -53.24
CA THR D 324 -7.45 -59.91 -54.44
C THR D 324 -6.75 -58.91 -55.35
N GLY D 325 -5.80 -59.41 -56.15
CA GLY D 325 -5.08 -58.58 -57.09
C GLY D 325 -4.65 -59.30 -58.37
N ASP D 326 -4.41 -58.53 -59.42
CA ASP D 326 -4.00 -59.06 -60.72
C ASP D 326 -2.63 -58.54 -61.11
N ALA D 327 -1.64 -59.44 -61.15
CA ALA D 327 -0.24 -59.12 -61.42
C ALA D 327 0.03 -58.46 -62.77
N ALA D 328 -0.74 -58.84 -63.78
CA ALA D 328 -0.52 -58.39 -65.15
C ALA D 328 -0.70 -56.87 -65.27
N THR D 329 -1.87 -56.40 -64.86
CA THR D 329 -2.21 -54.98 -64.94
C THR D 329 -1.88 -54.22 -63.64
N ARG D 330 -1.34 -54.95 -62.66
CA ARG D 330 -0.97 -54.40 -61.35
C ARG D 330 -2.15 -53.72 -60.64
N TYR D 331 -3.29 -54.41 -60.60
CA TYR D 331 -4.48 -53.97 -59.89
C TYR D 331 -4.59 -54.64 -58.53
N ILE D 332 -4.92 -53.84 -57.53
CA ILE D 332 -5.28 -54.36 -56.21
C ILE D 332 -6.65 -53.81 -55.82
N ALA D 333 -7.59 -54.72 -55.57
CA ALA D 333 -8.93 -54.33 -55.14
C ALA D 333 -8.89 -53.56 -53.82
N PRO D 334 -9.75 -52.54 -53.66
CA PRO D 334 -9.87 -51.84 -52.39
C PRO D 334 -10.08 -52.82 -51.24
N THR D 335 -9.11 -52.90 -50.34
CA THR D 335 -9.08 -53.89 -49.28
C THR D 335 -9.19 -53.24 -47.92
N ILE D 336 -10.07 -53.81 -47.08
CA ILE D 336 -10.22 -53.39 -45.69
C ILE D 336 -9.89 -54.56 -44.79
N LEU D 337 -8.98 -54.34 -43.84
CA LEU D 337 -8.59 -55.37 -42.89
C LEU D 337 -9.10 -55.03 -41.50
N THR D 338 -9.59 -56.03 -40.78
CA THR D 338 -10.18 -55.85 -39.45
C THR D 338 -9.36 -56.48 -38.35
N ASP D 339 -9.58 -56.04 -37.12
CA ASP D 339 -8.85 -56.52 -35.94
C ASP D 339 -7.37 -56.80 -36.25
N VAL D 340 -6.67 -55.75 -36.65
CA VAL D 340 -5.30 -55.87 -37.12
C VAL D 340 -4.33 -55.77 -35.95
N ASP D 341 -3.34 -56.65 -35.96
CA ASP D 341 -2.28 -56.67 -34.96
C ASP D 341 -1.23 -55.59 -35.26
N PRO D 342 -1.02 -54.65 -34.31
CA PRO D 342 -0.05 -53.55 -34.48
C PRO D 342 1.36 -53.99 -34.85
N GLN D 343 1.72 -55.25 -34.57
CA GLN D 343 3.04 -55.81 -34.87
C GLN D 343 3.12 -56.47 -36.24
N SER D 344 1.98 -56.68 -36.89
CA SER D 344 1.95 -57.35 -38.19
C SER D 344 2.52 -56.45 -39.29
N PRO D 345 3.03 -57.07 -40.38
CA PRO D 345 3.74 -56.32 -41.40
C PRO D 345 3.00 -55.09 -41.90
N VAL D 346 1.71 -55.24 -42.14
CA VAL D 346 0.88 -54.15 -42.67
C VAL D 346 0.83 -52.93 -41.73
N MET D 347 1.25 -53.11 -40.49
CA MET D 347 1.27 -52.02 -39.54
C MET D 347 2.69 -51.64 -39.13
N GLN D 348 3.67 -52.10 -39.92
CA GLN D 348 5.08 -51.84 -39.61
C GLN D 348 5.81 -51.13 -40.73
N GLU D 349 5.07 -50.73 -41.75
CA GLU D 349 5.62 -49.92 -42.84
C GLU D 349 4.54 -49.05 -43.50
N GLU D 350 4.97 -48.03 -44.23
CA GLU D 350 4.02 -47.23 -45.01
C GLU D 350 3.40 -48.12 -46.09
N ILE D 351 2.08 -48.23 -46.06
CA ILE D 351 1.36 -49.10 -46.96
C ILE D 351 1.52 -48.67 -48.42
N PHE D 352 1.16 -47.42 -48.72
CA PHE D 352 1.25 -46.88 -50.08
C PHE D 352 0.52 -47.77 -51.09
N GLY D 353 -0.68 -48.17 -50.72
CA GLY D 353 -1.50 -49.03 -51.56
C GLY D 353 -2.94 -49.06 -51.06
N PRO D 354 -3.83 -49.72 -51.79
CA PRO D 354 -5.24 -49.66 -51.45
C PRO D 354 -5.64 -50.68 -50.40
N VAL D 355 -4.93 -50.69 -49.26
CA VAL D 355 -5.18 -51.62 -48.17
C VAL D 355 -5.33 -50.86 -46.87
N LEU D 356 -6.51 -50.90 -46.28
CA LEU D 356 -6.82 -50.10 -45.09
C LEU D 356 -7.01 -50.96 -43.85
N PRO D 357 -6.01 -50.98 -42.95
CA PRO D 357 -6.14 -51.74 -41.72
C PRO D 357 -6.91 -50.96 -40.66
N ILE D 358 -7.68 -51.66 -39.85
CA ILE D 358 -8.38 -51.06 -38.74
C ILE D 358 -7.82 -51.64 -37.44
N VAL D 359 -7.25 -50.75 -36.62
CA VAL D 359 -6.68 -51.14 -35.33
C VAL D 359 -7.58 -50.61 -34.21
N CYS D 360 -7.85 -51.45 -33.23
CA CYS D 360 -8.73 -51.08 -32.14
C CYS D 360 -7.99 -50.47 -30.97
N VAL D 361 -8.52 -49.36 -30.47
CA VAL D 361 -8.08 -48.71 -29.25
C VAL D 361 -9.32 -48.44 -28.39
N ARG D 362 -9.16 -48.42 -27.08
CA ARG D 362 -10.29 -48.40 -26.16
C ARG D 362 -10.60 -47.01 -25.59
N SER D 363 -9.78 -46.03 -25.93
CA SER D 363 -9.95 -44.65 -25.48
C SER D 363 -9.13 -43.70 -26.34
N LEU D 364 -9.47 -42.41 -26.26
CA LEU D 364 -8.70 -41.35 -26.90
C LEU D 364 -7.27 -41.36 -26.39
N GLU D 365 -7.09 -41.53 -25.08
CA GLU D 365 -5.77 -41.54 -24.45
C GLU D 365 -4.88 -42.65 -24.96
N GLU D 366 -5.50 -43.76 -25.35
CA GLU D 366 -4.76 -44.92 -25.83
C GLU D 366 -4.39 -44.72 -27.29
N ALA D 367 -5.25 -44.02 -28.03
CA ALA D 367 -4.96 -43.66 -29.41
C ALA D 367 -3.75 -42.71 -29.45
N ILE D 368 -3.79 -41.68 -28.61
CA ILE D 368 -2.69 -40.74 -28.45
C ILE D 368 -1.38 -41.47 -28.14
N GLN D 369 -1.42 -42.38 -27.16
CA GLN D 369 -0.24 -43.15 -26.78
C GLN D 369 0.27 -44.01 -27.93
N PHE D 370 -0.66 -44.60 -28.67
CA PHE D 370 -0.32 -45.43 -29.82
C PHE D 370 0.47 -44.64 -30.86
N ILE D 371 -0.01 -43.43 -31.14
CA ILE D 371 0.59 -42.56 -32.14
C ILE D 371 1.98 -42.08 -31.71
N ASN D 372 2.08 -41.67 -30.45
CA ASN D 372 3.31 -41.09 -29.91
C ASN D 372 4.46 -42.09 -29.80
N GLN D 373 4.15 -43.38 -29.72
CA GLN D 373 5.17 -44.41 -29.60
C GLN D 373 5.78 -44.79 -30.94
N ARG D 374 5.20 -44.28 -32.01
CA ARG D 374 5.73 -44.48 -33.36
C ARG D 374 6.39 -43.20 -33.87
N GLU D 375 7.06 -43.29 -35.01
CA GLU D 375 7.72 -42.15 -35.62
C GLU D 375 6.66 -41.14 -36.07
N LYS D 376 7.03 -39.86 -36.10
CA LYS D 376 6.09 -38.80 -36.37
C LYS D 376 5.63 -38.85 -37.82
N PRO D 377 4.30 -38.86 -38.05
CA PRO D 377 3.76 -38.98 -39.39
C PRO D 377 3.64 -37.65 -40.11
N LEU D 378 3.60 -37.69 -41.44
CA LEU D 378 3.43 -36.48 -42.24
C LEU D 378 2.07 -35.85 -41.99
N ALA D 379 1.05 -36.67 -41.85
CA ALA D 379 -0.28 -36.15 -41.52
C ALA D 379 -0.87 -36.90 -40.32
N LEU D 380 -1.78 -36.22 -39.61
CA LEU D 380 -2.59 -36.85 -38.60
C LEU D 380 -4.05 -36.47 -38.83
N TYR D 381 -4.91 -37.48 -38.82
CA TYR D 381 -6.33 -37.27 -39.06
C TYR D 381 -7.19 -37.74 -37.89
N MET D 382 -8.27 -37.02 -37.64
CA MET D 382 -9.21 -37.37 -36.58
C MET D 382 -10.60 -36.93 -36.99
N PHE D 383 -11.60 -37.73 -36.62
CA PHE D 383 -12.99 -37.42 -36.95
C PHE D 383 -13.80 -37.41 -35.68
N SER D 384 -14.43 -36.27 -35.38
CA SER D 384 -15.15 -36.09 -34.13
C SER D 384 -15.97 -34.81 -34.16
N SER D 385 -17.13 -34.84 -33.48
CA SER D 385 -17.99 -33.66 -33.30
C SER D 385 -17.52 -32.80 -32.14
N ASN D 386 -16.72 -33.38 -31.25
CA ASN D 386 -16.29 -32.73 -30.03
C ASN D 386 -15.02 -31.92 -30.15
N ASP D 387 -15.10 -30.61 -29.99
CA ASP D 387 -13.93 -29.77 -30.10
C ASP D 387 -12.84 -30.13 -29.11
N LYS D 388 -13.22 -30.63 -27.95
CA LYS D 388 -12.25 -30.86 -26.93
C LYS D 388 -11.41 -32.08 -27.20
N VAL D 389 -11.92 -32.98 -28.00
CA VAL D 389 -11.17 -34.15 -28.38
C VAL D 389 -10.20 -33.80 -29.48
N ILE D 390 -10.65 -33.03 -30.44
CA ILE D 390 -9.76 -32.52 -31.50
C ILE D 390 -8.56 -31.79 -30.90
N LYS D 391 -8.84 -30.80 -30.04
CA LYS D 391 -7.81 -29.98 -29.43
C LYS D 391 -6.83 -30.78 -28.57
N LYS D 392 -7.34 -31.82 -27.90
CA LYS D 392 -6.50 -32.64 -27.02
C LYS D 392 -5.53 -33.52 -27.82
N MET D 393 -6.04 -34.21 -28.83
CA MET D 393 -5.18 -35.04 -29.66
C MET D 393 -4.08 -34.23 -30.37
N ILE D 394 -4.41 -33.03 -30.84
CA ILE D 394 -3.43 -32.13 -31.44
C ILE D 394 -2.37 -31.73 -30.42
N ALA D 395 -2.80 -31.27 -29.24
CA ALA D 395 -1.88 -30.80 -28.19
C ALA D 395 -0.94 -31.89 -27.67
N GLU D 396 -1.34 -33.14 -27.80
CA GLU D 396 -0.60 -34.23 -27.20
C GLU D 396 0.09 -35.17 -28.19
N THR D 397 0.03 -34.81 -29.47
CA THR D 397 0.75 -35.55 -30.51
C THR D 397 1.66 -34.60 -31.27
N SER D 398 2.43 -35.16 -32.20
CA SER D 398 3.25 -34.36 -33.09
C SER D 398 3.17 -34.97 -34.48
N SER D 399 2.93 -34.13 -35.49
CA SER D 399 2.88 -34.57 -36.88
C SER D 399 3.22 -33.42 -37.81
N GLY D 400 3.51 -33.71 -39.07
CA GLY D 400 3.78 -32.67 -40.05
C GLY D 400 2.65 -31.67 -40.09
N GLY D 401 1.45 -32.17 -40.39
CA GLY D 401 0.24 -31.36 -40.43
C GLY D 401 -0.93 -32.14 -39.87
N VAL D 402 -2.05 -31.46 -39.66
CA VAL D 402 -3.23 -32.07 -39.09
C VAL D 402 -4.47 -31.64 -39.84
N ALA D 403 -5.37 -32.59 -40.09
CA ALA D 403 -6.72 -32.29 -40.53
C ALA D 403 -7.71 -32.99 -39.63
N ALA D 404 -8.66 -32.23 -39.11
CA ALA D 404 -9.80 -32.76 -38.38
C ALA D 404 -11.04 -32.80 -39.27
N ASN D 405 -11.68 -33.97 -39.34
CA ASN D 405 -12.93 -34.17 -40.08
C ASN D 405 -12.79 -34.11 -41.60
N ASP D 406 -11.56 -34.22 -42.09
CA ASP D 406 -11.30 -34.45 -43.51
C ASP D 406 -9.88 -35.03 -43.69
N VAL D 407 -9.56 -35.39 -44.92
CA VAL D 407 -8.24 -35.89 -45.27
C VAL D 407 -7.74 -35.18 -46.53
N ILE D 408 -6.43 -35.23 -46.76
CA ILE D 408 -5.78 -34.71 -47.98
C ILE D 408 -5.82 -33.18 -48.11
N VAL D 409 -7.01 -32.60 -48.00
CA VAL D 409 -7.24 -31.18 -48.32
C VAL D 409 -6.32 -30.15 -47.65
N HIS D 410 -5.74 -30.49 -46.50
CA HIS D 410 -4.93 -29.53 -45.75
C HIS D 410 -3.63 -29.16 -46.44
N ILE D 411 -3.22 -29.96 -47.42
CA ILE D 411 -1.99 -29.68 -48.17
C ILE D 411 -2.25 -28.97 -49.52
N THR D 412 -3.47 -28.48 -49.71
CA THR D 412 -3.85 -27.79 -50.96
C THR D 412 -4.16 -26.32 -50.75
N LEU D 413 -3.93 -25.84 -49.54
CA LEU D 413 -4.24 -24.46 -49.20
C LEU D 413 -2.98 -23.60 -49.17
N HIS D 414 -3.04 -22.48 -49.88
CA HIS D 414 -1.89 -21.58 -50.06
C HIS D 414 -1.29 -21.10 -48.73
N SER D 415 -2.14 -20.98 -47.71
CA SER D 415 -1.75 -20.38 -46.42
C SER D 415 -1.24 -21.40 -45.39
N LEU D 416 -1.29 -22.69 -45.71
CA LEU D 416 -0.81 -23.73 -44.79
C LEU D 416 0.43 -24.44 -45.33
N PRO D 417 1.62 -24.06 -44.84
CA PRO D 417 2.83 -24.73 -45.27
C PRO D 417 2.69 -26.24 -45.18
N PHE D 418 3.21 -26.95 -46.18
CA PHE D 418 3.19 -28.40 -46.18
C PHE D 418 4.59 -28.96 -45.95
N GLY D 419 4.73 -29.79 -44.92
CA GLY D 419 6.02 -30.43 -44.60
C GLY D 419 5.94 -31.41 -43.44
N GLY D 420 7.03 -32.14 -43.21
CA GLY D 420 7.06 -33.16 -42.17
C GLY D 420 7.78 -32.71 -40.93
N VAL D 421 8.00 -33.65 -40.03
CA VAL D 421 8.75 -33.40 -38.80
C VAL D 421 9.34 -34.76 -38.39
N GLY D 422 10.53 -34.77 -37.81
CA GLY D 422 11.23 -36.03 -37.48
C GLY D 422 11.38 -36.87 -38.74
N ASN D 423 10.94 -38.13 -38.68
CA ASN D 423 11.11 -39.06 -39.78
C ASN D 423 10.25 -38.76 -41.00
N SER D 424 9.24 -37.91 -40.83
CA SER D 424 8.41 -37.53 -41.97
C SER D 424 9.00 -36.36 -42.72
N GLY D 425 10.10 -35.79 -42.19
CA GLY D 425 10.85 -34.77 -42.92
C GLY D 425 11.22 -33.52 -42.14
N MET D 426 11.82 -32.58 -42.85
CA MET D 426 12.21 -31.28 -42.30
C MET D 426 12.02 -30.19 -43.37
N GLY D 427 11.68 -28.99 -42.93
CA GLY D 427 11.38 -27.89 -43.84
C GLY D 427 10.00 -28.06 -44.43
N SER D 428 9.57 -27.08 -45.23
CA SER D 428 8.24 -27.08 -45.82
C SER D 428 8.19 -26.15 -47.03
N TYR D 429 7.16 -26.34 -47.86
CA TYR D 429 6.89 -25.44 -48.98
C TYR D 429 5.39 -25.30 -49.24
N HIS D 430 5.04 -24.72 -50.40
CA HIS D 430 3.69 -24.30 -50.77
C HIS D 430 3.52 -22.83 -50.44
N GLY D 431 2.95 -22.07 -51.39
CA GLY D 431 2.64 -20.66 -51.17
C GLY D 431 3.85 -19.83 -50.81
N LYS D 432 3.67 -18.90 -49.88
CA LYS D 432 4.74 -18.00 -49.46
C LYS D 432 5.93 -18.79 -48.92
N LYS D 433 5.64 -19.95 -48.31
CA LYS D 433 6.69 -20.77 -47.73
C LYS D 433 7.70 -21.26 -48.77
N SER D 434 7.22 -21.61 -49.96
CA SER D 434 8.11 -21.98 -51.05
C SER D 434 9.10 -20.85 -51.34
N PHE D 435 8.58 -19.63 -51.43
CA PHE D 435 9.42 -18.48 -51.73
C PHE D 435 10.47 -18.34 -50.64
N GLU D 436 10.05 -18.45 -49.38
CA GLU D 436 10.96 -18.32 -48.24
C GLU D 436 11.99 -19.44 -48.22
N THR D 437 11.53 -20.67 -48.45
CA THR D 437 12.41 -21.85 -48.43
C THR D 437 13.51 -21.76 -49.48
N PHE D 438 13.17 -21.24 -50.66
CA PHE D 438 14.14 -21.13 -51.74
C PHE D 438 14.87 -19.78 -51.80
N SER D 439 14.74 -18.98 -50.74
CA SER D 439 15.47 -17.73 -50.64
C SER D 439 16.40 -17.76 -49.43
N HIS D 440 17.32 -16.79 -49.39
CA HIS D 440 17.97 -16.45 -48.15
C HIS D 440 17.35 -15.15 -47.66
N ARG D 441 16.90 -15.18 -46.41
CA ARG D 441 16.32 -14.02 -45.78
C ARG D 441 17.40 -13.32 -44.98
N ARG D 442 17.85 -12.19 -45.52
CA ARG D 442 19.06 -11.49 -45.08
C ARG D 442 18.69 -10.29 -44.23
N SER D 443 19.19 -10.26 -42.99
CA SER D 443 18.91 -9.16 -42.08
C SER D 443 19.76 -7.95 -42.40
N CYS D 444 19.12 -6.80 -42.61
CA CYS D 444 19.85 -5.58 -42.96
C CYS D 444 19.65 -4.45 -41.95
N LEU D 445 20.77 -3.87 -41.52
CA LEU D 445 20.75 -2.65 -40.74
C LEU D 445 21.48 -1.53 -41.49
N VAL D 446 20.78 -0.45 -41.77
CA VAL D 446 21.38 0.71 -42.41
C VAL D 446 21.31 1.92 -41.48
N ARG D 447 22.47 2.41 -41.04
CA ARG D 447 22.55 3.62 -40.22
C ARG D 447 23.01 4.80 -41.04
N PRO D 448 22.67 6.03 -40.59
CA PRO D 448 23.31 7.21 -41.15
C PRO D 448 24.76 7.27 -40.68
N LEU D 449 25.66 7.70 -41.57
CA LEU D 449 27.06 7.87 -41.21
C LEU D 449 27.26 9.29 -40.67
N MET D 450 26.56 9.59 -39.57
CA MET D 450 26.66 10.86 -38.86
C MET D 450 27.35 10.64 -37.53
N ASN D 451 28.04 11.67 -37.03
CA ASN D 451 28.63 11.59 -35.69
C ASN D 451 27.55 11.42 -34.64
N ASP D 452 27.37 10.18 -34.20
CA ASP D 452 26.39 9.85 -33.18
C ASP D 452 27.03 10.05 -31.79
N GLU D 453 26.67 11.14 -31.11
CA GLU D 453 27.08 11.39 -29.72
C GLU D 453 26.48 10.36 -28.76
N GLY D 454 25.36 9.75 -29.16
CA GLY D 454 24.62 8.83 -28.29
C GLY D 454 25.04 7.37 -28.38
N LEU D 455 26.21 7.11 -28.95
CA LEU D 455 26.75 5.75 -29.05
C LEU D 455 28.15 5.63 -28.43
N LYS D 456 28.60 6.71 -27.78
CA LYS D 456 29.97 6.81 -27.26
C LYS D 456 30.27 5.94 -26.04
N VAL D 457 29.23 5.50 -25.33
CA VAL D 457 29.38 4.66 -24.14
C VAL D 457 30.00 3.28 -24.44
N ARG D 458 29.66 2.72 -25.60
CA ARG D 458 30.13 1.40 -26.02
C ARG D 458 31.64 1.34 -26.32
N TYR D 459 32.22 2.48 -26.68
CA TYR D 459 33.65 2.59 -26.97
C TYR D 459 34.48 2.55 -25.70
N PRO D 460 35.61 1.81 -25.72
CA PRO D 460 36.56 1.84 -24.61
C PRO D 460 37.22 3.22 -24.50
N PRO D 461 37.70 3.60 -23.30
CA PRO D 461 37.76 2.83 -22.07
C PRO D 461 36.43 2.75 -21.32
N SER D 462 36.26 1.65 -20.60
CA SER D 462 35.07 1.40 -19.79
C SER D 462 35.14 2.19 -18.50
N PRO D 463 33.98 2.73 -18.05
CA PRO D 463 33.89 3.45 -16.77
C PRO D 463 34.15 2.53 -15.57
N SER E 18 28.02 -44.27 -21.33
CA SER E 18 26.79 -44.30 -20.48
C SER E 18 26.54 -42.93 -19.85
N LYS E 19 27.60 -42.29 -19.35
CA LYS E 19 27.49 -40.95 -18.76
C LYS E 19 26.74 -39.98 -19.67
N ILE E 20 27.13 -39.94 -20.94
CA ILE E 20 26.42 -39.17 -21.97
C ILE E 20 25.03 -39.80 -22.25
N SER E 21 25.00 -41.10 -22.48
CA SER E 21 23.76 -41.85 -22.74
C SER E 21 22.70 -41.69 -21.65
N GLU E 22 23.12 -41.58 -20.40
CA GLU E 22 22.20 -41.43 -19.28
C GLU E 22 21.57 -40.05 -19.26
N ALA E 23 22.40 -39.02 -19.45
CA ALA E 23 21.93 -37.64 -19.44
C ALA E 23 20.89 -37.40 -20.53
N VAL E 24 21.16 -37.93 -21.72
CA VAL E 24 20.26 -37.79 -22.87
C VAL E 24 18.94 -38.55 -22.63
N LYS E 25 19.08 -39.79 -22.14
CA LYS E 25 17.91 -40.62 -21.84
C LYS E 25 17.00 -39.98 -20.79
N ARG E 26 17.63 -39.46 -19.72
CA ARG E 26 16.93 -38.76 -18.65
C ARG E 26 16.23 -37.51 -19.15
N ALA E 27 16.87 -36.83 -20.10
CA ALA E 27 16.31 -35.62 -20.71
C ALA E 27 15.11 -35.93 -21.60
N ARG E 28 15.19 -37.04 -22.34
CA ARG E 28 14.12 -37.48 -23.22
C ARG E 28 12.90 -37.93 -22.39
N ALA E 29 13.16 -38.69 -21.33
CA ALA E 29 12.10 -39.17 -20.44
C ALA E 29 11.39 -38.01 -19.75
N ALA E 30 12.16 -37.00 -19.34
CA ALA E 30 11.59 -35.81 -18.71
C ALA E 30 10.74 -35.00 -19.69
N PHE E 31 11.16 -34.94 -20.95
CA PHE E 31 10.34 -34.29 -21.97
C PHE E 31 9.06 -35.08 -22.25
N SER E 32 9.16 -36.41 -22.29
CA SER E 32 8.00 -37.28 -22.57
C SER E 32 6.90 -37.18 -21.55
N SER E 33 7.26 -36.87 -20.31
CA SER E 33 6.27 -36.73 -19.24
C SER E 33 5.35 -35.52 -19.44
N GLY E 34 5.70 -34.63 -20.36
CA GLY E 34 4.87 -33.47 -20.66
C GLY E 34 5.13 -32.28 -19.74
N ARG E 35 6.20 -32.38 -18.94
CA ARG E 35 6.53 -31.38 -17.95
C ARG E 35 6.75 -29.98 -18.53
N THR E 36 7.37 -29.92 -19.71
CA THR E 36 7.73 -28.64 -20.34
C THR E 36 6.59 -27.96 -21.09
N ARG E 37 5.48 -28.66 -21.30
CA ARG E 37 4.42 -28.14 -22.16
C ARG E 37 3.73 -26.84 -21.65
N PRO E 38 3.37 -26.78 -20.34
CA PRO E 38 2.72 -25.55 -19.91
C PRO E 38 3.67 -24.37 -19.94
N LEU E 39 3.20 -23.23 -20.43
CA LEU E 39 4.00 -22.01 -20.50
C LEU E 39 4.60 -21.59 -19.16
N GLN E 40 3.82 -21.71 -18.08
CA GLN E 40 4.32 -21.27 -16.78
C GLN E 40 5.57 -22.03 -16.34
N PHE E 41 5.70 -23.31 -16.71
CA PHE E 41 6.93 -24.05 -16.43
C PHE E 41 8.12 -23.45 -17.16
N ARG E 42 7.92 -23.08 -18.42
CA ARG E 42 8.99 -22.53 -19.25
C ARG E 42 9.44 -21.17 -18.71
N ILE E 43 8.48 -20.32 -18.41
CA ILE E 43 8.74 -19.00 -17.84
C ILE E 43 9.49 -19.13 -16.52
N GLN E 44 9.16 -20.14 -15.75
CA GLN E 44 9.82 -20.47 -14.50
C GLN E 44 11.28 -20.79 -14.67
N GLN E 45 11.62 -21.60 -15.65
CA GLN E 45 13.00 -21.94 -15.95
C GLN E 45 13.75 -20.71 -16.43
N LEU E 46 13.08 -19.90 -17.24
CA LEU E 46 13.67 -18.65 -17.73
C LEU E 46 13.93 -17.65 -16.62
N GLU E 47 13.00 -17.56 -15.67
CA GLU E 47 13.16 -16.70 -14.50
C GLU E 47 14.27 -17.22 -13.59
N ALA E 48 14.48 -18.54 -13.58
CA ALA E 48 15.60 -19.13 -12.87
C ALA E 48 16.94 -18.75 -13.51
N LEU E 49 16.99 -18.71 -14.85
CA LEU E 49 18.18 -18.26 -15.57
C LEU E 49 18.51 -16.81 -15.24
N GLN E 50 17.47 -15.98 -15.18
CA GLN E 50 17.59 -14.58 -14.81
C GLN E 50 18.27 -14.45 -13.44
N ARG E 51 17.82 -15.25 -12.47
CA ARG E 51 18.41 -15.23 -11.12
CA ARG E 51 18.41 -15.24 -11.12
C ARG E 51 19.85 -15.72 -11.12
N LEU E 52 20.14 -16.73 -11.94
CA LEU E 52 21.50 -17.25 -12.12
C LEU E 52 22.43 -16.08 -12.50
N ILE E 53 22.04 -15.36 -13.54
CA ILE E 53 22.82 -14.24 -14.07
C ILE E 53 23.05 -13.15 -13.02
N GLN E 54 22.07 -12.92 -12.16
CA GLN E 54 22.19 -11.92 -11.10
C GLN E 54 23.02 -12.39 -9.91
N GLU E 55 22.74 -13.60 -9.44
CA GLU E 55 23.42 -14.16 -8.28
C GLU E 55 24.87 -14.61 -8.57
N GLN E 56 25.18 -14.85 -9.84
CA GLN E 56 26.50 -15.35 -10.23
C GLN E 56 27.30 -14.36 -11.07
N GLU E 57 26.86 -13.11 -11.09
CA GLU E 57 27.49 -12.06 -11.90
C GLU E 57 29.01 -12.06 -11.76
N GLN E 58 29.50 -12.03 -10.51
CA GLN E 58 30.94 -11.93 -10.25
C GLN E 58 31.73 -13.18 -10.66
N GLU E 59 31.10 -14.35 -10.53
CA GLU E 59 31.73 -15.62 -10.91
C GLU E 59 31.85 -15.72 -12.43
N LEU E 60 30.83 -15.20 -13.12
CA LEU E 60 30.82 -15.13 -14.58
C LEU E 60 31.92 -14.20 -15.11
N VAL E 61 32.10 -13.07 -14.44
CA VAL E 61 33.15 -12.12 -14.78
C VAL E 61 34.50 -12.79 -14.58
N GLY E 62 34.66 -13.45 -13.44
CA GLY E 62 35.88 -14.18 -13.12
C GLY E 62 36.29 -15.14 -14.21
N ALA E 63 35.30 -15.92 -14.68
CA ALA E 63 35.52 -16.92 -15.71
C ALA E 63 35.91 -16.29 -17.05
N LEU E 64 35.27 -15.18 -17.40
CA LEU E 64 35.54 -14.50 -18.67
C LEU E 64 36.89 -13.77 -18.63
N ALA E 65 37.29 -13.32 -17.44
CA ALA E 65 38.58 -12.68 -17.24
C ALA E 65 39.71 -13.69 -17.38
N ALA E 66 39.48 -14.88 -16.83
CA ALA E 66 40.49 -15.94 -16.86
C ALA E 66 40.67 -16.49 -18.27
N ASP E 67 39.59 -16.57 -19.02
CA ASP E 67 39.61 -17.15 -20.36
C ASP E 67 40.04 -16.17 -21.45
N LEU E 68 39.55 -14.94 -21.38
CA LEU E 68 39.67 -14.01 -22.50
C LEU E 68 40.11 -12.60 -22.10
N HIS E 69 40.50 -12.44 -20.84
CA HIS E 69 40.95 -11.15 -20.30
C HIS E 69 39.89 -10.06 -20.49
N LYS E 70 38.63 -10.43 -20.27
CA LYS E 70 37.55 -9.45 -20.20
C LYS E 70 37.56 -8.86 -18.79
N ASN E 71 37.19 -7.59 -18.69
CA ASN E 71 36.98 -6.98 -17.38
C ASN E 71 35.50 -7.03 -17.02
N GLU E 72 35.15 -6.49 -15.87
CA GLU E 72 33.78 -6.55 -15.37
C GLU E 72 32.77 -5.78 -16.22
N TRP E 73 33.21 -4.68 -16.84
CA TRP E 73 32.31 -3.87 -17.65
C TRP E 73 31.93 -4.56 -18.97
N ASN E 74 32.93 -4.95 -19.76
CA ASN E 74 32.66 -5.56 -21.06
C ASN E 74 32.17 -7.01 -20.97
N ALA E 75 32.48 -7.67 -19.86
CA ALA E 75 31.89 -8.99 -19.59
C ALA E 75 30.38 -8.87 -19.58
N TYR E 76 29.87 -7.78 -19.01
CA TYR E 76 28.44 -7.56 -18.93
C TYR E 76 27.89 -6.94 -20.21
N TYR E 77 28.46 -5.81 -20.64
CA TYR E 77 27.90 -5.02 -21.75
C TYR E 77 28.25 -5.53 -23.14
N GLU E 78 29.18 -6.47 -23.22
CA GLU E 78 29.51 -7.10 -24.49
C GLU E 78 29.09 -8.56 -24.57
N GLU E 79 28.53 -9.09 -23.48
CA GLU E 79 28.09 -10.48 -23.47
C GLU E 79 26.80 -10.71 -22.68
N VAL E 80 26.92 -10.67 -21.36
CA VAL E 80 25.87 -11.10 -20.45
C VAL E 80 24.54 -10.34 -20.62
N VAL E 81 24.62 -9.03 -20.84
CA VAL E 81 23.40 -8.22 -20.95
C VAL E 81 22.45 -8.67 -22.07
N TYR E 82 23.00 -9.24 -23.13
CA TYR E 82 22.19 -9.67 -24.26
C TYR E 82 21.38 -10.94 -23.99
N VAL E 83 21.90 -11.79 -23.11
CA VAL E 83 21.15 -12.94 -22.61
C VAL E 83 19.95 -12.45 -21.81
N LEU E 84 20.18 -11.48 -20.93
CA LEU E 84 19.13 -10.92 -20.08
C LEU E 84 18.00 -10.32 -20.89
N GLU E 85 18.36 -9.45 -21.83
CA GLU E 85 17.38 -8.83 -22.73
C GLU E 85 16.58 -9.86 -23.50
N GLU E 86 17.24 -10.94 -23.92
CA GLU E 86 16.58 -12.03 -24.62
C GLU E 86 15.59 -12.73 -23.71
N ILE E 87 16.01 -13.04 -22.48
CA ILE E 87 15.15 -13.66 -21.47
C ILE E 87 13.93 -12.79 -21.19
N GLU E 88 14.17 -11.50 -20.95
CA GLU E 88 13.09 -10.56 -20.63
C GLU E 88 12.08 -10.49 -21.78
N TYR E 89 12.59 -10.42 -22.99
CA TYR E 89 11.77 -10.33 -24.20
C TYR E 89 10.93 -11.60 -24.42
N MET E 90 11.54 -12.77 -24.24
CA MET E 90 10.86 -14.04 -24.47
C MET E 90 9.78 -14.31 -23.43
N ILE E 91 10.07 -14.04 -22.16
CA ILE E 91 9.11 -14.21 -21.08
C ILE E 91 7.86 -13.42 -21.45
N GLN E 92 8.09 -12.22 -21.94
CA GLN E 92 7.03 -11.29 -22.22
C GLN E 92 6.17 -11.67 -23.43
N LYS E 93 6.83 -12.19 -24.47
CA LYS E 93 6.18 -12.49 -25.73
C LYS E 93 5.72 -13.93 -25.87
N LEU E 94 6.13 -14.80 -24.94
CA LEU E 94 5.84 -16.24 -25.02
C LEU E 94 4.37 -16.59 -25.26
N PRO E 95 3.41 -16.05 -24.45
CA PRO E 95 2.02 -16.46 -24.64
C PRO E 95 1.50 -16.17 -26.04
N GLU E 96 2.00 -15.08 -26.61
CA GLU E 96 1.60 -14.61 -27.92
C GLU E 96 2.22 -15.45 -29.03
N TRP E 97 3.47 -15.86 -28.84
CA TRP E 97 4.16 -16.70 -29.80
C TRP E 97 3.64 -18.13 -29.80
N ALA E 98 3.29 -18.64 -28.62
CA ALA E 98 2.88 -20.04 -28.45
C ALA E 98 1.43 -20.25 -28.86
N ALA E 99 0.65 -19.18 -28.87
CA ALA E 99 -0.76 -19.23 -29.27
C ALA E 99 -0.90 -19.71 -30.70
N ASP E 100 -1.94 -20.50 -30.94
CA ASP E 100 -2.29 -20.94 -32.28
C ASP E 100 -2.45 -19.73 -33.18
N GLU E 101 -1.88 -19.80 -34.37
CA GLU E 101 -1.86 -18.68 -35.30
C GLU E 101 -2.85 -18.88 -36.44
N PRO E 102 -3.96 -18.14 -36.44
CA PRO E 102 -4.97 -18.27 -37.49
C PRO E 102 -4.42 -17.75 -38.80
N VAL E 103 -4.76 -18.41 -39.90
CA VAL E 103 -4.26 -18.04 -41.22
C VAL E 103 -5.39 -17.69 -42.21
N GLU E 104 -5.00 -17.11 -43.34
CA GLU E 104 -5.92 -16.73 -44.40
C GLU E 104 -6.78 -17.90 -44.91
N LYS E 105 -8.08 -17.68 -44.99
CA LYS E 105 -9.00 -18.69 -45.50
C LYS E 105 -9.20 -18.53 -47.00
N THR E 106 -9.95 -19.46 -47.59
CA THR E 106 -10.39 -19.36 -48.98
C THR E 106 -11.92 -19.42 -49.04
N PRO E 107 -12.51 -19.02 -50.18
CA PRO E 107 -13.95 -19.10 -50.38
C PRO E 107 -14.57 -20.48 -50.06
N GLN E 108 -13.75 -21.52 -50.04
CA GLN E 108 -14.24 -22.88 -49.83
C GLN E 108 -14.00 -23.37 -48.40
N THR E 109 -13.16 -22.66 -47.65
CA THR E 109 -12.82 -23.03 -46.29
C THR E 109 -13.35 -22.02 -45.27
N GLN E 110 -14.46 -21.36 -45.62
CA GLN E 110 -15.10 -20.38 -44.75
C GLN E 110 -15.54 -20.94 -43.41
N GLN E 111 -16.18 -22.11 -43.46
CA GLN E 111 -16.72 -22.76 -42.27
C GLN E 111 -15.63 -23.41 -41.44
N ASP E 112 -14.42 -23.47 -42.00
CA ASP E 112 -13.33 -24.22 -41.38
C ASP E 112 -12.46 -23.37 -40.47
N GLU E 113 -11.71 -24.06 -39.62
CA GLU E 113 -10.66 -23.45 -38.83
C GLU E 113 -9.32 -23.74 -39.50
N LEU E 114 -8.57 -22.69 -39.82
CA LEU E 114 -7.23 -22.87 -40.37
C LEU E 114 -6.22 -22.14 -39.52
N TYR E 115 -5.31 -22.90 -38.92
CA TYR E 115 -4.30 -22.30 -38.06
C TYR E 115 -2.99 -23.06 -38.05
N ILE E 116 -1.96 -22.39 -37.56
CA ILE E 116 -0.66 -22.99 -37.34
C ILE E 116 -0.43 -23.19 -35.86
N HIS E 117 -0.06 -24.43 -35.52
CA HIS E 117 0.11 -24.83 -34.15
C HIS E 117 1.59 -25.02 -33.89
N SER E 118 2.09 -24.36 -32.82
CA SER E 118 3.48 -24.45 -32.43
C SER E 118 3.69 -25.47 -31.33
N GLU E 119 4.68 -26.34 -31.53
CA GLU E 119 4.98 -27.41 -30.56
C GLU E 119 6.50 -27.64 -30.46
N PRO E 120 6.97 -28.08 -29.29
CA PRO E 120 8.40 -28.41 -29.12
C PRO E 120 8.87 -29.51 -30.06
N LEU E 121 10.16 -29.49 -30.38
CA LEU E 121 10.74 -30.56 -31.19
C LEU E 121 11.05 -31.80 -30.34
N GLY E 122 11.55 -31.59 -29.12
CA GLY E 122 11.83 -32.67 -28.19
C GLY E 122 13.08 -32.40 -27.40
N VAL E 123 14.14 -33.12 -27.70
CA VAL E 123 15.43 -32.90 -27.03
C VAL E 123 16.38 -32.19 -27.98
N VAL E 124 16.81 -30.99 -27.57
CA VAL E 124 17.64 -30.13 -28.39
C VAL E 124 19.07 -30.15 -27.93
N LEU E 125 20.01 -30.17 -28.87
CA LEU E 125 21.43 -30.07 -28.51
C LEU E 125 21.98 -28.72 -28.91
N VAL E 126 22.56 -28.02 -27.93
CA VAL E 126 23.27 -26.79 -28.21
C VAL E 126 24.76 -27.00 -27.97
N ILE E 127 25.56 -26.89 -29.03
CA ILE E 127 27.02 -26.95 -28.92
C ILE E 127 27.58 -25.53 -28.97
N GLY E 128 28.20 -25.10 -27.87
CA GLY E 128 28.71 -23.74 -27.78
C GLY E 128 30.12 -23.57 -28.29
N THR E 129 30.53 -22.32 -28.47
CA THR E 129 31.88 -22.02 -28.85
C THR E 129 32.56 -21.17 -27.78
N TRP E 130 33.80 -20.76 -28.01
CA TRP E 130 34.66 -20.24 -26.94
C TRP E 130 34.78 -18.72 -26.88
N ASN E 131 34.59 -18.03 -27.99
CA ASN E 131 34.82 -16.59 -28.02
C ASN E 131 33.82 -15.76 -27.20
N TYR E 132 32.59 -16.23 -27.14
CA TYR E 132 31.61 -15.68 -26.21
C TYR E 132 30.95 -16.86 -25.53
N PRO E 133 31.67 -17.49 -24.58
CA PRO E 133 31.32 -18.81 -24.04
C PRO E 133 30.05 -18.83 -23.19
N PHE E 134 29.63 -17.68 -22.71
CA PHE E 134 28.36 -17.62 -22.02
C PHE E 134 27.24 -17.38 -23.02
N ASN E 135 27.30 -16.26 -23.73
CA ASN E 135 26.26 -15.86 -24.67
C ASN E 135 25.98 -16.93 -25.72
N LEU E 136 27.04 -17.44 -26.35
CA LEU E 136 26.87 -18.40 -27.46
C LEU E 136 26.58 -19.84 -26.99
N THR E 137 26.39 -19.99 -25.69
CA THR E 137 25.89 -21.24 -25.13
C THR E 137 24.47 -21.02 -24.61
N ILE E 138 24.26 -19.93 -23.89
CA ILE E 138 23.01 -19.71 -23.16
C ILE E 138 21.93 -19.00 -23.98
N GLN E 139 22.31 -18.09 -24.88
CA GLN E 139 21.28 -17.44 -25.70
C GLN E 139 20.45 -18.42 -26.56
N PRO E 140 21.12 -19.36 -27.26
CA PRO E 140 20.34 -20.36 -27.98
C PRO E 140 19.48 -21.19 -27.03
N MET E 141 19.99 -21.46 -25.83
CA MET E 141 19.28 -22.25 -24.83
C MET E 141 17.98 -21.58 -24.38
N VAL E 142 18.03 -20.27 -24.19
CA VAL E 142 16.84 -19.51 -23.84
C VAL E 142 15.71 -19.79 -24.84
N GLY E 143 16.05 -19.72 -26.13
CA GLY E 143 15.09 -20.01 -27.19
C GLY E 143 14.52 -21.41 -27.07
N ALA E 144 15.40 -22.40 -26.94
CA ALA E 144 15.02 -23.80 -26.87
C ALA E 144 14.14 -24.13 -25.65
N ILE E 145 14.44 -23.50 -24.53
CA ILE E 145 13.62 -23.57 -23.33
C ILE E 145 12.26 -22.94 -23.58
N ALA E 146 12.27 -21.73 -24.15
CA ALA E 146 11.03 -21.00 -24.41
C ALA E 146 10.10 -21.81 -25.31
N ALA E 147 10.70 -22.63 -26.17
CA ALA E 147 9.96 -23.43 -27.15
C ALA E 147 9.47 -24.74 -26.56
N GLY E 148 9.87 -25.00 -25.32
CA GLY E 148 9.38 -26.14 -24.55
C GLY E 148 10.17 -27.43 -24.76
N ASN E 149 11.43 -27.29 -25.13
CA ASN E 149 12.30 -28.46 -25.32
C ASN E 149 13.09 -28.81 -24.07
N ALA E 150 13.52 -30.06 -24.00
CA ALA E 150 14.66 -30.40 -23.16
C ALA E 150 15.88 -29.92 -23.94
N VAL E 151 16.87 -29.39 -23.23
CA VAL E 151 18.05 -28.83 -23.88
C VAL E 151 19.32 -29.39 -23.26
N VAL E 152 20.08 -30.11 -24.08
CA VAL E 152 21.37 -30.65 -23.68
C VAL E 152 22.45 -29.64 -24.11
N LEU E 153 23.36 -29.32 -23.19
CA LEU E 153 24.42 -28.36 -23.45
C LEU E 153 25.81 -28.99 -23.53
N LYS E 154 26.57 -28.53 -24.53
CA LYS E 154 27.96 -28.91 -24.68
C LYS E 154 28.81 -27.66 -24.89
N PRO E 155 29.35 -27.09 -23.80
CA PRO E 155 30.24 -25.92 -23.88
C PRO E 155 31.59 -26.28 -24.50
N SER E 156 32.26 -25.29 -25.06
CA SER E 156 33.59 -25.46 -25.62
C SER E 156 34.62 -25.61 -24.51
N GLU E 157 35.55 -26.54 -24.70
CA GLU E 157 36.61 -26.81 -23.73
C GLU E 157 37.68 -25.72 -23.72
N LEU E 158 37.80 -24.99 -24.84
CA LEU E 158 38.77 -23.91 -24.96
C LEU E 158 38.51 -22.77 -23.96
N SER E 159 37.23 -22.51 -23.69
CA SER E 159 36.83 -21.62 -22.61
C SER E 159 36.69 -22.42 -21.32
N GLU E 160 37.79 -23.06 -20.96
CA GLU E 160 37.89 -24.00 -19.85
C GLU E 160 37.21 -23.55 -18.54
N ASN E 161 37.39 -22.29 -18.19
CA ASN E 161 36.79 -21.74 -16.96
C ASN E 161 35.27 -21.58 -17.01
N MET E 162 34.78 -21.11 -18.15
CA MET E 162 33.34 -20.98 -18.36
C MET E 162 32.67 -22.34 -18.49
N ALA E 163 33.35 -23.26 -19.15
CA ALA E 163 32.83 -24.61 -19.36
C ALA E 163 32.61 -25.31 -18.04
N SER E 164 33.56 -25.15 -17.13
CA SER E 164 33.54 -25.78 -15.82
C SER E 164 32.55 -25.11 -14.87
N LEU E 165 32.40 -23.79 -15.00
CA LEU E 165 31.45 -23.04 -14.20
C LEU E 165 29.99 -23.35 -14.56
N LEU E 166 29.67 -23.34 -15.85
CA LEU E 166 28.32 -23.65 -16.30
C LEU E 166 27.88 -25.04 -15.86
N ALA E 167 28.78 -26.01 -15.90
CA ALA E 167 28.47 -27.37 -15.43
C ALA E 167 28.11 -27.40 -13.95
N THR E 168 28.62 -26.43 -13.19
CA THR E 168 28.32 -26.30 -11.76
C THR E 168 27.01 -25.54 -11.52
N ILE E 169 26.88 -24.35 -12.10
CA ILE E 169 25.76 -23.47 -11.77
C ILE E 169 24.43 -23.77 -12.51
N ILE E 170 24.49 -24.25 -13.75
CA ILE E 170 23.27 -24.54 -14.50
C ILE E 170 22.34 -25.49 -13.71
N PRO E 171 22.86 -26.63 -13.20
CA PRO E 171 21.97 -27.53 -12.46
C PRO E 171 21.48 -26.97 -11.11
N GLN E 172 22.15 -25.95 -10.59
CA GLN E 172 21.73 -25.35 -9.33
C GLN E 172 20.44 -24.57 -9.49
N TYR E 173 20.18 -24.10 -10.71
CA TYR E 173 19.07 -23.20 -10.96
C TYR E 173 17.97 -23.81 -11.84
N LEU E 174 18.37 -24.61 -12.83
CA LEU E 174 17.44 -25.18 -13.79
C LEU E 174 17.19 -26.66 -13.50
N ASP E 175 16.07 -27.16 -14.01
CA ASP E 175 15.70 -28.57 -13.90
C ASP E 175 16.87 -29.49 -14.30
N LYS E 176 17.17 -30.45 -13.44
CA LYS E 176 18.36 -31.30 -13.60
C LYS E 176 18.31 -32.26 -14.77
N ASP E 177 17.15 -32.81 -15.07
CA ASP E 177 17.07 -33.81 -16.11
C ASP E 177 16.82 -33.19 -17.46
N LEU E 178 16.09 -32.09 -17.49
CA LEU E 178 15.75 -31.43 -18.74
C LEU E 178 16.92 -30.69 -19.38
N TYR E 179 17.83 -30.18 -18.55
CA TYR E 179 18.89 -29.30 -19.03
C TYR E 179 20.30 -29.70 -18.59
N PRO E 180 20.76 -30.91 -18.99
CA PRO E 180 22.06 -31.38 -18.55
C PRO E 180 23.20 -30.70 -19.28
N VAL E 181 24.32 -30.53 -18.58
CA VAL E 181 25.55 -30.02 -19.18
C VAL E 181 26.51 -31.19 -19.40
N ILE E 182 27.07 -31.27 -20.60
CA ILE E 182 28.05 -32.31 -20.94
C ILE E 182 29.45 -31.71 -21.03
N ASN E 183 30.38 -32.29 -20.25
CA ASN E 183 31.78 -31.85 -20.26
C ASN E 183 32.60 -32.61 -21.30
N GLY E 184 33.68 -31.97 -21.75
CA GLY E 184 34.66 -32.64 -22.60
C GLY E 184 35.06 -31.87 -23.85
N GLY E 185 35.71 -32.57 -24.77
CA GLY E 185 36.16 -31.98 -26.03
C GLY E 185 35.68 -32.78 -27.22
N VAL E 186 36.50 -32.77 -28.27
CA VAL E 186 36.18 -33.47 -29.52
C VAL E 186 35.72 -34.94 -29.32
N PRO E 187 36.45 -35.73 -28.51
CA PRO E 187 36.02 -37.13 -28.32
C PRO E 187 34.66 -37.25 -27.68
N GLU E 188 34.38 -36.42 -26.67
CA GLU E 188 33.09 -36.40 -25.99
C GLU E 188 31.99 -35.90 -26.93
N THR E 189 32.27 -34.79 -27.63
CA THR E 189 31.36 -34.23 -28.61
C THR E 189 30.99 -35.25 -29.67
N THR E 190 32.00 -35.91 -30.22
CA THR E 190 31.81 -36.96 -31.23
C THR E 190 30.84 -38.03 -30.73
N GLU E 191 30.95 -38.37 -29.46
CA GLU E 191 30.10 -39.40 -28.90
C GLU E 191 28.67 -38.95 -28.65
N LEU E 192 28.54 -37.70 -28.24
CA LEU E 192 27.24 -37.07 -28.05
C LEU E 192 26.44 -37.05 -29.35
N LEU E 193 27.13 -36.91 -30.47
CA LEU E 193 26.51 -36.84 -31.79
C LEU E 193 25.98 -38.19 -32.30
N LYS E 194 26.23 -39.26 -31.57
CA LYS E 194 25.65 -40.57 -31.88
C LYS E 194 24.27 -40.71 -31.27
N GLU E 195 23.97 -39.90 -30.26
CA GLU E 195 22.67 -39.89 -29.60
C GLU E 195 21.63 -39.23 -30.50
N ARG E 196 20.35 -39.58 -30.30
CA ARG E 196 19.27 -39.07 -31.12
CA ARG E 196 19.27 -39.06 -31.12
C ARG E 196 18.74 -37.75 -30.56
N PHE E 197 18.87 -36.68 -31.33
CA PHE E 197 18.35 -35.38 -30.94
C PHE E 197 17.29 -34.95 -31.93
N ASP E 198 16.45 -34.01 -31.52
CA ASP E 198 15.38 -33.49 -32.37
C ASP E 198 15.79 -32.24 -33.12
N HIS E 199 16.74 -31.50 -32.56
CA HIS E 199 17.36 -30.39 -33.26
C HIS E 199 18.77 -30.23 -32.73
N ILE E 200 19.69 -29.76 -33.58
CA ILE E 200 21.05 -29.44 -33.17
C ILE E 200 21.40 -28.04 -33.60
N LEU E 201 21.84 -27.21 -32.66
CA LEU E 201 22.37 -25.90 -33.00
C LEU E 201 23.86 -25.92 -32.67
N TYR E 202 24.67 -25.54 -33.64
CA TYR E 202 26.12 -25.53 -33.47
C TYR E 202 26.71 -24.21 -33.93
N THR E 203 27.56 -23.63 -33.09
CA THR E 203 28.30 -22.44 -33.46
C THR E 203 29.77 -22.80 -33.48
N GLY E 204 30.42 -22.53 -34.60
CA GLY E 204 31.83 -22.80 -34.72
C GLY E 204 32.33 -22.61 -36.12
N SER E 205 33.13 -23.56 -36.59
CA SER E 205 33.83 -23.45 -37.86
C SER E 205 33.10 -24.18 -38.97
N THR E 206 33.32 -23.71 -40.19
CA THR E 206 32.76 -24.31 -41.40
C THR E 206 33.05 -25.81 -41.48
N GLY E 207 34.32 -26.18 -41.29
CA GLY E 207 34.74 -27.59 -41.32
C GLY E 207 33.96 -28.52 -40.40
N VAL E 208 33.82 -28.11 -39.13
CA VAL E 208 33.11 -28.91 -38.14
C VAL E 208 31.60 -28.95 -38.43
N GLY E 209 31.06 -27.86 -38.98
CA GLY E 209 29.66 -27.83 -39.42
C GLY E 209 29.29 -29.03 -40.28
N LYS E 210 30.16 -29.39 -41.22
CA LYS E 210 29.96 -30.56 -42.09
C LYS E 210 29.89 -31.86 -41.28
N ILE E 211 30.70 -31.95 -40.23
CA ILE E 211 30.69 -33.11 -39.32
C ILE E 211 29.37 -33.16 -38.54
N ILE E 212 28.97 -32.03 -37.97
CA ILE E 212 27.69 -31.97 -37.25
C ILE E 212 26.57 -32.43 -38.19
N MET E 213 26.54 -31.87 -39.40
CA MET E 213 25.48 -32.19 -40.35
C MET E 213 25.48 -33.65 -40.77
N THR E 214 26.67 -34.21 -40.98
CA THR E 214 26.82 -35.63 -41.31
C THR E 214 26.28 -36.52 -40.18
N ALA E 215 26.57 -36.13 -38.93
CA ALA E 215 26.06 -36.85 -37.78
C ALA E 215 24.54 -36.73 -37.67
N ALA E 216 24.03 -35.54 -37.98
CA ALA E 216 22.61 -35.26 -37.91
C ALA E 216 21.82 -36.07 -38.93
N ALA E 217 22.40 -36.25 -40.11
CA ALA E 217 21.73 -36.99 -41.20
C ALA E 217 21.28 -38.40 -40.78
N LYS E 218 22.04 -39.02 -39.89
CA LYS E 218 21.78 -40.40 -39.46
C LYS E 218 20.48 -40.59 -38.68
N HIS E 219 19.99 -39.51 -38.06
CA HIS E 219 18.69 -39.52 -37.37
C HIS E 219 17.70 -38.55 -38.01
N LEU E 220 18.07 -38.02 -39.18
CA LEU E 220 17.34 -36.93 -39.84
C LEU E 220 17.04 -35.79 -38.88
N THR E 221 18.10 -35.28 -38.24
CA THR E 221 17.97 -34.21 -37.27
C THR E 221 18.21 -32.86 -37.95
N PRO E 222 17.24 -31.95 -37.85
CA PRO E 222 17.42 -30.61 -38.43
C PRO E 222 18.52 -29.88 -37.69
N VAL E 223 19.26 -29.03 -38.39
CA VAL E 223 20.38 -28.30 -37.79
C VAL E 223 20.32 -26.81 -38.03
N THR E 224 20.83 -26.06 -37.06
CA THR E 224 21.13 -24.65 -37.26
C THR E 224 22.63 -24.52 -37.11
N LEU E 225 23.28 -24.04 -38.16
CA LEU E 225 24.71 -23.88 -38.15
C LEU E 225 25.10 -22.43 -38.29
N GLU E 226 25.80 -21.95 -37.26
CA GLU E 226 26.30 -20.61 -37.21
C GLU E 226 27.80 -20.68 -37.44
N LEU E 227 28.23 -20.46 -38.68
CA LEU E 227 29.62 -20.74 -39.06
C LEU E 227 30.45 -19.48 -39.30
N GLY E 228 31.54 -19.60 -40.04
CA GLY E 228 32.41 -18.46 -40.23
C GLY E 228 32.59 -18.00 -41.65
N GLY E 229 33.72 -17.34 -41.88
CA GLY E 229 34.04 -16.75 -43.17
C GLY E 229 34.75 -15.43 -42.90
N LYS E 230 35.02 -14.68 -43.96
CA LYS E 230 35.64 -13.38 -43.80
C LYS E 230 34.64 -12.28 -44.11
N SER E 231 34.29 -11.53 -43.08
CA SER E 231 33.30 -10.47 -43.22
C SER E 231 33.95 -9.20 -43.80
N PRO E 232 33.58 -8.84 -45.04
CA PRO E 232 34.21 -7.71 -45.68
C PRO E 232 33.65 -6.40 -45.14
N CYS E 233 34.46 -5.35 -45.23
CA CYS E 233 34.04 -4.03 -44.85
C CYS E 233 34.45 -3.04 -45.94
N TYR E 234 33.48 -2.66 -46.77
CA TYR E 234 33.74 -1.70 -47.84
C TYR E 234 33.59 -0.27 -47.35
N VAL E 235 34.60 0.55 -47.64
CA VAL E 235 34.57 1.98 -47.29
C VAL E 235 34.57 2.84 -48.56
N ASP E 236 33.54 3.66 -48.69
CA ASP E 236 33.34 4.50 -49.87
C ASP E 236 34.17 5.78 -49.79
N LYS E 237 34.47 6.37 -50.95
CA LYS E 237 35.35 7.54 -51.03
C LYS E 237 34.83 8.82 -50.37
N ASN E 238 33.59 9.22 -50.65
CA ASN E 238 33.09 10.53 -50.19
C ASN E 238 32.38 10.50 -48.83
N CYS E 239 32.66 9.50 -48.01
CA CYS E 239 32.04 9.41 -46.70
C CYS E 239 32.96 9.93 -45.59
N ASP E 240 32.38 10.33 -44.47
CA ASP E 240 33.15 10.82 -43.32
C ASP E 240 33.93 9.67 -42.69
N LEU E 241 35.24 9.65 -42.93
CA LEU E 241 36.11 8.58 -42.45
C LEU E 241 36.38 8.64 -40.95
N ASP E 242 36.16 9.79 -40.33
CA ASP E 242 36.33 9.93 -38.87
C ASP E 242 35.36 9.00 -38.13
N VAL E 243 34.09 9.09 -38.49
CA VAL E 243 33.04 8.29 -37.87
C VAL E 243 33.21 6.82 -38.27
N ALA E 244 33.49 6.60 -39.55
CA ALA E 244 33.64 5.24 -40.10
C ALA E 244 34.72 4.44 -39.38
N CYS E 245 35.93 4.96 -39.33
CA CYS E 245 37.07 4.23 -38.78
C CYS E 245 36.96 3.97 -37.28
N ARG E 246 36.26 4.85 -36.57
CA ARG E 246 36.02 4.67 -35.14
C ARG E 246 35.15 3.43 -34.93
N ARG E 247 34.08 3.34 -35.71
CA ARG E 247 33.15 2.23 -35.64
C ARG E 247 33.80 0.91 -36.06
N ILE E 248 34.53 0.93 -37.19
CA ILE E 248 35.27 -0.23 -37.67
C ILE E 248 36.25 -0.73 -36.59
N ALA E 249 37.09 0.17 -36.06
CA ALA E 249 38.09 -0.18 -35.04
C ALA E 249 37.45 -0.79 -33.79
N TRP E 250 36.31 -0.24 -33.39
CA TRP E 250 35.56 -0.76 -32.26
C TRP E 250 35.19 -2.23 -32.48
N GLY E 251 34.46 -2.49 -33.56
CA GLY E 251 33.99 -3.83 -33.87
C GLY E 251 35.10 -4.80 -34.21
N LYS E 252 36.16 -4.30 -34.81
CA LYS E 252 37.29 -5.13 -35.20
C LYS E 252 38.10 -5.60 -34.00
N PHE E 253 38.32 -4.72 -33.03
CA PHE E 253 39.31 -5.02 -31.99
C PHE E 253 38.75 -5.41 -30.63
N MET E 254 37.44 -5.31 -30.46
CA MET E 254 36.81 -5.84 -29.25
C MET E 254 37.05 -7.34 -29.17
N ASN E 255 37.14 -7.86 -27.94
CA ASN E 255 37.44 -9.27 -27.69
C ASN E 255 38.70 -9.71 -28.45
N SER E 256 39.64 -8.78 -28.59
CA SER E 256 40.89 -9.03 -29.30
C SER E 256 40.65 -9.65 -30.69
N GLY E 257 39.62 -9.16 -31.38
CA GLY E 257 39.33 -9.58 -32.75
C GLY E 257 38.59 -10.91 -32.90
N GLN E 258 38.22 -11.52 -31.79
CA GLN E 258 37.64 -12.86 -31.80
C GLN E 258 36.11 -12.83 -31.82
N THR E 259 35.57 -12.44 -32.96
CA THR E 259 34.15 -12.19 -33.12
C THR E 259 33.74 -12.65 -34.52
N CYS E 260 32.70 -13.48 -34.58
CA CYS E 260 32.23 -14.05 -35.83
C CYS E 260 31.81 -12.99 -36.83
N VAL E 261 31.30 -11.87 -36.33
CA VAL E 261 30.84 -10.78 -37.20
C VAL E 261 31.76 -9.57 -37.13
N ALA E 262 33.00 -9.78 -36.70
CA ALA E 262 34.03 -8.75 -36.79
C ALA E 262 34.23 -8.37 -38.24
N PRO E 263 34.41 -7.07 -38.53
CA PRO E 263 34.85 -6.73 -39.88
C PRO E 263 36.23 -7.33 -40.05
N ASP E 264 36.36 -8.32 -40.94
CA ASP E 264 37.59 -9.08 -41.04
C ASP E 264 38.67 -8.33 -41.83
N TYR E 265 38.26 -7.64 -42.89
CA TYR E 265 39.18 -6.88 -43.74
C TYR E 265 38.47 -5.69 -44.37
N ILE E 266 39.26 -4.72 -44.84
CA ILE E 266 38.70 -3.53 -45.47
C ILE E 266 38.95 -3.53 -46.98
N LEU E 267 37.94 -3.11 -47.73
CA LEU E 267 38.06 -2.82 -49.15
C LEU E 267 37.86 -1.32 -49.34
N CYS E 268 38.83 -0.67 -49.98
CA CYS E 268 38.75 0.77 -50.27
C CYS E 268 39.60 1.17 -51.47
N ASP E 269 39.28 2.33 -52.04
CA ASP E 269 40.09 2.93 -53.08
C ASP E 269 41.48 3.27 -52.52
N PRO E 270 42.56 2.98 -53.28
CA PRO E 270 43.92 3.24 -52.79
C PRO E 270 44.18 4.70 -52.39
N SER E 271 43.33 5.60 -52.87
CA SER E 271 43.48 7.04 -52.60
C SER E 271 43.09 7.42 -51.16
N ILE E 272 42.27 6.60 -50.52
CA ILE E 272 41.85 6.89 -49.15
C ILE E 272 42.47 5.95 -48.12
N GLN E 273 43.32 5.03 -48.58
CA GLN E 273 43.95 4.05 -47.71
C GLN E 273 44.61 4.65 -46.48
N ASN E 274 45.61 5.51 -46.70
CA ASN E 274 46.42 6.06 -45.62
C ASN E 274 45.66 6.89 -44.58
N GLN E 275 44.64 7.61 -45.04
CA GLN E 275 43.75 8.34 -44.15
C GLN E 275 43.01 7.37 -43.22
N ILE E 276 42.54 6.26 -43.80
CA ILE E 276 41.90 5.18 -43.03
C ILE E 276 42.85 4.66 -41.97
N VAL E 277 44.05 4.26 -42.38
CA VAL E 277 45.10 3.78 -41.48
C VAL E 277 45.29 4.77 -40.33
N GLU E 278 45.38 6.04 -40.69
CA GLU E 278 45.58 7.12 -39.73
C GLU E 278 44.42 7.25 -38.74
N LYS E 279 43.19 7.32 -39.26
CA LYS E 279 42.00 7.50 -38.44
C LYS E 279 41.71 6.28 -37.56
N LEU E 280 42.23 5.12 -37.99
CA LEU E 280 42.15 3.91 -37.19
C LEU E 280 43.09 4.00 -36.00
N LYS E 281 44.34 4.37 -36.25
CA LYS E 281 45.33 4.60 -35.19
C LYS E 281 44.78 5.55 -34.14
N LYS E 282 44.27 6.69 -34.60
CA LYS E 282 43.71 7.73 -33.74
C LYS E 282 42.62 7.16 -32.85
N SER E 283 41.73 6.34 -33.42
CA SER E 283 40.65 5.70 -32.67
C SER E 283 41.18 4.64 -31.72
N LEU E 284 42.14 3.84 -32.19
CA LEU E 284 42.78 2.83 -31.35
C LEU E 284 43.48 3.41 -30.12
N LYS E 285 44.16 4.54 -30.31
CA LYS E 285 44.84 5.23 -29.21
C LYS E 285 43.85 5.74 -28.15
N GLU E 286 42.69 6.20 -28.60
CA GLU E 286 41.62 6.62 -27.69
C GLU E 286 41.08 5.46 -26.88
N PHE E 287 40.88 4.31 -27.53
CA PHE E 287 40.36 3.11 -26.86
C PHE E 287 41.32 2.52 -25.82
N TYR E 288 42.56 2.24 -26.24
CA TYR E 288 43.46 1.40 -25.48
C TYR E 288 44.77 2.07 -25.05
N GLY E 289 44.87 3.39 -25.25
CA GLY E 289 46.09 4.13 -24.94
C GLY E 289 47.21 3.87 -25.93
N GLU E 290 48.40 4.37 -25.61
CA GLU E 290 49.58 4.19 -26.46
C GLU E 290 50.03 2.74 -26.49
N ASP E 291 50.03 2.09 -25.33
CA ASP E 291 50.32 0.67 -25.23
C ASP E 291 49.09 -0.09 -24.77
N ALA E 292 48.57 -0.92 -25.66
CA ALA E 292 47.34 -1.69 -25.44
C ALA E 292 47.49 -2.77 -24.38
N LYS E 293 48.72 -3.22 -24.16
CA LYS E 293 49.03 -4.24 -23.15
C LYS E 293 48.72 -3.75 -21.73
N LYS E 294 48.61 -2.44 -21.57
CA LYS E 294 48.37 -1.83 -20.25
C LYS E 294 46.91 -1.44 -20.05
N SER E 295 46.06 -1.79 -21.02
CA SER E 295 44.64 -1.48 -20.95
C SER E 295 43.87 -2.68 -20.44
N ARG E 296 43.03 -2.45 -19.44
CA ARG E 296 42.17 -3.50 -18.92
C ARG E 296 40.94 -3.74 -19.80
N ASP E 297 40.77 -2.91 -20.82
CA ASP E 297 39.68 -3.04 -21.80
C ASP E 297 40.05 -3.90 -22.99
N TYR E 298 41.34 -4.21 -23.12
CA TYR E 298 41.82 -4.97 -24.26
C TYR E 298 41.99 -6.44 -23.90
N GLY E 299 41.57 -7.31 -24.81
CA GLY E 299 41.56 -8.74 -24.55
C GLY E 299 42.84 -9.49 -24.90
N ARG E 300 42.80 -10.81 -24.73
CA ARG E 300 43.89 -11.70 -25.07
C ARG E 300 43.36 -12.84 -25.93
N ILE E 301 44.25 -13.46 -26.72
CA ILE E 301 43.91 -14.63 -27.51
C ILE E 301 43.64 -15.83 -26.60
N ILE E 302 42.69 -16.67 -27.01
CA ILE E 302 42.18 -17.78 -26.19
C ILE E 302 43.21 -18.88 -25.84
N SER E 303 43.97 -19.33 -26.83
CA SER E 303 44.87 -20.46 -26.66
C SER E 303 46.21 -20.23 -27.32
N ALA E 304 47.19 -21.05 -26.96
CA ALA E 304 48.53 -20.97 -27.52
C ALA E 304 48.52 -21.24 -29.02
N ARG E 305 47.75 -22.25 -29.42
CA ARG E 305 47.63 -22.64 -30.81
C ARG E 305 47.10 -21.50 -31.69
N HIS E 306 46.09 -20.79 -31.20
CA HIS E 306 45.51 -19.67 -31.93
C HIS E 306 46.39 -18.42 -31.94
N PHE E 307 47.18 -18.24 -30.89
CA PHE E 307 48.12 -17.13 -30.83
C PHE E 307 49.13 -17.22 -31.98
N GLN E 308 49.63 -18.42 -32.22
CA GLN E 308 50.60 -18.64 -33.26
C GLN E 308 50.00 -18.53 -34.65
N ARG E 309 48.80 -19.08 -34.81
CA ARG E 309 48.06 -18.94 -36.06
C ARG E 309 47.98 -17.46 -36.45
N VAL E 310 47.55 -16.63 -35.49
CA VAL E 310 47.37 -15.20 -35.74
C VAL E 310 48.70 -14.50 -36.08
N MET E 311 49.76 -14.82 -35.33
CA MET E 311 51.10 -14.26 -35.59
C MET E 311 51.65 -14.64 -36.97
N GLY E 312 51.45 -15.89 -37.37
CA GLY E 312 51.88 -16.38 -38.67
C GLY E 312 51.26 -15.67 -39.85
N LEU E 313 50.12 -15.00 -39.61
CA LEU E 313 49.42 -14.27 -40.66
C LEU E 313 49.98 -12.86 -40.86
N ILE E 314 50.76 -12.39 -39.89
CA ILE E 314 51.39 -11.07 -39.95
C ILE E 314 52.67 -11.10 -40.78
N GLU E 315 53.22 -12.29 -40.99
CA GLU E 315 54.50 -12.43 -41.68
C GLU E 315 54.47 -12.06 -43.15
N GLY E 316 55.59 -11.49 -43.60
CA GLY E 316 55.74 -11.04 -44.97
C GLY E 316 54.71 -9.98 -45.35
N GLN E 317 54.24 -9.23 -44.36
CA GLN E 317 53.21 -8.22 -44.59
C GLN E 317 53.69 -6.82 -44.21
N LYS E 318 53.19 -5.84 -44.96
CA LYS E 318 53.48 -4.44 -44.73
C LYS E 318 52.71 -3.96 -43.49
N VAL E 319 53.41 -3.89 -42.36
CA VAL E 319 52.81 -3.45 -41.09
C VAL E 319 52.77 -1.92 -41.04
N ALA E 320 51.60 -1.38 -40.72
CA ALA E 320 51.44 0.07 -40.60
C ALA E 320 51.23 0.52 -39.16
N TYR E 321 51.04 -0.45 -38.25
CA TYR E 321 50.68 -0.18 -36.86
C TYR E 321 50.63 -1.49 -36.06
N GLY E 322 51.32 -1.57 -34.92
CA GLY E 322 51.42 -2.78 -34.12
C GLY E 322 52.37 -3.80 -34.73
N GLY E 323 51.93 -5.05 -34.81
CA GLY E 323 52.71 -6.12 -35.43
C GLY E 323 53.40 -7.07 -34.47
N THR E 324 53.48 -6.68 -33.20
CA THR E 324 54.21 -7.46 -32.20
C THR E 324 53.26 -8.22 -31.25
N GLY E 325 53.76 -9.31 -30.67
CA GLY E 325 52.99 -10.11 -29.72
C GLY E 325 53.82 -10.79 -28.65
N ASP E 326 53.18 -11.09 -27.53
CA ASP E 326 53.83 -11.75 -26.39
C ASP E 326 53.22 -13.11 -26.11
N ALA E 327 54.02 -14.16 -26.31
CA ALA E 327 53.57 -15.56 -26.20
C ALA E 327 53.08 -15.99 -24.81
N ALA E 328 53.70 -15.42 -23.77
CA ALA E 328 53.38 -15.77 -22.39
C ALA E 328 51.92 -15.46 -22.04
N THR E 329 51.53 -14.20 -22.20
CA THR E 329 50.18 -13.76 -21.86
C THR E 329 49.23 -13.82 -23.06
N ARG E 330 49.75 -14.26 -24.20
CA ARG E 330 49.00 -14.37 -25.46
C ARG E 330 48.38 -13.05 -25.89
N TYR E 331 49.22 -12.01 -25.92
CA TYR E 331 48.80 -10.68 -26.34
C TYR E 331 49.28 -10.43 -27.77
N ILE E 332 48.41 -9.83 -28.58
CA ILE E 332 48.78 -9.33 -29.90
C ILE E 332 48.30 -7.90 -30.01
N ALA E 333 49.24 -7.00 -30.27
CA ALA E 333 48.94 -5.59 -30.44
C ALA E 333 48.01 -5.37 -31.63
N PRO E 334 47.07 -4.41 -31.50
CA PRO E 334 46.22 -4.02 -32.63
C PRO E 334 47.06 -3.73 -33.87
N THR E 335 46.92 -4.58 -34.89
CA THR E 335 47.74 -4.53 -36.08
C THR E 335 46.92 -4.14 -37.31
N ILE E 336 47.48 -3.21 -38.10
CA ILE E 336 46.87 -2.81 -39.37
C ILE E 336 47.87 -3.11 -40.48
N LEU E 337 47.41 -3.85 -41.49
CA LEU E 337 48.26 -4.19 -42.64
C LEU E 337 47.79 -3.44 -43.89
N THR E 338 48.75 -2.91 -44.65
CA THR E 338 48.45 -2.12 -45.85
C THR E 338 48.81 -2.85 -47.14
N ASP E 339 48.24 -2.40 -48.25
CA ASP E 339 48.47 -2.97 -49.58
C ASP E 339 48.61 -4.49 -49.52
N VAL E 340 47.56 -5.14 -49.06
CA VAL E 340 47.57 -6.58 -48.80
C VAL E 340 47.23 -7.35 -50.07
N ASP E 341 47.98 -8.42 -50.31
CA ASP E 341 47.76 -9.31 -51.45
C ASP E 341 46.63 -10.30 -51.15
N PRO E 342 45.54 -10.27 -51.97
CA PRO E 342 44.38 -11.15 -51.77
C PRO E 342 44.71 -12.64 -51.65
N GLN E 343 45.88 -13.05 -52.16
CA GLN E 343 46.29 -14.46 -52.13
C GLN E 343 47.14 -14.83 -50.91
N SER E 344 47.56 -13.83 -50.15
CA SER E 344 48.39 -14.05 -48.97
C SER E 344 47.58 -14.70 -47.83
N PRO E 345 48.26 -15.44 -46.94
CA PRO E 345 47.58 -16.22 -45.91
C PRO E 345 46.52 -15.44 -45.11
N VAL E 346 46.85 -14.21 -44.74
CA VAL E 346 45.95 -13.36 -43.95
C VAL E 346 44.66 -13.02 -44.68
N MET E 347 44.62 -13.26 -45.99
CA MET E 347 43.41 -13.06 -46.77
C MET E 347 42.82 -14.37 -47.29
N GLN E 348 43.28 -15.50 -46.73
CA GLN E 348 42.83 -16.82 -47.18
C GLN E 348 42.16 -17.65 -46.08
N GLU E 349 41.95 -17.05 -44.91
CA GLU E 349 41.25 -17.68 -43.80
C GLU E 349 40.61 -16.63 -42.88
N GLU E 350 39.67 -17.05 -42.04
CA GLU E 350 39.10 -16.17 -41.03
C GLU E 350 40.20 -15.80 -40.03
N ILE E 351 40.44 -14.50 -39.88
CA ILE E 351 41.53 -14.01 -39.04
C ILE E 351 41.30 -14.35 -37.58
N PHE E 352 40.14 -13.92 -37.04
CA PHE E 352 39.76 -14.17 -35.65
C PHE E 352 40.87 -13.69 -34.69
N GLY E 353 41.37 -12.48 -34.96
CA GLY E 353 42.45 -11.88 -34.20
C GLY E 353 42.57 -10.39 -34.50
N PRO E 354 43.42 -9.68 -33.75
CA PRO E 354 43.46 -8.23 -33.87
C PRO E 354 44.37 -7.76 -34.99
N VAL E 355 44.14 -8.28 -36.20
CA VAL E 355 44.94 -7.97 -37.36
C VAL E 355 44.00 -7.56 -38.49
N LEU E 356 44.11 -6.29 -38.92
CA LEU E 356 43.20 -5.76 -39.92
C LEU E 356 43.90 -5.46 -41.26
N PRO E 357 43.71 -6.34 -42.25
CA PRO E 357 44.28 -6.07 -43.57
C PRO E 357 43.42 -5.10 -44.36
N ILE E 358 44.09 -4.27 -45.15
CA ILE E 358 43.42 -3.35 -46.07
C ILE E 358 43.75 -3.77 -47.50
N VAL E 359 42.72 -4.13 -48.26
CA VAL E 359 42.87 -4.52 -49.66
C VAL E 359 42.28 -3.43 -50.55
N CYS E 360 43.01 -3.05 -51.58
CA CYS E 360 42.59 -1.98 -52.48
C CYS E 360 41.76 -2.48 -53.65
N VAL E 361 40.65 -1.79 -53.89
CA VAL E 361 39.80 -1.98 -55.06
C VAL E 361 39.56 -0.60 -55.68
N ARG E 362 39.36 -0.53 -56.99
CA ARG E 362 39.29 0.79 -57.63
C ARG E 362 37.89 1.23 -58.06
N SER E 363 36.89 0.43 -57.68
CA SER E 363 35.48 0.78 -57.89
C SER E 363 34.57 -0.07 -57.01
N LEU E 364 33.34 0.39 -56.84
CA LEU E 364 32.30 -0.36 -56.15
C LEU E 364 32.07 -1.71 -56.83
N GLU E 365 32.04 -1.69 -58.17
CA GLU E 365 31.79 -2.89 -58.98
C GLU E 365 32.87 -3.95 -58.78
N GLU E 366 34.10 -3.51 -58.55
CA GLU E 366 35.22 -4.39 -58.31
C GLU E 366 35.18 -4.97 -56.89
N ALA E 367 34.68 -4.18 -55.95
CA ALA E 367 34.50 -4.64 -54.57
C ALA E 367 33.44 -5.74 -54.54
N ILE E 368 32.33 -5.48 -55.23
CA ILE E 368 31.24 -6.44 -55.36
C ILE E 368 31.74 -7.75 -55.96
N GLN E 369 32.50 -7.65 -57.04
CA GLN E 369 33.07 -8.83 -57.69
C GLN E 369 34.02 -9.59 -56.76
N PHE E 370 34.83 -8.84 -56.01
CA PHE E 370 35.77 -9.42 -55.06
C PHE E 370 35.06 -10.27 -54.01
N ILE E 371 33.95 -9.74 -53.50
CA ILE E 371 33.15 -10.41 -52.47
C ILE E 371 32.45 -11.65 -53.03
N ASN E 372 31.83 -11.51 -54.19
CA ASN E 372 31.08 -12.60 -54.82
C ASN E 372 31.91 -13.80 -55.25
N GLN E 373 33.21 -13.62 -55.43
CA GLN E 373 34.09 -14.70 -55.85
C GLN E 373 34.58 -15.53 -54.67
N ARG E 374 34.25 -15.08 -53.47
CA ARG E 374 34.60 -15.80 -52.27
C ARG E 374 33.35 -16.43 -51.66
N GLU E 375 33.54 -17.28 -50.67
CA GLU E 375 32.42 -17.90 -49.97
C GLU E 375 31.61 -16.84 -49.23
N LYS E 376 30.31 -17.09 -49.09
CA LYS E 376 29.41 -16.11 -48.51
C LYS E 376 29.72 -15.89 -47.03
N PRO E 377 29.90 -14.62 -46.63
CA PRO E 377 30.26 -14.25 -45.27
C PRO E 377 29.05 -14.13 -44.33
N LEU E 378 29.28 -14.31 -43.04
CA LEU E 378 28.23 -14.16 -42.03
C LEU E 378 27.71 -12.73 -41.98
N ALA E 379 28.61 -11.77 -42.14
CA ALA E 379 28.24 -10.35 -42.18
C ALA E 379 28.87 -9.63 -43.37
N LEU E 380 28.19 -8.59 -43.83
CA LEU E 380 28.75 -7.68 -44.83
C LEU E 380 28.56 -6.25 -44.33
N TYR E 381 29.64 -5.48 -44.40
CA TYR E 381 29.65 -4.10 -43.92
C TYR E 381 30.06 -3.13 -45.02
N MET E 382 29.41 -1.98 -45.03
CA MET E 382 29.74 -0.92 -45.98
C MET E 382 29.54 0.43 -45.32
N PHE E 383 30.39 1.38 -45.67
CA PHE E 383 30.31 2.73 -45.14
C PHE E 383 30.24 3.73 -46.27
N SER E 384 29.14 4.49 -46.30
CA SER E 384 28.84 5.41 -47.40
C SER E 384 27.68 6.35 -47.06
N SER E 385 27.77 7.58 -47.56
CA SER E 385 26.69 8.57 -47.45
C SER E 385 25.61 8.33 -48.51
N ASN E 386 26.00 7.63 -49.57
CA ASN E 386 25.14 7.42 -50.74
C ASN E 386 24.25 6.20 -50.60
N ASP E 387 22.94 6.46 -50.53
CA ASP E 387 21.91 5.42 -50.37
C ASP E 387 21.83 4.46 -51.55
N LYS E 388 22.31 4.92 -52.71
CA LYS E 388 22.33 4.10 -53.91
C LYS E 388 23.50 3.13 -53.97
N VAL E 389 24.62 3.51 -53.34
CA VAL E 389 25.77 2.62 -53.23
C VAL E 389 25.46 1.48 -52.27
N ILE E 390 24.80 1.81 -51.16
CA ILE E 390 24.35 0.82 -50.17
C ILE E 390 23.41 -0.20 -50.81
N LYS E 391 22.36 0.30 -51.44
CA LYS E 391 21.33 -0.55 -52.06
C LYS E 391 21.89 -1.44 -53.16
N LYS E 392 22.88 -0.94 -53.91
CA LYS E 392 23.48 -1.71 -55.00
C LYS E 392 24.32 -2.87 -54.48
N MET E 393 25.20 -2.60 -53.52
CA MET E 393 26.04 -3.65 -52.96
C MET E 393 25.22 -4.75 -52.29
N ILE E 394 24.15 -4.36 -51.60
CA ILE E 394 23.23 -5.33 -51.02
C ILE E 394 22.60 -6.21 -52.10
N ALA E 395 22.02 -5.57 -53.12
CA ALA E 395 21.32 -6.26 -54.22
C ALA E 395 22.20 -7.20 -55.02
N GLU E 396 23.51 -6.94 -55.02
CA GLU E 396 24.42 -7.68 -55.88
C GLU E 396 25.39 -8.59 -55.13
N THR E 397 25.23 -8.68 -53.81
CA THR E 397 26.00 -9.63 -53.01
C THR E 397 25.06 -10.58 -52.25
N SER E 398 25.66 -11.52 -51.52
CA SER E 398 24.91 -12.38 -50.62
C SER E 398 25.71 -12.58 -49.35
N SER E 399 25.07 -12.41 -48.20
CA SER E 399 25.70 -12.63 -46.90
C SER E 399 24.64 -12.99 -45.89
N GLY E 400 25.07 -13.52 -44.75
CA GLY E 400 24.15 -13.83 -43.64
C GLY E 400 23.30 -12.63 -43.29
N GLY E 401 23.97 -11.53 -42.90
CA GLY E 401 23.32 -10.27 -42.62
C GLY E 401 24.16 -9.09 -43.09
N VAL E 402 23.56 -7.91 -43.04
CA VAL E 402 24.21 -6.70 -43.54
C VAL E 402 24.04 -5.54 -42.57
N ALA E 403 25.12 -4.82 -42.34
CA ALA E 403 25.03 -3.51 -41.68
C ALA E 403 25.73 -2.44 -42.52
N ALA E 404 25.00 -1.36 -42.79
CA ALA E 404 25.56 -0.20 -43.47
C ALA E 404 25.85 0.88 -42.43
N ASN E 405 27.06 1.42 -42.47
CA ASN E 405 27.52 2.50 -41.58
C ASN E 405 27.65 2.14 -40.09
N ASP E 406 27.73 0.84 -39.81
CA ASP E 406 28.09 0.34 -38.47
C ASP E 406 28.49 -1.11 -38.58
N VAL E 407 29.00 -1.66 -37.47
CA VAL E 407 29.38 -3.07 -37.38
C VAL E 407 28.81 -3.68 -36.11
N ILE E 408 28.75 -5.02 -36.07
CA ILE E 408 28.30 -5.78 -34.88
C ILE E 408 26.82 -5.63 -34.51
N VAL E 409 26.35 -4.39 -34.39
CA VAL E 409 25.04 -4.08 -33.81
C VAL E 409 23.83 -4.79 -34.43
N HIS E 410 23.94 -5.19 -35.70
CA HIS E 410 22.81 -5.79 -36.40
C HIS E 410 22.38 -7.13 -35.83
N ILE E 411 23.28 -7.77 -35.07
CA ILE E 411 22.98 -9.07 -34.46
C ILE E 411 22.50 -8.97 -33.00
N THR E 412 22.19 -7.76 -32.55
CA THR E 412 21.72 -7.51 -31.19
C THR E 412 20.27 -7.03 -31.13
N LEU E 413 19.60 -7.02 -32.28
CA LEU E 413 18.23 -6.53 -32.35
C LEU E 413 17.28 -7.71 -32.43
N HIS E 414 16.27 -7.69 -31.56
CA HIS E 414 15.32 -8.80 -31.43
CA HIS E 414 15.34 -8.81 -31.44
C HIS E 414 14.55 -9.08 -32.72
N SER E 415 14.39 -8.07 -33.56
CA SER E 415 13.59 -8.18 -34.78
C SER E 415 14.36 -8.63 -36.03
N LEU E 416 15.68 -8.71 -35.91
CA LEU E 416 16.53 -9.15 -37.01
C LEU E 416 17.14 -10.54 -36.74
N PRO E 417 16.59 -11.60 -37.38
CA PRO E 417 17.16 -12.93 -37.22
C PRO E 417 18.65 -12.96 -37.55
N PHE E 418 19.42 -13.68 -36.74
CA PHE E 418 20.84 -13.77 -36.94
C PHE E 418 21.19 -15.17 -37.42
N GLY E 419 21.85 -15.24 -38.58
CA GLY E 419 22.28 -16.50 -39.14
C GLY E 419 23.08 -16.32 -40.42
N GLY E 420 23.66 -17.40 -40.93
CA GLY E 420 24.50 -17.34 -42.11
C GLY E 420 23.83 -17.86 -43.36
N VAL E 421 24.61 -18.01 -44.40
CA VAL E 421 24.12 -18.57 -45.68
C VAL E 421 25.33 -19.21 -46.33
N GLY E 422 25.13 -20.26 -47.13
CA GLY E 422 26.23 -21.03 -47.71
C GLY E 422 27.22 -21.48 -46.64
N ASN E 423 28.48 -21.16 -46.83
CA ASN E 423 29.54 -21.58 -45.89
C ASN E 423 29.50 -20.89 -44.53
N SER E 424 28.79 -19.77 -44.43
CA SER E 424 28.65 -19.10 -43.14
C SER E 424 27.50 -19.69 -42.33
N GLY E 425 26.78 -20.62 -42.92
CA GLY E 425 25.80 -21.41 -42.16
C GLY E 425 24.41 -21.57 -42.74
N MET E 426 23.54 -22.19 -41.96
CA MET E 426 22.13 -22.35 -42.33
C MET E 426 21.20 -22.21 -41.12
N GLY E 427 20.00 -21.65 -41.35
CA GLY E 427 19.06 -21.38 -40.29
C GLY E 427 19.46 -20.13 -39.53
N SER E 428 18.67 -19.75 -38.53
CA SER E 428 18.91 -18.53 -37.77
C SER E 428 18.17 -18.56 -36.41
N TYR E 429 18.57 -17.67 -35.50
CA TYR E 429 17.90 -17.54 -34.23
C TYR E 429 17.97 -16.10 -33.72
N HIS E 430 17.62 -15.87 -32.45
CA HIS E 430 17.38 -14.55 -31.84
C HIS E 430 15.91 -14.21 -31.93
N GLY E 431 15.35 -13.73 -30.82
CA GLY E 431 13.96 -13.24 -30.77
C GLY E 431 12.95 -14.30 -31.16
N LYS E 432 11.94 -13.89 -31.92
CA LYS E 432 10.88 -14.79 -32.35
C LYS E 432 11.45 -15.96 -33.15
N LYS E 433 12.53 -15.68 -33.88
CA LYS E 433 13.12 -16.70 -34.73
C LYS E 433 13.63 -17.90 -33.92
N SER E 434 14.18 -17.67 -32.72
CA SER E 434 14.61 -18.74 -31.84
C SER E 434 13.43 -19.64 -31.53
N PHE E 435 12.29 -19.02 -31.20
CA PHE E 435 11.10 -19.77 -30.85
C PHE E 435 10.70 -20.64 -32.03
N GLU E 436 10.69 -20.06 -33.23
CA GLU E 436 10.33 -20.77 -34.45
C GLU E 436 11.32 -21.89 -34.77
N THR E 437 12.60 -21.58 -34.64
CA THR E 437 13.67 -22.52 -34.96
C THR E 437 13.61 -23.76 -34.08
N PHE E 438 13.26 -23.60 -32.81
CA PHE E 438 13.22 -24.73 -31.88
C PHE E 438 11.82 -25.32 -31.73
N SER E 439 10.89 -24.94 -32.62
CA SER E 439 9.57 -25.54 -32.63
C SER E 439 9.32 -26.27 -33.94
N HIS E 440 8.23 -27.03 -33.98
CA HIS E 440 7.67 -27.45 -35.23
C HIS E 440 6.41 -26.63 -35.41
N ARG E 441 6.30 -25.99 -36.56
CA ARG E 441 5.10 -25.22 -36.91
C ARG E 441 4.18 -26.13 -37.71
N ARG E 442 3.11 -26.57 -37.07
CA ARG E 442 2.23 -27.61 -37.57
C ARG E 442 0.98 -27.02 -38.18
N SER E 443 0.73 -27.31 -39.45
CA SER E 443 -0.46 -26.79 -40.14
C SER E 443 -1.71 -27.57 -39.78
N CYS E 444 -2.73 -26.86 -39.30
CA CYS E 444 -3.97 -27.53 -38.88
C CYS E 444 -5.19 -27.07 -39.65
N LEU E 445 -5.96 -28.04 -40.13
CA LEU E 445 -7.27 -27.80 -40.72
C LEU E 445 -8.35 -28.53 -39.91
N VAL E 446 -9.29 -27.78 -39.37
CA VAL E 446 -10.41 -28.37 -38.65
C VAL E 446 -11.71 -28.03 -39.37
N ARG E 447 -12.40 -29.05 -39.87
CA ARG E 447 -13.69 -28.90 -40.52
C ARG E 447 -14.81 -29.37 -39.61
N PRO E 448 -16.04 -28.86 -39.82
CA PRO E 448 -17.20 -29.47 -39.19
C PRO E 448 -17.49 -30.81 -39.84
N LEU E 449 -17.84 -31.81 -39.03
CA LEU E 449 -18.22 -33.12 -39.54
C LEU E 449 -19.69 -33.10 -39.91
N MET E 450 -19.99 -32.24 -40.89
CA MET E 450 -21.32 -31.91 -41.33
C MET E 450 -21.48 -32.39 -42.76
N ASN E 451 -22.71 -32.77 -43.12
CA ASN E 451 -22.99 -33.16 -44.49
C ASN E 451 -22.80 -31.98 -45.43
N ASP E 452 -21.69 -31.99 -46.16
CA ASP E 452 -21.41 -30.93 -47.12
C ASP E 452 -21.51 -31.44 -48.56
N GLU E 453 -22.58 -31.01 -49.24
CA GLU E 453 -22.75 -31.29 -50.66
C GLU E 453 -22.14 -30.14 -51.47
N GLY E 454 -21.10 -29.54 -50.90
CA GLY E 454 -20.25 -28.57 -51.60
C GLY E 454 -18.98 -29.26 -52.02
N LEU E 455 -18.47 -30.13 -51.13
CA LEU E 455 -17.28 -30.94 -51.36
C LEU E 455 -17.50 -32.03 -52.39
N LYS E 456 -18.75 -32.47 -52.52
CA LYS E 456 -19.09 -33.71 -53.23
C LYS E 456 -18.78 -33.77 -54.73
N VAL E 457 -18.10 -32.76 -55.26
CA VAL E 457 -17.56 -32.84 -56.62
C VAL E 457 -16.37 -33.81 -56.66
N ARG E 458 -15.50 -33.73 -55.64
CA ARG E 458 -14.25 -34.48 -55.59
C ARG E 458 -14.43 -35.99 -55.61
N TYR E 459 -15.59 -36.45 -55.17
CA TYR E 459 -15.86 -37.88 -55.05
C TYR E 459 -16.15 -38.52 -56.40
N PRO E 460 -15.56 -39.70 -56.67
CA PRO E 460 -15.89 -40.46 -57.86
C PRO E 460 -17.35 -40.96 -57.83
N PRO E 461 -17.87 -41.42 -58.99
CA PRO E 461 -17.25 -41.45 -60.31
C PRO E 461 -17.17 -40.06 -60.90
N SER E 462 -16.16 -39.83 -61.76
CA SER E 462 -16.01 -38.54 -62.44
C SER E 462 -17.12 -38.37 -63.47
N PRO E 463 -17.51 -37.11 -63.76
CA PRO E 463 -18.59 -36.86 -64.72
C PRO E 463 -18.16 -37.14 -66.17
N SER F 18 33.57 9.67 -15.72
CA SER F 18 34.74 10.27 -16.42
C SER F 18 34.41 10.69 -17.86
N LYS F 19 33.57 9.91 -18.55
CA LYS F 19 33.04 10.31 -19.85
C LYS F 19 32.03 11.45 -19.69
N ILE F 20 31.37 11.49 -18.53
CA ILE F 20 30.48 12.58 -18.18
C ILE F 20 31.29 13.82 -17.80
N SER F 21 32.47 13.62 -17.24
CA SER F 21 33.41 14.71 -17.01
C SER F 21 33.84 15.35 -18.33
N GLU F 22 34.15 14.52 -19.33
CA GLU F 22 34.65 14.99 -20.62
C GLU F 22 33.68 15.94 -21.29
N ALA F 23 32.41 15.57 -21.32
CA ALA F 23 31.36 16.40 -21.94
C ALA F 23 31.25 17.77 -21.27
N VAL F 24 31.29 17.79 -19.94
CA VAL F 24 31.23 19.03 -19.16
C VAL F 24 32.49 19.87 -19.38
N LYS F 25 33.66 19.24 -19.31
CA LYS F 25 34.93 19.93 -19.52
C LYS F 25 35.00 20.56 -20.91
N ARG F 26 34.60 19.80 -21.92
CA ARG F 26 34.56 20.25 -23.29
C ARG F 26 33.57 21.41 -23.47
N ALA F 27 32.47 21.37 -22.74
CA ALA F 27 31.46 22.43 -22.75
C ALA F 27 31.98 23.71 -22.10
N ARG F 28 32.69 23.57 -20.98
CA ARG F 28 33.29 24.69 -20.28
C ARG F 28 34.38 25.36 -21.14
N ALA F 29 35.25 24.55 -21.73
CA ALA F 29 36.31 25.07 -22.59
C ALA F 29 35.74 25.82 -23.78
N ALA F 30 34.69 25.28 -24.39
CA ALA F 30 34.04 25.92 -25.53
C ALA F 30 33.40 27.25 -25.14
N PHE F 31 32.83 27.33 -23.94
CA PHE F 31 32.32 28.59 -23.42
C PHE F 31 33.43 29.61 -23.15
N SER F 32 34.56 29.14 -22.60
CA SER F 32 35.70 30.01 -22.27
C SER F 32 36.33 30.67 -23.49
N SER F 33 36.23 30.02 -24.64
CA SER F 33 36.79 30.57 -25.88
C SER F 33 36.05 31.82 -26.35
N GLY F 34 34.88 32.08 -25.77
CA GLY F 34 34.10 33.27 -26.09
C GLY F 34 33.21 33.10 -27.31
N ARG F 35 33.12 31.87 -27.81
CA ARG F 35 32.32 31.55 -28.99
C ARG F 35 30.84 31.97 -28.91
N THR F 36 30.24 31.83 -27.72
CA THR F 36 28.81 32.08 -27.53
C THR F 36 28.43 33.54 -27.35
N ARG F 37 29.43 34.39 -27.10
CA ARG F 37 29.15 35.80 -26.77
C ARG F 37 28.46 36.63 -27.88
N PRO F 38 28.92 36.55 -29.15
CA PRO F 38 28.18 37.34 -30.16
C PRO F 38 26.77 36.82 -30.37
N LEU F 39 25.82 37.74 -30.51
CA LEU F 39 24.42 37.40 -30.71
C LEU F 39 24.20 36.56 -31.96
N GLN F 40 24.96 36.84 -33.02
CA GLN F 40 24.87 36.08 -34.29
C GLN F 40 24.98 34.58 -34.06
N PHE F 41 25.92 34.20 -33.21
CA PHE F 41 26.15 32.80 -32.92
C PHE F 41 24.96 32.15 -32.23
N ARG F 42 24.37 32.87 -31.28
CA ARG F 42 23.24 32.37 -30.52
C ARG F 42 22.02 32.21 -31.41
N ILE F 43 21.75 33.23 -32.23
CA ILE F 43 20.64 33.22 -33.19
C ILE F 43 20.78 32.02 -34.13
N GLN F 44 22.01 31.78 -34.58
CA GLN F 44 22.32 30.64 -35.42
C GLN F 44 21.95 29.31 -34.80
N GLN F 45 22.35 29.10 -33.54
CA GLN F 45 22.02 27.88 -32.83
C GLN F 45 20.50 27.73 -32.69
N LEU F 46 19.82 28.84 -32.43
CA LEU F 46 18.37 28.84 -32.32
C LEU F 46 17.68 28.55 -33.66
N GLU F 47 18.23 29.08 -34.74
CA GLU F 47 17.74 28.80 -36.08
C GLU F 47 17.99 27.34 -36.45
N ALA F 48 19.06 26.77 -35.91
CA ALA F 48 19.36 25.35 -36.09
C ALA F 48 18.33 24.47 -35.38
N LEU F 49 17.90 24.89 -34.18
CA LEU F 49 16.83 24.21 -33.45
C LEU F 49 15.50 24.24 -34.19
N GLN F 50 15.21 25.37 -34.82
CA GLN F 50 14.04 25.56 -35.65
C GLN F 50 14.02 24.55 -36.81
N ARG F 51 15.20 24.39 -37.43
CA ARG F 51 15.46 23.44 -38.51
C ARG F 51 15.19 22.00 -38.04
N LEU F 52 15.73 21.68 -36.86
CA LEU F 52 15.55 20.38 -36.22
C LEU F 52 14.07 20.05 -36.11
N ILE F 53 13.31 20.97 -35.52
CA ILE F 53 11.88 20.78 -35.30
C ILE F 53 11.10 20.54 -36.60
N GLN F 54 11.52 21.18 -37.68
CA GLN F 54 10.89 21.02 -38.99
C GLN F 54 11.30 19.73 -39.71
N GLU F 55 12.60 19.45 -39.73
CA GLU F 55 13.14 18.29 -40.41
C GLU F 55 12.89 16.97 -39.67
N GLN F 56 12.62 17.04 -38.37
CA GLN F 56 12.43 15.84 -37.55
C GLN F 56 11.02 15.71 -36.99
N GLU F 57 10.09 16.49 -37.53
CA GLU F 57 8.71 16.50 -37.04
C GLU F 57 8.12 15.09 -36.85
N GLN F 58 8.23 14.25 -37.88
CA GLN F 58 7.68 12.90 -37.85
C GLN F 58 8.34 11.97 -36.84
N GLU F 59 9.65 12.15 -36.65
CA GLU F 59 10.42 11.34 -35.70
C GLU F 59 10.04 11.70 -34.27
N LEU F 60 9.80 12.99 -34.06
CA LEU F 60 9.36 13.51 -32.77
C LEU F 60 7.99 12.99 -32.41
N VAL F 61 7.09 12.97 -33.40
CA VAL F 61 5.75 12.42 -33.21
C VAL F 61 5.86 10.93 -32.85
N GLY F 62 6.68 10.20 -33.61
CA GLY F 62 6.93 8.78 -33.34
C GLY F 62 7.35 8.52 -31.91
N ALA F 63 8.29 9.33 -31.42
CA ALA F 63 8.81 9.19 -30.06
C ALA F 63 7.74 9.46 -29.00
N LEU F 64 6.92 10.49 -29.22
CA LEU F 64 5.85 10.85 -28.30
C LEU F 64 4.70 9.85 -28.31
N ALA F 65 4.47 9.24 -29.47
CA ALA F 65 3.46 8.20 -29.61
C ALA F 65 3.86 6.94 -28.86
N ALA F 66 5.15 6.60 -28.96
CA ALA F 66 5.69 5.40 -28.33
C ALA F 66 5.72 5.54 -26.81
N ASP F 67 6.00 6.76 -26.33
CA ASP F 67 6.15 7.01 -24.91
C ASP F 67 4.83 7.28 -24.18
N LEU F 68 3.96 8.09 -24.82
CA LEU F 68 2.79 8.62 -24.13
C LEU F 68 1.48 8.51 -24.91
N HIS F 69 1.53 7.77 -26.03
CA HIS F 69 0.36 7.56 -26.90
C HIS F 69 -0.25 8.90 -27.36
N LYS F 70 0.63 9.85 -27.70
CA LYS F 70 0.20 11.07 -28.34
C LYS F 70 0.07 10.78 -29.83
N ASN F 71 -0.88 11.45 -30.48
CA ASN F 71 -0.98 11.37 -31.94
C ASN F 71 -0.26 12.56 -32.55
N GLU F 72 -0.30 12.65 -33.87
CA GLU F 72 0.43 13.68 -34.58
C GLU F 72 -0.07 15.11 -34.34
N TRP F 73 -1.38 15.25 -34.08
CA TRP F 73 -1.95 16.56 -33.86
C TRP F 73 -1.57 17.15 -32.49
N ASN F 74 -1.82 16.40 -31.42
CA ASN F 74 -1.52 16.90 -30.07
C ASN F 74 -0.03 16.88 -29.73
N ALA F 75 0.73 16.04 -30.43
CA ALA F 75 2.20 16.07 -30.30
C ALA F 75 2.71 17.45 -30.68
N TYR F 76 2.10 18.03 -31.71
CA TYR F 76 2.48 19.36 -32.18
C TYR F 76 1.81 20.47 -31.37
N TYR F 77 0.48 20.44 -31.28
CA TYR F 77 -0.27 21.55 -30.69
C TYR F 77 -0.34 21.56 -29.17
N GLU F 78 0.11 20.47 -28.54
CA GLU F 78 0.17 20.43 -27.08
C GLU F 78 1.60 20.39 -26.57
N GLU F 79 2.58 20.36 -27.46
CA GLU F 79 3.98 20.35 -27.05
C GLU F 79 4.91 21.14 -27.97
N VAL F 80 5.18 20.61 -29.14
CA VAL F 80 6.22 21.12 -30.03
C VAL F 80 6.03 22.58 -30.46
N VAL F 81 4.79 22.98 -30.72
CA VAL F 81 4.51 24.34 -31.20
C VAL F 81 4.96 25.45 -30.24
N TYR F 82 5.00 25.14 -28.95
CA TYR F 82 5.38 26.13 -27.94
C TYR F 82 6.87 26.36 -27.87
N VAL F 83 7.66 25.36 -28.27
CA VAL F 83 9.10 25.53 -28.43
C VAL F 83 9.37 26.46 -29.61
N LEU F 84 8.68 26.23 -30.73
CA LEU F 84 8.82 27.06 -31.94
C LEU F 84 8.50 28.52 -31.68
N GLU F 85 7.35 28.78 -31.06
CA GLU F 85 6.94 30.13 -30.67
C GLU F 85 7.97 30.80 -29.79
N GLU F 86 8.53 30.04 -28.85
CA GLU F 86 9.56 30.55 -27.96
C GLU F 86 10.80 30.92 -28.75
N ILE F 87 11.22 30.03 -29.65
CA ILE F 87 12.39 30.28 -30.50
C ILE F 87 12.19 31.54 -31.35
N GLU F 88 11.03 31.63 -31.98
CA GLU F 88 10.71 32.75 -32.86
C GLU F 88 10.73 34.07 -32.09
N TYR F 89 10.13 34.04 -30.90
CA TYR F 89 10.08 35.19 -30.01
C TYR F 89 11.46 35.64 -29.53
N MET F 90 12.29 34.67 -29.13
CA MET F 90 13.62 34.95 -28.60
C MET F 90 14.59 35.49 -29.65
N ILE F 91 14.58 34.89 -30.83
CA ILE F 91 15.40 35.36 -31.95
C ILE F 91 15.09 36.83 -32.19
N GLN F 92 13.81 37.17 -32.13
CA GLN F 92 13.32 38.48 -32.47
C GLN F 92 13.65 39.54 -31.41
N LYS F 93 13.61 39.14 -30.15
CA LYS F 93 13.76 40.07 -29.04
C LYS F 93 15.17 40.10 -28.46
N LEU F 94 16.02 39.19 -28.91
CA LEU F 94 17.38 39.04 -28.36
C LEU F 94 18.21 40.33 -28.33
N PRO F 95 18.32 41.05 -29.46
CA PRO F 95 19.20 42.24 -29.44
C PRO F 95 18.77 43.27 -28.40
N GLU F 96 17.45 43.38 -28.22
CA GLU F 96 16.84 44.28 -27.28
C GLU F 96 17.08 43.83 -25.83
N TRP F 97 16.99 42.52 -25.59
CA TRP F 97 17.19 41.97 -24.26
C TRP F 97 18.66 42.00 -23.82
N ALA F 98 19.56 41.75 -24.78
CA ALA F 98 20.99 41.67 -24.50
C ALA F 98 21.62 43.04 -24.34
N ALA F 99 20.99 44.06 -24.92
CA ALA F 99 21.48 45.44 -24.84
C ALA F 99 21.59 45.90 -23.39
N ASP F 100 22.63 46.69 -23.12
CA ASP F 100 22.78 47.32 -21.82
C ASP F 100 21.53 48.13 -21.48
N GLU F 101 21.05 48.00 -20.25
CA GLU F 101 19.82 48.63 -19.84
C GLU F 101 20.10 49.83 -18.94
N PRO F 102 19.88 51.07 -19.46
CA PRO F 102 20.11 52.27 -18.68
C PRO F 102 19.07 52.40 -17.59
N VAL F 103 19.49 52.86 -16.42
CA VAL F 103 18.59 52.97 -15.26
C VAL F 103 18.48 54.41 -14.76
N GLU F 104 17.53 54.63 -13.86
CA GLU F 104 17.27 55.92 -13.25
C GLU F 104 18.48 56.49 -12.53
N LYS F 105 18.80 57.74 -12.82
CA LYS F 105 19.90 58.44 -12.18
C LYS F 105 19.45 59.17 -10.91
N THR F 106 20.41 59.76 -10.21
CA THR F 106 20.12 60.63 -9.07
C THR F 106 20.73 62.00 -9.34
N PRO F 107 20.32 63.02 -8.58
CA PRO F 107 20.89 64.37 -8.71
C PRO F 107 22.43 64.41 -8.63
N GLN F 108 23.04 63.37 -8.06
CA GLN F 108 24.49 63.33 -7.86
C GLN F 108 25.21 62.48 -8.92
N THR F 109 24.44 61.70 -9.67
CA THR F 109 25.01 60.83 -10.69
C THR F 109 24.64 61.27 -12.10
N GLN F 110 24.40 62.57 -12.25
CA GLN F 110 24.01 63.13 -13.55
C GLN F 110 25.03 62.92 -14.65
N GLN F 111 26.29 63.15 -14.30
CA GLN F 111 27.39 63.03 -15.26
C GLN F 111 27.73 61.57 -15.55
N ASP F 112 27.19 60.68 -14.73
CA ASP F 112 27.58 59.28 -14.76
C ASP F 112 26.74 58.45 -15.72
N GLU F 113 27.27 57.29 -16.08
CA GLU F 113 26.52 56.26 -16.79
C GLU F 113 26.08 55.20 -15.79
N LEU F 114 24.78 54.93 -15.73
CA LEU F 114 24.27 53.88 -14.88
C LEU F 114 23.47 52.90 -15.72
N TYR F 115 23.92 51.65 -15.76
CA TYR F 115 23.23 50.64 -16.54
C TYR F 115 23.40 49.24 -15.99
N ILE F 116 22.52 48.36 -16.44
CA ILE F 116 22.59 46.95 -16.10
C ILE F 116 23.08 46.18 -17.31
N HIS F 117 24.11 45.38 -17.07
CA HIS F 117 24.77 44.64 -18.12
C HIS F 117 24.40 43.16 -18.00
N SER F 118 23.93 42.59 -19.09
CA SER F 118 23.57 41.16 -19.10
C SER F 118 24.67 40.30 -19.69
N GLU F 119 25.02 39.24 -18.97
CA GLU F 119 26.09 38.32 -19.38
C GLU F 119 25.72 36.87 -19.05
N PRO F 120 26.23 35.91 -19.84
CA PRO F 120 26.00 34.48 -19.57
C PRO F 120 26.52 34.05 -18.20
N LEU F 121 25.92 33.01 -17.64
CA LEU F 121 26.42 32.45 -16.39
C LEU F 121 27.59 31.49 -16.61
N GLY F 122 27.54 30.74 -17.71
CA GLY F 122 28.63 29.86 -18.11
C GLY F 122 28.10 28.54 -18.64
N VAL F 123 28.27 27.48 -17.85
CA VAL F 123 27.74 26.18 -18.22
C VAL F 123 26.48 25.86 -17.43
N VAL F 124 25.39 25.65 -18.17
CA VAL F 124 24.07 25.46 -17.57
C VAL F 124 23.66 24.00 -17.68
N LEU F 125 23.05 23.49 -16.62
CA LEU F 125 22.48 22.15 -16.66
C LEU F 125 20.96 22.20 -16.71
N VAL F 126 20.38 21.51 -17.69
CA VAL F 126 18.94 21.35 -17.76
C VAL F 126 18.61 19.88 -17.57
N ILE F 127 17.89 19.58 -16.49
CA ILE F 127 17.41 18.23 -16.26
C ILE F 127 15.92 18.17 -16.59
N GLY F 128 15.58 17.39 -17.62
CA GLY F 128 14.22 17.33 -18.12
C GLY F 128 13.40 16.26 -17.42
N THR F 129 12.09 16.32 -17.64
CA THR F 129 11.19 15.31 -17.10
C THR F 129 10.47 14.60 -18.24
N TRP F 130 9.58 13.67 -17.90
CA TRP F 130 9.07 12.72 -18.87
C TRP F 130 7.70 13.04 -19.49
N ASN F 131 6.88 13.83 -18.80
CA ASN F 131 5.49 14.03 -19.23
C ASN F 131 5.37 14.87 -20.49
N TYR F 132 6.28 15.83 -20.64
CA TYR F 132 6.42 16.55 -21.89
C TYR F 132 7.92 16.56 -22.21
N PRO F 133 8.43 15.40 -22.68
CA PRO F 133 9.86 15.15 -22.74
C PRO F 133 10.60 16.00 -23.77
N PHE F 134 9.89 16.56 -24.74
CA PHE F 134 10.54 17.47 -25.67
C PHE F 134 10.50 18.89 -25.10
N ASN F 135 9.30 19.40 -24.86
CA ASN F 135 9.12 20.76 -24.37
C ASN F 135 9.89 21.06 -23.08
N LEU F 136 9.77 20.18 -22.09
CA LEU F 136 10.37 20.42 -20.79
C LEU F 136 11.85 20.06 -20.73
N THR F 137 12.42 19.78 -21.89
CA THR F 137 13.86 19.65 -22.04
C THR F 137 14.36 20.81 -22.90
N ILE F 138 13.65 21.09 -23.99
CA ILE F 138 14.15 22.02 -25.01
C ILE F 138 13.75 23.49 -24.77
N GLN F 139 12.57 23.74 -24.22
CA GLN F 139 12.18 25.12 -23.91
C GLN F 139 13.13 25.85 -22.97
N PRO F 140 13.54 25.18 -21.86
CA PRO F 140 14.54 25.82 -21.00
C PRO F 140 15.87 26.01 -21.73
N MET F 141 16.19 25.09 -22.64
CA MET F 141 17.44 25.16 -23.37
C MET F 141 17.48 26.36 -24.30
N VAL F 142 16.34 26.67 -24.92
CA VAL F 142 16.23 27.84 -25.79
C VAL F 142 16.66 29.10 -25.03
N GLY F 143 16.11 29.27 -23.83
CA GLY F 143 16.47 30.40 -22.98
C GLY F 143 17.96 30.45 -22.68
N ALA F 144 18.52 29.30 -22.27
CA ALA F 144 19.93 29.21 -21.89
C ALA F 144 20.88 29.47 -23.04
N ILE F 145 20.48 29.07 -24.24
CA ILE F 145 21.23 29.32 -25.46
C ILE F 145 21.16 30.81 -25.75
N ALA F 146 19.96 31.37 -25.68
CA ALA F 146 19.73 32.78 -25.99
C ALA F 146 20.54 33.69 -25.07
N ALA F 147 20.74 33.23 -23.83
CA ALA F 147 21.52 33.96 -22.85
C ALA F 147 23.04 33.78 -23.01
N GLY F 148 23.43 32.91 -23.95
CA GLY F 148 24.83 32.76 -24.31
C GLY F 148 25.61 31.73 -23.49
N ASN F 149 24.89 30.79 -22.90
CA ASN F 149 25.53 29.73 -22.12
C ASN F 149 25.83 28.48 -22.95
N ALA F 150 26.79 27.69 -22.47
CA ALA F 150 26.85 26.30 -22.83
C ALA F 150 25.73 25.62 -22.05
N VAL F 151 25.08 24.63 -22.67
CA VAL F 151 23.95 23.98 -22.04
C VAL F 151 24.10 22.47 -22.10
N VAL F 152 24.23 21.84 -20.94
CA VAL F 152 24.29 20.39 -20.82
C VAL F 152 22.88 19.86 -20.60
N LEU F 153 22.50 18.84 -21.34
CA LEU F 153 21.15 18.27 -21.24
C LEU F 153 21.13 16.89 -20.61
N LYS F 154 20.16 16.68 -19.73
CA LYS F 154 19.92 15.37 -19.15
C LYS F 154 18.43 15.05 -19.24
N PRO F 155 18.01 14.36 -20.33
CA PRO F 155 16.62 13.94 -20.48
C PRO F 155 16.23 12.85 -19.48
N SER F 156 14.93 12.75 -19.21
CA SER F 156 14.40 11.70 -18.35
C SER F 156 14.43 10.36 -19.08
N GLU F 157 14.86 9.33 -18.38
CA GLU F 157 14.92 7.96 -18.90
C GLU F 157 13.53 7.34 -19.12
N LEU F 158 12.55 7.79 -18.33
CA LEU F 158 11.18 7.29 -18.43
C LEU F 158 10.55 7.54 -19.81
N SER F 159 10.90 8.67 -20.42
CA SER F 159 10.54 8.89 -21.81
C SER F 159 11.65 8.36 -22.72
N GLU F 160 11.90 7.07 -22.56
CA GLU F 160 12.98 6.33 -23.19
C GLU F 160 13.20 6.62 -24.69
N ASN F 161 12.12 6.75 -25.44
CA ASN F 161 12.20 7.01 -26.87
C ASN F 161 12.64 8.43 -27.19
N MET F 162 12.12 9.40 -26.44
CA MET F 162 12.50 10.79 -26.62
C MET F 162 13.92 11.04 -26.13
N ALA F 163 14.30 10.36 -25.05
CA ALA F 163 15.64 10.49 -24.47
C ALA F 163 16.70 10.05 -25.46
N SER F 164 16.44 8.93 -26.12
CA SER F 164 17.35 8.34 -27.08
C SER F 164 17.38 9.10 -28.41
N LEU F 165 16.24 9.66 -28.81
CA LEU F 165 16.16 10.47 -30.03
C LEU F 165 16.94 11.79 -29.90
N LEU F 166 16.72 12.52 -28.81
CA LEU F 166 17.40 13.79 -28.58
C LEU F 166 18.92 13.63 -28.55
N ALA F 167 19.40 12.54 -27.96
CA ALA F 167 20.83 12.24 -27.94
C ALA F 167 21.40 12.06 -29.36
N THR F 168 20.54 11.66 -30.30
CA THR F 168 20.94 11.49 -31.69
C THR F 168 20.87 12.81 -32.46
N ILE F 169 19.72 13.48 -32.41
CA ILE F 169 19.46 14.63 -33.27
C ILE F 169 20.02 15.97 -32.80
N ILE F 170 20.10 16.19 -31.49
CA ILE F 170 20.66 17.45 -30.96
C ILE F 170 22.07 17.74 -31.50
N PRO F 171 23.00 16.77 -31.43
CA PRO F 171 24.34 17.02 -31.98
C PRO F 171 24.41 17.14 -33.50
N GLN F 172 23.37 16.68 -34.21
CA GLN F 172 23.32 16.81 -35.66
C GLN F 172 23.09 18.26 -36.08
N TYR F 173 22.46 19.03 -35.21
CA TYR F 173 22.02 20.38 -35.56
C TYR F 173 22.77 21.46 -34.80
N LEU F 174 23.05 21.22 -33.52
CA LEU F 174 23.69 22.21 -32.65
C LEU F 174 25.16 21.90 -32.42
N ASP F 175 25.91 22.92 -32.00
CA ASP F 175 27.32 22.79 -31.68
C ASP F 175 27.54 21.62 -30.73
N LYS F 176 28.48 20.74 -31.08
CA LYS F 176 28.74 19.50 -30.35
C LYS F 176 29.32 19.66 -28.97
N ASP F 177 30.24 20.59 -28.82
CA ASP F 177 30.91 20.78 -27.55
C ASP F 177 30.04 21.55 -26.57
N LEU F 178 29.34 22.57 -27.07
CA LEU F 178 28.56 23.48 -26.23
C LEU F 178 27.28 22.87 -25.67
N TYR F 179 26.67 21.96 -26.43
CA TYR F 179 25.34 21.46 -26.07
C TYR F 179 25.27 19.92 -26.03
N PRO F 180 26.03 19.30 -25.11
CA PRO F 180 26.04 17.84 -25.05
C PRO F 180 24.79 17.26 -24.39
N VAL F 181 24.40 16.07 -24.82
CA VAL F 181 23.30 15.33 -24.21
C VAL F 181 23.89 14.21 -23.38
N ILE F 182 23.40 14.07 -22.15
CA ILE F 182 23.85 13.02 -21.24
C ILE F 182 22.76 11.98 -21.07
N ASN F 183 23.09 10.73 -21.37
CA ASN F 183 22.16 9.60 -21.23
C ASN F 183 22.23 8.99 -19.83
N GLY F 184 21.13 8.37 -19.41
CA GLY F 184 21.12 7.60 -18.18
C GLY F 184 19.95 7.89 -17.27
N GLY F 185 20.06 7.40 -16.02
CA GLY F 185 19.03 7.59 -15.02
C GLY F 185 19.59 8.18 -13.75
N VAL F 186 19.01 7.78 -12.63
CA VAL F 186 19.40 8.28 -11.31
C VAL F 186 20.91 8.20 -11.03
N PRO F 187 21.56 7.04 -11.31
CA PRO F 187 23.00 6.95 -11.07
C PRO F 187 23.83 7.93 -11.90
N GLU F 188 23.47 8.07 -13.18
CA GLU F 188 24.13 9.02 -14.08
C GLU F 188 23.86 10.47 -13.66
N THR F 189 22.60 10.77 -13.37
CA THR F 189 22.18 12.07 -12.88
C THR F 189 22.95 12.47 -11.61
N THR F 190 23.00 11.55 -10.65
CA THR F 190 23.74 11.75 -9.41
C THR F 190 25.19 12.12 -9.67
N GLU F 191 25.80 11.48 -10.66
CA GLU F 191 27.18 11.76 -10.97
C GLU F 191 27.39 13.08 -11.68
N LEU F 192 26.45 13.44 -12.54
CA LEU F 192 26.47 14.71 -13.23
C LEU F 192 26.42 15.87 -12.24
N LEU F 193 25.73 15.67 -11.13
CA LEU F 193 25.57 16.70 -10.11
C LEU F 193 26.81 16.94 -9.25
N LYS F 194 27.86 16.17 -9.47
CA LYS F 194 29.14 16.40 -8.81
C LYS F 194 29.97 17.40 -9.61
N GLU F 195 29.67 17.51 -10.90
CA GLU F 195 30.33 18.48 -11.78
C GLU F 195 29.90 19.91 -11.44
N ARG F 196 30.76 20.87 -11.76
CA ARG F 196 30.50 22.27 -11.41
C ARG F 196 29.73 22.95 -12.54
N PHE F 197 28.52 23.40 -12.21
CA PHE F 197 27.70 24.13 -13.16
C PHE F 197 27.47 25.56 -12.67
N ASP F 198 27.07 26.45 -13.57
CA ASP F 198 26.82 27.85 -13.21
C ASP F 198 25.34 28.12 -12.93
N HIS F 199 24.47 27.29 -13.48
CA HIS F 199 23.06 27.31 -13.14
C HIS F 199 22.50 25.92 -13.38
N ILE F 200 21.54 25.51 -12.56
CA ILE F 200 20.82 24.27 -12.78
C ILE F 200 19.31 24.51 -12.84
N LEU F 201 18.68 24.09 -13.93
CA LEU F 201 17.24 24.05 -13.99
C LEU F 201 16.76 22.61 -13.94
N TYR F 202 15.86 22.33 -13.01
CA TYR F 202 15.30 21.00 -12.86
C TYR F 202 13.78 21.04 -12.84
N THR F 203 13.16 20.17 -13.64
CA THR F 203 11.73 19.96 -13.58
C THR F 203 11.46 18.53 -13.10
N GLY F 204 10.63 18.41 -12.07
CA GLY F 204 10.30 17.10 -11.54
C GLY F 204 9.56 17.18 -10.23
N SER F 205 9.98 16.35 -9.28
CA SER F 205 9.27 16.19 -8.02
C SER F 205 9.90 17.00 -6.89
N THR F 206 9.07 17.39 -5.93
CA THR F 206 9.50 18.09 -4.73
C THR F 206 10.69 17.41 -4.05
N GLY F 207 10.57 16.10 -3.82
CA GLY F 207 11.62 15.32 -3.15
C GLY F 207 12.98 15.39 -3.81
N VAL F 208 13.01 15.25 -5.13
CA VAL F 208 14.27 15.33 -5.89
C VAL F 208 14.82 16.76 -5.93
N GLY F 209 13.92 17.74 -5.95
CA GLY F 209 14.31 19.15 -5.84
C GLY F 209 15.32 19.41 -4.73
N LYS F 210 15.05 18.85 -3.57
CA LYS F 210 15.92 18.99 -2.41
C LYS F 210 17.31 18.39 -2.67
N ILE F 211 17.34 17.28 -3.41
CA ILE F 211 18.60 16.64 -3.79
C ILE F 211 19.38 17.53 -4.76
N ILE F 212 18.70 18.04 -5.77
CA ILE F 212 19.31 18.97 -6.74
C ILE F 212 19.92 20.16 -5.99
N MET F 213 19.14 20.73 -5.09
CA MET F 213 19.57 21.90 -4.34
C MET F 213 20.73 21.60 -3.39
N THR F 214 20.69 20.44 -2.73
CA THR F 214 21.80 20.00 -1.90
C THR F 214 23.09 19.85 -2.70
N ALA F 215 22.97 19.29 -3.91
CA ALA F 215 24.12 19.13 -4.80
C ALA F 215 24.64 20.49 -5.27
N ALA F 216 23.72 21.40 -5.56
CA ALA F 216 24.04 22.74 -6.02
C ALA F 216 24.78 23.57 -4.98
N ALA F 217 24.43 23.37 -3.71
CA ALA F 217 25.05 24.11 -2.62
C ALA F 217 26.58 23.92 -2.55
N LYS F 218 27.06 22.77 -2.97
CA LYS F 218 28.49 22.45 -2.89
C LYS F 218 29.37 23.31 -3.79
N HIS F 219 28.80 23.87 -4.86
CA HIS F 219 29.50 24.77 -5.76
C HIS F 219 28.85 26.16 -5.77
N LEU F 220 27.92 26.40 -4.85
CA LEU F 220 27.06 27.61 -4.82
C LEU F 220 26.43 27.88 -6.18
N THR F 221 25.74 26.86 -6.69
CA THR F 221 25.12 26.95 -7.99
C THR F 221 23.67 27.37 -7.82
N PRO F 222 23.26 28.49 -8.48
CA PRO F 222 21.87 28.91 -8.40
C PRO F 222 20.99 27.89 -9.11
N VAL F 223 19.76 27.74 -8.61
CA VAL F 223 18.83 26.77 -9.16
C VAL F 223 17.46 27.34 -9.52
N THR F 224 16.89 26.78 -10.57
CA THR F 224 15.48 26.99 -10.89
C THR F 224 14.80 25.65 -10.76
N LEU F 225 13.82 25.57 -9.87
CA LEU F 225 13.14 24.32 -9.57
C LEU F 225 11.67 24.44 -9.90
N GLU F 226 11.23 23.62 -10.87
CA GLU F 226 9.83 23.55 -11.29
C GLU F 226 9.27 22.25 -10.76
N LEU F 227 8.63 22.32 -9.59
CA LEU F 227 8.26 21.13 -8.86
C LEU F 227 6.75 20.87 -8.93
N GLY F 228 6.21 20.16 -7.94
CA GLY F 228 4.82 19.75 -8.00
C GLY F 228 3.95 20.19 -6.85
N GLY F 229 2.86 19.45 -6.65
CA GLY F 229 1.86 19.77 -5.66
C GLY F 229 0.51 19.43 -6.23
N LYS F 230 -0.54 19.82 -5.52
CA LYS F 230 -1.88 19.58 -5.99
C LYS F 230 -2.53 20.90 -6.34
N SER F 231 -2.78 21.11 -7.63
CA SER F 231 -3.36 22.35 -8.11
C SER F 231 -4.88 22.33 -7.93
N PRO F 232 -5.38 23.17 -7.01
CA PRO F 232 -6.80 23.18 -6.72
C PRO F 232 -7.60 23.86 -7.82
N CYS F 233 -8.86 23.49 -7.94
CA CYS F 233 -9.77 24.13 -8.87
C CYS F 233 -11.09 24.42 -8.17
N TYR F 234 -11.27 25.67 -7.77
CA TYR F 234 -12.48 26.09 -7.10
C TYR F 234 -13.55 26.48 -8.10
N VAL F 235 -14.75 25.93 -7.93
CA VAL F 235 -15.89 26.26 -8.78
C VAL F 235 -16.96 26.95 -7.94
N ASP F 236 -17.32 28.17 -8.35
CA ASP F 236 -18.32 28.99 -7.66
C ASP F 236 -19.76 28.60 -8.03
N LYS F 237 -20.70 28.90 -7.15
CA LYS F 237 -22.09 28.48 -7.30
C LYS F 237 -22.84 29.09 -8.51
N ASN F 238 -22.79 30.42 -8.65
CA ASN F 238 -23.60 31.11 -9.67
C ASN F 238 -22.93 31.28 -11.03
N CYS F 239 -21.98 30.42 -11.35
CA CYS F 239 -21.29 30.52 -12.64
C CYS F 239 -21.81 29.48 -13.61
N ASP F 240 -21.65 29.74 -14.90
CA ASP F 240 -22.08 28.81 -15.95
C ASP F 240 -21.21 27.56 -15.95
N LEU F 241 -21.77 26.46 -15.44
CA LEU F 241 -21.03 25.21 -15.27
C LEU F 241 -20.77 24.48 -16.59
N ASP F 242 -21.53 24.82 -17.63
CA ASP F 242 -21.34 24.22 -18.96
C ASP F 242 -19.95 24.55 -19.49
N VAL F 243 -19.63 25.85 -19.49
CA VAL F 243 -18.34 26.33 -19.96
C VAL F 243 -17.23 25.88 -19.01
N ALA F 244 -17.48 26.00 -17.71
CA ALA F 244 -16.49 25.65 -16.69
C ALA F 244 -16.00 24.21 -16.80
N CYS F 245 -16.94 23.26 -16.79
CA CYS F 245 -16.59 21.84 -16.75
C CYS F 245 -15.92 21.34 -18.02
N ARG F 246 -16.23 21.96 -19.16
CA ARG F 246 -15.56 21.56 -20.40
C ARG F 246 -14.09 21.99 -20.39
N ARG F 247 -13.82 23.18 -19.87
CA ARG F 247 -12.47 23.68 -19.73
C ARG F 247 -11.68 22.85 -18.72
N ILE F 248 -12.30 22.55 -17.58
CA ILE F 248 -11.70 21.70 -16.55
C ILE F 248 -11.35 20.31 -17.08
N ALA F 249 -12.32 19.67 -17.73
CA ALA F 249 -12.12 18.33 -18.29
C ALA F 249 -11.00 18.31 -19.32
N TRP F 250 -10.92 19.38 -20.11
CA TRP F 250 -9.85 19.51 -21.11
C TRP F 250 -8.47 19.49 -20.46
N GLY F 251 -8.25 20.42 -19.55
CA GLY F 251 -6.97 20.54 -18.86
C GLY F 251 -6.65 19.36 -17.95
N LYS F 252 -7.68 18.77 -17.37
CA LYS F 252 -7.50 17.65 -16.45
C LYS F 252 -7.08 16.37 -17.18
N PHE F 253 -7.67 16.10 -18.34
CA PHE F 253 -7.53 14.79 -18.96
C PHE F 253 -6.58 14.70 -20.16
N MET F 254 -6.11 15.85 -20.65
CA MET F 254 -5.09 15.84 -21.69
C MET F 254 -3.85 15.16 -21.15
N ASN F 255 -3.09 14.53 -22.05
CA ASN F 255 -1.90 13.75 -21.68
C ASN F 255 -2.19 12.76 -20.57
N SER F 256 -3.43 12.25 -20.57
CA SER F 256 -3.89 11.29 -19.57
C SER F 256 -3.62 11.79 -18.14
N GLY F 257 -3.83 13.09 -17.93
CA GLY F 257 -3.71 13.71 -16.60
C GLY F 257 -2.29 14.02 -16.13
N GLN F 258 -1.31 13.78 -17.00
CA GLN F 258 0.10 13.90 -16.62
C GLN F 258 0.67 15.29 -16.94
N THR F 259 0.23 16.26 -16.16
CA THR F 259 0.52 17.66 -16.41
C THR F 259 0.71 18.35 -15.08
N CYS F 260 1.82 19.07 -14.94
CA CYS F 260 2.18 19.73 -13.68
C CYS F 260 1.14 20.76 -13.26
N VAL F 261 0.49 21.38 -14.24
CA VAL F 261 -0.53 22.41 -13.96
C VAL F 261 -1.94 21.91 -14.28
N ALA F 262 -2.11 20.60 -14.32
CA ALA F 262 -3.45 20.01 -14.41
C ALA F 262 -4.25 20.42 -13.19
N PRO F 263 -5.54 20.75 -13.37
CA PRO F 263 -6.37 20.92 -12.17
C PRO F 263 -6.45 19.56 -11.49
N ASP F 264 -5.83 19.46 -10.32
CA ASP F 264 -5.67 18.18 -9.66
C ASP F 264 -6.96 17.70 -8.98
N TYR F 265 -7.69 18.63 -8.35
CA TYR F 265 -8.96 18.33 -7.70
C TYR F 265 -9.91 19.52 -7.75
N ILE F 266 -11.20 19.26 -7.50
CA ILE F 266 -12.19 20.31 -7.49
C ILE F 266 -12.68 20.60 -6.08
N LEU F 267 -12.85 21.89 -5.78
CA LEU F 267 -13.55 22.34 -4.58
C LEU F 267 -14.84 23.04 -4.99
N CYS F 268 -15.96 22.58 -4.43
CA CYS F 268 -17.26 23.17 -4.73
C CYS F 268 -18.27 22.93 -3.62
N ASP F 269 -19.32 23.74 -3.59
CA ASP F 269 -20.46 23.54 -2.69
C ASP F 269 -21.16 22.23 -3.04
N PRO F 270 -21.52 21.44 -2.01
CA PRO F 270 -22.15 20.14 -2.26
C PRO F 270 -23.44 20.21 -3.08
N SER F 271 -24.03 21.39 -3.18
CA SER F 271 -25.27 21.59 -3.93
C SER F 271 -25.08 21.57 -5.45
N ILE F 272 -23.86 21.84 -5.92
CA ILE F 272 -23.59 21.84 -7.35
C ILE F 272 -22.73 20.65 -7.79
N GLN F 273 -22.40 19.78 -6.85
CA GLN F 273 -21.53 18.63 -7.14
C GLN F 273 -22.00 17.82 -8.34
N ASN F 274 -23.21 17.26 -8.22
CA ASN F 274 -23.71 16.32 -9.23
C ASN F 274 -23.87 16.91 -10.64
N GLN F 275 -24.22 18.19 -10.71
CA GLN F 275 -24.28 18.90 -11.98
C GLN F 275 -22.89 18.95 -12.62
N ILE F 276 -21.87 19.23 -11.80
CA ILE F 276 -20.48 19.23 -12.23
C ILE F 276 -20.09 17.86 -12.80
N VAL F 277 -20.33 16.82 -12.00
CA VAL F 277 -20.07 15.44 -12.41
C VAL F 277 -20.71 15.17 -13.77
N GLU F 278 -21.97 15.61 -13.91
CA GLU F 278 -22.73 15.41 -15.13
C GLU F 278 -22.13 16.15 -16.33
N LYS F 279 -21.86 17.44 -16.14
CA LYS F 279 -21.31 18.29 -17.20
C LYS F 279 -19.89 17.89 -17.59
N LEU F 280 -19.19 17.22 -16.68
CA LEU F 280 -17.87 16.66 -16.97
C LEU F 280 -18.00 15.46 -17.88
N LYS F 281 -18.89 14.54 -17.53
CA LYS F 281 -19.20 13.36 -18.35
C LYS F 281 -19.55 13.78 -19.77
N LYS F 282 -20.46 14.74 -19.88
CA LYS F 282 -20.91 15.25 -21.16
C LYS F 282 -19.76 15.75 -22.00
N SER F 283 -18.85 16.50 -21.37
CA SER F 283 -17.67 17.01 -22.04
C SER F 283 -16.67 15.92 -22.40
N LEU F 284 -16.47 14.97 -21.47
CA LEU F 284 -15.61 13.81 -21.71
C LEU F 284 -16.07 12.96 -22.88
N LYS F 285 -17.38 12.74 -22.99
CA LYS F 285 -17.96 11.96 -24.09
C LYS F 285 -17.73 12.63 -25.43
N GLU F 286 -17.83 13.96 -25.46
CA GLU F 286 -17.53 14.73 -26.67
C GLU F 286 -16.06 14.59 -27.09
N PHE F 287 -15.15 14.63 -26.11
CA PHE F 287 -13.71 14.53 -26.38
C PHE F 287 -13.30 13.15 -26.90
N TYR F 288 -13.64 12.12 -26.14
CA TYR F 288 -13.06 10.79 -26.33
C TYR F 288 -14.06 9.68 -26.66
N GLY F 289 -15.31 10.05 -26.95
CA GLY F 289 -16.37 9.08 -27.26
C GLY F 289 -16.82 8.33 -26.03
N GLU F 290 -17.66 7.31 -26.23
CA GLU F 290 -18.18 6.49 -25.14
C GLU F 290 -17.09 5.66 -24.48
N ASP F 291 -16.21 5.08 -25.29
CA ASP F 291 -15.05 4.36 -24.79
C ASP F 291 -13.77 5.10 -25.19
N ALA F 292 -13.06 5.62 -24.19
CA ALA F 292 -11.86 6.41 -24.38
C ALA F 292 -10.68 5.60 -24.90
N LYS F 293 -10.70 4.28 -24.65
CA LYS F 293 -9.67 3.37 -25.14
C LYS F 293 -9.59 3.32 -26.66
N LYS F 294 -10.67 3.73 -27.32
CA LYS F 294 -10.75 3.69 -28.78
C LYS F 294 -10.47 5.05 -29.42
N SER F 295 -10.08 6.03 -28.60
CA SER F 295 -9.77 7.37 -29.08
C SER F 295 -8.27 7.55 -29.29
N ARG F 296 -7.92 8.04 -30.47
CA ARG F 296 -6.53 8.34 -30.81
C ARG F 296 -6.04 9.62 -30.13
N ASP F 297 -6.96 10.35 -29.52
CA ASP F 297 -6.68 11.62 -28.83
C ASP F 297 -6.38 11.44 -27.34
N TYR F 298 -6.68 10.24 -26.82
CA TYR F 298 -6.50 9.96 -25.41
C TYR F 298 -5.18 9.24 -25.16
N GLY F 299 -4.48 9.66 -24.11
CA GLY F 299 -3.15 9.15 -23.83
C GLY F 299 -3.08 7.91 -22.94
N ARG F 300 -1.86 7.51 -22.62
CA ARG F 300 -1.60 6.39 -21.73
C ARG F 300 -0.61 6.81 -20.65
N ILE F 301 -0.63 6.10 -19.53
CA ILE F 301 0.32 6.32 -18.45
C ILE F 301 1.73 5.90 -18.90
N ILE F 302 2.74 6.64 -18.43
CA ILE F 302 4.13 6.48 -18.85
C ILE F 302 4.77 5.11 -18.54
N SER F 303 4.60 4.63 -17.31
CA SER F 303 5.31 3.44 -16.83
C SER F 303 4.39 2.54 -16.03
N ALA F 304 4.84 1.30 -15.83
CA ALA F 304 4.08 0.31 -15.07
C ALA F 304 3.92 0.75 -13.62
N ARG F 305 5.01 1.26 -13.05
CA ARG F 305 5.03 1.73 -11.67
C ARG F 305 4.00 2.84 -11.43
N HIS F 306 3.89 3.78 -12.36
CA HIS F 306 2.94 4.87 -12.24
C HIS F 306 1.50 4.46 -12.50
N PHE F 307 1.31 3.46 -13.36
CA PHE F 307 -0.02 2.92 -13.62
C PHE F 307 -0.63 2.39 -12.33
N GLN F 308 0.17 1.68 -11.54
CA GLN F 308 -0.31 1.08 -10.31
C GLN F 308 -0.54 2.11 -9.22
N ARG F 309 0.36 3.08 -9.15
CA ARG F 309 0.20 4.21 -8.23
C ARG F 309 -1.17 4.84 -8.45
N VAL F 310 -1.49 5.13 -9.70
CA VAL F 310 -2.74 5.82 -10.04
C VAL F 310 -3.97 4.95 -9.71
N MET F 311 -3.89 3.66 -10.04
CA MET F 311 -4.98 2.72 -9.73
C MET F 311 -5.24 2.60 -8.23
N GLY F 312 -4.16 2.52 -7.45
CA GLY F 312 -4.25 2.42 -5.99
C GLY F 312 -4.94 3.59 -5.33
N LEU F 313 -5.03 4.73 -6.02
CA LEU F 313 -5.68 5.92 -5.51
C LEU F 313 -7.19 5.91 -5.73
N ILE F 314 -7.65 5.04 -6.61
CA ILE F 314 -9.07 4.89 -6.92
C ILE F 314 -9.77 4.01 -5.88
N GLU F 315 -9.00 3.24 -5.13
CA GLU F 315 -9.55 2.29 -4.17
C GLU F 315 -10.27 2.91 -3.00
N GLY F 316 -11.34 2.24 -2.56
CA GLY F 316 -12.16 2.71 -1.46
C GLY F 316 -12.77 4.06 -1.73
N GLN F 317 -13.00 4.37 -3.00
CA GLN F 317 -13.55 5.66 -3.40
C GLN F 317 -14.86 5.52 -4.15
N LYS F 318 -15.72 6.52 -3.94
CA LYS F 318 -17.00 6.60 -4.61
C LYS F 318 -16.79 7.01 -6.08
N VAL F 319 -16.82 6.02 -6.97
CA VAL F 319 -16.63 6.27 -8.40
C VAL F 319 -17.95 6.74 -9.03
N ALA F 320 -17.88 7.84 -9.77
CA ALA F 320 -19.05 8.38 -10.45
C ALA F 320 -18.99 8.21 -11.97
N TYR F 321 -17.80 7.84 -12.46
CA TYR F 321 -17.54 7.65 -13.89
C TYR F 321 -16.16 7.02 -14.06
N GLY F 322 -16.05 6.09 -15.01
CA GLY F 322 -14.80 5.37 -15.25
C GLY F 322 -14.45 4.41 -14.13
N GLY F 323 -13.20 4.46 -13.69
CA GLY F 323 -12.73 3.65 -12.55
C GLY F 323 -11.92 2.41 -12.92
N THR F 324 -11.95 2.04 -14.19
CA THR F 324 -11.29 0.82 -14.65
C THR F 324 -10.01 1.13 -15.43
N GLY F 325 -9.08 0.17 -15.44
CA GLY F 325 -7.82 0.31 -16.16
C GLY F 325 -7.25 -1.00 -16.69
N ASP F 326 -6.42 -0.89 -17.73
CA ASP F 326 -5.81 -2.05 -18.38
C ASP F 326 -4.29 -2.02 -18.25
N ALA F 327 -3.74 -2.99 -17.51
CA ALA F 327 -2.31 -3.05 -17.19
C ALA F 327 -1.38 -3.20 -18.39
N ALA F 328 -1.84 -3.92 -19.41
CA ALA F 328 -1.03 -4.20 -20.60
C ALA F 328 -0.63 -2.92 -21.35
N THR F 329 -1.63 -2.14 -21.75
CA THR F 329 -1.40 -0.91 -22.52
C THR F 329 -1.30 0.32 -21.63
N ARG F 330 -1.42 0.11 -20.31
CA ARG F 330 -1.35 1.17 -19.31
C ARG F 330 -2.38 2.26 -19.54
N TYR F 331 -3.63 1.84 -19.72
CA TYR F 331 -4.75 2.75 -19.90
C TYR F 331 -5.54 2.87 -18.61
N ILE F 332 -5.93 4.11 -18.28
CA ILE F 332 -6.87 4.36 -17.20
C ILE F 332 -7.99 5.24 -17.74
N ALA F 333 -9.23 4.76 -17.62
CA ALA F 333 -10.39 5.49 -18.06
C ALA F 333 -10.55 6.79 -17.27
N PRO F 334 -11.00 7.87 -17.94
CA PRO F 334 -11.29 9.12 -17.25
C PRO F 334 -12.21 8.87 -16.07
N THR F 335 -11.68 9.11 -14.87
CA THR F 335 -12.37 8.79 -13.63
C THR F 335 -12.72 10.05 -12.85
N ILE F 336 -13.95 10.10 -12.36
CA ILE F 336 -14.39 11.18 -11.48
C ILE F 336 -14.83 10.57 -10.15
N LEU F 337 -14.28 11.10 -9.06
CA LEU F 337 -14.62 10.63 -7.72
C LEU F 337 -15.44 11.69 -6.99
N THR F 338 -16.48 11.24 -6.28
CA THR F 338 -17.37 12.15 -5.54
C THR F 338 -17.23 12.03 -4.04
N ASP F 339 -17.69 13.06 -3.32
CA ASP F 339 -17.62 13.12 -1.86
C ASP F 339 -16.32 12.52 -1.32
N VAL F 340 -15.22 13.13 -1.73
CA VAL F 340 -13.89 12.61 -1.42
C VAL F 340 -13.40 13.13 -0.07
N ASP F 341 -12.82 12.22 0.71
CA ASP F 341 -12.26 12.53 2.02
C ASP F 341 -10.86 13.16 1.87
N PRO F 342 -10.69 14.40 2.35
CA PRO F 342 -9.40 15.11 2.26
C PRO F 342 -8.19 14.33 2.79
N GLN F 343 -8.43 13.34 3.65
CA GLN F 343 -7.34 12.54 4.24
C GLN F 343 -7.04 11.26 3.45
N SER F 344 -7.88 10.92 2.48
CA SER F 344 -7.70 9.71 1.68
C SER F 344 -6.50 9.87 0.72
N PRO F 345 -5.86 8.74 0.34
CA PRO F 345 -4.63 8.76 -0.45
C PRO F 345 -4.69 9.67 -1.68
N VAL F 346 -5.79 9.61 -2.41
CA VAL F 346 -5.99 10.39 -3.63
C VAL F 346 -5.97 11.91 -3.38
N MET F 347 -6.10 12.31 -2.12
CA MET F 347 -6.00 13.72 -1.74
C MET F 347 -4.76 14.02 -0.91
N GLN F 348 -3.80 13.09 -0.90
CA GLN F 348 -2.58 13.25 -0.11
C GLN F 348 -1.29 13.22 -0.95
N GLU F 349 -1.45 13.20 -2.27
CA GLU F 349 -0.30 13.27 -3.20
C GLU F 349 -0.74 13.82 -4.56
N GLU F 350 0.22 14.28 -5.36
CA GLU F 350 -0.06 14.71 -6.72
C GLU F 350 -0.53 13.50 -7.52
N ILE F 351 -1.74 13.61 -8.07
CA ILE F 351 -2.37 12.50 -8.78
C ILE F 351 -1.59 12.13 -10.03
N PHE F 352 -1.39 13.10 -10.93
CA PHE F 352 -0.64 12.90 -12.17
C PHE F 352 -1.22 11.74 -12.99
N GLY F 353 -2.55 11.74 -13.09
CA GLY F 353 -3.29 10.71 -13.79
C GLY F 353 -4.71 11.15 -14.03
N PRO F 354 -5.50 10.36 -14.78
CA PRO F 354 -6.82 10.79 -15.20
C PRO F 354 -7.90 10.47 -14.15
N VAL F 355 -7.66 10.93 -12.92
CA VAL F 355 -8.57 10.70 -11.81
C VAL F 355 -8.87 12.03 -11.13
N LEU F 356 -10.11 12.47 -11.20
CA LEU F 356 -10.50 13.79 -10.69
C LEU F 356 -11.41 13.70 -9.46
N PRO F 357 -10.84 13.93 -8.26
CA PRO F 357 -11.64 13.94 -7.05
C PRO F 357 -12.39 15.27 -6.88
N ILE F 358 -13.58 15.18 -6.32
CA ILE F 358 -14.37 16.36 -5.98
C ILE F 358 -14.52 16.43 -4.46
N VAL F 359 -14.00 17.50 -3.87
CA VAL F 359 -14.08 17.72 -2.44
C VAL F 359 -15.06 18.87 -2.18
N CYS F 360 -15.95 18.67 -1.20
CA CYS F 360 -16.96 19.66 -0.89
C CYS F 360 -16.51 20.66 0.17
N VAL F 361 -16.76 21.93 -0.11
CA VAL F 361 -16.56 23.03 0.83
C VAL F 361 -17.83 23.88 0.82
N ARG F 362 -18.17 24.49 1.94
CA ARG F 362 -19.46 25.17 2.02
C ARG F 362 -19.41 26.69 1.93
N SER F 363 -18.22 27.23 1.68
CA SER F 363 -18.05 28.66 1.42
C SER F 363 -16.72 28.92 0.74
N LEU F 364 -16.60 30.11 0.16
CA LEU F 364 -15.33 30.58 -0.39
C LEU F 364 -14.24 30.60 0.67
N GLU F 365 -14.59 31.10 1.86
CA GLU F 365 -13.65 31.23 2.97
C GLU F 365 -13.09 29.89 3.43
N GLU F 366 -13.90 28.84 3.31
CA GLU F 366 -13.51 27.50 3.68
C GLU F 366 -12.60 26.89 2.61
N ALA F 367 -12.86 27.23 1.34
CA ALA F 367 -12.00 26.81 0.23
C ALA F 367 -10.62 27.41 0.40
N ILE F 368 -10.58 28.72 0.68
CA ILE F 368 -9.34 29.44 0.90
C ILE F 368 -8.55 28.81 2.04
N GLN F 369 -9.22 28.51 3.14
CA GLN F 369 -8.58 27.89 4.30
C GLN F 369 -8.05 26.51 3.95
N PHE F 370 -8.84 25.76 3.17
CA PHE F 370 -8.43 24.42 2.73
C PHE F 370 -7.11 24.46 1.95
N ILE F 371 -7.02 25.41 1.01
CA ILE F 371 -5.83 25.60 0.18
C ILE F 371 -4.61 26.04 0.99
N ASN F 372 -4.81 27.03 1.86
CA ASN F 372 -3.72 27.58 2.68
C ASN F 372 -3.09 26.63 3.69
N GLN F 373 -3.83 25.59 4.07
CA GLN F 373 -3.33 24.62 5.04
C GLN F 373 -2.49 23.54 4.40
N ARG F 374 -2.44 23.55 3.07
CA ARG F 374 -1.61 22.62 2.33
C ARG F 374 -0.40 23.35 1.74
N GLU F 375 0.54 22.59 1.18
CA GLU F 375 1.70 23.16 0.54
C GLU F 375 1.28 23.94 -0.70
N LYS F 376 2.04 24.99 -1.01
CA LYS F 376 1.71 25.90 -2.11
C LYS F 376 1.78 25.19 -3.45
N PRO F 377 0.70 25.29 -4.25
CA PRO F 377 0.62 24.61 -5.52
C PRO F 377 1.24 25.42 -6.67
N LEU F 378 1.63 24.72 -7.73
CA LEU F 378 2.20 25.35 -8.91
C LEU F 378 1.16 26.24 -9.59
N ALA F 379 -0.08 25.78 -9.63
CA ALA F 379 -1.20 26.53 -10.20
C ALA F 379 -2.39 26.60 -9.25
N LEU F 380 -3.18 27.67 -9.37
CA LEU F 380 -4.45 27.76 -8.69
C LEU F 380 -5.51 28.18 -9.69
N TYR F 381 -6.62 27.45 -9.70
CA TYR F 381 -7.69 27.71 -10.63
C TYR F 381 -9.00 28.02 -9.90
N MET F 382 -9.77 28.93 -10.47
CA MET F 382 -11.08 29.28 -9.93
C MET F 382 -12.02 29.62 -11.08
N PHE F 383 -13.29 29.26 -10.93
CA PHE F 383 -14.29 29.57 -11.94
C PHE F 383 -15.44 30.32 -11.30
N SER F 384 -15.68 31.54 -11.79
CA SER F 384 -16.68 32.45 -11.22
C SER F 384 -16.96 33.64 -12.13
N SER F 385 -18.22 34.10 -12.11
CA SER F 385 -18.65 35.32 -12.80
C SER F 385 -18.31 36.56 -11.97
N ASN F 386 -18.15 36.37 -10.67
CA ASN F 386 -17.93 37.47 -9.73
C ASN F 386 -16.45 37.84 -9.60
N ASP F 387 -16.14 39.05 -10.04
CA ASP F 387 -14.77 39.59 -10.05
C ASP F 387 -14.20 39.80 -8.63
N LYS F 388 -15.10 39.92 -7.65
CA LYS F 388 -14.72 40.07 -6.25
C LYS F 388 -14.36 38.75 -5.58
N VAL F 389 -14.97 37.66 -6.04
CA VAL F 389 -14.60 36.32 -5.57
C VAL F 389 -13.20 35.94 -6.08
N ILE F 390 -12.93 36.24 -7.35
CA ILE F 390 -11.64 36.02 -7.97
C ILE F 390 -10.54 36.78 -7.21
N LYS F 391 -10.74 38.08 -7.05
CA LYS F 391 -9.76 38.96 -6.41
C LYS F 391 -9.48 38.56 -4.96
N LYS F 392 -10.50 38.05 -4.26
CA LYS F 392 -10.36 37.67 -2.86
C LYS F 392 -9.54 36.39 -2.72
N MET F 393 -9.86 35.37 -3.50
CA MET F 393 -9.11 34.11 -3.43
C MET F 393 -7.65 34.29 -3.80
N ILE F 394 -7.37 35.11 -4.80
CA ILE F 394 -6.00 35.45 -5.17
C ILE F 394 -5.30 36.14 -3.98
N ALA F 395 -5.91 37.19 -3.43
CA ALA F 395 -5.31 37.98 -2.34
C ALA F 395 -5.03 37.18 -1.07
N GLU F 396 -5.76 36.09 -0.88
CA GLU F 396 -5.69 35.35 0.38
C GLU F 396 -5.08 33.96 0.24
N THR F 397 -4.58 33.63 -0.94
CA THR F 397 -3.84 32.39 -1.17
C THR F 397 -2.44 32.69 -1.70
N SER F 398 -1.66 31.64 -1.87
CA SER F 398 -0.36 31.75 -2.52
C SER F 398 -0.15 30.55 -3.43
N SER F 399 0.25 30.81 -4.68
CA SER F 399 0.53 29.74 -5.64
C SER F 399 1.53 30.23 -6.67
N GLY F 400 2.14 29.30 -7.41
CA GLY F 400 3.06 29.65 -8.48
C GLY F 400 2.43 30.66 -9.42
N GLY F 401 1.32 30.24 -10.03
CA GLY F 401 0.54 31.09 -10.91
C GLY F 401 -0.94 30.88 -10.70
N VAL F 402 -1.74 31.75 -11.31
CA VAL F 402 -3.20 31.68 -11.19
C VAL F 402 -3.88 31.85 -12.55
N ALA F 403 -4.88 31.00 -12.79
CA ALA F 403 -5.82 31.24 -13.89
C ALA F 403 -7.26 31.23 -13.38
N ALA F 404 -7.98 32.31 -13.68
CA ALA F 404 -9.42 32.38 -13.40
C ALA F 404 -10.23 32.10 -14.66
N ASN F 405 -11.15 31.15 -14.57
CA ASN F 405 -12.07 30.79 -15.65
C ASN F 405 -11.41 30.06 -16.83
N ASP F 406 -10.22 29.52 -16.60
CA ASP F 406 -9.57 28.59 -17.54
C ASP F 406 -8.48 27.80 -16.81
N VAL F 407 -7.89 26.85 -17.51
CA VAL F 407 -6.78 26.06 -16.99
C VAL F 407 -5.67 25.95 -18.04
N ILE F 408 -4.46 25.62 -17.58
CA ILE F 408 -3.29 25.36 -18.46
C ILE F 408 -2.75 26.62 -19.16
N VAL F 409 -3.63 27.35 -19.83
CA VAL F 409 -3.23 28.43 -20.75
C VAL F 409 -2.30 29.51 -20.19
N HIS F 410 -2.32 29.72 -18.88
CA HIS F 410 -1.52 30.80 -18.27
C HIS F 410 0.00 30.59 -18.37
N ILE F 411 0.41 29.36 -18.66
CA ILE F 411 1.83 29.03 -18.79
C ILE F 411 2.29 28.97 -20.26
N THR F 412 1.46 29.49 -21.15
CA THR F 412 1.79 29.51 -22.58
C THR F 412 1.94 30.92 -23.13
N LEU F 413 1.89 31.91 -22.24
CA LEU F 413 1.99 33.30 -22.66
C LEU F 413 3.37 33.85 -22.36
N HIS F 414 3.97 34.49 -23.37
CA HIS F 414 5.36 34.98 -23.32
C HIS F 414 5.59 35.98 -22.19
N SER F 415 4.53 36.70 -21.83
CA SER F 415 4.64 37.81 -20.86
C SER F 415 4.36 37.40 -19.41
N LEU F 416 3.99 36.14 -19.20
CA LEU F 416 3.73 35.64 -17.84
C LEU F 416 4.77 34.59 -17.45
N PRO F 417 5.76 34.97 -16.61
CA PRO F 417 6.75 34.01 -16.15
C PRO F 417 6.10 32.78 -15.51
N PHE F 418 6.62 31.60 -15.82
CA PHE F 418 6.11 30.36 -15.28
C PHE F 418 7.06 29.79 -14.23
N GLY F 419 6.54 29.56 -13.03
CA GLY F 419 7.34 28.98 -11.95
C GLY F 419 6.53 28.73 -10.69
N GLY F 420 7.14 28.07 -9.72
CA GLY F 420 6.45 27.72 -8.48
C GLY F 420 6.80 28.63 -7.33
N VAL F 421 6.38 28.23 -6.13
CA VAL F 421 6.71 28.93 -4.90
C VAL F 421 6.63 27.89 -3.78
N GLY F 422 7.44 28.04 -2.73
CA GLY F 422 7.51 27.02 -1.68
C GLY F 422 7.79 25.65 -2.29
N ASN F 423 6.95 24.66 -1.96
CA ASN F 423 7.16 23.29 -2.41
C ASN F 423 6.95 23.07 -3.91
N SER F 424 6.30 24.02 -4.57
CA SER F 424 6.07 23.90 -6.01
C SER F 424 7.24 24.47 -6.81
N GLY F 425 8.20 25.07 -6.09
CA GLY F 425 9.47 25.44 -6.69
C GLY F 425 9.98 26.85 -6.42
N MET F 426 11.11 27.18 -7.03
CA MET F 426 11.69 28.50 -6.92
C MET F 426 12.27 28.94 -8.28
N GLY F 427 12.20 30.23 -8.54
CA GLY F 427 12.62 30.77 -9.81
C GLY F 427 11.55 30.56 -10.87
N SER F 428 11.82 31.01 -12.09
CA SER F 428 10.85 30.95 -13.18
C SER F 428 11.52 31.17 -14.53
N TYR F 429 10.85 30.73 -15.60
CA TYR F 429 11.32 30.96 -16.95
C TYR F 429 10.14 31.16 -17.91
N HIS F 430 10.45 31.17 -19.22
CA HIS F 430 9.52 31.54 -20.31
C HIS F 430 9.75 32.99 -20.70
N GLY F 431 9.84 33.24 -22.00
CA GLY F 431 10.00 34.59 -22.53
C GLY F 431 11.24 35.29 -22.01
N LYS F 432 11.11 36.59 -21.74
CA LYS F 432 12.19 37.41 -21.22
C LYS F 432 12.76 36.82 -19.92
N LYS F 433 11.91 36.19 -19.12
CA LYS F 433 12.34 35.62 -17.84
C LYS F 433 13.40 34.54 -18.02
N SER F 434 13.29 33.74 -19.09
CA SER F 434 14.31 32.73 -19.40
C SER F 434 15.65 33.38 -19.62
N PHE F 435 15.65 34.45 -20.41
CA PHE F 435 16.87 35.20 -20.65
C PHE F 435 17.45 35.69 -19.34
N GLU F 436 16.62 36.29 -18.49
CA GLU F 436 17.08 36.83 -17.19
C GLU F 436 17.58 35.73 -16.27
N THR F 437 16.85 34.62 -16.23
CA THR F 437 17.17 33.50 -15.35
C THR F 437 18.53 32.89 -15.68
N PHE F 438 18.85 32.83 -16.98
CA PHE F 438 20.10 32.23 -17.41
C PHE F 438 21.20 33.26 -17.66
N SER F 439 21.01 34.48 -17.15
CA SER F 439 22.03 35.51 -17.23
C SER F 439 22.43 35.94 -15.82
N HIS F 440 23.56 36.62 -15.71
CA HIS F 440 23.82 37.46 -14.57
C HIS F 440 23.55 38.90 -14.98
N ARG F 441 22.70 39.59 -14.21
CA ARG F 441 22.37 40.99 -14.43
C ARG F 441 23.33 41.81 -13.57
N ARG F 442 24.30 42.46 -14.22
CA ARG F 442 25.46 43.07 -13.57
C ARG F 442 25.27 44.59 -13.53
N SER F 443 25.29 45.17 -12.33
CA SER F 443 25.10 46.59 -12.15
C SER F 443 26.39 47.35 -12.47
N CYS F 444 26.31 48.31 -13.40
CA CYS F 444 27.48 49.08 -13.79
C CYS F 444 27.34 50.56 -13.51
N LEU F 445 28.38 51.13 -12.89
CA LEU F 445 28.53 52.56 -12.73
C LEU F 445 29.80 53.02 -13.43
N VAL F 446 29.66 53.93 -14.39
CA VAL F 446 30.80 54.52 -15.08
C VAL F 446 30.85 56.03 -14.84
N ARG F 447 31.87 56.49 -14.12
CA ARG F 447 32.08 57.91 -13.88
C ARG F 447 33.16 58.45 -14.80
N PRO F 448 33.12 59.77 -15.07
CA PRO F 448 34.29 60.41 -15.68
C PRO F 448 35.41 60.48 -14.64
N LEU F 449 36.64 60.22 -15.08
CA LEU F 449 37.81 60.36 -14.22
C LEU F 449 38.31 61.81 -14.27
N MET F 450 37.44 62.73 -13.91
CA MET F 450 37.81 64.12 -13.80
C MET F 450 37.93 64.33 -12.31
N ASN F 451 38.56 65.43 -11.93
CA ASN F 451 38.37 65.94 -10.59
C ASN F 451 36.89 66.29 -10.43
N ASP F 452 36.13 65.44 -9.75
CA ASP F 452 34.75 65.77 -9.41
C ASP F 452 34.75 66.39 -8.01
N GLU F 453 34.40 67.67 -7.95
CA GLU F 453 34.56 68.46 -6.73
C GLU F 453 33.43 68.19 -5.74
N GLY F 454 32.37 67.56 -6.22
CA GLY F 454 31.27 67.13 -5.35
C GLY F 454 31.54 65.76 -4.70
N LEU F 455 32.74 65.24 -4.87
CA LEU F 455 33.11 63.99 -4.24
C LEU F 455 33.99 64.26 -3.04
N LYS F 456 34.50 65.50 -2.98
CA LYS F 456 35.40 65.95 -1.91
C LYS F 456 34.88 65.68 -0.50
N VAL F 457 33.57 65.85 -0.34
CA VAL F 457 32.89 65.73 0.96
C VAL F 457 33.09 64.35 1.62
N ARG F 458 33.08 63.30 0.81
CA ARG F 458 33.19 61.95 1.31
C ARG F 458 34.61 61.61 1.79
N TYR F 459 35.58 62.43 1.38
CA TYR F 459 36.96 62.21 1.76
C TYR F 459 37.26 62.71 3.16
N PRO F 460 38.04 61.91 3.93
CA PRO F 460 38.63 62.34 5.20
C PRO F 460 39.68 63.45 5.00
N PRO F 461 39.92 64.28 6.04
CA PRO F 461 39.29 64.26 7.36
C PRO F 461 37.87 64.83 7.35
N SER F 462 37.03 64.31 8.24
CA SER F 462 35.65 64.78 8.38
C SER F 462 35.61 66.19 8.96
N PRO F 463 34.50 66.92 8.72
CA PRO F 463 34.30 68.30 9.21
C PRO F 463 34.50 68.45 10.72
N SER G 18 -6.40 12.28 13.87
CA SER G 18 -6.14 13.69 13.44
C SER G 18 -7.39 14.32 12.85
N LYS G 19 -8.50 13.59 12.87
CA LYS G 19 -9.78 14.13 12.45
C LYS G 19 -10.40 14.92 13.60
N ILE G 20 -10.46 14.29 14.77
CA ILE G 20 -10.94 14.93 15.99
C ILE G 20 -9.99 16.04 16.43
N SER G 21 -8.70 15.76 16.39
CA SER G 21 -7.66 16.70 16.80
C SER G 21 -7.70 18.00 16.00
N GLU G 22 -8.25 17.95 14.79
CA GLU G 22 -8.39 19.12 13.94
C GLU G 22 -9.61 19.94 14.31
N ALA G 23 -10.74 19.26 14.48
CA ALA G 23 -12.01 19.91 14.83
C ALA G 23 -11.91 20.67 16.16
N VAL G 24 -11.29 20.02 17.15
CA VAL G 24 -11.09 20.63 18.47
C VAL G 24 -10.15 21.84 18.37
N LYS G 25 -9.02 21.65 17.68
CA LYS G 25 -8.03 22.71 17.51
C LYS G 25 -8.62 23.94 16.83
N ARG G 26 -9.39 23.72 15.78
CA ARG G 26 -10.01 24.83 15.08
C ARG G 26 -11.15 25.46 15.87
N ALA G 27 -11.78 24.68 16.75
CA ALA G 27 -12.77 25.22 17.69
C ALA G 27 -12.13 26.12 18.73
N ARG G 28 -10.97 25.71 19.24
CA ARG G 28 -10.24 26.51 20.22
C ARG G 28 -9.71 27.78 19.60
N ALA G 29 -9.13 27.67 18.40
CA ALA G 29 -8.59 28.83 17.70
C ALA G 29 -9.69 29.87 17.41
N ALA G 30 -10.86 29.37 17.02
CA ALA G 30 -12.01 30.23 16.75
C ALA G 30 -12.50 30.93 18.02
N PHE G 31 -12.47 30.22 19.14
CA PHE G 31 -12.81 30.85 20.42
C PHE G 31 -11.77 31.90 20.85
N SER G 32 -10.50 31.61 20.62
CA SER G 32 -9.40 32.50 20.99
C SER G 32 -9.45 33.84 20.27
N SER G 33 -9.98 33.84 19.05
CA SER G 33 -10.08 35.06 18.25
C SER G 33 -11.07 36.08 18.84
N GLY G 34 -11.88 35.64 19.81
CA GLY G 34 -12.80 36.52 20.51
C GLY G 34 -14.13 36.69 19.81
N ARG G 35 -14.34 35.89 18.76
CA ARG G 35 -15.55 35.94 17.93
C ARG G 35 -16.86 35.76 18.71
N THR G 36 -16.84 34.88 19.72
CA THR G 36 -18.06 34.56 20.46
C THR G 36 -18.44 35.56 21.54
N ARG G 37 -17.52 36.46 21.89
CA ARG G 37 -17.71 37.36 23.04
C ARG G 37 -18.90 38.33 22.91
N PRO G 38 -19.06 39.00 21.75
CA PRO G 38 -20.22 39.90 21.70
C PRO G 38 -21.55 39.15 21.73
N LEU G 39 -22.52 39.67 22.48
CA LEU G 39 -23.82 39.03 22.62
C LEU G 39 -24.54 38.86 21.28
N GLN G 40 -24.38 39.84 20.41
CA GLN G 40 -24.96 39.80 19.06
C GLN G 40 -24.65 38.51 18.33
N PHE G 41 -23.39 38.10 18.40
CA PHE G 41 -22.93 36.91 17.71
C PHE G 41 -23.64 35.68 18.27
N ARG G 42 -23.76 35.63 19.59
CA ARG G 42 -24.37 34.48 20.24
C ARG G 42 -25.84 34.38 19.86
N ILE G 43 -26.54 35.51 19.94
CA ILE G 43 -27.96 35.59 19.57
C ILE G 43 -28.16 35.11 18.14
N GLN G 44 -27.23 35.51 17.27
CA GLN G 44 -27.26 35.13 15.87
C GLN G 44 -27.21 33.61 15.69
N GLN G 45 -26.27 32.97 16.38
CA GLN G 45 -26.16 31.52 16.33
C GLN G 45 -27.43 30.86 16.84
N LEU G 46 -28.01 31.42 17.88
CA LEU G 46 -29.25 30.90 18.45
C LEU G 46 -30.42 31.08 17.49
N GLU G 47 -30.46 32.23 16.81
CA GLU G 47 -31.49 32.47 15.81
C GLU G 47 -31.32 31.54 14.61
N ALA G 48 -30.07 31.17 14.32
CA ALA G 48 -29.79 30.18 13.28
C ALA G 48 -30.31 28.79 13.66
N LEU G 49 -30.19 28.43 14.94
CA LEU G 49 -30.74 27.17 15.45
C LEU G 49 -32.27 27.14 15.34
N GLN G 50 -32.88 28.28 15.62
CA GLN G 50 -34.32 28.46 15.49
C GLN G 50 -34.77 28.18 14.05
N ARG G 51 -33.99 28.70 13.10
CA ARG G 51 -34.27 28.52 11.68
CA ARG G 51 -34.27 28.52 11.68
C ARG G 51 -34.11 27.05 11.29
N LEU G 52 -33.05 26.43 11.81
CA LEU G 52 -32.80 24.99 11.60
C LEU G 52 -34.03 24.18 11.98
N ILE G 53 -34.51 24.38 13.21
CA ILE G 53 -35.68 23.69 13.73
C ILE G 53 -36.93 23.87 12.88
N GLN G 54 -37.11 25.07 12.31
CA GLN G 54 -38.25 25.35 11.44
C GLN G 54 -38.10 24.78 10.02
N GLU G 55 -36.93 24.97 9.43
CA GLU G 55 -36.67 24.54 8.06
C GLU G 55 -36.46 23.02 7.93
N GLN G 56 -36.11 22.38 9.03
CA GLN G 56 -35.81 20.94 9.01
C GLN G 56 -36.80 20.10 9.82
N GLU G 57 -37.95 20.70 10.17
CA GLU G 57 -38.96 20.03 11.00
C GLU G 57 -39.27 18.61 10.51
N GLN G 58 -39.58 18.47 9.22
CA GLN G 58 -39.96 17.17 8.63
C GLN G 58 -38.83 16.13 8.65
N GLU G 59 -37.59 16.59 8.45
CA GLU G 59 -36.42 15.73 8.47
C GLU G 59 -36.12 15.23 9.88
N LEU G 60 -36.32 16.10 10.86
CA LEU G 60 -36.18 15.75 12.28
C LEU G 60 -37.21 14.70 12.71
N VAL G 61 -38.45 14.88 12.26
CA VAL G 61 -39.52 13.91 12.52
C VAL G 61 -39.15 12.57 11.90
N GLY G 62 -38.70 12.60 10.64
CA GLY G 62 -38.26 11.40 9.94
C GLY G 62 -37.21 10.62 10.71
N ALA G 63 -36.22 11.33 11.23
CA ALA G 63 -35.14 10.73 12.00
C ALA G 63 -35.63 10.11 13.31
N LEU G 64 -36.56 10.78 13.98
CA LEU G 64 -37.11 10.30 15.25
C LEU G 64 -38.03 9.12 15.05
N ALA G 65 -38.73 9.10 13.92
CA ALA G 65 -39.62 7.99 13.56
C ALA G 65 -38.82 6.74 13.26
N ALA G 66 -37.70 6.91 12.56
CA ALA G 66 -36.84 5.80 12.17
C ALA G 66 -36.13 5.20 13.38
N ASP G 67 -35.75 6.05 14.33
CA ASP G 67 -35.01 5.62 15.51
C ASP G 67 -35.88 5.07 16.64
N LEU G 68 -36.99 5.74 16.90
CA LEU G 68 -37.78 5.48 18.12
C LEU G 68 -39.27 5.35 17.88
N HIS G 69 -39.68 5.31 16.62
CA HIS G 69 -41.09 5.19 16.24
C HIS G 69 -41.93 6.32 16.88
N LYS G 70 -41.39 7.53 16.86
CA LYS G 70 -42.16 8.71 17.21
C LYS G 70 -42.94 9.12 15.97
N ASN G 71 -44.13 9.68 16.16
CA ASN G 71 -44.85 10.29 15.06
C ASN G 71 -44.59 11.79 15.04
N GLU G 72 -45.23 12.50 14.12
CA GLU G 72 -44.99 13.92 13.93
C GLU G 72 -45.44 14.81 15.11
N TRP G 73 -46.49 14.39 15.80
CA TRP G 73 -47.01 15.15 16.93
C TRP G 73 -46.10 15.09 18.16
N ASN G 74 -45.79 13.88 18.63
CA ASN G 74 -44.95 13.74 19.82
C ASN G 74 -43.47 14.04 19.57
N ALA G 75 -43.03 13.94 18.32
CA ALA G 75 -41.68 14.36 17.95
C ALA G 75 -41.50 15.84 18.28
N TYR G 76 -42.56 16.61 18.06
CA TYR G 76 -42.53 18.03 18.34
C TYR G 76 -42.85 18.36 19.80
N TYR G 77 -43.99 17.85 20.29
CA TYR G 77 -44.48 18.22 21.60
C TYR G 77 -43.87 17.45 22.77
N GLU G 78 -43.11 16.41 22.46
CA GLU G 78 -42.38 15.69 23.52
C GLU G 78 -40.87 15.87 23.42
N GLU G 79 -40.41 16.59 22.41
CA GLU G 79 -38.97 16.82 22.25
C GLU G 79 -38.61 18.20 21.72
N VAL G 80 -38.87 18.43 20.44
CA VAL G 80 -38.38 19.62 19.72
C VAL G 80 -38.86 20.96 20.30
N VAL G 81 -40.12 21.02 20.74
CA VAL G 81 -40.70 22.27 21.24
C VAL G 81 -39.94 22.84 22.44
N TYR G 82 -39.30 21.97 23.23
CA TYR G 82 -38.59 22.40 24.43
C TYR G 82 -37.26 23.07 24.12
N VAL G 83 -36.66 22.69 22.99
CA VAL G 83 -35.46 23.36 22.51
C VAL G 83 -35.82 24.78 22.07
N LEU G 84 -36.93 24.91 21.35
CA LEU G 84 -37.42 26.21 20.87
C LEU G 84 -37.69 27.18 22.00
N GLU G 85 -38.46 26.74 22.99
CA GLU G 85 -38.75 27.52 24.19
C GLU G 85 -37.49 27.94 24.91
N GLU G 86 -36.52 27.04 24.99
CA GLU G 86 -35.23 27.36 25.59
C GLU G 86 -34.51 28.44 24.80
N ILE G 87 -34.46 28.29 23.48
CA ILE G 87 -33.84 29.27 22.60
C ILE G 87 -34.50 30.63 22.77
N GLU G 88 -35.83 30.65 22.72
CA GLU G 88 -36.60 31.90 22.80
C GLU G 88 -36.33 32.60 24.14
N TYR G 89 -36.31 31.81 25.21
CA TYR G 89 -36.07 32.31 26.56
C TYR G 89 -34.66 32.88 26.73
N MET G 90 -33.66 32.15 26.23
CA MET G 90 -32.26 32.58 26.34
C MET G 90 -31.92 33.83 25.55
N ILE G 91 -32.42 33.90 24.31
CA ILE G 91 -32.23 35.08 23.48
C ILE G 91 -32.72 36.30 24.25
N GLN G 92 -33.87 36.14 24.88
CA GLN G 92 -34.56 37.22 25.55
C GLN G 92 -33.90 37.68 26.84
N LYS G 93 -33.33 36.73 27.59
CA LYS G 93 -32.76 36.98 28.90
C LYS G 93 -31.24 37.17 28.88
N LEU G 94 -30.60 36.90 27.75
CA LEU G 94 -29.14 36.96 27.63
C LEU G 94 -28.50 38.27 28.12
N PRO G 95 -28.96 39.45 27.62
CA PRO G 95 -28.28 40.68 28.03
C PRO G 95 -28.26 40.86 29.55
N GLU G 96 -29.36 40.48 30.18
CA GLU G 96 -29.54 40.56 31.62
C GLU G 96 -28.65 39.56 32.36
N TRP G 97 -28.53 38.35 31.83
CA TRP G 97 -27.70 37.32 32.46
C TRP G 97 -26.20 37.61 32.32
N ALA G 98 -25.81 38.16 31.17
CA ALA G 98 -24.41 38.40 30.86
C ALA G 98 -23.89 39.64 31.56
N ALA G 99 -24.80 40.53 31.93
CA ALA G 99 -24.44 41.77 32.62
C ALA G 99 -23.73 41.48 33.93
N ASP G 100 -22.73 42.30 34.26
CA ASP G 100 -22.04 42.23 35.55
C ASP G 100 -23.08 42.35 36.66
N GLU G 101 -22.92 41.51 37.67
CA GLU G 101 -23.90 41.42 38.73
C GLU G 101 -23.37 42.07 40.01
N PRO G 102 -23.92 43.23 40.39
CA PRO G 102 -23.45 43.92 41.59
C PRO G 102 -23.86 43.12 42.82
N VAL G 103 -22.97 43.09 43.82
CA VAL G 103 -23.23 42.34 45.05
C VAL G 103 -23.17 43.23 46.30
N GLU G 104 -23.56 42.65 47.43
CA GLU G 104 -23.70 43.34 48.71
C GLU G 104 -22.36 43.85 49.18
N LYS G 105 -22.33 45.11 49.57
CA LYS G 105 -21.13 45.74 50.07
C LYS G 105 -21.02 45.55 51.58
N THR G 106 -19.91 46.00 52.14
CA THR G 106 -19.74 46.08 53.60
C THR G 106 -19.39 47.53 53.98
N PRO G 107 -19.52 47.88 55.28
CA PRO G 107 -19.18 49.22 55.78
C PRO G 107 -17.78 49.70 55.38
N GLN G 108 -16.91 48.76 55.01
CA GLN G 108 -15.53 49.08 54.62
C GLN G 108 -15.30 49.14 53.11
N THR G 109 -16.23 48.61 52.34
CA THR G 109 -16.11 48.59 50.89
C THR G 109 -17.11 49.52 50.23
N GLN G 110 -17.46 50.59 50.94
CA GLN G 110 -18.45 51.54 50.44
C GLN G 110 -18.03 52.19 49.13
N GLN G 111 -16.79 52.66 49.10
CA GLN G 111 -16.26 53.37 47.96
C GLN G 111 -15.97 52.43 46.79
N ASP G 112 -16.03 51.13 47.05
CA ASP G 112 -15.59 50.11 46.10
C ASP G 112 -16.70 49.62 45.19
N GLU G 113 -16.30 49.03 44.08
CA GLU G 113 -17.20 48.32 43.21
C GLU G 113 -17.05 46.83 43.49
N LEU G 114 -18.17 46.18 43.79
CA LEU G 114 -18.16 44.74 44.01
C LEU G 114 -19.16 44.07 43.09
N TYR G 115 -18.67 43.21 42.21
CA TYR G 115 -19.55 42.56 41.27
C TYR G 115 -19.04 41.20 40.82
N ILE G 116 -19.95 40.44 40.24
CA ILE G 116 -19.62 39.16 39.65
C ILE G 116 -19.68 39.28 38.13
N HIS G 117 -18.60 38.85 37.50
CA HIS G 117 -18.42 38.96 36.06
C HIS G 117 -18.54 37.58 35.43
N SER G 118 -19.43 37.47 34.44
CA SER G 118 -19.65 36.21 33.75
C SER G 118 -18.89 36.13 32.44
N GLU G 119 -18.17 35.03 32.24
CA GLU G 119 -17.34 34.84 31.07
C GLU G 119 -17.40 33.38 30.63
N PRO G 120 -17.21 33.12 29.32
CA PRO G 120 -17.19 31.77 28.79
C PRO G 120 -16.04 30.93 29.36
N LEU G 121 -16.22 29.62 29.38
CA LEU G 121 -15.18 28.72 29.85
C LEU G 121 -14.15 28.45 28.75
N GLY G 122 -14.64 28.35 27.51
CA GLY G 122 -13.77 28.14 26.36
C GLY G 122 -14.38 27.15 25.38
N VAL G 123 -13.82 25.95 25.29
CA VAL G 123 -14.35 24.91 24.42
C VAL G 123 -15.10 23.87 25.26
N VAL G 124 -16.38 23.72 24.95
CA VAL G 124 -17.27 22.86 25.73
C VAL G 124 -17.57 21.59 24.94
N LEU G 125 -17.59 20.45 25.64
CA LEU G 125 -17.99 19.19 25.01
C LEU G 125 -19.36 18.75 25.53
N VAL G 126 -20.27 18.49 24.59
CA VAL G 126 -21.57 17.94 24.92
C VAL G 126 -21.67 16.56 24.31
N ILE G 127 -21.79 15.55 25.17
CA ILE G 127 -21.99 14.16 24.72
C ILE G 127 -23.46 13.81 24.90
N GLY G 128 -24.13 13.56 23.79
CA GLY G 128 -25.57 13.29 23.81
C GLY G 128 -25.91 11.84 24.05
N THR G 129 -27.18 11.58 24.33
CA THR G 129 -27.66 10.21 24.48
C THR G 129 -28.77 9.95 23.45
N TRP G 130 -29.34 8.75 23.47
CA TRP G 130 -30.16 8.27 22.36
C TRP G 130 -31.67 8.38 22.53
N ASN G 131 -32.16 8.46 23.76
CA ASN G 131 -33.60 8.39 24.01
C ASN G 131 -34.34 9.66 23.59
N TYR G 132 -33.67 10.80 23.73
CA TYR G 132 -34.16 12.03 23.15
C TYR G 132 -32.98 12.66 22.44
N PRO G 133 -32.65 12.11 21.26
CA PRO G 133 -31.38 12.40 20.59
C PRO G 133 -31.24 13.82 20.05
N PHE G 134 -32.37 14.51 19.87
CA PHE G 134 -32.29 15.90 19.49
C PHE G 134 -32.18 16.78 20.73
N ASN G 135 -33.17 16.68 21.61
CA ASN G 135 -33.22 17.51 22.81
C ASN G 135 -31.99 17.38 23.70
N LEU G 136 -31.57 16.15 23.97
CA LEU G 136 -30.47 15.93 24.91
C LEU G 136 -29.10 16.10 24.28
N THR G 137 -29.09 16.59 23.05
CA THR G 137 -27.88 17.00 22.39
C THR G 137 -27.89 18.52 22.24
N ILE G 138 -29.02 19.05 21.78
CA ILE G 138 -29.12 20.46 21.41
C ILE G 138 -29.49 21.39 22.57
N GLN G 139 -30.32 20.94 23.50
CA GLN G 139 -30.66 21.83 24.64
C GLN G 139 -29.45 22.26 25.46
N PRO G 140 -28.54 21.32 25.80
CA PRO G 140 -27.32 21.73 26.47
C PRO G 140 -26.48 22.67 25.61
N MET G 141 -26.50 22.44 24.30
CA MET G 141 -25.72 23.26 23.37
C MET G 141 -26.21 24.71 23.36
N VAL G 142 -27.53 24.90 23.40
CA VAL G 142 -28.11 26.23 23.47
C VAL G 142 -27.49 27.01 24.61
N GLY G 143 -27.44 26.40 25.80
CA GLY G 143 -26.84 27.04 26.97
C GLY G 143 -25.38 27.39 26.73
N ALA G 144 -24.63 26.45 26.18
CA ALA G 144 -23.19 26.64 25.98
C ALA G 144 -22.89 27.73 24.97
N ILE G 145 -23.74 27.82 23.95
CA ILE G 145 -23.65 28.87 22.95
C ILE G 145 -23.98 30.23 23.60
N ALA G 146 -25.08 30.28 24.33
CA ALA G 146 -25.52 31.50 25.01
C ALA G 146 -24.44 32.06 25.94
N ALA G 147 -23.69 31.14 26.57
CA ALA G 147 -22.60 31.50 27.48
C ALA G 147 -21.33 31.94 26.75
N GLY G 148 -21.29 31.76 25.43
CA GLY G 148 -20.20 32.26 24.61
C GLY G 148 -19.07 31.29 24.37
N ASN G 149 -19.37 30.00 24.48
CA ASN G 149 -18.35 28.97 24.28
C ASN G 149 -18.35 28.44 22.87
N ALA G 150 -17.22 27.85 22.48
CA ALA G 150 -17.22 26.94 21.36
C ALA G 150 -17.82 25.65 21.91
N VAL G 151 -18.59 24.94 21.08
CA VAL G 151 -19.26 23.72 21.53
C VAL G 151 -19.03 22.57 20.55
N VAL G 152 -18.34 21.55 21.04
CA VAL G 152 -18.11 20.34 20.29
C VAL G 152 -19.23 19.37 20.63
N LEU G 153 -19.82 18.76 19.61
CA LEU G 153 -20.92 17.81 19.81
C LEU G 153 -20.53 16.37 19.49
N LYS G 154 -20.99 15.46 20.34
CA LYS G 154 -20.83 14.03 20.11
C LYS G 154 -22.18 13.34 20.34
N PRO G 155 -22.97 13.17 19.26
CA PRO G 155 -24.26 12.47 19.35
C PRO G 155 -24.09 10.98 19.59
N SER G 156 -25.11 10.34 20.16
CA SER G 156 -25.09 8.90 20.38
C SER G 156 -25.29 8.16 19.06
N GLU G 157 -24.51 7.10 18.87
CA GLU G 157 -24.59 6.28 17.66
C GLU G 157 -25.84 5.41 17.61
N LEU G 158 -26.43 5.13 18.77
CA LEU G 158 -27.64 4.31 18.87
C LEU G 158 -28.84 4.97 18.18
N SER G 159 -28.90 6.30 18.26
CA SER G 159 -29.86 7.07 17.49
C SER G 159 -29.23 7.43 16.14
N GLU G 160 -28.87 6.37 15.42
CA GLU G 160 -28.11 6.42 14.16
C GLU G 160 -28.60 7.44 13.13
N ASN G 161 -29.92 7.55 13.00
CA ASN G 161 -30.51 8.50 12.05
C ASN G 161 -30.37 9.95 12.48
N MET G 162 -30.58 10.22 13.77
CA MET G 162 -30.43 11.57 14.29
C MET G 162 -28.96 11.98 14.32
N ALA G 163 -28.10 11.03 14.65
CA ALA G 163 -26.66 11.28 14.72
C ALA G 163 -26.11 11.75 13.37
N SER G 164 -26.56 11.06 12.32
CA SER G 164 -26.13 11.31 10.96
C SER G 164 -26.75 12.59 10.39
N LEU G 165 -27.99 12.89 10.79
CA LEU G 165 -28.68 14.10 10.37
C LEU G 165 -28.04 15.36 10.97
N LEU G 166 -27.81 15.36 12.28
CA LEU G 166 -27.19 16.50 12.96
C LEU G 166 -25.83 16.85 12.38
N ALA G 167 -25.05 15.82 12.01
CA ALA G 167 -23.74 16.02 11.39
C ALA G 167 -23.84 16.74 10.05
N THR G 168 -24.99 16.59 9.38
CA THR G 168 -25.26 17.26 8.11
C THR G 168 -25.78 18.68 8.33
N ILE G 169 -26.84 18.83 9.11
CA ILE G 169 -27.55 20.12 9.22
C ILE G 169 -26.94 21.17 10.16
N ILE G 170 -26.30 20.74 11.25
CA ILE G 170 -25.67 21.69 12.18
C ILE G 170 -24.69 22.63 11.46
N PRO G 171 -23.75 22.10 10.66
CA PRO G 171 -22.83 23.00 9.96
C PRO G 171 -23.46 23.86 8.86
N GLN G 172 -24.66 23.50 8.42
CA GLN G 172 -25.38 24.30 7.42
C GLN G 172 -25.89 25.60 8.00
N TYR G 173 -26.12 25.61 9.31
CA TYR G 173 -26.76 26.75 9.97
C TYR G 173 -25.84 27.50 10.92
N LEU G 174 -24.99 26.77 11.63
CA LEU G 174 -24.12 27.36 12.65
C LEU G 174 -22.69 27.47 12.15
N ASP G 175 -21.92 28.36 12.79
CA ASP G 175 -20.50 28.51 12.52
C ASP G 175 -19.78 27.16 12.49
N LYS G 176 -19.02 26.94 11.42
CA LYS G 176 -18.36 25.65 11.16
C LYS G 176 -17.23 25.29 12.11
N ASP G 177 -16.43 26.29 12.45
CA ASP G 177 -15.27 26.07 13.29
C ASP G 177 -15.64 25.94 14.76
N LEU G 178 -16.61 26.75 15.21
CA LEU G 178 -17.01 26.83 16.62
C LEU G 178 -17.85 25.66 17.13
N TYR G 179 -18.67 25.09 16.24
CA TYR G 179 -19.63 24.08 16.64
C TYR G 179 -19.55 22.79 15.83
N PRO G 180 -18.40 22.10 15.88
CA PRO G 180 -18.24 20.88 15.07
C PRO G 180 -19.01 19.69 15.64
N VAL G 181 -19.45 18.80 14.75
CA VAL G 181 -20.10 17.54 15.14
C VAL G 181 -19.10 16.40 14.94
N ILE G 182 -18.98 15.54 15.95
CA ILE G 182 -18.09 14.39 15.89
C ILE G 182 -18.90 13.10 15.77
N ASN G 183 -18.61 12.33 14.73
CA ASN G 183 -19.30 11.06 14.48
C ASN G 183 -18.57 9.91 15.16
N GLY G 184 -19.31 8.85 15.47
CA GLY G 184 -18.72 7.61 15.96
C GLY G 184 -19.36 7.03 17.20
N GLY G 185 -18.67 6.08 17.81
CA GLY G 185 -19.12 5.43 19.02
C GLY G 185 -18.09 5.46 20.13
N VAL G 186 -18.09 4.42 20.95
CA VAL G 186 -17.19 4.31 22.10
C VAL G 186 -15.71 4.57 21.76
N PRO G 187 -15.19 3.96 20.66
CA PRO G 187 -13.78 4.23 20.32
C PRO G 187 -13.50 5.71 19.99
N GLU G 188 -14.42 6.33 19.25
CA GLU G 188 -14.30 7.75 18.88
C GLU G 188 -14.46 8.63 20.10
N THR G 189 -15.49 8.36 20.90
CA THR G 189 -15.74 9.05 22.17
C THR G 189 -14.52 9.00 23.08
N THR G 190 -13.98 7.80 23.27
CA THR G 190 -12.77 7.59 24.08
C THR G 190 -11.63 8.49 23.62
N GLU G 191 -11.49 8.65 22.31
CA GLU G 191 -10.41 9.46 21.78
C GLU G 191 -10.64 10.94 21.94
N LEU G 192 -11.90 11.33 21.83
CA LEU G 192 -12.31 12.71 22.02
C LEU G 192 -12.00 13.18 23.45
N LEU G 193 -12.09 12.26 24.40
CA LEU G 193 -11.85 12.57 25.81
C LEU G 193 -10.39 12.74 26.18
N LYS G 194 -9.49 12.52 25.22
CA LYS G 194 -8.07 12.81 25.41
C LYS G 194 -7.77 14.27 25.12
N GLU G 195 -8.64 14.90 24.34
CA GLU G 195 -8.52 16.33 24.00
C GLU G 195 -8.85 17.18 25.23
N ARG G 196 -8.28 18.38 25.27
CA ARG G 196 -8.50 19.26 26.41
C ARG G 196 -9.74 20.12 26.20
N PHE G 197 -10.72 19.96 27.08
CA PHE G 197 -11.91 20.78 27.08
C PHE G 197 -12.01 21.62 28.36
N ASP G 198 -12.85 22.65 28.30
CA ASP G 198 -13.03 23.54 29.44
C ASP G 198 -14.20 23.14 30.32
N HIS G 199 -15.18 22.47 29.72
CA HIS G 199 -16.30 21.87 30.43
C HIS G 199 -16.80 20.67 29.64
N ILE G 200 -17.26 19.63 30.34
CA ILE G 200 -17.88 18.50 29.69
C ILE G 200 -19.27 18.27 30.28
N LEU G 201 -20.27 18.22 29.43
CA LEU G 201 -21.59 17.76 29.85
C LEU G 201 -21.89 16.43 29.20
N TYR G 202 -22.23 15.44 30.02
CA TYR G 202 -22.57 14.12 29.56
C TYR G 202 -23.91 13.67 30.10
N THR G 203 -24.75 13.16 29.21
CA THR G 203 -25.98 12.47 29.61
C THR G 203 -25.86 11.01 29.24
N GLY G 204 -26.14 10.14 30.20
CA GLY G 204 -26.08 8.71 29.96
C GLY G 204 -26.16 7.91 31.23
N SER G 205 -25.30 6.90 31.33
CA SER G 205 -25.37 5.94 32.42
C SER G 205 -24.37 6.26 33.53
N THR G 206 -24.69 5.80 34.73
CA THR G 206 -23.83 5.97 35.90
C THR G 206 -22.41 5.47 35.64
N GLY G 207 -22.29 4.25 35.12
CA GLY G 207 -21.00 3.64 34.84
C GLY G 207 -20.10 4.45 33.92
N VAL G 208 -20.66 4.98 32.83
CA VAL G 208 -19.88 5.80 31.88
C VAL G 208 -19.52 7.17 32.49
N GLY G 209 -20.41 7.70 33.32
CA GLY G 209 -20.14 8.92 34.07
C GLY G 209 -18.79 8.90 34.76
N LYS G 210 -18.45 7.76 35.39
CA LYS G 210 -17.16 7.59 36.05
C LYS G 210 -15.99 7.67 35.05
N ILE G 211 -16.20 7.15 33.84
CA ILE G 211 -15.20 7.21 32.78
C ILE G 211 -15.00 8.65 32.31
N ILE G 212 -16.11 9.34 32.03
CA ILE G 212 -16.06 10.75 31.66
C ILE G 212 -15.27 11.54 32.70
N MET G 213 -15.61 11.33 33.98
CA MET G 213 -15.01 12.08 35.07
C MET G 213 -13.52 11.77 35.22
N THR G 214 -13.16 10.50 35.03
CA THR G 214 -11.76 10.07 35.07
C THR G 214 -10.97 10.75 33.96
N ALA G 215 -11.55 10.83 32.78
CA ALA G 215 -10.90 11.49 31.65
C ALA G 215 -10.78 13.00 31.90
N ALA G 216 -11.83 13.58 32.50
CA ALA G 216 -11.86 15.00 32.83
C ALA G 216 -10.77 15.40 33.82
N ALA G 217 -10.50 14.53 34.79
CA ALA G 217 -9.53 14.80 35.83
C ALA G 217 -8.15 15.14 35.29
N LYS G 218 -7.81 14.53 34.15
CA LYS G 218 -6.47 14.68 33.55
C LYS G 218 -6.17 16.09 33.06
N HIS G 219 -7.22 16.86 32.79
CA HIS G 219 -7.07 18.27 32.40
C HIS G 219 -7.75 19.20 33.40
N LEU G 220 -8.20 18.62 34.52
CA LEU G 220 -9.01 19.33 35.52
C LEU G 220 -10.19 20.03 34.88
N THR G 221 -10.96 19.24 34.13
CA THR G 221 -12.12 19.75 33.41
C THR G 221 -13.37 19.56 34.26
N PRO G 222 -14.10 20.64 34.52
CA PRO G 222 -15.34 20.50 35.27
C PRO G 222 -16.38 19.73 34.47
N VAL G 223 -17.22 18.98 35.16
CA VAL G 223 -18.22 18.15 34.48
C VAL G 223 -19.64 18.38 34.97
N THR G 224 -20.59 18.20 34.07
CA THR G 224 -21.98 18.09 34.44
C THR G 224 -22.42 16.72 33.97
N LEU G 225 -22.87 15.90 34.90
CA LEU G 225 -23.26 14.54 34.61
C LEU G 225 -24.72 14.38 34.93
N GLU G 226 -25.51 14.05 33.90
CA GLU G 226 -26.93 13.73 34.05
C GLU G 226 -27.08 12.23 33.86
N LEU G 227 -27.12 11.50 34.97
CA LEU G 227 -27.04 10.05 34.95
C LEU G 227 -28.38 9.38 35.24
N GLY G 228 -28.36 8.15 35.75
CA GLY G 228 -29.60 7.41 35.93
C GLY G 228 -29.87 6.94 37.34
N GLY G 229 -30.68 5.89 37.43
CA GLY G 229 -31.16 5.33 38.68
C GLY G 229 -32.60 4.91 38.48
N LYS G 230 -33.25 4.53 39.57
CA LYS G 230 -34.65 4.15 39.52
C LYS G 230 -35.48 5.20 40.25
N SER G 231 -36.29 5.92 39.49
CA SER G 231 -37.13 6.98 40.03
C SER G 231 -38.39 6.39 40.65
N PRO G 232 -38.51 6.46 41.99
CA PRO G 232 -39.64 5.86 42.68
C PRO G 232 -40.90 6.72 42.52
N CYS G 233 -42.05 6.07 42.62
CA CYS G 233 -43.31 6.76 42.57
C CYS G 233 -44.18 6.23 43.70
N TYR G 234 -44.27 7.00 44.78
CA TYR G 234 -45.08 6.61 45.92
C TYR G 234 -46.53 7.08 45.76
N VAL G 235 -47.47 6.16 45.96
CA VAL G 235 -48.89 6.48 45.88
C VAL G 235 -49.54 6.29 47.26
N ASP G 236 -50.15 7.36 47.75
CA ASP G 236 -50.78 7.38 49.08
C ASP G 236 -52.18 6.79 49.04
N LYS G 237 -52.65 6.30 50.19
CA LYS G 237 -53.92 5.60 50.29
C LYS G 237 -55.17 6.43 49.99
N ASN G 238 -55.31 7.60 50.62
CA ASN G 238 -56.56 8.37 50.52
C ASN G 238 -56.58 9.38 49.38
N CYS G 239 -55.78 9.16 48.34
CA CYS G 239 -55.78 10.09 47.21
C CYS G 239 -56.61 9.54 46.05
N ASP G 240 -57.06 10.44 45.17
CA ASP G 240 -57.82 10.06 43.99
C ASP G 240 -56.94 9.30 42.99
N LEU G 241 -57.13 7.99 42.93
CA LEU G 241 -56.31 7.13 42.10
C LEU G 241 -56.60 7.26 40.60
N ASP G 242 -57.78 7.79 40.26
CA ASP G 242 -58.16 8.00 38.86
C ASP G 242 -57.20 8.96 38.19
N VAL G 243 -56.99 10.12 38.82
CA VAL G 243 -56.10 11.15 38.33
C VAL G 243 -54.66 10.68 38.41
N ALA G 244 -54.31 10.05 39.53
CA ALA G 244 -52.94 9.61 39.78
C ALA G 244 -52.44 8.65 38.72
N CYS G 245 -53.19 7.58 38.47
CA CYS G 245 -52.74 6.51 37.58
C CYS G 245 -52.67 6.93 36.11
N ARG G 246 -53.52 7.88 35.74
CA ARG G 246 -53.53 8.47 34.41
C ARG G 246 -52.19 9.18 34.17
N ARG G 247 -51.80 10.01 35.12
CA ARG G 247 -50.56 10.76 35.06
C ARG G 247 -49.33 9.85 35.07
N ILE G 248 -49.34 8.86 35.96
CA ILE G 248 -48.27 7.86 36.06
C ILE G 248 -48.09 7.10 34.76
N ALA G 249 -49.20 6.59 34.22
CA ALA G 249 -49.16 5.83 32.97
C ALA G 249 -48.64 6.67 31.82
N TRP G 250 -49.00 7.95 31.80
CA TRP G 250 -48.53 8.87 30.78
C TRP G 250 -47.01 8.99 30.79
N GLY G 251 -46.47 9.37 31.95
CA GLY G 251 -45.03 9.53 32.10
C GLY G 251 -44.25 8.24 32.00
N LYS G 252 -44.85 7.15 32.45
CA LYS G 252 -44.19 5.86 32.42
C LYS G 252 -44.02 5.31 31.01
N PHE G 253 -45.05 5.46 30.18
CA PHE G 253 -45.10 4.73 28.91
C PHE G 253 -44.78 5.53 27.64
N MET G 254 -44.69 6.86 27.77
CA MET G 254 -44.26 7.69 26.66
C MET G 254 -42.85 7.26 26.27
N ASN G 255 -42.53 7.41 24.98
CA ASN G 255 -41.24 6.97 24.44
C ASN G 255 -40.93 5.53 24.81
N SER G 256 -41.99 4.72 24.92
CA SER G 256 -41.87 3.31 25.29
C SER G 256 -41.04 3.11 26.56
N GLY G 257 -41.24 4.00 27.52
CA GLY G 257 -40.58 3.92 28.82
C GLY G 257 -39.13 4.39 28.88
N GLN G 258 -38.62 4.91 27.77
CA GLN G 258 -37.21 5.28 27.67
C GLN G 258 -36.96 6.73 28.03
N THR G 259 -37.10 7.02 29.33
CA THR G 259 -37.05 8.38 29.84
C THR G 259 -36.34 8.37 31.18
N CYS G 260 -35.33 9.23 31.31
CA CYS G 260 -34.50 9.30 32.53
C CYS G 260 -35.31 9.60 33.78
N VAL G 261 -36.37 10.39 33.62
CA VAL G 261 -37.25 10.76 34.74
C VAL G 261 -38.61 10.05 34.70
N ALA G 262 -38.69 8.93 33.96
CA ALA G 262 -39.86 8.08 34.00
C ALA G 262 -40.05 7.57 35.43
N PRO G 263 -41.29 7.52 35.91
CA PRO G 263 -41.52 6.80 37.15
C PRO G 263 -41.16 5.34 36.91
N ASP G 264 -40.10 4.87 37.55
CA ASP G 264 -39.55 3.56 37.23
C ASP G 264 -40.37 2.45 37.88
N TYR G 265 -40.79 2.67 39.12
CA TYR G 265 -41.61 1.72 39.87
C TYR G 265 -42.57 2.40 40.82
N ILE G 266 -43.58 1.67 41.27
CA ILE G 266 -44.55 2.21 42.22
C ILE G 266 -44.38 1.59 43.61
N LEU G 267 -44.49 2.44 44.63
CA LEU G 267 -44.60 1.99 46.01
C LEU G 267 -45.99 2.35 46.53
N CYS G 268 -46.69 1.35 47.06
CA CYS G 268 -48.04 1.56 47.59
C CYS G 268 -48.43 0.50 48.63
N ASP G 269 -49.41 0.82 49.45
CA ASP G 269 -50.00 -0.13 50.39
C ASP G 269 -50.65 -1.26 49.58
N PRO G 270 -50.45 -2.53 50.03
CA PRO G 270 -51.02 -3.68 49.31
C PRO G 270 -52.55 -3.62 49.14
N SER G 271 -53.22 -2.80 49.96
CA SER G 271 -54.68 -2.67 49.91
C SER G 271 -55.19 -1.88 48.69
N ILE G 272 -54.34 -1.04 48.10
CA ILE G 272 -54.73 -0.26 46.92
C ILE G 272 -54.06 -0.73 45.64
N GLN G 273 -53.25 -1.78 45.73
CA GLN G 273 -52.52 -2.31 44.58
C GLN G 273 -53.43 -2.56 43.37
N ASN G 274 -54.41 -3.45 43.52
CA ASN G 274 -55.25 -3.88 42.40
C ASN G 274 -56.06 -2.77 41.73
N GLN G 275 -56.51 -1.81 42.53
CA GLN G 275 -57.19 -0.63 42.00
C GLN G 275 -56.25 0.17 41.10
N ILE G 276 -55.00 0.32 41.54
CA ILE G 276 -53.96 0.97 40.75
C ILE G 276 -53.76 0.24 39.42
N VAL G 277 -53.50 -1.06 39.49
CA VAL G 277 -53.37 -1.92 38.30
C VAL G 277 -54.53 -1.67 37.33
N GLU G 278 -55.74 -1.66 37.88
CA GLU G 278 -56.96 -1.47 37.12
C GLU G 278 -57.04 -0.10 36.46
N LYS G 279 -56.82 0.96 37.25
CA LYS G 279 -56.89 2.33 36.75
C LYS G 279 -55.75 2.64 35.78
N LEU G 280 -54.67 1.88 35.85
CA LEU G 280 -53.58 1.99 34.88
C LEU G 280 -54.00 1.41 33.54
N LYS G 281 -54.57 0.20 33.57
CA LYS G 281 -55.10 -0.45 32.38
C LYS G 281 -56.09 0.47 31.66
N LYS G 282 -57.03 1.01 32.44
CA LYS G 282 -58.05 1.91 31.92
C LYS G 282 -57.42 3.09 31.18
N SER G 283 -56.40 3.67 31.79
CA SER G 283 -55.69 4.80 31.19
C SER G 283 -54.88 4.38 29.96
N LEU G 284 -54.21 3.24 30.06
CA LEU G 284 -53.47 2.67 28.93
C LEU G 284 -54.33 2.40 27.70
N LYS G 285 -55.53 1.86 27.94
CA LYS G 285 -56.49 1.58 26.86
C LYS G 285 -56.94 2.85 26.16
N GLU G 286 -57.13 3.91 26.93
CA GLU G 286 -57.48 5.22 26.37
C GLU G 286 -56.35 5.78 25.50
N PHE G 287 -55.11 5.62 25.95
CA PHE G 287 -53.94 6.13 25.23
C PHE G 287 -53.69 5.38 23.92
N TYR G 288 -53.57 4.06 24.01
CA TYR G 288 -53.04 3.26 22.91
C TYR G 288 -53.98 2.20 22.34
N GLY G 289 -55.25 2.26 22.74
CA GLY G 289 -56.24 1.27 22.30
C GLY G 289 -56.04 -0.09 22.95
N GLU G 290 -56.79 -1.08 22.48
CA GLU G 290 -56.70 -2.44 23.00
C GLU G 290 -55.37 -3.09 22.66
N ASP G 291 -54.91 -2.90 21.42
CA ASP G 291 -53.59 -3.35 21.01
C ASP G 291 -52.69 -2.16 20.70
N ALA G 292 -51.66 -2.01 21.53
CA ALA G 292 -50.73 -0.87 21.46
C ALA G 292 -49.85 -0.90 20.21
N LYS G 293 -49.67 -2.10 19.64
CA LYS G 293 -48.88 -2.28 18.42
C LYS G 293 -49.49 -1.56 17.22
N LYS G 294 -50.79 -1.25 17.31
CA LYS G 294 -51.52 -0.60 16.23
C LYS G 294 -51.66 0.90 16.44
N SER G 295 -51.03 1.42 17.49
CA SER G 295 -51.07 2.86 17.79
C SER G 295 -49.86 3.60 17.24
N ARG G 296 -50.14 4.69 16.55
CA ARG G 296 -49.15 5.60 15.98
C ARG G 296 -48.44 6.39 17.08
N ASP G 297 -49.03 6.40 18.28
CA ASP G 297 -48.55 7.18 19.42
C ASP G 297 -47.61 6.41 20.32
N TYR G 298 -47.53 5.10 20.12
CA TYR G 298 -46.71 4.24 20.96
C TYR G 298 -45.36 3.97 20.31
N GLY G 299 -44.30 4.02 21.11
CA GLY G 299 -42.93 3.89 20.60
C GLY G 299 -42.39 2.48 20.54
N ARG G 300 -41.13 2.38 20.14
CA ARG G 300 -40.41 1.11 20.07
C ARG G 300 -39.08 1.25 20.81
N ILE G 301 -38.53 0.12 21.24
CA ILE G 301 -37.21 0.08 21.87
C ILE G 301 -36.13 0.41 20.83
N ILE G 302 -35.08 1.08 21.28
CA ILE G 302 -34.04 1.60 20.41
C ILE G 302 -33.23 0.55 19.65
N SER G 303 -32.77 -0.48 20.35
CA SER G 303 -31.84 -1.45 19.79
C SER G 303 -32.22 -2.88 20.16
N ALA G 304 -31.64 -3.84 19.46
CA ALA G 304 -31.88 -5.26 19.71
C ALA G 304 -31.39 -5.66 21.09
N ARG G 305 -30.21 -5.17 21.46
CA ARG G 305 -29.61 -5.45 22.76
C ARG G 305 -30.50 -4.99 23.92
N HIS G 306 -31.08 -3.79 23.80
CA HIS G 306 -31.97 -3.26 24.83
C HIS G 306 -33.34 -3.94 24.88
N PHE G 307 -33.82 -4.39 23.72
CA PHE G 307 -35.09 -5.13 23.65
C PHE G 307 -35.02 -6.39 24.52
N GLN G 308 -33.90 -7.10 24.44
CA GLN G 308 -33.72 -8.33 25.18
C GLN G 308 -33.51 -8.09 26.67
N ARG G 309 -32.75 -7.05 26.98
CA ARG G 309 -32.56 -6.63 28.36
C ARG G 309 -33.92 -6.43 29.02
N VAL G 310 -34.79 -5.66 28.36
CA VAL G 310 -36.12 -5.36 28.89
C VAL G 310 -36.98 -6.62 29.05
N MET G 311 -36.97 -7.49 28.03
CA MET G 311 -37.72 -8.76 28.07
C MET G 311 -37.27 -9.68 29.21
N GLY G 312 -35.96 -9.77 29.40
CA GLY G 312 -35.38 -10.59 30.47
C GLY G 312 -35.79 -10.17 31.87
N LEU G 313 -36.26 -8.94 32.02
CA LEU G 313 -36.70 -8.41 33.32
C LEU G 313 -38.15 -8.80 33.64
N ILE G 314 -38.88 -9.23 32.61
CA ILE G 314 -40.27 -9.67 32.77
C ILE G 314 -40.36 -11.11 33.28
N GLU G 315 -39.27 -11.86 33.13
CA GLU G 315 -39.26 -13.27 33.49
C GLU G 315 -39.42 -13.55 34.97
N GLY G 316 -40.10 -14.66 35.27
CA GLY G 316 -40.39 -15.08 36.62
C GLY G 316 -41.16 -14.04 37.41
N GLN G 317 -41.97 -13.25 36.70
CA GLN G 317 -42.74 -12.18 37.32
C GLN G 317 -44.23 -12.34 37.11
N LYS G 318 -44.98 -11.91 38.11
CA LYS G 318 -46.43 -11.92 38.08
C LYS G 318 -46.94 -10.81 37.15
N VAL G 319 -47.27 -11.18 35.92
CA VAL G 319 -47.78 -10.23 34.93
C VAL G 319 -49.27 -9.98 35.15
N ALA G 320 -49.63 -8.70 35.21
CA ALA G 320 -51.03 -8.30 35.40
C ALA G 320 -51.63 -7.68 34.14
N TYR G 321 -50.77 -7.37 33.16
CA TYR G 321 -51.16 -6.75 31.91
C TYR G 321 -49.96 -6.73 30.97
N GLY G 322 -50.21 -6.98 29.68
CA GLY G 322 -49.14 -7.04 28.68
C GLY G 322 -48.25 -8.26 28.87
N GLY G 323 -46.94 -8.04 28.81
CA GLY G 323 -45.97 -9.12 29.04
C GLY G 323 -45.32 -9.69 27.80
N THR G 324 -45.89 -9.39 26.63
CA THR G 324 -45.40 -9.94 25.36
C THR G 324 -44.63 -8.91 24.53
N GLY G 325 -43.75 -9.40 23.65
CA GLY G 325 -42.94 -8.53 22.79
C GLY G 325 -42.58 -9.16 21.46
N ASP G 326 -42.32 -8.29 20.47
CA ASP G 326 -41.97 -8.73 19.11
C ASP G 326 -40.56 -8.27 18.72
N ALA G 327 -39.66 -9.25 18.58
CA ALA G 327 -38.24 -8.99 18.31
C ALA G 327 -37.94 -8.24 17.01
N ALA G 328 -38.75 -8.49 15.97
CA ALA G 328 -38.55 -7.90 14.66
C ALA G 328 -38.64 -6.38 14.70
N THR G 329 -39.76 -5.86 15.19
CA THR G 329 -40.02 -4.42 15.23
C THR G 329 -39.61 -3.80 16.58
N ARG G 330 -39.11 -4.65 17.47
CA ARG G 330 -38.68 -4.25 18.82
C ARG G 330 -39.80 -3.57 19.61
N TYR G 331 -40.95 -4.22 19.64
CA TYR G 331 -42.10 -3.75 20.39
C TYR G 331 -42.23 -4.52 21.69
N ILE G 332 -42.52 -3.80 22.77
CA ILE G 332 -42.90 -4.43 24.03
C ILE G 332 -44.20 -3.80 24.50
N ALA G 333 -45.21 -4.64 24.70
CA ALA G 333 -46.52 -4.20 25.19
C ALA G 333 -46.38 -3.57 26.57
N PRO G 334 -47.18 -2.51 26.85
CA PRO G 334 -47.23 -1.91 28.18
C PRO G 334 -47.49 -2.99 29.24
N THR G 335 -46.50 -3.20 30.09
CA THR G 335 -46.53 -4.29 31.06
C THR G 335 -46.60 -3.75 32.48
N ILE G 336 -47.47 -4.34 33.29
CA ILE G 336 -47.58 -4.03 34.70
C ILE G 336 -47.31 -5.30 35.50
N LEU G 337 -46.37 -5.22 36.44
CA LEU G 337 -46.04 -6.36 37.28
C LEU G 337 -46.51 -6.11 38.70
N THR G 338 -47.07 -7.16 39.32
CA THR G 338 -47.61 -7.06 40.69
C THR G 338 -46.79 -7.85 41.71
N ASP G 339 -46.95 -7.48 42.99
CA ASP G 339 -46.25 -8.12 44.11
C ASP G 339 -44.82 -8.46 43.74
N VAL G 340 -44.06 -7.42 43.41
CA VAL G 340 -42.70 -7.56 42.91
C VAL G 340 -41.69 -7.65 44.06
N ASP G 341 -40.77 -8.58 43.94
CA ASP G 341 -39.70 -8.78 44.91
C ASP G 341 -38.58 -7.75 44.69
N PRO G 342 -38.29 -6.92 45.72
CA PRO G 342 -37.25 -5.89 45.64
C PRO G 342 -35.88 -6.39 45.19
N GLN G 343 -35.62 -7.70 45.34
CA GLN G 343 -34.32 -8.28 44.96
C GLN G 343 -34.30 -8.85 43.53
N SER G 344 -35.47 -8.92 42.90
CA SER G 344 -35.57 -9.45 41.53
C SER G 344 -34.95 -8.49 40.52
N PRO G 345 -34.46 -9.02 39.37
CA PRO G 345 -33.71 -8.23 38.39
C PRO G 345 -34.39 -6.91 38.01
N VAL G 346 -35.71 -6.97 37.79
CA VAL G 346 -36.49 -5.78 37.39
C VAL G 346 -36.48 -4.66 38.44
N MET G 347 -36.05 -4.97 39.66
CA MET G 347 -35.92 -3.98 40.72
C MET G 347 -34.47 -3.73 41.11
N GLN G 348 -33.53 -4.20 40.27
CA GLN G 348 -32.10 -4.07 40.55
C GLN G 348 -31.33 -3.29 39.49
N GLU G 349 -32.05 -2.72 38.53
CA GLU G 349 -31.47 -1.84 37.50
C GLU G 349 -32.51 -0.87 36.95
N GLU G 350 -32.04 0.21 36.30
CA GLU G 350 -32.94 1.11 35.60
C GLU G 350 -33.64 0.37 34.47
N ILE G 351 -34.97 0.36 34.51
CA ILE G 351 -35.76 -0.40 33.54
C ILE G 351 -35.62 0.14 32.12
N PHE G 352 -35.91 1.44 31.95
CA PHE G 352 -35.78 2.11 30.66
C PHE G 352 -36.58 1.36 29.58
N GLY G 353 -37.80 0.97 29.95
CA GLY G 353 -38.68 0.22 29.07
C GLY G 353 -40.10 0.25 29.61
N PRO G 354 -41.06 -0.28 28.84
CA PRO G 354 -42.47 -0.14 29.21
C PRO G 354 -42.92 -1.24 30.17
N VAL G 355 -42.21 -1.38 31.28
CA VAL G 355 -42.49 -2.41 32.29
C VAL G 355 -42.56 -1.73 33.65
N LEU G 356 -43.74 -1.76 34.27
CA LEU G 356 -43.96 -1.05 35.52
C LEU G 356 -44.21 -2.01 36.70
N PRO G 357 -43.18 -2.19 37.55
CA PRO G 357 -43.33 -3.03 38.73
C PRO G 357 -44.03 -2.28 39.84
N ILE G 358 -44.85 -3.00 40.61
CA ILE G 358 -45.47 -2.46 41.80
C ILE G 358 -44.94 -3.19 43.02
N VAL G 359 -44.31 -2.44 43.91
CA VAL G 359 -43.75 -2.98 45.14
C VAL G 359 -44.58 -2.48 46.32
N CYS G 360 -44.92 -3.40 47.22
CA CYS G 360 -45.76 -3.08 48.36
C CYS G 360 -44.96 -2.62 49.58
N VAL G 361 -45.42 -1.53 50.18
CA VAL G 361 -44.91 -1.02 51.45
C VAL G 361 -46.11 -0.75 52.36
N ARG G 362 -45.91 -0.87 53.68
CA ARG G 362 -47.02 -0.86 54.64
C ARG G 362 -47.22 0.50 55.34
N SER G 363 -46.33 1.45 55.05
CA SER G 363 -46.41 2.80 55.60
C SER G 363 -45.55 3.77 54.81
N LEU G 364 -45.80 5.06 55.02
CA LEU G 364 -44.98 6.11 54.45
C LEU G 364 -43.54 5.96 54.89
N GLU G 365 -43.35 5.68 56.19
CA GLU G 365 -42.02 5.54 56.80
C GLU G 365 -41.21 4.41 56.18
N GLU G 366 -41.91 3.36 55.77
CA GLU G 366 -41.26 2.22 55.13
C GLU G 366 -40.89 2.53 53.69
N ALA G 367 -41.72 3.33 53.02
CA ALA G 367 -41.41 3.80 51.67
C ALA G 367 -40.17 4.67 51.68
N ILE G 368 -40.13 5.61 52.62
CA ILE G 368 -38.97 6.48 52.81
C ILE G 368 -37.71 5.66 53.02
N GLN G 369 -37.78 4.68 53.92
CA GLN G 369 -36.65 3.82 54.22
C GLN G 369 -36.20 3.04 52.99
N PHE G 370 -37.17 2.58 52.21
CA PHE G 370 -36.93 1.81 51.00
C PHE G 370 -36.10 2.64 50.01
N ILE G 371 -36.53 3.89 49.84
CA ILE G 371 -35.88 4.82 48.92
C ILE G 371 -34.46 5.18 49.37
N ASN G 372 -34.32 5.49 50.66
CA ASN G 372 -33.03 5.89 51.22
C ASN G 372 -31.93 4.83 51.21
N GLN G 373 -32.33 3.56 51.16
CA GLN G 373 -31.36 2.47 51.17
C GLN G 373 -30.80 2.19 49.80
N ARG G 374 -31.38 2.83 48.80
CA ARG G 374 -30.91 2.71 47.44
C ARG G 374 -30.17 3.98 47.02
N GLU G 375 -29.50 3.91 45.87
CA GLU G 375 -28.79 5.06 45.34
C GLU G 375 -29.79 6.17 45.00
N LYS G 376 -29.35 7.42 45.11
CA LYS G 376 -30.21 8.58 44.90
C LYS G 376 -30.70 8.68 43.46
N PRO G 377 -32.03 8.80 43.28
CA PRO G 377 -32.61 8.83 41.95
C PRO G 377 -32.62 10.23 41.36
N LEU G 378 -32.67 10.30 40.04
CA LEU G 378 -32.79 11.58 39.33
C LEU G 378 -34.09 12.29 39.68
N ALA G 379 -35.18 11.53 39.80
CA ALA G 379 -36.47 12.09 40.17
C ALA G 379 -37.11 11.29 41.30
N LEU G 380 -37.96 11.96 42.08
CA LEU G 380 -38.80 11.30 43.06
C LEU G 380 -40.24 11.80 42.89
N TYR G 381 -41.17 10.86 42.84
CA TYR G 381 -42.57 11.17 42.64
C TYR G 381 -43.42 10.64 43.77
N MET G 382 -44.45 11.41 44.13
CA MET G 382 -45.39 11.02 45.16
C MET G 382 -46.77 11.56 44.82
N PHE G 383 -47.80 10.79 45.13
CA PHE G 383 -49.17 11.20 44.88
C PHE G 383 -49.97 11.13 46.17
N SER G 384 -50.52 12.28 46.57
CA SER G 384 -51.22 12.42 47.85
C SER G 384 -51.97 13.74 47.94
N SER G 385 -53.11 13.71 48.65
CA SER G 385 -53.88 14.92 48.96
C SER G 385 -53.31 15.64 50.18
N ASN G 386 -52.58 14.91 51.01
CA ASN G 386 -52.04 15.42 52.26
C ASN G 386 -50.70 16.11 52.08
N ASP G 387 -50.70 17.42 52.28
CA ASP G 387 -49.49 18.23 52.15
C ASP G 387 -48.40 17.78 53.11
N LYS G 388 -48.80 17.33 54.30
CA LYS G 388 -47.85 16.87 55.33
C LYS G 388 -47.10 15.60 54.94
N VAL G 389 -47.75 14.74 54.17
CA VAL G 389 -47.12 13.53 53.63
C VAL G 389 -46.08 13.90 52.57
N ILE G 390 -46.44 14.86 51.71
CA ILE G 390 -45.54 15.39 50.68
C ILE G 390 -44.28 16.00 51.32
N LYS G 391 -44.49 16.92 52.26
CA LYS G 391 -43.40 17.62 52.93
C LYS G 391 -42.47 16.68 53.68
N LYS G 392 -43.03 15.62 54.25
CA LYS G 392 -42.24 14.68 55.05
C LYS G 392 -41.33 13.84 54.16
N MET G 393 -41.89 13.28 53.09
CA MET G 393 -41.10 12.46 52.17
C MET G 393 -39.98 13.24 51.53
N ILE G 394 -40.25 14.50 51.17
CA ILE G 394 -39.21 15.39 50.64
C ILE G 394 -38.11 15.60 51.68
N ALA G 395 -38.49 16.00 52.90
CA ALA G 395 -37.52 16.30 53.96
C ALA G 395 -36.65 15.11 54.36
N GLU G 396 -37.12 13.90 54.11
CA GLU G 396 -36.44 12.70 54.62
C GLU G 396 -35.85 11.83 53.52
N THR G 397 -35.91 12.30 52.28
CA THR G 397 -35.24 11.64 51.16
C THR G 397 -34.28 12.60 50.48
N SER G 398 -33.57 12.10 49.47
CA SER G 398 -32.72 12.91 48.63
C SER G 398 -32.88 12.43 47.19
N SER G 399 -33.10 13.36 46.28
CA SER G 399 -33.17 13.05 44.85
C SER G 399 -32.78 14.27 44.03
N GLY G 400 -32.52 14.04 42.74
CA GLY G 400 -32.18 15.14 41.83
C GLY G 400 -33.25 16.21 41.87
N GLY G 401 -34.47 15.82 41.55
CA GLY G 401 -35.63 16.70 41.64
C GLY G 401 -36.85 15.96 42.13
N VAL G 402 -37.89 16.70 42.46
CA VAL G 402 -39.12 16.12 43.01
C VAL G 402 -40.36 16.69 42.31
N ALA G 403 -41.31 15.81 42.00
CA ALA G 403 -42.65 16.23 41.61
C ALA G 403 -43.68 15.51 42.47
N ALA G 404 -44.57 16.29 43.07
CA ALA G 404 -45.71 15.76 43.80
C ALA G 404 -46.97 15.90 42.93
N ASN G 405 -47.71 14.79 42.81
CA ASN G 405 -48.96 14.73 42.05
C ASN G 405 -48.84 14.91 40.54
N ASP G 406 -47.64 14.72 40.01
CA ASP G 406 -47.41 14.62 38.57
C ASP G 406 -46.05 13.98 38.30
N VAL G 407 -45.77 13.71 37.04
CA VAL G 407 -44.48 13.17 36.62
C VAL G 407 -43.95 13.96 35.41
N ILE G 408 -42.65 13.82 35.15
CA ILE G 408 -41.97 14.43 33.98
C ILE G 408 -41.91 15.97 34.01
N VAL G 409 -43.06 16.62 34.20
CA VAL G 409 -43.20 18.06 34.00
C VAL G 409 -42.20 18.97 34.72
N HIS G 410 -41.64 18.49 35.83
CA HIS G 410 -40.77 19.34 36.64
C HIS G 410 -39.45 19.70 35.93
N ILE G 411 -39.12 18.97 34.87
CA ILE G 411 -37.88 19.21 34.14
C ILE G 411 -38.10 20.05 32.88
N THR G 412 -39.27 20.67 32.77
CA THR G 412 -39.63 21.46 31.59
C THR G 412 -39.85 22.93 31.92
N LEU G 413 -39.60 23.28 33.18
CA LEU G 413 -39.82 24.64 33.63
C LEU G 413 -38.48 25.35 33.73
N HIS G 414 -38.43 26.54 33.13
CA HIS G 414 -37.19 27.29 33.01
C HIS G 414 -36.59 27.72 34.34
N SER G 415 -37.42 27.81 35.38
CA SER G 415 -36.99 28.27 36.69
C SER G 415 -36.56 27.14 37.64
N LEU G 416 -36.72 25.89 37.22
CA LEU G 416 -36.27 24.76 38.02
C LEU G 416 -35.06 24.04 37.39
N PRO G 417 -33.86 24.30 37.90
CA PRO G 417 -32.70 23.59 37.36
C PRO G 417 -32.92 22.08 37.32
N PHE G 418 -32.49 21.44 36.24
CA PHE G 418 -32.58 19.99 36.13
C PHE G 418 -31.22 19.33 36.30
N GLY G 419 -31.11 18.44 37.27
CA GLY G 419 -29.88 17.66 37.47
C GLY G 419 -30.02 16.58 38.53
N GLY G 420 -28.99 15.75 38.68
CA GLY G 420 -29.01 14.66 39.65
C GLY G 420 -28.25 14.95 40.91
N VAL G 421 -28.05 13.92 41.72
CA VAL G 421 -27.25 13.99 42.92
C VAL G 421 -26.75 12.57 43.17
N GLY G 422 -25.55 12.43 43.75
CA GLY G 422 -24.93 11.11 43.95
C GLY G 422 -24.84 10.39 42.63
N ASN G 423 -25.32 9.14 42.60
CA ASN G 423 -25.26 8.33 41.39
C ASN G 423 -26.12 8.84 40.22
N SER G 424 -27.10 9.68 40.50
CA SER G 424 -27.93 10.21 39.41
C SER G 424 -27.28 11.44 38.77
N GLY G 425 -26.16 11.88 39.30
CA GLY G 425 -25.33 12.88 38.66
C GLY G 425 -24.83 14.03 39.52
N MET G 426 -24.15 14.97 38.89
CA MET G 426 -23.69 16.20 39.54
C MET G 426 -23.84 17.39 38.59
N GLY G 427 -24.13 18.56 39.15
CA GLY G 427 -24.35 19.75 38.34
C GLY G 427 -25.76 19.75 37.78
N SER G 428 -26.14 20.85 37.11
CA SER G 428 -27.49 20.98 36.55
C SER G 428 -27.50 22.00 35.41
N TYR G 429 -28.52 21.93 34.58
CA TYR G 429 -28.76 22.94 33.53
C TYR G 429 -30.25 23.21 33.31
N HIS G 430 -30.57 23.90 32.21
CA HIS G 430 -31.91 24.45 31.91
C HIS G 430 -31.98 25.91 32.38
N GLY G 431 -32.53 26.77 31.53
CA GLY G 431 -32.74 28.17 31.89
C GLY G 431 -31.45 28.88 32.26
N LYS G 432 -31.54 29.74 33.27
CA LYS G 432 -30.40 30.52 33.75
C LYS G 432 -29.25 29.62 34.20
N LYS G 433 -29.60 28.45 34.75
CA LYS G 433 -28.61 27.51 35.20
C LYS G 433 -27.65 27.06 34.08
N SER G 434 -28.17 26.84 32.87
CA SER G 434 -27.33 26.51 31.73
C SER G 434 -26.30 27.59 31.48
N PHE G 435 -26.73 28.84 31.56
CA PHE G 435 -25.83 29.96 31.37
C PHE G 435 -24.75 29.95 32.42
N GLU G 436 -25.15 29.76 33.68
CA GLU G 436 -24.21 29.72 34.80
C GLU G 436 -23.25 28.55 34.69
N THR G 437 -23.80 27.37 34.34
CA THR G 437 -23.01 26.13 34.27
C THR G 437 -21.92 26.25 33.22
N PHE G 438 -22.23 26.90 32.12
CA PHE G 438 -21.28 27.02 31.04
C PHE G 438 -20.47 28.31 31.08
N SER G 439 -20.52 29.02 32.22
CA SER G 439 -19.69 30.21 32.40
C SER G 439 -18.75 30.02 33.58
N HIS G 440 -17.76 30.90 33.67
CA HIS G 440 -17.10 31.10 34.93
C HIS G 440 -17.62 32.40 35.55
N ARG G 441 -18.08 32.27 36.80
CA ARG G 441 -18.57 33.39 37.60
CA ARG G 441 -18.56 33.41 37.56
C ARG G 441 -17.38 33.96 38.36
N ARG G 442 -16.89 35.11 37.89
CA ARG G 442 -15.64 35.69 38.37
C ARG G 442 -15.89 36.85 39.33
N SER G 443 -15.39 36.71 40.55
CA SER G 443 -15.57 37.73 41.59
C SER G 443 -14.63 38.89 41.37
N CYS G 444 -15.18 40.11 41.27
CA CYS G 444 -14.40 41.30 41.03
C CYS G 444 -14.52 42.35 42.12
N LEU G 445 -13.37 42.82 42.58
CA LEU G 445 -13.29 43.96 43.48
C LEU G 445 -12.50 45.10 42.81
N VAL G 446 -13.15 46.25 42.64
CA VAL G 446 -12.48 47.43 42.10
C VAL G 446 -12.46 48.53 43.15
N ARG G 447 -11.26 48.90 43.61
CA ARG G 447 -11.07 50.03 44.53
C ARG G 447 -10.54 51.26 43.81
N PRO G 448 -10.80 52.45 44.39
CA PRO G 448 -10.10 53.64 43.91
C PRO G 448 -8.64 53.57 44.35
N LEU G 449 -7.73 54.00 43.46
CA LEU G 449 -6.31 54.04 43.79
C LEU G 449 -5.99 55.36 44.48
N MET G 450 -6.52 55.49 45.69
CA MET G 450 -6.36 56.67 46.53
C MET G 450 -6.18 56.26 47.99
N ASN G 451 -5.35 57.01 48.70
CA ASN G 451 -5.07 56.74 50.10
C ASN G 451 -6.33 56.51 50.94
N ASP G 452 -6.33 55.42 51.70
CA ASP G 452 -7.38 55.13 52.68
C ASP G 452 -6.74 54.93 54.05
N GLU G 453 -7.27 55.65 55.04
CA GLU G 453 -6.73 55.63 56.40
C GLU G 453 -7.09 54.33 57.10
N GLY G 454 -8.30 53.83 56.82
CA GLY G 454 -8.81 52.61 57.44
C GLY G 454 -8.11 51.32 57.05
N LEU G 455 -7.28 51.40 56.00
CA LEU G 455 -6.48 50.27 55.53
C LEU G 455 -5.13 50.22 56.24
N LYS G 456 -4.70 51.36 56.74
CA LYS G 456 -3.36 51.48 57.31
C LYS G 456 -3.11 50.50 58.45
N VAL G 457 -4.18 50.17 59.18
CA VAL G 457 -4.12 49.25 60.32
C VAL G 457 -3.58 47.84 59.98
N ARG G 458 -3.78 47.41 58.73
CA ARG G 458 -3.39 46.06 58.29
C ARG G 458 -1.88 45.91 58.02
N TYR G 459 -1.21 47.03 57.73
CA TYR G 459 0.21 47.01 57.41
C TYR G 459 1.07 46.79 58.65
N PRO G 460 2.11 45.94 58.53
CA PRO G 460 3.05 45.75 59.62
C PRO G 460 3.85 47.05 59.90
N PRO G 461 4.50 47.14 61.07
CA PRO G 461 4.57 46.16 62.17
C PRO G 461 3.34 46.19 63.07
N SER G 462 3.21 45.19 63.93
CA SER G 462 2.08 45.06 64.83
C SER G 462 2.31 45.85 66.12
N PRO G 463 1.22 46.41 66.70
CA PRO G 463 1.30 47.13 67.97
C PRO G 463 1.61 46.18 69.15
N SER H 18 14.71 25.98 22.31
CA SER H 18 13.24 26.24 22.30
C SER H 18 12.93 27.74 22.31
N LYS H 19 13.90 28.54 22.76
CA LYS H 19 13.80 29.99 22.71
C LYS H 19 13.71 30.45 21.25
N ILE H 20 14.51 29.80 20.40
CA ILE H 20 14.51 30.03 18.96
C ILE H 20 13.18 29.62 18.31
N SER H 21 12.69 28.44 18.67
CA SER H 21 11.44 27.92 18.10
C SER H 21 10.23 28.80 18.40
N GLU H 22 10.15 29.31 19.63
CA GLU H 22 9.03 30.15 20.05
C GLU H 22 8.95 31.42 19.22
N ALA H 23 10.10 32.08 19.05
CA ALA H 23 10.17 33.33 18.29
C ALA H 23 9.72 33.13 16.85
N VAL H 24 10.18 32.05 16.23
CA VAL H 24 9.83 31.70 14.85
C VAL H 24 8.32 31.37 14.75
N LYS H 25 7.84 30.52 15.65
CA LYS H 25 6.43 30.14 15.69
C LYS H 25 5.51 31.34 15.86
N ARG H 26 5.89 32.22 16.78
CA ARG H 26 5.19 33.48 17.07
C ARG H 26 5.16 34.38 15.84
N ALA H 27 6.27 34.39 15.09
CA ALA H 27 6.41 35.18 13.87
C ALA H 27 5.54 34.63 12.74
N ARG H 28 5.49 33.31 12.62
CA ARG H 28 4.67 32.70 11.57
CA ARG H 28 4.67 32.65 11.60
C ARG H 28 3.19 32.90 11.86
N ALA H 29 2.79 32.72 13.12
CA ALA H 29 1.40 32.91 13.52
C ALA H 29 0.94 34.35 13.27
N ALA H 30 1.82 35.30 13.58
CA ALA H 30 1.54 36.71 13.36
C ALA H 30 1.39 37.02 11.86
N PHE H 31 2.21 36.38 11.04
CA PHE H 31 2.08 36.55 9.59
C PHE H 31 0.79 35.91 9.06
N SER H 32 0.40 34.76 9.61
CA SER H 32 -0.79 34.03 9.20
C SER H 32 -2.09 34.80 9.46
N SER H 33 -2.08 35.65 10.49
CA SER H 33 -3.25 36.44 10.84
C SER H 33 -3.59 37.49 9.77
N GLY H 34 -2.65 37.75 8.86
CA GLY H 34 -2.86 38.69 7.77
C GLY H 34 -2.55 40.13 8.14
N ARG H 35 -1.94 40.32 9.30
CA ARG H 35 -1.62 41.64 9.84
C ARG H 35 -0.73 42.48 8.92
N THR H 36 0.23 41.83 8.24
CA THR H 36 1.21 42.54 7.42
C THR H 36 0.72 42.93 6.04
N ARG H 37 -0.41 42.36 5.61
CA ARG H 37 -0.90 42.53 4.24
C ARG H 37 -1.20 43.98 3.82
N PRO H 38 -1.96 44.74 4.65
CA PRO H 38 -2.22 46.12 4.22
C PRO H 38 -0.96 46.97 4.19
N LEU H 39 -0.82 47.77 3.13
CA LEU H 39 0.34 48.64 2.94
C LEU H 39 0.56 49.60 4.11
N GLN H 40 -0.53 50.10 4.68
CA GLN H 40 -0.47 51.04 5.80
CA GLN H 40 -0.42 51.04 5.78
C GLN H 40 0.32 50.46 6.98
N PHE H 41 0.09 49.19 7.27
CA PHE H 41 0.80 48.52 8.36
C PHE H 41 2.31 48.50 8.09
N ARG H 42 2.67 48.19 6.85
CA ARG H 42 4.08 48.10 6.46
C ARG H 42 4.76 49.46 6.57
N ILE H 43 4.09 50.48 6.04
CA ILE H 43 4.59 51.86 6.07
C ILE H 43 4.80 52.29 7.52
N GLN H 44 3.85 51.91 8.38
CA GLN H 44 3.95 52.16 9.81
C GLN H 44 5.22 51.60 10.44
N GLN H 45 5.50 50.33 10.19
CA GLN H 45 6.70 49.69 10.70
C GLN H 45 7.95 50.40 10.18
N LEU H 46 7.92 50.81 8.92
CA LEU H 46 9.03 51.52 8.31
C LEU H 46 9.23 52.89 8.93
N GLU H 47 8.12 53.58 9.20
CA GLU H 47 8.15 54.86 9.88
C GLU H 47 8.65 54.72 11.32
N ALA H 48 8.38 53.56 11.92
CA ALA H 48 8.91 53.25 13.25
C ALA H 48 10.42 53.04 13.23
N LEU H 49 10.93 52.41 12.17
CA LEU H 49 12.38 52.27 11.98
C LEU H 49 13.07 53.63 11.82
N GLN H 50 12.39 54.52 11.11
CA GLN H 50 12.86 55.88 10.88
C GLN H 50 13.03 56.59 12.22
N ARG H 51 12.04 56.42 13.10
CA ARG H 51 12.05 57.00 14.44
C ARG H 51 13.19 56.43 15.28
N LEU H 52 13.36 55.11 15.20
CA LEU H 52 14.47 54.40 15.85
C LEU H 52 15.80 55.05 15.50
N ILE H 53 16.07 55.19 14.21
CA ILE H 53 17.31 55.78 13.72
C ILE H 53 17.53 57.21 14.23
N GLN H 54 16.45 57.99 14.35
CA GLN H 54 16.56 59.35 14.86
C GLN H 54 16.72 59.43 16.38
N GLU H 55 15.91 58.65 17.10
CA GLU H 55 15.91 58.68 18.57
C GLU H 55 17.10 57.95 19.18
N GLN H 56 17.72 57.06 18.42
CA GLN H 56 18.84 56.26 18.92
C GLN H 56 20.17 56.56 18.22
N GLU H 57 20.24 57.69 17.52
CA GLU H 57 21.42 58.07 16.76
C GLU H 57 22.70 57.95 17.57
N GLN H 58 22.70 58.52 18.77
CA GLN H 58 23.89 58.53 19.64
C GLN H 58 24.30 57.16 20.18
N GLU H 59 23.32 56.32 20.46
CA GLU H 59 23.55 54.95 20.92
C GLU H 59 24.13 54.08 19.81
N LEU H 60 23.66 54.30 18.58
CA LEU H 60 24.17 53.63 17.39
C LEU H 60 25.62 53.98 17.12
N VAL H 61 25.95 55.27 17.26
CA VAL H 61 27.31 55.75 17.12
C VAL H 61 28.21 55.11 18.18
N GLY H 62 27.74 55.12 19.43
CA GLY H 62 28.45 54.47 20.53
C GLY H 62 28.80 53.02 20.23
N ALA H 63 27.83 52.28 19.71
CA ALA H 63 28.01 50.87 19.37
C ALA H 63 29.04 50.67 18.27
N LEU H 64 28.99 51.53 17.26
CA LEU H 64 29.90 51.44 16.11
C LEU H 64 31.32 51.88 16.47
N ALA H 65 31.42 52.80 17.43
CA ALA H 65 32.70 53.25 17.95
C ALA H 65 33.37 52.16 18.75
N ALA H 66 32.58 51.45 19.56
CA ALA H 66 33.09 50.40 20.42
C ALA H 66 33.55 49.20 19.61
N ASP H 67 32.83 48.91 18.52
CA ASP H 67 33.09 47.72 17.71
C ASP H 67 34.18 47.93 16.66
N LEU H 68 34.16 49.09 15.99
CA LEU H 68 34.98 49.30 14.80
C LEU H 68 35.73 50.63 14.77
N HIS H 69 35.69 51.35 15.89
CA HIS H 69 36.35 52.66 16.01
C HIS H 69 35.89 53.64 14.93
N LYS H 70 34.58 53.62 14.66
CA LYS H 70 33.97 54.64 13.83
C LYS H 70 33.71 55.84 14.72
N ASN H 71 33.78 57.04 14.13
CA ASN H 71 33.37 58.25 14.84
C ASN H 71 31.94 58.60 14.43
N GLU H 72 31.43 59.71 14.96
CA GLU H 72 30.04 60.10 14.75
C GLU H 72 29.71 60.46 13.30
N TRP H 73 30.69 61.01 12.59
CA TRP H 73 30.47 61.42 11.20
C TRP H 73 30.36 60.22 10.24
N ASN H 74 31.35 59.35 10.24
CA ASN H 74 31.34 58.22 9.33
C ASN H 74 30.36 57.12 9.75
N ALA H 75 30.01 57.07 11.03
CA ALA H 75 28.96 56.16 11.49
C ALA H 75 27.67 56.47 10.75
N TYR H 76 27.42 57.75 10.54
CA TYR H 76 26.22 58.19 9.85
C TYR H 76 26.39 58.13 8.33
N TYR H 77 27.40 58.79 7.81
CA TYR H 77 27.52 58.97 6.39
C TYR H 77 28.12 57.82 5.66
N GLU H 78 28.57 56.83 6.40
CA GLU H 78 29.13 55.68 5.75
C GLU H 78 28.34 54.45 6.11
N GLU H 79 27.34 54.58 6.94
CA GLU H 79 26.53 53.45 7.26
C GLU H 79 25.08 53.79 7.37
N VAL H 80 24.73 54.57 8.37
CA VAL H 80 23.34 54.79 8.70
C VAL H 80 22.52 55.61 7.74
N VAL H 81 23.12 56.54 7.05
CA VAL H 81 22.38 57.36 6.16
C VAL H 81 21.75 56.58 5.01
N TYR H 82 22.26 55.40 4.69
CA TYR H 82 21.80 54.61 3.56
C TYR H 82 20.58 53.79 3.91
N VAL H 83 20.45 53.44 5.19
CA VAL H 83 19.22 52.82 5.67
C VAL H 83 18.03 53.81 5.56
N LEU H 84 18.27 55.04 5.99
CA LEU H 84 17.27 56.09 5.94
C LEU H 84 16.77 56.37 4.54
N GLU H 85 17.71 56.58 3.62
CA GLU H 85 17.39 56.79 2.21
C GLU H 85 16.57 55.64 1.64
N GLU H 86 16.93 54.41 2.02
CA GLU H 86 16.20 53.22 1.59
C GLU H 86 14.78 53.23 2.14
N ILE H 87 14.64 53.55 3.43
CA ILE H 87 13.32 53.63 4.06
C ILE H 87 12.46 54.69 3.37
N GLU H 88 13.02 55.88 3.18
CA GLU H 88 12.31 56.99 2.57
C GLU H 88 11.85 56.63 1.16
N TYR H 89 12.74 55.97 0.41
CA TYR H 89 12.45 55.55 -0.97
C TYR H 89 11.35 54.49 -1.03
N MET H 90 11.43 53.50 -0.15
CA MET H 90 10.47 52.41 -0.12
C MET H 90 9.08 52.82 0.31
N ILE H 91 9.00 53.65 1.35
CA ILE H 91 7.73 54.22 1.80
C ILE H 91 7.04 54.89 0.63
N GLN H 92 7.83 55.61 -0.15
CA GLN H 92 7.35 56.43 -1.24
C GLN H 92 6.89 55.62 -2.46
N LYS H 93 7.60 54.54 -2.74
CA LYS H 93 7.38 53.74 -3.94
C LYS H 93 6.55 52.49 -3.71
N LEU H 94 6.24 52.19 -2.45
CA LEU H 94 5.50 50.97 -2.08
C LEU H 94 4.17 50.76 -2.83
N PRO H 95 3.26 51.76 -2.81
CA PRO H 95 1.96 51.51 -3.44
C PRO H 95 2.08 51.12 -4.91
N GLU H 96 3.06 51.73 -5.57
CA GLU H 96 3.34 51.50 -6.97
C GLU H 96 3.95 50.12 -7.20
N TRP H 97 4.83 49.70 -6.32
CA TRP H 97 5.48 48.40 -6.44
C TRP H 97 4.51 47.26 -6.11
N ALA H 98 3.64 47.48 -5.13
CA ALA H 98 2.74 46.44 -4.65
C ALA H 98 1.55 46.24 -5.57
N ALA H 99 1.23 47.27 -6.36
CA ALA H 99 0.13 47.22 -7.32
C ALA H 99 0.33 46.09 -8.31
N ASP H 100 -0.77 45.46 -8.69
CA ASP H 100 -0.77 44.44 -9.73
C ASP H 100 -0.17 45.05 -11.01
N GLU H 101 0.69 44.29 -11.67
CA GLU H 101 1.42 44.78 -12.83
C GLU H 101 0.86 44.16 -14.11
N PRO H 102 0.13 44.95 -14.92
CA PRO H 102 -0.44 44.45 -16.18
C PRO H 102 0.67 44.16 -17.19
N VAL H 103 0.53 43.06 -17.92
CA VAL H 103 1.55 42.65 -18.89
C VAL H 103 1.02 42.59 -20.32
N GLU H 104 1.94 42.45 -21.27
CA GLU H 104 1.63 42.39 -22.69
C GLU H 104 0.66 41.25 -23.03
N LYS H 105 -0.39 41.59 -23.78
CA LYS H 105 -1.37 40.61 -24.23
C LYS H 105 -0.99 40.01 -25.56
N THR H 106 -1.77 39.03 -26.01
CA THR H 106 -1.64 38.46 -27.35
C THR H 106 -2.97 38.62 -28.09
N PRO H 107 -2.95 38.46 -29.43
CA PRO H 107 -4.19 38.51 -30.23
C PRO H 107 -5.31 37.60 -29.74
N GLN H 108 -4.97 36.59 -28.92
CA GLN H 108 -5.95 35.61 -28.44
C GLN H 108 -6.41 35.89 -27.01
N THR H 109 -5.66 36.75 -26.31
CA THR H 109 -5.97 37.07 -24.92
C THR H 109 -6.45 38.50 -24.75
N GLN H 110 -7.07 39.04 -25.80
CA GLN H 110 -7.55 40.43 -25.80
C GLN H 110 -8.59 40.70 -24.74
N GLN H 111 -9.53 39.76 -24.60
CA GLN H 111 -10.62 39.90 -23.66
C GLN H 111 -10.16 39.63 -22.23
N ASP H 112 -8.97 39.09 -22.08
CA ASP H 112 -8.48 38.61 -20.80
C ASP H 112 -7.74 39.67 -20.01
N GLU H 113 -7.61 39.42 -18.71
CA GLU H 113 -6.75 40.19 -17.85
C GLU H 113 -5.44 39.42 -17.64
N LEU H 114 -4.32 40.04 -17.95
CA LEU H 114 -3.01 39.42 -17.69
C LEU H 114 -2.16 40.32 -16.82
N TYR H 115 -1.85 39.84 -15.63
CA TYR H 115 -1.05 40.64 -14.72
C TYR H 115 -0.19 39.82 -13.80
N ILE H 116 0.77 40.48 -13.19
CA ILE H 116 1.63 39.87 -12.20
C ILE H 116 1.24 40.42 -10.83
N HIS H 117 1.02 39.51 -9.90
CA HIS H 117 0.57 39.83 -8.56
C HIS H 117 1.69 39.60 -7.58
N SER H 118 1.99 40.63 -6.78
CA SER H 118 3.08 40.54 -5.79
C SER H 118 2.55 40.22 -4.40
N GLU H 119 3.14 39.22 -3.77
CA GLU H 119 2.72 38.79 -2.44
C GLU H 119 3.92 38.42 -1.58
N PRO H 120 3.80 38.57 -0.24
CA PRO H 120 4.88 38.19 0.68
C PRO H 120 5.22 36.71 0.59
N LEU H 121 6.45 36.37 0.94
CA LEU H 121 6.85 34.96 0.98
C LEU H 121 6.39 34.30 2.26
N GLY H 122 6.46 35.04 3.37
CA GLY H 122 6.02 34.56 4.69
C GLY H 122 6.96 35.01 5.79
N VAL H 123 7.73 34.07 6.33
CA VAL H 123 8.73 34.38 7.35
C VAL H 123 10.12 34.39 6.73
N VAL H 124 10.80 35.53 6.84
CA VAL H 124 12.10 35.75 6.21
C VAL H 124 13.18 35.78 7.27
N LEU H 125 14.32 35.16 6.98
CA LEU H 125 15.47 35.22 7.88
C LEU H 125 16.56 36.10 7.29
N VAL H 126 17.01 37.07 8.08
CA VAL H 126 18.13 37.90 7.70
C VAL H 126 19.27 37.62 8.66
N ILE H 127 20.37 37.08 8.14
CA ILE H 127 21.58 36.86 8.95
C ILE H 127 22.58 37.94 8.61
N GLY H 128 22.89 38.79 9.60
CA GLY H 128 23.78 39.93 9.38
C GLY H 128 25.24 39.59 9.56
N THR H 129 26.09 40.52 9.13
CA THR H 129 27.54 40.39 9.32
C THR H 129 28.07 41.57 10.14
N TRP H 130 29.37 41.59 10.39
CA TRP H 130 29.92 42.45 11.43
C TRP H 130 30.55 43.75 10.94
N ASN H 131 30.94 43.82 9.67
CA ASN H 131 31.69 44.99 9.20
C ASN H 131 30.86 46.24 9.04
N TYR H 132 29.59 46.06 8.70
CA TYR H 132 28.62 47.14 8.77
C TYR H 132 27.41 46.56 9.47
N PRO H 133 27.49 46.42 10.81
CA PRO H 133 26.54 45.63 11.57
C PRO H 133 25.14 46.22 11.66
N PHE H 134 25.01 47.51 11.37
CA PHE H 134 23.68 48.11 11.33
C PHE H 134 23.11 47.96 9.93
N ASN H 135 23.83 48.52 8.96
CA ASN H 135 23.37 48.53 7.58
C ASN H 135 23.09 47.14 7.03
N LEU H 136 24.03 46.22 7.22
CA LEU H 136 23.92 44.89 6.63
C LEU H 136 23.02 43.95 7.43
N THR H 137 22.35 44.50 8.43
CA THR H 137 21.30 43.79 9.13
C THR H 137 19.96 44.43 8.81
N ILE H 138 19.91 45.75 8.85
CA ILE H 138 18.66 46.49 8.76
C ILE H 138 18.26 46.81 7.34
N GLN H 139 19.22 47.09 6.45
CA GLN H 139 18.83 47.39 5.08
C GLN H 139 18.05 46.24 4.38
N PRO H 140 18.53 44.99 4.52
CA PRO H 140 17.74 43.89 3.98
C PRO H 140 16.38 43.79 4.66
N MET H 141 16.32 44.13 5.94
CA MET H 141 15.09 44.05 6.73
C MET H 141 14.02 45.01 6.21
N VAL H 142 14.45 46.22 5.85
CA VAL H 142 13.57 47.21 5.25
C VAL H 142 12.81 46.63 4.05
N GLY H 143 13.56 45.98 3.16
CA GLY H 143 12.97 45.34 2.00
C GLY H 143 11.96 44.27 2.37
N ALA H 144 12.34 43.41 3.32
CA ALA H 144 11.49 42.30 3.71
C ALA H 144 10.21 42.77 4.41
N ILE H 145 10.30 43.86 5.16
CA ILE H 145 9.15 44.49 5.79
C ILE H 145 8.26 45.09 4.71
N ALA H 146 8.87 45.84 3.79
CA ALA H 146 8.12 46.48 2.70
C ALA H 146 7.34 45.45 1.88
N ALA H 147 7.90 44.26 1.71
CA ALA H 147 7.25 43.19 0.96
C ALA H 147 6.14 42.49 1.75
N GLY H 148 6.02 42.84 3.04
CA GLY H 148 4.95 42.30 3.87
C GLY H 148 5.27 41.00 4.61
N ASN H 149 6.55 40.72 4.81
CA ASN H 149 6.96 39.52 5.52
C ASN H 149 7.14 39.74 7.01
N ALA H 150 7.05 38.64 7.77
CA ALA H 150 7.65 38.60 9.08
C ALA H 150 9.16 38.47 8.85
N VAL H 151 9.94 39.14 9.68
CA VAL H 151 11.39 39.12 9.51
C VAL H 151 12.11 38.78 10.80
N VAL H 152 12.79 37.64 10.81
CA VAL H 152 13.59 37.19 11.94
C VAL H 152 15.01 37.67 11.69
N LEU H 153 15.61 38.27 12.71
CA LEU H 153 16.97 38.81 12.62
C LEU H 153 17.98 38.02 13.44
N LYS H 154 19.14 37.80 12.83
CA LYS H 154 20.27 37.20 13.51
C LYS H 154 21.52 38.04 13.25
N PRO H 155 21.82 38.99 14.16
CA PRO H 155 23.02 39.81 14.04
C PRO H 155 24.29 39.00 14.31
N SER H 156 25.42 39.47 13.77
CA SER H 156 26.72 38.86 14.02
C SER H 156 27.20 39.16 15.44
N GLU H 157 27.73 38.14 16.09
CA GLU H 157 28.25 38.24 17.47
C GLU H 157 29.56 39.04 17.55
N LEU H 158 30.31 39.05 16.45
CA LEU H 158 31.58 39.77 16.37
C LEU H 158 31.40 41.27 16.56
N SER H 159 30.28 41.81 16.07
CA SER H 159 29.87 43.18 16.36
C SER H 159 29.04 43.19 17.65
N GLU H 160 29.67 42.70 18.71
CA GLU H 160 29.05 42.43 20.02
C GLU H 160 28.17 43.55 20.57
N ASN H 161 28.63 44.80 20.42
CA ASN H 161 27.88 45.95 20.91
C ASN H 161 26.64 46.25 20.09
N MET H 162 26.75 46.16 18.76
CA MET H 162 25.61 46.38 17.88
C MET H 162 24.60 45.26 17.98
N ALA H 163 25.09 44.03 18.15
CA ALA H 163 24.25 42.85 18.28
C ALA H 163 23.34 42.97 19.50
N SER H 164 23.94 43.40 20.60
CA SER H 164 23.26 43.54 21.89
C SER H 164 22.31 44.74 21.90
N LEU H 165 22.69 45.82 21.23
CA LEU H 165 21.86 47.02 21.10
C LEU H 165 20.59 46.76 20.28
N LEU H 166 20.75 46.17 19.10
CA LEU H 166 19.61 45.86 18.24
C LEU H 166 18.57 44.97 18.92
N ALA H 167 19.04 44.00 19.71
CA ALA H 167 18.15 43.13 20.48
C ALA H 167 17.31 43.92 21.50
N THR H 168 17.83 45.06 21.96
CA THR H 168 17.13 45.93 22.89
C THR H 168 16.16 46.88 22.17
N ILE H 169 16.67 47.61 21.17
CA ILE H 169 15.88 48.69 20.54
C ILE H 169 14.87 48.26 19.47
N ILE H 170 15.16 47.21 18.70
CA ILE H 170 14.24 46.75 17.66
C ILE H 170 12.82 46.48 18.22
N PRO H 171 12.70 45.69 19.31
CA PRO H 171 11.37 45.44 19.87
C PRO H 171 10.71 46.65 20.51
N GLN H 172 11.47 47.69 20.81
CA GLN H 172 10.90 48.92 21.36
C GLN H 172 10.11 49.70 20.33
N TYR H 173 10.45 49.50 19.05
CA TYR H 173 9.89 50.31 17.97
C TYR H 173 9.00 49.50 17.03
N LEU H 174 9.40 48.26 16.74
CA LEU H 174 8.70 47.41 15.79
C LEU H 174 7.87 46.35 16.48
N ASP H 175 6.86 45.84 15.76
CA ASP H 175 6.02 44.74 16.24
C ASP H 175 6.88 43.61 16.81
N LYS H 176 6.50 43.16 18.00
CA LYS H 176 7.29 42.19 18.76
C LYS H 176 7.28 40.78 18.20
N ASP H 177 6.12 40.33 17.73
CA ASP H 177 5.99 38.98 17.23
C ASP H 177 6.55 38.85 15.80
N LEU H 178 6.34 39.87 14.98
CA LEU H 178 6.72 39.83 13.57
C LEU H 178 8.23 39.96 13.32
N TYR H 179 8.91 40.70 14.17
CA TYR H 179 10.31 41.04 13.90
C TYR H 179 11.24 40.73 15.08
N PRO H 180 11.35 39.44 15.43
CA PRO H 180 12.18 39.07 16.58
C PRO H 180 13.68 39.12 16.27
N VAL H 181 14.47 39.42 17.30
CA VAL H 181 15.93 39.40 17.19
C VAL H 181 16.45 38.16 17.92
N ILE H 182 17.33 37.42 17.27
CA ILE H 182 17.92 36.22 17.85
C ILE H 182 19.38 36.45 18.20
N ASN H 183 19.71 36.25 19.47
CA ASN H 183 21.08 36.41 19.95
C ASN H 183 21.89 35.13 19.80
N GLY H 184 23.21 35.28 19.71
CA GLY H 184 24.12 34.15 19.74
C GLY H 184 25.15 34.12 18.63
N GLY H 185 25.78 32.96 18.48
CA GLY H 185 26.80 32.75 17.48
C GLY H 185 26.52 31.52 16.63
N VAL H 186 27.59 30.84 16.23
CA VAL H 186 27.50 29.69 15.34
C VAL H 186 26.53 28.60 15.84
N PRO H 187 26.63 28.22 17.13
CA PRO H 187 25.67 27.21 17.63
C PRO H 187 24.21 27.65 17.53
N GLU H 188 23.92 28.91 17.86
CA GLU H 188 22.58 29.46 17.81
C GLU H 188 22.11 29.58 16.36
N THR H 189 22.98 30.12 15.51
CA THR H 189 22.74 30.22 14.08
C THR H 189 22.40 28.85 13.49
N THR H 190 23.23 27.86 13.79
CA THR H 190 23.03 26.48 13.31
C THR H 190 21.65 25.96 13.67
N GLU H 191 21.19 26.31 14.87
CA GLU H 191 19.90 25.84 15.32
C GLU H 191 18.74 26.57 14.67
N LEU H 192 18.93 27.86 14.43
CA LEU H 192 17.97 28.69 13.73
C LEU H 192 17.70 28.18 12.32
N LEU H 193 18.72 27.60 11.70
CA LEU H 193 18.63 27.07 10.33
C LEU H 193 17.88 25.75 10.20
N LYS H 194 17.47 25.17 11.34
CA LYS H 194 16.62 23.98 11.32
C LYS H 194 15.16 24.37 11.22
N GLU H 195 14.85 25.62 11.58
CA GLU H 195 13.50 26.16 11.49
C GLU H 195 13.14 26.40 10.03
N ARG H 196 11.84 26.35 9.72
CA ARG H 196 11.39 26.56 8.35
C ARG H 196 11.15 28.02 8.04
N PHE H 197 11.89 28.53 7.07
CA PHE H 197 11.74 29.90 6.61
C PHE H 197 11.29 29.93 5.16
N ASP H 198 10.76 31.07 4.73
CA ASP H 198 10.29 31.23 3.36
C ASP H 198 11.34 31.85 2.45
N HIS H 199 12.25 32.61 3.03
CA HIS H 199 13.42 33.13 2.33
C HIS H 199 14.53 33.37 3.35
N ILE H 200 15.77 33.16 2.91
CA ILE H 200 16.93 33.44 3.74
C ILE H 200 17.89 34.37 3.01
N LEU H 201 18.22 35.49 3.63
CA LEU H 201 19.28 36.35 3.13
C LEU H 201 20.45 36.28 4.08
N TYR H 202 21.62 35.97 3.55
CA TYR H 202 22.82 35.88 4.36
C TYR H 202 23.95 36.68 3.73
N THR H 203 24.59 37.53 4.54
CA THR H 203 25.80 38.22 4.13
C THR H 203 26.95 37.68 4.95
N GLY H 204 28.02 37.26 4.28
CA GLY H 204 29.20 36.75 4.96
C GLY H 204 30.18 36.13 4.01
N SER H 205 30.69 34.94 4.38
CA SER H 205 31.78 34.30 3.66
C SER H 205 31.28 33.21 2.74
N THR H 206 32.05 32.97 1.68
CA THR H 206 31.73 31.93 0.69
C THR H 206 31.48 30.57 1.35
N GLY H 207 32.39 30.17 2.24
CA GLY H 207 32.29 28.89 2.96
C GLY H 207 31.01 28.68 3.74
N VAL H 208 30.57 29.71 4.47
CA VAL H 208 29.33 29.63 5.25
C VAL H 208 28.09 29.66 4.35
N GLY H 209 28.19 30.40 3.24
CA GLY H 209 27.15 30.40 2.21
C GLY H 209 26.68 29.01 1.81
N LYS H 210 27.65 28.10 1.63
CA LYS H 210 27.35 26.70 1.31
C LYS H 210 26.55 26.02 2.42
N ILE H 211 26.88 26.34 3.67
CA ILE H 211 26.16 25.81 4.82
C ILE H 211 24.72 26.33 4.85
N ILE H 212 24.55 27.66 4.71
CA ILE H 212 23.22 28.28 4.63
C ILE H 212 22.41 27.57 3.56
N MET H 213 23.00 27.41 2.38
CA MET H 213 22.29 26.82 1.24
C MET H 213 21.94 25.37 1.47
N THR H 214 22.84 24.61 2.09
CA THR H 214 22.57 23.23 2.48
C THR H 214 21.39 23.15 3.45
N ALA H 215 21.37 24.03 4.43
CA ALA H 215 20.26 24.07 5.39
C ALA H 215 18.95 24.46 4.70
N ALA H 216 19.03 25.42 3.77
CA ALA H 216 17.86 25.90 3.03
C ALA H 216 17.21 24.81 2.17
N ALA H 217 18.04 23.94 1.60
CA ALA H 217 17.57 22.87 0.72
C ALA H 217 16.56 21.96 1.40
N LYS H 218 16.72 21.78 2.71
CA LYS H 218 15.86 20.85 3.47
C LYS H 218 14.40 21.28 3.54
N HIS H 219 14.15 22.57 3.36
CA HIS H 219 12.78 23.10 3.33
C HIS H 219 12.45 23.73 1.98
N LEU H 220 13.36 23.54 1.02
CA LEU H 220 13.33 24.24 -0.28
C LEU H 220 13.14 25.75 -0.11
N THR H 221 14.01 26.35 0.70
CA THR H 221 13.97 27.76 0.98
C THR H 221 14.87 28.51 0.00
N PRO H 222 14.32 29.51 -0.72
CA PRO H 222 15.13 30.30 -1.62
C PRO H 222 16.10 31.17 -0.84
N VAL H 223 17.29 31.40 -1.39
CA VAL H 223 18.31 32.15 -0.68
C VAL H 223 18.85 33.32 -1.47
N THR H 224 19.25 34.36 -0.75
CA THR H 224 20.06 35.43 -1.29
C THR H 224 21.37 35.41 -0.53
N LEU H 225 22.46 35.24 -1.27
CA LEU H 225 23.77 35.13 -0.66
C LEU H 225 24.67 36.24 -1.15
N GLU H 226 25.06 37.11 -0.22
CA GLU H 226 26.02 38.19 -0.47
C GLU H 226 27.37 37.78 0.09
N LEU H 227 28.25 37.27 -0.77
CA LEU H 227 29.46 36.61 -0.31
C LEU H 227 30.71 37.42 -0.62
N GLY H 228 31.86 36.77 -0.66
CA GLY H 228 33.11 37.49 -0.84
C GLY H 228 33.92 37.13 -2.07
N GLY H 229 35.21 37.41 -1.97
CA GLY H 229 36.16 37.24 -3.07
C GLY H 229 37.16 38.39 -3.05
N LYS H 230 37.97 38.48 -4.08
CA LYS H 230 38.90 39.60 -4.17
C LYS H 230 38.51 40.50 -5.33
N SER H 231 38.10 41.72 -4.99
CA SER H 231 37.67 42.69 -5.98
C SER H 231 38.86 43.38 -6.61
N PRO H 232 39.11 43.10 -7.90
CA PRO H 232 40.29 43.64 -8.56
C PRO H 232 40.07 45.11 -8.90
N CYS H 233 41.18 45.83 -9.02
CA CYS H 233 41.16 47.21 -9.44
C CYS H 233 42.22 47.44 -10.50
N TYR H 234 41.80 47.45 -11.77
CA TYR H 234 42.70 47.71 -12.87
C TYR H 234 42.90 49.19 -13.11
N VAL H 235 44.17 49.61 -13.17
CA VAL H 235 44.53 50.99 -13.49
C VAL H 235 45.25 51.06 -14.85
N ASP H 236 44.68 51.85 -15.76
CA ASP H 236 45.20 52.01 -17.12
C ASP H 236 46.37 53.02 -17.17
N LYS H 237 47.22 52.90 -18.19
CA LYS H 237 48.42 53.71 -18.31
C LYS H 237 48.20 55.20 -18.53
N ASN H 238 47.36 55.59 -19.49
CA ASN H 238 47.22 57.01 -19.86
C ASN H 238 46.12 57.76 -19.11
N CYS H 239 45.77 57.30 -17.91
CA CYS H 239 44.74 57.99 -17.14
C CYS H 239 45.36 58.85 -16.04
N ASP H 240 44.61 59.85 -15.58
CA ASP H 240 45.07 60.74 -14.52
C ASP H 240 45.14 59.98 -13.20
N LEU H 241 46.34 59.64 -12.78
CA LEU H 241 46.55 58.84 -11.57
C LEU H 241 46.27 59.61 -10.27
N ASP H 242 46.27 60.94 -10.33
CA ASP H 242 45.99 61.77 -9.16
C ASP H 242 44.58 61.51 -8.65
N VAL H 243 43.63 61.59 -9.57
CA VAL H 243 42.23 61.36 -9.25
C VAL H 243 41.98 59.88 -8.92
N ALA H 244 42.58 59.00 -9.71
CA ALA H 244 42.42 57.57 -9.55
C ALA H 244 42.82 57.09 -8.16
N CYS H 245 44.05 57.40 -7.75
CA CYS H 245 44.61 56.89 -6.50
C CYS H 245 43.94 57.44 -5.25
N ARG H 246 43.42 58.66 -5.36
CA ARG H 246 42.63 59.29 -4.31
C ARG H 246 41.37 58.45 -4.04
N ARG H 247 40.63 58.15 -5.11
CA ARG H 247 39.41 57.37 -5.04
C ARG H 247 39.66 55.95 -4.55
N ILE H 248 40.72 55.30 -5.07
CA ILE H 248 41.13 53.97 -4.65
C ILE H 248 41.47 53.91 -3.16
N ALA H 249 42.27 54.88 -2.71
CA ALA H 249 42.69 54.92 -1.32
C ALA H 249 41.49 55.11 -0.41
N TRP H 250 40.56 55.93 -0.85
CA TRP H 250 39.33 56.18 -0.10
C TRP H 250 38.54 54.89 0.13
N GLY H 251 38.22 54.20 -0.96
CA GLY H 251 37.45 52.96 -0.88
C GLY H 251 38.19 51.81 -0.21
N LYS H 252 39.50 51.78 -0.41
CA LYS H 252 40.31 50.71 0.12
C LYS H 252 40.46 50.81 1.64
N PHE H 253 40.63 52.03 2.15
CA PHE H 253 41.04 52.18 3.55
C PHE H 253 39.96 52.60 4.54
N MET H 254 38.78 52.97 4.03
CA MET H 254 37.65 53.23 4.92
C MET H 254 37.30 51.96 5.67
N ASN H 255 36.78 52.13 6.88
CA ASN H 255 36.45 51.02 7.76
C ASN H 255 37.64 50.08 7.89
N SER H 256 38.85 50.65 7.86
CA SER H 256 40.10 49.90 8.00
C SER H 256 40.14 48.70 7.03
N GLY H 257 39.66 48.92 5.82
CA GLY H 257 39.70 47.89 4.76
C GLY H 257 38.64 46.82 4.83
N GLN H 258 37.71 46.94 5.79
CA GLN H 258 36.76 45.87 6.06
C GLN H 258 35.43 46.09 5.30
N THR H 259 35.51 45.95 3.99
CA THR H 259 34.41 46.26 3.11
C THR H 259 34.36 45.22 2.00
N CYS H 260 33.19 44.62 1.80
CA CYS H 260 32.99 43.56 0.81
C CYS H 260 33.34 44.00 -0.59
N VAL H 261 33.11 45.28 -0.88
CA VAL H 261 33.39 45.83 -2.22
C VAL H 261 34.60 46.76 -2.23
N ALA H 262 35.46 46.61 -1.22
CA ALA H 262 36.75 47.31 -1.21
C ALA H 262 37.57 46.86 -2.41
N PRO H 263 38.25 47.78 -3.08
CA PRO H 263 39.20 47.32 -4.07
C PRO H 263 40.27 46.55 -3.34
N ASP H 264 40.32 45.24 -3.57
CA ASP H 264 41.16 44.35 -2.78
C ASP H 264 42.63 44.47 -3.19
N TYR H 265 42.89 44.52 -4.50
CA TYR H 265 44.25 44.62 -5.04
C TYR H 265 44.26 45.44 -6.32
N ILE H 266 45.45 45.90 -6.71
CA ILE H 266 45.61 46.65 -7.95
C ILE H 266 46.33 45.86 -9.03
N LEU H 267 45.83 45.95 -10.25
CA LEU H 267 46.55 45.47 -11.44
C LEU H 267 46.96 46.66 -12.28
N CYS H 268 48.25 46.76 -12.60
CA CYS H 268 48.76 47.86 -13.43
C CYS H 268 50.05 47.48 -14.14
N ASP H 269 50.38 48.24 -15.19
CA ASP H 269 51.65 48.09 -15.89
C ASP H 269 52.79 48.45 -14.93
N PRO H 270 53.89 47.66 -14.92
CA PRO H 270 55.01 47.94 -14.01
C PRO H 270 55.60 49.34 -14.16
N SER H 271 55.35 49.99 -15.29
CA SER H 271 55.88 51.33 -15.55
C SER H 271 55.19 52.44 -14.75
N ILE H 272 53.96 52.17 -14.30
CA ILE H 272 53.23 53.18 -13.52
C ILE H 272 53.07 52.79 -12.04
N GLN H 273 53.66 51.67 -11.65
CA GLN H 273 53.56 51.19 -10.28
C GLN H 273 53.95 52.25 -9.25
N ASN H 274 55.19 52.74 -9.32
CA ASN H 274 55.74 53.63 -8.29
C ASN H 274 55.02 54.96 -8.16
N GLN H 275 54.52 55.47 -9.28
CA GLN H 275 53.68 56.69 -9.28
C GLN H 275 52.40 56.44 -8.50
N ILE H 276 51.79 55.27 -8.73
CA ILE H 276 50.61 54.83 -7.98
C ILE H 276 50.89 54.80 -6.49
N VAL H 277 51.92 54.06 -6.10
CA VAL H 277 52.37 53.98 -4.71
C VAL H 277 52.50 55.38 -4.10
N GLU H 278 53.15 56.26 -4.85
CA GLU H 278 53.38 57.64 -4.43
C GLU H 278 52.08 58.42 -4.24
N LYS H 279 51.22 58.39 -5.26
CA LYS H 279 49.94 59.11 -5.23
C LYS H 279 48.99 58.55 -4.19
N LEU H 280 49.18 57.29 -3.82
CA LEU H 280 48.41 56.68 -2.75
C LEU H 280 48.84 57.23 -1.40
N LYS H 281 50.16 57.26 -1.18
CA LYS H 281 50.74 57.83 0.04
C LYS H 281 50.25 59.26 0.24
N LYS H 282 50.35 60.06 -0.82
CA LYS H 282 49.91 61.45 -0.81
C LYS H 282 48.46 61.59 -0.37
N SER H 283 47.60 60.73 -0.91
CA SER H 283 46.18 60.74 -0.57
C SER H 283 45.95 60.25 0.86
N LEU H 284 46.67 59.19 1.25
CA LEU H 284 46.59 58.66 2.61
C LEU H 284 46.99 59.67 3.67
N LYS H 285 48.05 60.44 3.40
CA LYS H 285 48.51 61.50 4.30
C LYS H 285 47.46 62.60 4.49
N GLU H 286 46.78 62.95 3.40
CA GLU H 286 45.68 63.90 3.47
C GLU H 286 44.52 63.40 4.31
N PHE H 287 44.16 62.12 4.17
CA PHE H 287 43.06 61.51 4.92
C PHE H 287 43.34 61.42 6.42
N TYR H 288 44.47 60.80 6.76
CA TYR H 288 44.71 60.33 8.12
C TYR H 288 45.95 60.92 8.80
N GLY H 289 46.55 61.93 8.17
CA GLY H 289 47.78 62.54 8.69
C GLY H 289 48.99 61.65 8.53
N GLU H 290 50.10 62.07 9.12
CA GLU H 290 51.35 61.30 9.08
C GLU H 290 51.24 59.99 9.85
N ASP H 291 50.62 60.05 11.02
CA ASP H 291 50.33 58.85 11.82
C ASP H 291 48.83 58.63 11.87
N ALA H 292 48.39 57.53 11.26
CA ALA H 292 46.99 57.17 11.18
C ALA H 292 46.37 56.77 12.52
N LYS H 293 47.22 56.32 13.45
CA LYS H 293 46.79 55.92 14.79
C LYS H 293 46.20 57.09 15.58
N LYS H 294 46.53 58.32 15.16
CA LYS H 294 46.09 59.53 15.83
C LYS H 294 44.88 60.17 15.15
N SER H 295 44.35 59.52 14.13
CA SER H 295 43.19 60.02 13.40
C SER H 295 41.89 59.40 13.90
N ARG H 296 40.91 60.25 14.20
CA ARG H 296 39.58 59.82 14.64
CA ARG H 296 39.60 59.80 14.65
C ARG H 296 38.77 59.23 13.48
N ASP H 297 39.28 59.43 12.26
CA ASP H 297 38.60 58.97 11.05
C ASP H 297 39.02 57.57 10.62
N TYR H 298 40.09 57.06 11.22
CA TYR H 298 40.65 55.78 10.84
C TYR H 298 40.16 54.69 11.79
N GLY H 299 39.80 53.55 11.22
CA GLY H 299 39.19 52.45 11.99
C GLY H 299 40.16 51.45 12.60
N ARG H 300 39.59 50.43 13.22
CA ARG H 300 40.36 49.34 13.82
C ARG H 300 39.79 48.02 13.33
N ILE H 301 40.61 46.97 13.39
CA ILE H 301 40.16 45.62 13.07
C ILE H 301 39.19 45.10 14.13
N ILE H 302 38.21 44.32 13.71
CA ILE H 302 37.11 43.86 14.56
C ILE H 302 37.52 42.96 15.75
N SER H 303 38.33 41.96 15.48
CA SER H 303 38.66 40.95 16.49
C SER H 303 40.15 40.63 16.48
N ALA H 304 40.60 39.98 17.55
CA ALA H 304 41.99 39.57 17.69
C ALA H 304 42.40 38.57 16.62
N ARG H 305 41.51 37.62 16.34
CA ARG H 305 41.73 36.60 15.33
C ARG H 305 41.95 37.21 13.94
N HIS H 306 41.16 38.22 13.60
CA HIS H 306 41.29 38.88 12.29
C HIS H 306 42.49 39.83 12.20
N PHE H 307 42.88 40.41 13.33
CA PHE H 307 44.09 41.23 13.38
C PHE H 307 45.33 40.42 13.00
N GLN H 308 45.42 39.20 13.50
CA GLN H 308 46.56 38.34 13.21
C GLN H 308 46.54 37.83 11.78
N ARG H 309 45.35 37.48 11.31
CA ARG H 309 45.17 37.04 9.94
C ARG H 309 45.74 38.10 9.02
N VAL H 310 45.35 39.35 9.25
CA VAL H 310 45.78 40.45 8.39
C VAL H 310 47.30 40.69 8.47
N MET H 311 47.85 40.66 9.67
CA MET H 311 49.31 40.81 9.88
C MET H 311 50.13 39.72 9.19
N GLY H 312 49.65 38.47 9.28
CA GLY H 312 50.31 37.34 8.65
C GLY H 312 50.41 37.43 7.13
N LEU H 313 49.57 38.28 6.53
CA LEU H 313 49.56 38.45 5.08
C LEU H 313 50.62 39.45 4.63
N ILE H 314 51.13 40.23 5.58
CA ILE H 314 52.15 41.24 5.30
C ILE H 314 53.55 40.61 5.25
N GLU H 315 53.67 39.42 5.82
CA GLU H 315 54.97 38.76 5.92
C GLU H 315 55.58 38.35 4.60
N GLY H 316 56.91 38.41 4.55
CA GLY H 316 57.67 38.10 3.35
C GLY H 316 57.27 38.95 2.15
N GLN H 317 56.83 40.17 2.41
CA GLN H 317 56.35 41.05 1.35
C GLN H 317 57.13 42.36 1.32
N LYS H 318 57.27 42.88 0.10
CA LYS H 318 57.93 44.16 -0.13
C LYS H 318 57.00 45.29 0.31
N VAL H 319 57.25 45.83 1.50
CA VAL H 319 56.45 46.94 2.04
C VAL H 319 56.93 48.27 1.46
N ALA H 320 56.00 49.04 0.93
CA ALA H 320 56.32 50.36 0.39
C ALA H 320 55.80 51.51 1.27
N TYR H 321 54.95 51.18 2.24
CA TYR H 321 54.34 52.14 3.15
C TYR H 321 53.61 51.40 4.25
N GLY H 322 53.70 51.89 5.49
CA GLY H 322 53.07 51.22 6.63
C GLY H 322 53.78 49.92 7.00
N GLY H 323 52.99 48.88 7.24
CA GLY H 323 53.52 47.55 7.53
C GLY H 323 53.46 47.14 8.98
N THR H 324 53.23 48.11 9.87
CA THR H 324 53.24 47.85 11.33
C THR H 324 51.84 47.85 11.93
N GLY H 325 51.70 47.14 13.05
CA GLY H 325 50.42 47.05 13.75
C GLY H 325 50.54 46.91 15.26
N ASP H 326 49.48 47.29 15.97
CA ASP H 326 49.44 47.22 17.43
C ASP H 326 48.33 46.29 17.92
N ALA H 327 48.74 45.16 18.52
CA ALA H 327 47.82 44.10 18.95
C ALA H 327 46.77 44.53 19.98
N ALA H 328 47.15 45.45 20.88
CA ALA H 328 46.28 45.90 21.97
C ALA H 328 45.01 46.56 21.45
N THR H 329 45.17 47.58 20.62
CA THR H 329 44.04 48.34 20.09
C THR H 329 43.60 47.83 18.73
N ARG H 330 44.28 46.78 18.25
CA ARG H 330 44.00 46.15 16.96
C ARG H 330 44.05 47.15 15.80
N TYR H 331 45.16 47.89 15.75
CA TYR H 331 45.41 48.87 14.69
C TYR H 331 46.42 48.30 13.70
N ILE H 332 46.12 48.47 12.41
CA ILE H 332 47.08 48.19 11.35
C ILE H 332 47.20 49.42 10.47
N ALA H 333 48.44 49.91 10.33
CA ALA H 333 48.73 51.07 9.51
C ALA H 333 48.38 50.79 8.05
N PRO H 334 47.87 51.81 7.33
CA PRO H 334 47.64 51.69 5.88
C PRO H 334 48.91 51.18 5.19
N THR H 335 48.82 49.99 4.62
CA THR H 335 49.97 49.31 4.07
C THR H 335 49.80 49.15 2.56
N ILE H 336 50.86 49.45 1.82
CA ILE H 336 50.92 49.21 0.38
C ILE H 336 52.05 48.25 0.07
N LEU H 337 51.75 47.17 -0.65
CA LEU H 337 52.76 46.18 -1.01
C LEU H 337 53.04 46.26 -2.50
N THR H 338 54.32 46.15 -2.87
CA THR H 338 54.74 46.26 -4.27
C THR H 338 55.26 44.94 -4.83
N ASP H 339 55.27 44.83 -6.16
CA ASP H 339 55.72 43.63 -6.88
C ASP H 339 55.29 42.36 -6.14
N VAL H 340 53.98 42.19 -6.03
CA VAL H 340 53.40 41.11 -5.26
C VAL H 340 53.23 39.87 -6.12
N ASP H 341 53.60 38.72 -5.55
CA ASP H 341 53.48 37.42 -6.20
C ASP H 341 52.05 36.89 -6.09
N PRO H 342 51.39 36.68 -7.25
CA PRO H 342 50.02 36.19 -7.29
C PRO H 342 49.75 34.93 -6.45
N GLN H 343 50.79 34.16 -6.15
CA GLN H 343 50.64 32.91 -5.38
C GLN H 343 50.85 33.10 -3.88
N SER H 344 51.31 34.29 -3.48
CA SER H 344 51.56 34.57 -2.07
C SER H 344 50.24 34.70 -1.30
N PRO H 345 50.27 34.44 0.03
CA PRO H 345 49.05 34.39 0.84
C PRO H 345 48.15 35.61 0.67
N VAL H 346 48.74 36.80 0.62
CA VAL H 346 47.99 38.05 0.51
C VAL H 346 47.19 38.16 -0.81
N MET H 347 47.52 37.30 -1.77
CA MET H 347 46.80 37.24 -3.04
C MET H 347 46.00 35.93 -3.21
N GLN H 348 45.81 35.21 -2.11
CA GLN H 348 45.11 33.93 -2.14
C GLN H 348 43.87 33.87 -1.25
N GLU H 349 43.52 35.02 -0.66
CA GLU H 349 42.30 35.14 0.16
C GLU H 349 41.83 36.59 0.19
N GLU H 350 40.56 36.79 0.54
CA GLU H 350 40.02 38.14 0.73
C GLU H 350 40.75 38.80 1.89
N ILE H 351 41.38 39.94 1.61
CA ILE H 351 42.21 40.62 2.59
C ILE H 351 41.40 41.13 3.78
N PHE H 352 40.37 41.93 3.50
CA PHE H 352 39.47 42.50 4.51
C PHE H 352 40.27 43.21 5.59
N GLY H 353 41.24 44.01 5.15
CA GLY H 353 42.13 44.74 6.03
C GLY H 353 42.83 45.85 5.24
N PRO H 354 43.57 46.73 5.93
CA PRO H 354 44.15 47.90 5.28
C PRO H 354 45.52 47.58 4.65
N VAL H 355 45.54 46.56 3.79
CA VAL H 355 46.76 46.12 3.12
C VAL H 355 46.49 46.02 1.63
N LEU H 356 47.14 46.87 0.84
CA LEU H 356 46.86 46.95 -0.59
C LEU H 356 48.03 46.43 -1.45
N PRO H 357 47.90 45.20 -1.98
CA PRO H 357 48.93 44.66 -2.86
C PRO H 357 48.79 45.22 -4.27
N ILE H 358 49.93 45.44 -4.91
CA ILE H 358 49.99 45.84 -6.32
C ILE H 358 50.62 44.71 -7.13
N VAL H 359 49.86 44.17 -8.07
CA VAL H 359 50.31 43.11 -8.95
C VAL H 359 50.49 43.67 -10.36
N CYS H 360 51.61 43.32 -10.98
CA CYS H 360 51.92 43.82 -12.32
C CYS H 360 51.41 42.92 -13.42
N VAL H 361 50.78 43.56 -14.41
CA VAL H 361 50.35 42.93 -15.65
C VAL H 361 50.82 43.80 -16.81
N ARG H 362 51.09 43.17 -17.95
CA ARG H 362 51.76 43.85 -19.05
C ARG H 362 50.84 44.35 -20.18
N SER H 363 49.54 44.06 -20.04
CA SER H 363 48.52 44.47 -20.99
C SER H 363 47.14 44.32 -20.39
N LEU H 364 46.15 44.97 -21.03
CA LEU H 364 44.74 44.83 -20.68
C LEU H 364 44.32 43.36 -20.78
N GLU H 365 44.72 42.71 -21.86
CA GLU H 365 44.36 41.32 -22.13
C GLU H 365 44.87 40.36 -21.06
N GLU H 366 46.02 40.68 -20.49
CA GLU H 366 46.61 39.90 -19.41
C GLU H 366 45.88 40.12 -18.08
N ALA H 367 45.41 41.36 -17.86
CA ALA H 367 44.63 41.69 -16.67
C ALA H 367 43.31 40.93 -16.72
N ILE H 368 42.65 40.98 -17.87
CA ILE H 368 41.41 40.25 -18.10
C ILE H 368 41.60 38.75 -17.81
N GLN H 369 42.65 38.17 -18.37
CA GLN H 369 42.95 36.76 -18.16
C GLN H 369 43.19 36.46 -16.69
N PHE H 370 43.94 37.33 -16.02
CA PHE H 370 44.23 37.18 -14.61
C PHE H 370 42.95 37.10 -13.78
N ILE H 371 42.01 38.00 -14.07
CA ILE H 371 40.72 38.08 -13.38
C ILE H 371 39.87 36.85 -13.65
N ASN H 372 39.77 36.46 -14.92
CA ASN H 372 38.95 35.32 -15.33
C ASN H 372 39.35 33.96 -14.78
N GLN H 373 40.63 33.81 -14.41
CA GLN H 373 41.16 32.54 -13.91
C GLN H 373 40.88 32.37 -12.43
N ARG H 374 40.39 33.43 -11.81
CA ARG H 374 40.02 33.39 -10.40
C ARG H 374 38.51 33.35 -10.26
N GLU H 375 38.04 33.11 -9.04
CA GLU H 375 36.60 33.10 -8.77
C GLU H 375 36.00 34.51 -8.99
N LYS H 376 34.74 34.53 -9.39
CA LYS H 376 34.07 35.79 -9.71
C LYS H 376 33.92 36.69 -8.49
N PRO H 377 34.40 37.93 -8.60
CA PRO H 377 34.38 38.85 -7.48
C PRO H 377 33.05 39.62 -7.36
N LEU H 378 32.76 40.07 -6.16
CA LEU H 378 31.57 40.87 -5.90
C LEU H 378 31.59 42.18 -6.69
N ALA H 379 32.76 42.80 -6.80
CA ALA H 379 32.94 44.03 -7.55
C ALA H 379 34.15 43.92 -8.48
N LEU H 380 34.12 44.68 -9.56
CA LEU H 380 35.27 44.85 -10.42
C LEU H 380 35.42 46.34 -10.69
N TYR H 381 36.65 46.83 -10.53
CA TYR H 381 36.98 48.24 -10.72
C TYR H 381 38.04 48.46 -11.78
N MET H 382 37.89 49.53 -12.54
CA MET H 382 38.87 49.88 -13.55
C MET H 382 38.94 51.40 -13.66
N PHE H 383 40.13 51.92 -13.92
CA PHE H 383 40.34 53.33 -14.07
C PHE H 383 40.99 53.61 -15.42
N SER H 384 40.32 54.43 -16.24
CA SER H 384 40.77 54.70 -17.59
C SER H 384 40.00 55.84 -18.24
N SER H 385 40.68 56.59 -19.10
CA SER H 385 40.04 57.64 -19.91
C SER H 385 39.38 57.05 -21.15
N ASN H 386 39.84 55.87 -21.57
CA ASN H 386 39.40 55.22 -22.79
C ASN H 386 38.17 54.37 -22.56
N ASP H 387 37.04 54.75 -23.15
CA ASP H 387 35.79 54.03 -22.94
C ASP H 387 35.78 52.66 -23.64
N LYS H 388 36.65 52.51 -24.64
CA LYS H 388 36.84 51.21 -25.29
C LYS H 388 37.54 50.19 -24.41
N VAL H 389 38.44 50.66 -23.55
CA VAL H 389 39.09 49.81 -22.57
C VAL H 389 38.09 49.36 -21.52
N ILE H 390 37.23 50.29 -21.07
CA ILE H 390 36.18 50.02 -20.09
C ILE H 390 35.21 48.97 -20.63
N LYS H 391 34.65 49.24 -21.81
CA LYS H 391 33.70 48.34 -22.45
C LYS H 391 34.25 46.94 -22.70
N LYS H 392 35.55 46.84 -23.01
CA LYS H 392 36.17 45.55 -23.31
C LYS H 392 36.33 44.71 -22.05
N MET H 393 36.85 45.29 -20.98
CA MET H 393 37.04 44.56 -19.74
C MET H 393 35.71 44.09 -19.16
N ILE H 394 34.68 44.92 -19.27
CA ILE H 394 33.34 44.53 -18.85
C ILE H 394 32.86 43.32 -19.66
N ALA H 395 32.92 43.43 -20.98
CA ALA H 395 32.42 42.40 -21.88
C ALA H 395 33.13 41.05 -21.71
N GLU H 396 34.37 41.10 -21.23
CA GLU H 396 35.19 39.90 -21.20
C GLU H 396 35.48 39.36 -19.81
N THR H 397 34.85 39.94 -18.80
CA THR H 397 34.92 39.45 -17.42
C THR H 397 33.52 39.20 -16.88
N SER H 398 33.46 38.69 -15.65
CA SER H 398 32.19 38.53 -14.97
C SER H 398 32.40 38.89 -13.52
N SER H 399 31.49 39.68 -12.97
CA SER H 399 31.53 40.09 -11.57
C SER H 399 30.12 40.48 -11.10
N GLY H 400 29.96 40.57 -9.79
CA GLY H 400 28.68 40.96 -9.23
C GLY H 400 28.24 42.27 -9.81
N GLY H 401 29.05 43.30 -9.59
CA GLY H 401 28.82 44.62 -10.19
C GLY H 401 30.12 45.26 -10.67
N VAL H 402 30.00 46.35 -11.41
CA VAL H 402 31.16 47.05 -11.94
C VAL H 402 31.08 48.55 -11.67
N ALA H 403 32.20 49.14 -11.27
CA ALA H 403 32.38 50.58 -11.31
C ALA H 403 33.64 50.94 -12.08
N ALA H 404 33.50 51.81 -13.08
CA ALA H 404 34.62 52.37 -13.79
C ALA H 404 34.89 53.78 -13.29
N ASN H 405 36.15 54.05 -12.94
CA ASN H 405 36.62 55.37 -12.48
C ASN H 405 36.11 55.81 -11.11
N ASP H 406 35.63 54.83 -10.32
CA ASP H 406 35.33 55.03 -8.91
C ASP H 406 35.23 53.67 -8.21
N VAL H 407 35.06 53.71 -6.89
CA VAL H 407 34.87 52.50 -6.10
C VAL H 407 33.72 52.69 -5.13
N ILE H 408 33.21 51.59 -4.58
CA ILE H 408 32.16 51.59 -3.54
C ILE H 408 30.79 52.14 -3.99
N VAL H 409 30.77 53.33 -4.60
CA VAL H 409 29.55 54.07 -4.89
C VAL H 409 28.47 53.32 -5.67
N HIS H 410 28.84 52.32 -6.45
CA HIS H 410 27.87 51.62 -7.30
C HIS H 410 26.83 50.83 -6.51
N ILE H 411 27.11 50.58 -5.23
CA ILE H 411 26.18 49.83 -4.38
C ILE H 411 25.30 50.73 -3.50
N THR H 412 25.30 52.03 -3.79
CA THR H 412 24.53 52.98 -3.02
C THR H 412 23.42 53.63 -3.83
N LEU H 413 23.22 53.16 -5.05
CA LEU H 413 22.21 53.72 -5.93
C LEU H 413 20.98 52.83 -5.98
N HIS H 414 19.80 53.44 -5.74
CA HIS H 414 18.53 52.70 -5.65
CA HIS H 414 18.53 52.70 -5.66
C HIS H 414 18.19 51.91 -6.93
N SER H 415 18.69 52.38 -8.06
CA SER H 415 18.37 51.76 -9.34
C SER H 415 19.34 50.66 -9.80
N LEU H 416 20.41 50.43 -9.04
CA LEU H 416 21.37 49.38 -9.36
C LEU H 416 21.34 48.25 -8.33
N PRO H 417 20.70 47.12 -8.68
CA PRO H 417 20.67 46.00 -7.75
C PRO H 417 22.08 45.57 -7.33
N PHE H 418 22.24 45.25 -6.05
CA PHE H 418 23.52 44.87 -5.50
C PHE H 418 23.52 43.38 -5.16
N GLY H 419 24.45 42.65 -5.77
CA GLY H 419 24.60 41.23 -5.50
C GLY H 419 25.80 40.62 -6.19
N GLY H 420 26.07 39.36 -5.87
CA GLY H 420 27.23 38.65 -6.42
C GLY H 420 26.86 37.72 -7.55
N VAL H 421 27.83 36.93 -7.96
CA VAL H 421 27.65 35.90 -8.97
C VAL H 421 28.70 34.84 -8.67
N GLY H 422 28.40 33.58 -8.95
CA GLY H 422 29.29 32.47 -8.60
C GLY H 422 29.66 32.51 -7.13
N ASN H 423 30.95 32.50 -6.83
CA ASN H 423 31.41 32.45 -5.44
C ASN H 423 31.13 33.73 -4.65
N SER H 424 30.89 34.84 -5.34
CA SER H 424 30.56 36.09 -4.65
C SER H 424 29.08 36.17 -4.27
N GLY H 425 28.30 35.19 -4.74
CA GLY H 425 26.93 35.05 -4.28
C GLY H 425 25.87 34.82 -5.34
N MET H 426 24.61 34.78 -4.89
CA MET H 426 23.46 34.65 -5.78
C MET H 426 22.30 35.55 -5.32
N GLY H 427 21.54 36.07 -6.27
CA GLY H 427 20.44 36.97 -5.97
C GLY H 427 20.95 38.37 -5.68
N SER H 428 20.04 39.28 -5.36
CA SER H 428 20.40 40.68 -5.16
C SER H 428 19.29 41.44 -4.44
N TYR H 429 19.65 42.58 -3.85
CA TYR H 429 18.69 43.47 -3.23
C TYR H 429 19.12 44.93 -3.38
N HIS H 430 18.44 45.82 -2.63
CA HIS H 430 18.48 47.29 -2.76
C HIS H 430 17.33 47.75 -3.65
N GLY H 431 16.65 48.81 -3.23
CA GLY H 431 15.60 49.45 -4.04
C GLY H 431 14.47 48.51 -4.38
N LYS H 432 14.00 48.60 -5.61
CA LYS H 432 12.88 47.77 -6.08
C LYS H 432 13.22 46.29 -6.02
N LYS H 433 14.50 45.98 -6.18
CA LYS H 433 14.97 44.60 -6.17
C LYS H 433 14.73 43.93 -4.82
N SER H 434 14.87 44.68 -3.73
CA SER H 434 14.60 44.15 -2.39
C SER H 434 13.16 43.70 -2.29
N PHE H 435 12.25 44.56 -2.75
CA PHE H 435 10.83 44.25 -2.79
C PHE H 435 10.60 42.98 -3.60
N GLU H 436 11.15 42.92 -4.81
CA GLU H 436 11.01 41.73 -5.65
C GLU H 436 11.59 40.48 -4.99
N THR H 437 12.79 40.59 -4.44
CA THR H 437 13.50 39.45 -3.83
C THR H 437 12.69 38.85 -2.68
N PHE H 438 12.07 39.72 -1.87
CA PHE H 438 11.31 39.25 -0.73
C PHE H 438 9.81 39.04 -1.03
N SER H 439 9.45 39.00 -2.30
CA SER H 439 8.07 38.69 -2.69
C SER H 439 8.04 37.43 -3.56
N HIS H 440 6.85 36.90 -3.74
CA HIS H 440 6.61 36.01 -4.85
C HIS H 440 5.86 36.78 -5.92
N ARG H 441 6.41 36.75 -7.13
CA ARG H 441 5.76 37.37 -8.28
C ARG H 441 4.91 36.34 -8.99
N ARG H 442 3.60 36.47 -8.82
CA ARG H 442 2.63 35.45 -9.19
C ARG H 442 1.91 35.82 -10.49
N SER H 443 2.03 34.97 -11.50
CA SER H 443 1.43 35.21 -12.80
C SER H 443 -0.05 34.92 -12.77
N CYS H 444 -0.87 35.90 -13.15
CA CYS H 444 -2.32 35.73 -13.13
C CYS H 444 -2.95 35.90 -14.50
N LEU H 445 -3.81 34.95 -14.84
CA LEU H 445 -4.67 35.04 -16.01
C LEU H 445 -6.14 34.99 -15.60
N VAL H 446 -6.88 36.04 -15.92
CA VAL H 446 -8.31 36.07 -15.64
C VAL H 446 -9.09 36.17 -16.96
N ARG H 447 -9.87 35.13 -17.26
CA ARG H 447 -10.74 35.12 -18.44
C ARG H 447 -12.18 35.36 -18.06
N PRO H 448 -13.00 35.87 -19.00
CA PRO H 448 -14.43 35.85 -18.79
C PRO H 448 -14.95 34.41 -18.90
N LEU H 449 -15.90 34.05 -18.05
CA LEU H 449 -16.51 32.73 -18.11
C LEU H 449 -17.70 32.76 -19.08
N MET H 450 -17.38 32.99 -20.35
CA MET H 450 -18.35 32.95 -21.45
C MET H 450 -17.87 31.96 -22.50
N ASN H 451 -18.81 31.39 -23.25
CA ASN H 451 -18.47 30.50 -24.36
C ASN H 451 -17.73 31.25 -25.45
N ASP H 452 -16.45 30.92 -25.61
CA ASP H 452 -15.64 31.51 -26.68
C ASP H 452 -15.41 30.47 -27.77
N GLU H 453 -15.96 30.75 -28.95
CA GLU H 453 -15.93 29.84 -30.09
C GLU H 453 -14.54 29.71 -30.71
N GLY H 454 -13.74 30.76 -30.61
CA GLY H 454 -12.36 30.77 -31.11
C GLY H 454 -11.40 29.95 -30.27
N LEU H 455 -11.91 29.46 -29.14
CA LEU H 455 -11.17 28.58 -28.24
C LEU H 455 -11.57 27.12 -28.42
N LYS H 456 -12.42 26.84 -29.41
CA LYS H 456 -12.92 25.49 -29.65
C LYS H 456 -11.92 24.58 -30.37
N VAL H 457 -11.01 25.17 -31.13
CA VAL H 457 -10.04 24.41 -31.94
C VAL H 457 -9.17 23.47 -31.10
N ARG H 458 -8.91 23.87 -29.85
CA ARG H 458 -8.00 23.14 -28.96
C ARG H 458 -8.61 21.87 -28.37
N TYR H 459 -9.93 21.73 -28.46
CA TYR H 459 -10.62 20.61 -27.86
C TYR H 459 -10.57 19.36 -28.74
N PRO H 460 -10.48 18.18 -28.10
CA PRO H 460 -10.68 16.90 -28.79
C PRO H 460 -12.13 16.73 -29.28
N PRO H 461 -12.35 15.90 -30.32
CA PRO H 461 -11.33 15.19 -31.10
C PRO H 461 -10.55 16.12 -32.04
N SER H 462 -9.48 15.61 -32.62
CA SER H 462 -8.62 16.41 -33.51
C SER H 462 -8.97 16.18 -35.00
N PRO H 463 -8.59 17.14 -35.88
CA PRO H 463 -8.93 17.03 -37.30
C PRO H 463 -8.04 16.09 -38.10
N ALA H 464 -8.64 15.32 -38.99
CA ALA H 464 -7.91 14.41 -39.87
C ALA H 464 -7.33 15.16 -41.07
#